data_7VQO
#
_entry.id   7VQO
#
_cell.length_a   1.00
_cell.length_b   1.00
_cell.length_c   1.00
_cell.angle_alpha   90.00
_cell.angle_beta   90.00
_cell.angle_gamma   90.00
#
_symmetry.space_group_name_H-M   'P 1'
#
loop_
_entity.id
_entity.type
_entity.pdbx_description
1 polymer 'Ams1, Nbr1 and malE fusion protein'
2 non-polymer 'ZINC ION'
3 water water
#
_entity_poly.entity_id   1
_entity_poly.type   'polypeptide(L)'
_entity_poly.pdbx_seq_one_letter_code
;MGGETFDVKGPRPNDYPLRAPKPVGQLISHIYKDRIAQFYNGGQYEHQNLRAMMKEDSVSGEPHVQLWVWHAPGQTRPSF
EEAVSNQFVKTNVGEWFGPSWTTHWFRVVLTVPEHLQNKRLLEFHWDSNSEGLVWSEDGKPLQGLTGGGERVEWILPDSF
RDGKEHTIYIEMACNRMFGNAPGGDSIQPPDPNKYFRLDKAEIVAIDPDARQLWIDIWILQDAAREFPGDSWESHKALQV
CNEIIEAFELGNRESLKKCRKIAEQYLGPNVDSPNVYNSGKEPLVYAIGHCHIDSCWLWPFAETKRKVVRSWSSQCDLMD
RYPELNFVCSQAQQYKWLKQLYPYAFERVKKKVAEGRFHPIGGSWVEHDTNMPSGESLVRQFLYGQRFYESNFGKRCKTF
WLPDTFGYSAQLPQLCRLAGMTRFLTQKLSWNNINRFPHTTFNWVALDGSQVICHMPPSETYTAEAHFGDVKRSMSQHKS
LDQDNTSLLVFGKGDGGGGPTWVQIEKLRRCRGISDTVGLLPRVHMGSSVDDFFDRLERKADTFVTWYGELYFELHRGTY
TTQAKNKKNNRRAEAKLRDLELLATIASVQDKSYKYPKEEFDAMWENVLLCQFHDCLPGSSIEMAYRESDQMYADVFSTA
EKIMKGVSQVLGLEPALNHMSTTNTVALNTLPWPRRELVKISEKEAAVAHGTGPFLKLQKLETTKPLVTLRQVTKGAFVL
ENSQLRVHVEKGVITSLYDKQANREVIPKGQKANQYVIFDDKPLYWQAWDVEVYHLDTRKELPSGETEVHENTPHRVSVV
TRTKVSDKSHIQTIIALNGAVEGEQSWVEVQSKVDWHETMKFLKVEFPVDVRNTEASYETAFGIVRRPTHYNTSWDMAKF
EVCAHRWADLSEYGYGVSILNDSKYGFATAGQTMRLSLLRSPKAPDAHADMGTHHIRWAILPHQGSLSHVTIRKAFEFNN
PTKLYSSPDAAALVAAPPPVWLTPDSSPAIVLDTVKRGEDDEDVSRGELPARKGQSVILRMYDSLGGLARGTVVTTWPLK
KVCKVNLLEDDLEVVPWENGRFTVELRPFEVASYRLVLAGGGGSGGGFKKASSSDNKEQGGGGSGGGSGEPVVEKEPSAE
ELEATFVRDTVQDGTVLAPNHLFEQTWVLRNTGKVAWPAGCSVKFVGGDYMGRVDSAHPAASKEVEESCESTVCDRAVQP
GEEAPFTVLLRTPYRACRVISHWRLTTPKGTKFGHRLWCDVVVEKPKSRSKIEEGKLVIWINGDKGYNGLAEVGKKFEKD
TGIKVTVEHPDKLEEKFPQVAATGDGPDIIFWAHDRFGGYAQSGLLAEITPDKAFQDKLYPFTWDAVRYNGKLIAYPIAV
EALSLIYNKDLLPNPPKTWEEIPALDKELKAKGKSALMFNLQEPYFTWPLIAADGGYAFKYENGKYDIKDVGVDNAGAKA
GLTFLVDLIKNKHMNADTDYSIAEAAFNKGETAMTINGPWAWSNIDTSKVNYGVTVLPTFKGQPSKPFVGVLSAGINAAS
PNKELAKEFLENYLLTDEGLEAVNKDKPLGAVALKSYEEELAKDPRIAATMENAQKGEIMPNIPQMSAFWYAVRTAVINA
ASGRQTVDEALKDAQT
;
_entity_poly.pdbx_strand_id   A,B,C,D
#
# COMPACT_ATOMS: atom_id res chain seq x y z
N GLY A 2 -33.89 -1.99 -41.70
CA GLY A 2 -32.72 -2.80 -41.43
C GLY A 2 -31.47 -2.29 -42.12
N GLY A 3 -31.64 -1.32 -43.00
CA GLY A 3 -30.52 -0.72 -43.69
C GLY A 3 -30.96 0.49 -44.47
N GLU A 4 -29.97 1.25 -44.94
CA GLU A 4 -30.25 2.47 -45.68
C GLU A 4 -30.89 2.15 -47.03
N THR A 5 -31.92 2.91 -47.39
CA THR A 5 -32.59 2.74 -48.68
C THR A 5 -32.76 4.07 -49.40
N PHE A 6 -32.00 5.09 -49.01
CA PHE A 6 -32.08 6.44 -49.56
C PHE A 6 -33.41 7.10 -49.21
N ASP A 7 -34.32 6.37 -48.59
CA ASP A 7 -35.52 6.94 -47.99
C ASP A 7 -35.38 7.08 -46.48
N VAL A 8 -34.61 6.19 -45.85
CA VAL A 8 -34.33 6.26 -44.43
C VAL A 8 -32.82 6.36 -44.26
N LYS A 9 -32.37 7.36 -43.50
CA LYS A 9 -30.95 7.53 -43.27
C LYS A 9 -30.42 6.69 -42.13
N GLY A 10 -31.31 6.12 -41.31
CA GLY A 10 -30.91 5.34 -40.18
C GLY A 10 -32.12 4.73 -39.48
N PRO A 11 -31.91 4.20 -38.28
CA PRO A 11 -33.03 3.63 -37.54
C PRO A 11 -33.90 4.72 -36.93
N ARG A 12 -35.09 4.31 -36.51
CA ARG A 12 -36.03 5.25 -35.90
C ARG A 12 -35.37 5.90 -34.68
N PRO A 13 -35.43 7.22 -34.54
CA PRO A 13 -34.59 7.89 -33.54
C PRO A 13 -34.96 7.50 -32.11
N ASN A 14 -33.97 7.59 -31.24
CA ASN A 14 -34.13 7.18 -29.85
C ASN A 14 -35.09 8.09 -29.10
N ASP A 15 -35.70 7.56 -28.06
CA ASP A 15 -36.60 8.31 -27.20
C ASP A 15 -35.86 8.84 -25.98
N TYR A 16 -34.81 9.61 -26.24
CA TYR A 16 -34.06 10.24 -25.17
C TYR A 16 -34.80 11.48 -24.69
N PRO A 17 -35.26 11.53 -23.45
CA PRO A 17 -36.12 12.64 -23.03
C PRO A 17 -35.38 13.96 -23.03
N LEU A 18 -36.12 15.03 -23.30
CA LEU A 18 -35.51 16.34 -23.38
C LEU A 18 -35.07 16.83 -21.99
N ARG A 19 -35.95 16.70 -21.01
CA ARG A 19 -35.65 17.11 -19.64
C ARG A 19 -35.35 15.89 -18.78
N ALA A 20 -34.38 16.03 -17.90
CA ALA A 20 -34.09 14.96 -16.96
C ALA A 20 -35.23 14.83 -15.97
N PRO A 21 -35.84 13.66 -15.81
CA PRO A 21 -36.99 13.53 -14.93
C PRO A 21 -36.64 13.74 -13.46
N LYS A 22 -35.63 13.04 -12.97
CA LYS A 22 -35.25 13.12 -11.57
C LYS A 22 -33.74 13.02 -11.45
N PRO A 23 -33.16 13.59 -10.40
CA PRO A 23 -31.73 13.38 -10.16
C PRO A 23 -31.47 12.00 -9.61
N VAL A 24 -30.40 11.38 -10.10
CA VAL A 24 -29.95 10.09 -9.62
C VAL A 24 -28.47 10.21 -9.28
N GLY A 25 -28.09 9.73 -8.10
CA GLY A 25 -26.74 9.90 -7.62
C GLY A 25 -25.92 8.64 -7.74
N GLN A 26 -24.61 8.82 -7.73
CA GLN A 26 -23.70 7.69 -7.74
C GLN A 26 -23.87 6.90 -6.45
N LEU A 27 -24.02 5.59 -6.57
CA LEU A 27 -24.26 4.76 -5.40
C LEU A 27 -22.95 4.55 -4.65
N ILE A 28 -22.98 4.79 -3.34
CA ILE A 28 -21.80 4.61 -2.51
C ILE A 28 -21.46 3.13 -2.47
N SER A 29 -20.22 2.81 -2.83
CA SER A 29 -19.87 1.41 -3.06
C SER A 29 -19.93 0.60 -1.77
N HIS A 30 -19.27 1.08 -0.72
CA HIS A 30 -19.11 0.23 0.46
C HIS A 30 -20.42 0.02 1.21
N ILE A 31 -21.31 1.02 1.21
CA ILE A 31 -22.61 0.83 1.86
C ILE A 31 -23.40 -0.26 1.16
N TYR A 32 -23.45 -0.19 -0.16
CA TYR A 32 -24.18 -1.21 -0.91
C TYR A 32 -23.54 -2.58 -0.74
N LYS A 33 -22.21 -2.62 -0.71
CA LYS A 33 -21.54 -3.91 -0.51
C LYS A 33 -21.87 -4.50 0.85
N ASP A 34 -21.89 -3.68 1.89
CA ASP A 34 -22.22 -4.20 3.20
C ASP A 34 -23.70 -4.54 3.33
N ARG A 35 -24.55 -3.97 2.48
CA ARG A 35 -25.97 -4.30 2.57
C ARG A 35 -26.27 -5.74 2.19
N ILE A 36 -25.48 -6.33 1.29
CA ILE A 36 -25.85 -7.61 0.71
C ILE A 36 -25.90 -8.69 1.78
N ALA A 37 -24.93 -8.70 2.68
CA ALA A 37 -24.84 -9.79 3.65
C ALA A 37 -26.08 -9.90 4.52
N GLN A 38 -26.78 -8.80 4.73
CA GLN A 38 -27.98 -8.85 5.57
C GLN A 38 -29.13 -9.58 4.90
N PHE A 39 -29.01 -9.88 3.61
CA PHE A 39 -30.09 -10.59 2.93
C PHE A 39 -30.15 -12.07 3.30
N TYR A 40 -29.08 -12.61 3.87
CA TYR A 40 -29.09 -14.01 4.27
C TYR A 40 -28.45 -14.27 5.63
N ASN A 41 -27.92 -13.25 6.30
CA ASN A 41 -27.30 -13.48 7.59
C ASN A 41 -28.32 -13.77 8.66
N GLY A 42 -27.88 -14.45 9.70
CA GLY A 42 -28.73 -14.75 10.83
C GLY A 42 -28.62 -13.71 11.92
N GLY A 43 -28.72 -12.45 11.54
CA GLY A 43 -28.64 -11.38 12.52
C GLY A 43 -29.99 -10.96 13.03
N GLN A 44 -30.24 -9.65 13.04
CA GLN A 44 -31.50 -9.11 13.51
C GLN A 44 -32.60 -9.18 12.46
N TYR A 45 -32.28 -9.60 11.24
CA TYR A 45 -33.26 -9.70 10.18
C TYR A 45 -33.60 -11.15 9.86
N GLU A 46 -33.40 -12.07 10.81
CA GLU A 46 -33.67 -13.47 10.55
C GLU A 46 -35.08 -13.70 10.06
N HIS A 47 -36.02 -12.89 10.50
CA HIS A 47 -37.43 -13.09 10.17
C HIS A 47 -37.90 -12.22 9.02
N GLN A 48 -36.99 -11.51 8.36
CA GLN A 48 -37.37 -10.67 7.24
C GLN A 48 -36.53 -10.90 6.00
N ASN A 49 -35.58 -11.81 6.02
CA ASN A 49 -34.74 -12.09 4.88
C ASN A 49 -34.88 -13.55 4.48
N LEU A 50 -33.98 -14.01 3.61
CA LEU A 50 -34.07 -15.34 3.03
C LEU A 50 -34.18 -16.43 4.10
N ARG A 51 -33.57 -16.23 5.26
CA ARG A 51 -33.64 -17.23 6.31
C ARG A 51 -35.09 -17.53 6.70
N ALA A 52 -35.96 -16.53 6.63
CA ALA A 52 -37.37 -16.77 6.93
C ALA A 52 -38.03 -17.63 5.87
N MET A 53 -37.58 -17.52 4.63
CA MET A 53 -38.16 -18.28 3.54
C MET A 53 -37.56 -19.65 3.38
N MET A 54 -36.45 -19.94 4.08
CA MET A 54 -35.74 -21.20 3.87
C MET A 54 -36.62 -22.40 4.22
N LYS A 55 -37.28 -22.35 5.37
CA LYS A 55 -38.09 -23.47 5.84
C LYS A 55 -39.54 -23.25 5.48
N GLU A 56 -40.08 -24.14 4.64
CA GLU A 56 -41.51 -24.08 4.34
C GLU A 56 -42.33 -24.45 5.56
N ASP A 57 -41.94 -25.51 6.26
CA ASP A 57 -42.74 -25.96 7.39
C ASP A 57 -41.90 -26.80 8.34
N SER A 58 -42.39 -26.98 9.55
CA SER A 58 -41.68 -27.75 10.55
C SER A 58 -42.67 -28.44 11.48
N VAL A 59 -42.31 -29.63 11.94
CA VAL A 59 -43.05 -30.33 12.97
C VAL A 59 -42.04 -30.96 13.93
N SER A 60 -42.24 -30.76 15.22
CA SER A 60 -41.29 -31.24 16.21
C SER A 60 -41.91 -31.94 17.40
N GLY A 61 -43.23 -32.00 17.49
CA GLY A 61 -43.87 -32.47 18.70
C GLY A 61 -43.70 -33.97 18.91
N GLU A 62 -44.30 -34.43 19.99
CA GLU A 62 -44.32 -35.84 20.32
C GLU A 62 -45.23 -36.68 19.41
N PRO A 63 -46.33 -36.16 18.86
CA PRO A 63 -47.11 -37.02 17.94
C PRO A 63 -46.34 -37.41 16.70
N HIS A 64 -45.41 -36.57 16.23
CA HIS A 64 -44.75 -36.77 14.95
C HIS A 64 -43.34 -37.34 15.09
N VAL A 65 -42.53 -36.74 15.96
CA VAL A 65 -41.16 -37.19 16.18
C VAL A 65 -41.09 -37.66 17.62
N GLN A 66 -41.05 -38.98 17.82
CA GLN A 66 -40.92 -39.52 19.16
C GLN A 66 -39.58 -40.22 19.29
N LEU A 67 -38.80 -39.85 20.30
CA LEU A 67 -37.47 -40.40 20.45
C LEU A 67 -37.26 -41.02 21.82
N TRP A 68 -36.79 -42.26 21.81
CA TRP A 68 -36.32 -42.96 22.99
C TRP A 68 -34.79 -42.96 22.98
N VAL A 69 -34.20 -43.10 24.16
CA VAL A 69 -32.76 -43.06 24.30
C VAL A 69 -32.30 -44.26 25.13
N TRP A 70 -31.05 -44.64 24.91
CA TRP A 70 -30.39 -45.68 25.68
C TRP A 70 -28.95 -45.25 25.89
N HIS A 71 -28.48 -45.33 27.13
CA HIS A 71 -27.14 -44.91 27.48
C HIS A 71 -26.22 -46.11 27.47
N ALA A 72 -25.10 -46.01 26.77
CA ALA A 72 -24.12 -47.07 26.78
C ALA A 72 -23.53 -47.21 28.18
N PRO A 73 -23.14 -48.41 28.57
CA PRO A 73 -22.77 -48.66 29.98
C PRO A 73 -21.72 -47.71 30.52
N GLY A 74 -20.55 -47.69 29.92
CA GLY A 74 -19.50 -46.81 30.39
C GLY A 74 -19.04 -45.88 29.30
N GLN A 75 -17.77 -45.97 28.94
CA GLN A 75 -17.27 -45.35 27.73
C GLN A 75 -17.20 -46.35 26.58
N THR A 76 -17.80 -47.52 26.74
CA THR A 76 -17.82 -48.51 25.69
C THR A 76 -18.66 -48.02 24.51
N ARG A 77 -18.39 -48.57 23.34
CA ARG A 77 -19.05 -48.20 22.09
C ARG A 77 -19.65 -49.46 21.48
N PRO A 78 -20.83 -49.86 21.92
CA PRO A 78 -21.41 -51.10 21.43
C PRO A 78 -21.78 -51.00 19.96
N SER A 79 -21.77 -52.15 19.30
CA SER A 79 -22.17 -52.19 17.91
C SER A 79 -23.68 -52.09 17.79
N PHE A 80 -24.15 -51.90 16.56
CA PHE A 80 -25.59 -51.82 16.32
C PHE A 80 -26.30 -53.10 16.72
N GLU A 81 -25.61 -54.24 16.62
CA GLU A 81 -26.25 -55.52 16.92
C GLU A 81 -26.67 -55.59 18.38
N GLU A 82 -25.80 -55.15 19.29
CA GLU A 82 -26.06 -55.26 20.72
C GLU A 82 -26.58 -53.97 21.32
N ALA A 83 -26.89 -52.98 20.49
CA ALA A 83 -27.47 -51.74 20.98
C ALA A 83 -28.97 -51.69 20.86
N VAL A 84 -29.54 -52.17 19.74
CA VAL A 84 -30.99 -52.14 19.56
C VAL A 84 -31.70 -53.25 20.31
N SER A 85 -30.97 -54.08 21.06
CA SER A 85 -31.59 -55.12 21.86
C SER A 85 -31.76 -54.71 23.31
N ASN A 86 -31.51 -53.45 23.64
CA ASN A 86 -31.60 -52.97 25.00
C ASN A 86 -32.97 -52.35 25.25
N GLN A 87 -33.10 -51.69 26.40
CA GLN A 87 -34.35 -51.08 26.82
C GLN A 87 -34.20 -49.57 26.74
N PHE A 88 -34.91 -48.96 25.80
CA PHE A 88 -34.88 -47.51 25.62
C PHE A 88 -35.94 -46.86 26.49
N VAL A 89 -35.67 -45.63 26.91
CA VAL A 89 -36.60 -44.85 27.72
C VAL A 89 -36.91 -43.55 26.99
N LYS A 90 -38.16 -43.13 27.05
CA LYS A 90 -38.60 -41.97 26.28
C LYS A 90 -37.85 -40.72 26.73
N THR A 91 -37.53 -39.86 25.76
CA THR A 91 -36.95 -38.56 26.07
C THR A 91 -37.57 -37.53 25.15
N ASN A 92 -36.99 -36.33 25.14
CA ASN A 92 -37.52 -35.26 24.30
C ASN A 92 -36.44 -34.22 24.10
N VAL A 93 -36.73 -33.25 23.23
CA VAL A 93 -35.79 -32.18 22.97
C VAL A 93 -35.58 -31.36 24.22
N GLY A 94 -34.31 -31.01 24.49
CA GLY A 94 -33.96 -30.19 25.61
C GLY A 94 -33.22 -30.89 26.72
N GLU A 95 -33.09 -32.21 26.65
CA GLU A 95 -32.36 -32.93 27.67
C GLU A 95 -30.86 -32.80 27.45
N TRP A 96 -30.11 -33.10 28.50
CA TRP A 96 -28.66 -33.09 28.46
C TRP A 96 -28.16 -34.52 28.58
N PHE A 97 -27.14 -34.87 27.80
CA PHE A 97 -26.78 -36.26 27.60
C PHE A 97 -25.31 -36.50 27.94
N GLY A 98 -25.08 -37.30 28.99
CA GLY A 98 -23.85 -38.02 29.17
C GLY A 98 -22.63 -37.18 29.46
N PRO A 99 -21.67 -37.75 30.16
CA PRO A 99 -20.35 -37.14 30.24
C PRO A 99 -19.63 -37.30 28.91
N SER A 100 -18.47 -36.66 28.80
CA SER A 100 -17.75 -36.68 27.54
C SER A 100 -17.31 -38.09 27.20
N TRP A 101 -17.23 -38.35 25.89
CA TRP A 101 -16.81 -39.61 25.27
C TRP A 101 -17.81 -40.73 25.43
N THR A 102 -18.92 -40.52 26.14
CA THR A 102 -19.94 -41.53 26.20
C THR A 102 -20.78 -41.52 24.93
N THR A 103 -21.48 -42.61 24.68
CA THR A 103 -22.31 -42.74 23.50
C THR A 103 -23.74 -43.05 23.91
N HIS A 104 -24.69 -42.50 23.16
CA HIS A 104 -26.11 -42.68 23.43
C HIS A 104 -26.81 -43.06 22.14
N TRP A 105 -27.67 -44.05 22.20
CA TRP A 105 -28.42 -44.48 21.03
C TRP A 105 -29.84 -43.95 21.12
N PHE A 106 -30.32 -43.34 20.06
CA PHE A 106 -31.67 -42.82 20.00
C PHE A 106 -32.47 -43.62 18.99
N ARG A 107 -33.61 -44.12 19.42
CA ARG A 107 -34.61 -44.64 18.50
C ARG A 107 -35.57 -43.51 18.16
N VAL A 108 -35.57 -43.09 16.91
CA VAL A 108 -36.39 -41.97 16.45
C VAL A 108 -37.48 -42.54 15.56
N VAL A 109 -38.73 -42.32 15.93
CA VAL A 109 -39.86 -42.73 15.12
C VAL A 109 -40.48 -41.47 14.53
N LEU A 110 -40.56 -41.44 13.21
CA LEU A 110 -41.05 -40.30 12.45
C LEU A 110 -42.36 -40.67 11.76
N THR A 111 -43.30 -39.74 11.81
CA THR A 111 -44.57 -39.85 11.10
C THR A 111 -44.77 -38.52 10.41
N VAL A 112 -44.51 -38.48 9.11
CA VAL A 112 -44.71 -37.26 8.34
C VAL A 112 -46.20 -36.95 8.31
N PRO A 113 -46.61 -35.77 8.74
CA PRO A 113 -48.04 -35.48 8.86
C PRO A 113 -48.74 -35.41 7.52
N GLU A 114 -50.05 -35.16 7.54
CA GLU A 114 -50.83 -35.17 6.30
C GLU A 114 -50.44 -34.03 5.38
N HIS A 115 -50.08 -32.89 5.94
CA HIS A 115 -49.84 -31.68 5.15
C HIS A 115 -48.38 -31.52 4.75
N LEU A 116 -47.53 -32.50 5.03
CA LEU A 116 -46.14 -32.46 4.60
C LEU A 116 -45.81 -33.53 3.58
N GLN A 117 -46.78 -34.35 3.17
CA GLN A 117 -46.49 -35.49 2.33
C GLN A 117 -46.02 -35.09 0.94
N ASN A 118 -46.31 -33.87 0.51
CA ASN A 118 -46.04 -33.43 -0.86
C ASN A 118 -45.28 -32.11 -0.87
N LYS A 119 -44.23 -32.02 -0.08
CA LYS A 119 -43.52 -30.76 0.09
C LYS A 119 -42.22 -30.70 -0.69
N ARG A 120 -41.94 -31.71 -1.52
CA ARG A 120 -40.87 -31.66 -2.52
C ARG A 120 -39.48 -31.76 -1.89
N LEU A 121 -39.39 -31.63 -0.57
CA LEU A 121 -38.14 -31.87 0.14
C LEU A 121 -38.38 -31.99 1.63
N LEU A 122 -38.15 -33.17 2.20
CA LEU A 122 -38.35 -33.40 3.62
C LEU A 122 -37.03 -33.82 4.23
N GLU A 123 -36.63 -33.15 5.30
CA GLU A 123 -35.43 -33.51 6.01
C GLU A 123 -35.74 -33.70 7.49
N PHE A 124 -34.92 -34.50 8.13
CA PHE A 124 -34.91 -34.60 9.58
C PHE A 124 -33.74 -33.77 10.07
N HIS A 125 -34.03 -32.69 10.77
CA HIS A 125 -33.01 -31.86 11.37
C HIS A 125 -32.74 -32.35 12.78
N TRP A 126 -31.52 -32.80 13.01
CA TRP A 126 -31.07 -33.30 14.30
C TRP A 126 -29.84 -32.52 14.70
N ASP A 127 -29.90 -31.83 15.83
CA ASP A 127 -28.82 -30.94 16.22
C ASP A 127 -28.45 -31.13 17.68
N SER A 128 -28.25 -32.37 18.10
CA SER A 128 -27.46 -32.58 19.29
C SER A 128 -26.09 -31.97 19.06
N ASN A 129 -25.59 -31.24 20.03
CA ASN A 129 -24.44 -30.40 19.71
C ASN A 129 -23.17 -31.18 19.49
N SER A 130 -23.25 -32.50 19.36
CA SER A 130 -22.12 -33.36 19.13
C SER A 130 -22.31 -34.09 17.80
N GLU A 131 -21.44 -35.06 17.55
CA GLU A 131 -21.52 -35.84 16.32
C GLU A 131 -22.40 -37.07 16.52
N GLY A 132 -22.87 -37.59 15.41
CA GLY A 132 -23.71 -38.77 15.45
C GLY A 132 -23.74 -39.45 14.11
N LEU A 133 -24.34 -40.64 14.10
CA LEU A 133 -24.46 -41.44 12.90
C LEU A 133 -25.87 -41.97 12.80
N VAL A 134 -26.44 -41.92 11.60
CA VAL A 134 -27.81 -42.37 11.36
C VAL A 134 -27.77 -43.80 10.83
N TRP A 135 -28.48 -44.69 11.50
CA TRP A 135 -28.62 -46.08 11.08
C TRP A 135 -30.06 -46.33 10.66
N SER A 136 -30.23 -47.10 9.60
CA SER A 136 -31.56 -47.55 9.24
C SER A 136 -32.01 -48.63 10.22
N GLU A 137 -33.27 -49.03 10.10
CA GLU A 137 -33.78 -50.08 10.97
C GLU A 137 -33.01 -51.39 10.77
N ASP A 138 -32.63 -51.67 9.53
CA ASP A 138 -31.93 -52.92 9.25
C ASP A 138 -30.56 -52.96 9.92
N GLY A 139 -29.85 -51.84 9.90
CA GLY A 139 -28.53 -51.80 10.51
C GLY A 139 -27.46 -51.23 9.61
N LYS A 140 -27.87 -50.58 8.56
CA LYS A 140 -26.91 -49.98 7.64
C LYS A 140 -26.63 -48.55 8.05
N PRO A 141 -25.36 -48.15 8.20
CA PRO A 141 -25.07 -46.73 8.41
C PRO A 141 -25.53 -45.93 7.21
N LEU A 142 -26.07 -44.74 7.48
CA LEU A 142 -26.65 -43.93 6.42
C LEU A 142 -25.96 -42.59 6.25
N GLN A 143 -25.71 -41.87 7.33
CA GLN A 143 -25.21 -40.52 7.19
C GLN A 143 -24.65 -40.02 8.50
N GLY A 144 -23.59 -39.24 8.44
CA GLY A 144 -23.09 -38.59 9.63
C GLY A 144 -23.86 -37.33 9.95
N LEU A 145 -23.68 -36.85 11.18
CA LEU A 145 -24.30 -35.62 11.64
C LEU A 145 -23.32 -34.91 12.56
N THR A 146 -23.29 -33.59 12.48
CA THR A 146 -22.46 -32.78 13.35
C THR A 146 -23.30 -31.66 13.94
N GLY A 147 -23.03 -31.32 15.19
CA GLY A 147 -23.89 -30.46 15.96
C GLY A 147 -23.62 -28.98 15.89
N GLY A 148 -22.62 -28.53 15.16
CA GLY A 148 -22.47 -27.10 15.10
C GLY A 148 -23.38 -26.41 14.11
N GLY A 149 -24.21 -27.17 13.41
CA GLY A 149 -24.95 -26.66 12.29
C GLY A 149 -24.37 -26.98 10.94
N GLU A 150 -23.19 -27.61 10.89
CA GLU A 150 -22.57 -27.90 9.61
C GLU A 150 -23.31 -29.00 8.87
N ARG A 151 -23.62 -30.10 9.56
CA ARG A 151 -24.32 -31.23 8.95
C ARG A 151 -25.39 -31.67 9.93
N VAL A 152 -26.59 -31.14 9.78
CA VAL A 152 -27.68 -31.42 10.70
C VAL A 152 -28.89 -32.04 10.02
N GLU A 153 -28.94 -32.09 8.70
CA GLU A 153 -30.12 -32.56 8.00
C GLU A 153 -29.86 -33.92 7.38
N TRP A 154 -30.84 -34.81 7.51
CA TRP A 154 -30.85 -36.09 6.82
C TRP A 154 -32.09 -36.14 5.95
N ILE A 155 -31.90 -36.27 4.64
CA ILE A 155 -33.03 -36.24 3.72
C ILE A 155 -33.82 -37.54 3.84
N LEU A 156 -35.13 -37.42 4.04
CA LEU A 156 -35.96 -38.60 4.20
C LEU A 156 -36.02 -39.39 2.89
N PRO A 157 -35.94 -40.70 2.94
CA PRO A 157 -35.74 -41.49 1.72
C PRO A 157 -37.01 -41.78 0.95
N ASP A 158 -37.89 -40.80 0.81
CA ASP A 158 -38.97 -40.83 -0.18
C ASP A 158 -39.97 -41.96 0.06
N SER A 159 -39.71 -42.83 1.03
CA SER A 159 -40.66 -43.84 1.43
C SER A 159 -41.30 -43.51 2.77
N PHE A 160 -40.87 -42.42 3.39
CA PHE A 160 -41.48 -41.94 4.62
C PHE A 160 -42.69 -41.07 4.35
N ARG A 161 -43.03 -40.84 3.09
CA ARG A 161 -44.11 -39.93 2.72
C ARG A 161 -45.47 -40.62 2.82
N ASP A 162 -45.71 -41.19 3.99
CA ASP A 162 -47.00 -41.78 4.35
C ASP A 162 -46.98 -42.03 5.84
N GLY A 163 -48.09 -41.76 6.50
CA GLY A 163 -48.09 -41.78 7.96
C GLY A 163 -47.94 -43.17 8.55
N LYS A 164 -46.86 -43.85 8.20
CA LYS A 164 -46.62 -45.20 8.67
C LYS A 164 -45.61 -45.27 9.81
N GLU A 165 -45.07 -44.13 10.24
CA GLU A 165 -44.21 -44.06 11.41
C GLU A 165 -42.99 -44.98 11.26
N HIS A 166 -42.13 -44.58 10.33
CA HIS A 166 -40.88 -45.30 10.14
C HIS A 166 -39.88 -44.93 11.23
N THR A 167 -38.99 -45.87 11.53
CA THR A 167 -38.05 -45.70 12.62
C THR A 167 -36.61 -45.76 12.13
N ILE A 168 -35.77 -44.91 12.70
CA ILE A 168 -34.34 -44.89 12.45
C ILE A 168 -33.63 -44.83 13.79
N TYR A 169 -32.32 -45.03 13.77
CA TYR A 169 -31.51 -44.93 14.97
C TYR A 169 -30.45 -43.86 14.76
N ILE A 170 -30.09 -43.18 15.84
CA ILE A 170 -29.06 -42.16 15.80
C ILE A 170 -28.11 -42.46 16.94
N GLU A 171 -26.89 -42.85 16.60
CA GLU A 171 -25.86 -43.12 17.58
C GLU A 171 -25.05 -41.84 17.77
N MET A 172 -25.27 -41.16 18.89
CA MET A 172 -24.61 -39.91 19.18
C MET A 172 -23.40 -40.16 20.06
N ALA A 173 -22.28 -39.55 19.70
CA ALA A 173 -21.07 -39.62 20.51
C ALA A 173 -20.90 -38.27 21.21
N CYS A 174 -20.80 -38.29 22.53
CA CYS A 174 -20.74 -37.05 23.29
C CYS A 174 -19.34 -36.46 23.18
N ASN A 175 -19.07 -35.90 22.01
CA ASN A 175 -17.84 -35.18 21.74
C ASN A 175 -18.04 -34.35 20.49
N ARG A 176 -17.42 -33.19 20.46
CA ARG A 176 -17.58 -32.31 19.31
C ARG A 176 -16.68 -32.78 18.17
N MET A 177 -16.65 -32.00 17.10
CA MET A 177 -15.81 -32.32 15.95
C MET A 177 -14.33 -32.38 16.32
N PHE A 178 -13.91 -31.66 17.34
CA PHE A 178 -12.50 -31.52 17.70
C PHE A 178 -12.28 -31.88 19.15
N GLY A 179 -12.83 -33.01 19.58
CA GLY A 179 -12.62 -33.44 20.95
C GLY A 179 -13.52 -32.73 21.93
N ASN A 180 -13.07 -32.65 23.17
CA ASN A 180 -13.91 -32.19 24.27
C ASN A 180 -13.19 -31.17 25.12
N ALA A 181 -12.51 -30.23 24.49
CA ALA A 181 -11.88 -29.17 25.26
C ALA A 181 -12.94 -28.24 25.83
N PRO A 182 -12.69 -27.65 27.00
CA PRO A 182 -13.57 -26.59 27.46
C PRO A 182 -13.59 -25.47 26.45
N GLY A 183 -14.75 -25.25 25.83
CA GLY A 183 -14.86 -24.57 24.56
C GLY A 183 -14.01 -23.35 24.34
N GLY A 184 -13.54 -23.18 23.11
CA GLY A 184 -12.80 -22.00 22.73
C GLY A 184 -11.42 -22.27 22.17
N ASP A 185 -10.71 -23.24 22.74
CA ASP A 185 -9.34 -23.52 22.34
C ASP A 185 -9.19 -24.78 21.52
N SER A 186 -9.90 -25.85 21.89
CA SER A 186 -9.95 -27.09 21.12
C SER A 186 -8.64 -27.86 21.20
N ILE A 187 -7.60 -27.28 21.80
CA ILE A 187 -6.38 -28.02 22.08
C ILE A 187 -6.05 -28.05 23.57
N GLN A 188 -6.85 -27.42 24.41
CA GLN A 188 -6.74 -27.60 25.83
C GLN A 188 -7.11 -29.04 26.19
N PRO A 189 -6.64 -29.53 27.33
CA PRO A 189 -6.94 -30.92 27.68
C PRO A 189 -8.43 -31.14 27.79
N PRO A 190 -8.94 -32.28 27.37
CA PRO A 190 -10.38 -32.49 27.34
C PRO A 190 -10.99 -32.41 28.73
N ASP A 191 -12.21 -31.88 28.78
CA ASP A 191 -12.97 -31.79 30.01
C ASP A 191 -13.76 -33.08 30.22
N PRO A 192 -13.56 -33.81 31.31
CA PRO A 192 -14.25 -35.09 31.48
C PRO A 192 -15.74 -34.96 31.74
N ASN A 193 -16.26 -33.77 31.99
CA ASN A 193 -17.65 -33.61 32.40
C ASN A 193 -18.37 -32.62 31.51
N LYS A 194 -18.20 -32.75 30.20
CA LYS A 194 -19.00 -31.97 29.27
C LYS A 194 -20.34 -32.64 29.05
N TYR A 195 -21.38 -31.84 28.93
CA TYR A 195 -22.72 -32.33 28.66
C TYR A 195 -23.26 -31.65 27.43
N PHE A 196 -24.01 -32.40 26.64
CA PHE A 196 -24.49 -31.93 25.35
C PHE A 196 -26.00 -31.85 25.35
N ARG A 197 -26.52 -30.76 24.81
CA ARG A 197 -27.97 -30.53 24.78
C ARG A 197 -28.52 -30.92 23.43
N LEU A 198 -29.60 -31.70 23.44
CA LEU A 198 -30.35 -31.99 22.24
C LEU A 198 -31.15 -30.75 21.87
N ASP A 199 -30.70 -30.04 20.83
CA ASP A 199 -31.31 -28.75 20.51
C ASP A 199 -32.59 -28.91 19.69
N LYS A 200 -32.48 -29.50 18.51
CA LYS A 200 -33.62 -29.62 17.62
C LYS A 200 -33.64 -31.01 17.02
N ALA A 201 -34.83 -31.61 16.98
CA ALA A 201 -35.01 -32.95 16.46
C ALA A 201 -36.27 -33.02 15.62
N GLU A 202 -36.42 -32.12 14.67
CA GLU A 202 -37.71 -31.98 14.01
C GLU A 202 -37.65 -32.44 12.56
N ILE A 203 -38.82 -32.43 11.92
CA ILE A 203 -38.96 -32.69 10.49
C ILE A 203 -39.26 -31.37 9.82
N VAL A 204 -38.48 -31.04 8.80
CA VAL A 204 -38.54 -29.74 8.14
C VAL A 204 -38.83 -29.96 6.67
N ALA A 205 -39.81 -29.24 6.15
CA ALA A 205 -40.03 -29.13 4.72
C ALA A 205 -39.33 -27.86 4.25
N ILE A 206 -38.36 -28.03 3.38
CA ILE A 206 -37.45 -26.97 2.94
C ILE A 206 -37.82 -26.57 1.53
N ASP A 207 -37.80 -25.27 1.27
CA ASP A 207 -38.02 -24.80 -0.09
C ASP A 207 -36.72 -24.89 -0.88
N PRO A 208 -36.66 -25.75 -1.89
CA PRO A 208 -35.42 -25.85 -2.67
C PRO A 208 -35.05 -24.56 -3.38
N ASP A 209 -36.04 -23.79 -3.83
CA ASP A 209 -35.74 -22.54 -4.51
C ASP A 209 -35.04 -21.56 -3.58
N ALA A 210 -35.51 -21.45 -2.34
CA ALA A 210 -34.85 -20.57 -1.39
C ALA A 210 -33.42 -21.00 -1.14
N ARG A 211 -33.18 -22.32 -1.09
CA ARG A 211 -31.84 -22.83 -0.88
C ARG A 211 -30.92 -22.46 -2.03
N GLN A 212 -31.38 -22.68 -3.26
CA GLN A 212 -30.58 -22.32 -4.42
C GLN A 212 -30.31 -20.83 -4.45
N LEU A 213 -31.32 -20.02 -4.15
CA LEU A 213 -31.13 -18.57 -4.14
C LEU A 213 -30.16 -18.15 -3.05
N TRP A 214 -30.18 -18.83 -1.91
CA TRP A 214 -29.25 -18.51 -0.85
C TRP A 214 -27.82 -18.74 -1.30
N ILE A 215 -27.56 -19.89 -1.94
CA ILE A 215 -26.22 -20.14 -2.45
C ILE A 215 -25.85 -19.10 -3.49
N ASP A 216 -26.79 -18.77 -4.37
CA ASP A 216 -26.54 -17.81 -5.44
C ASP A 216 -26.13 -16.46 -4.86
N ILE A 217 -26.91 -15.94 -3.92
CA ILE A 217 -26.62 -14.61 -3.38
C ILE A 217 -25.37 -14.63 -2.53
N TRP A 218 -25.07 -15.74 -1.88
CA TRP A 218 -23.82 -15.84 -1.13
C TRP A 218 -22.63 -15.71 -2.07
N ILE A 219 -22.63 -16.46 -3.16
CA ILE A 219 -21.52 -16.39 -4.10
C ILE A 219 -21.46 -15.01 -4.74
N LEU A 220 -22.62 -14.41 -5.02
CA LEU A 220 -22.64 -13.08 -5.61
C LEU A 220 -22.06 -12.03 -4.68
N GLN A 221 -22.38 -12.12 -3.38
CA GLN A 221 -21.80 -11.18 -2.42
C GLN A 221 -20.29 -11.35 -2.34
N ASP A 222 -19.83 -12.59 -2.33
CA ASP A 222 -18.38 -12.82 -2.31
C ASP A 222 -17.73 -12.27 -3.57
N ALA A 223 -18.40 -12.40 -4.72
CA ALA A 223 -17.87 -11.83 -5.95
C ALA A 223 -17.81 -10.32 -5.88
N ALA A 224 -18.85 -9.70 -5.32
CA ALA A 224 -18.86 -8.25 -5.22
C ALA A 224 -17.79 -7.74 -4.28
N ARG A 225 -17.38 -8.55 -3.31
CA ARG A 225 -16.37 -8.08 -2.37
C ARG A 225 -14.95 -8.43 -2.78
N GLU A 226 -14.72 -9.58 -3.39
CA GLU A 226 -13.37 -10.08 -3.63
C GLU A 226 -12.83 -9.77 -5.02
N PHE A 227 -13.69 -9.52 -6.00
CA PHE A 227 -13.22 -9.09 -7.30
C PHE A 227 -12.54 -7.73 -7.19
N PRO A 228 -11.58 -7.44 -8.07
CA PRO A 228 -10.91 -6.14 -8.01
C PRO A 228 -11.91 -5.01 -8.14
N GLY A 229 -11.72 -3.98 -7.31
CA GLY A 229 -12.67 -2.88 -7.30
C GLY A 229 -12.65 -2.02 -8.54
N ASP A 230 -11.59 -2.11 -9.34
CA ASP A 230 -11.43 -1.27 -10.51
C ASP A 230 -11.89 -1.94 -11.80
N SER A 231 -12.42 -3.16 -11.73
CA SER A 231 -12.91 -3.83 -12.92
C SER A 231 -14.42 -3.91 -12.88
N TRP A 232 -15.02 -4.11 -14.05
CA TRP A 232 -16.46 -4.06 -14.16
C TRP A 232 -17.16 -5.27 -13.55
N GLU A 233 -16.44 -6.35 -13.29
CA GLU A 233 -17.08 -7.57 -12.80
C GLU A 233 -17.68 -7.36 -11.42
N SER A 234 -16.94 -6.73 -10.52
CA SER A 234 -17.47 -6.51 -9.17
C SER A 234 -18.67 -5.59 -9.20
N HIS A 235 -18.62 -4.53 -10.02
CA HIS A 235 -19.75 -3.63 -10.10
C HIS A 235 -20.97 -4.31 -10.67
N LYS A 236 -20.79 -5.16 -11.68
CA LYS A 236 -21.94 -5.89 -12.21
C LYS A 236 -22.50 -6.85 -11.17
N ALA A 237 -21.64 -7.49 -10.39
CA ALA A 237 -22.13 -8.36 -9.33
C ALA A 237 -22.93 -7.58 -8.32
N LEU A 238 -22.46 -6.39 -7.95
CA LEU A 238 -23.20 -5.56 -7.02
C LEU A 238 -24.55 -5.15 -7.59
N GLN A 239 -24.59 -4.82 -8.87
CA GLN A 239 -25.85 -4.43 -9.50
C GLN A 239 -26.83 -5.60 -9.52
N VAL A 240 -26.35 -6.80 -9.82
CA VAL A 240 -27.22 -7.97 -9.82
C VAL A 240 -27.72 -8.25 -8.41
N CYS A 241 -26.86 -8.09 -7.41
CA CYS A 241 -27.30 -8.27 -6.03
C CYS A 241 -28.40 -7.27 -5.66
N ASN A 242 -28.24 -6.01 -6.07
CA ASN A 242 -29.27 -5.02 -5.78
C ASN A 242 -30.58 -5.40 -6.46
N GLU A 243 -30.50 -5.83 -7.71
CA GLU A 243 -31.72 -6.20 -8.42
C GLU A 243 -32.40 -7.39 -7.77
N ILE A 244 -31.61 -8.30 -7.19
CA ILE A 244 -32.20 -9.42 -6.46
C ILE A 244 -32.88 -8.93 -5.19
N ILE A 245 -32.21 -8.06 -4.44
CA ILE A 245 -32.78 -7.60 -3.18
C ILE A 245 -34.10 -6.88 -3.42
N GLU A 246 -34.15 -6.02 -4.44
CA GLU A 246 -35.38 -5.27 -4.68
C GLU A 246 -36.50 -6.14 -5.24
N ALA A 247 -36.19 -7.32 -5.75
CA ALA A 247 -37.20 -8.18 -6.35
C ALA A 247 -37.74 -9.23 -5.39
N PHE A 248 -37.29 -9.24 -4.13
CA PHE A 248 -37.66 -10.26 -3.16
C PHE A 248 -38.63 -9.66 -2.16
N GLU A 249 -39.78 -10.30 -2.00
CA GLU A 249 -40.76 -9.89 -0.99
C GLU A 249 -41.03 -11.07 -0.07
N LEU A 250 -41.25 -10.76 1.22
CA LEU A 250 -41.26 -11.79 2.24
C LEU A 250 -42.38 -12.80 2.02
N GLY A 251 -43.61 -12.33 1.87
CA GLY A 251 -44.74 -13.25 1.82
C GLY A 251 -44.69 -14.16 0.60
N ASN A 252 -44.44 -13.58 -0.56
CA ASN A 252 -44.58 -14.31 -1.82
C ASN A 252 -43.49 -15.36 -1.96
N ARG A 253 -43.82 -16.44 -2.66
CA ARG A 253 -42.85 -17.47 -2.96
C ARG A 253 -42.43 -17.51 -4.42
N GLU A 254 -43.21 -16.90 -5.31
CA GLU A 254 -42.78 -16.78 -6.70
C GLU A 254 -41.63 -15.80 -6.84
N SER A 255 -41.52 -14.86 -5.90
CA SER A 255 -40.40 -13.93 -5.93
C SER A 255 -39.07 -14.65 -5.86
N LEU A 256 -39.03 -15.83 -5.23
CA LEU A 256 -37.80 -16.60 -5.21
C LEU A 256 -37.41 -17.05 -6.61
N LYS A 257 -38.37 -17.55 -7.38
CA LYS A 257 -38.07 -17.95 -8.75
C LYS A 257 -37.67 -16.75 -9.59
N LYS A 258 -38.33 -15.62 -9.39
CA LYS A 258 -37.95 -14.41 -10.12
C LYS A 258 -36.52 -13.99 -9.77
N CYS A 259 -36.16 -14.07 -8.49
CA CYS A 259 -34.81 -13.70 -8.07
C CYS A 259 -33.77 -14.64 -8.67
N ARG A 260 -34.07 -15.94 -8.71
CA ARG A 260 -33.15 -16.86 -9.34
C ARG A 260 -32.96 -16.55 -10.81
N LYS A 261 -34.06 -16.23 -11.50
CA LYS A 261 -33.95 -15.85 -12.91
C LYS A 261 -33.10 -14.59 -13.07
N ILE A 262 -33.23 -13.65 -12.14
CA ILE A 262 -32.40 -12.44 -12.20
C ILE A 262 -30.93 -12.79 -12.03
N ALA A 263 -30.62 -13.63 -11.03
CA ALA A 263 -29.24 -14.02 -10.79
C ALA A 263 -28.65 -14.80 -11.95
N GLU A 264 -29.49 -15.46 -12.74
CA GLU A 264 -28.98 -16.23 -13.87
C GLU A 264 -28.22 -15.36 -14.85
N GLN A 265 -28.53 -14.08 -14.93
CA GLN A 265 -27.83 -13.20 -15.85
C GLN A 265 -26.38 -12.97 -15.46
N TYR A 266 -25.99 -13.35 -14.25
CA TYR A 266 -24.61 -13.28 -13.82
C TYR A 266 -23.98 -14.64 -13.57
N LEU A 267 -24.78 -15.61 -13.13
CA LEU A 267 -24.23 -16.94 -12.88
C LEU A 267 -24.34 -17.87 -14.07
N GLY A 268 -25.32 -17.67 -14.93
CA GLY A 268 -25.50 -18.54 -16.07
C GLY A 268 -26.87 -19.21 -16.06
N PRO A 269 -27.21 -19.86 -17.17
CA PRO A 269 -28.59 -20.35 -17.31
C PRO A 269 -29.00 -21.42 -16.32
N ASN A 270 -28.16 -22.42 -16.09
CA ASN A 270 -28.58 -23.60 -15.33
C ASN A 270 -27.54 -24.00 -14.29
N VAL A 271 -27.11 -23.04 -13.47
CA VAL A 271 -26.05 -23.31 -12.50
C VAL A 271 -26.43 -24.40 -11.52
N ASP A 272 -27.71 -24.65 -11.31
CA ASP A 272 -28.15 -25.61 -10.31
C ASP A 272 -28.09 -27.04 -10.80
N SER A 273 -27.37 -27.33 -11.87
CA SER A 273 -27.26 -28.67 -12.40
C SER A 273 -25.80 -28.99 -12.67
N PRO A 274 -25.44 -30.27 -12.68
CA PRO A 274 -24.04 -30.63 -12.99
C PRO A 274 -23.62 -30.27 -14.39
N ASN A 275 -24.56 -30.01 -15.30
CA ASN A 275 -24.20 -29.70 -16.67
C ASN A 275 -23.32 -28.47 -16.79
N VAL A 276 -23.27 -27.64 -15.76
CA VAL A 276 -22.41 -26.47 -15.80
C VAL A 276 -20.96 -26.88 -15.98
N TYR A 277 -20.59 -28.10 -15.63
CA TYR A 277 -19.20 -28.54 -15.79
C TYR A 277 -18.92 -29.09 -17.18
N ASN A 278 -19.91 -29.14 -18.07
CA ASN A 278 -19.72 -29.69 -19.40
C ASN A 278 -19.65 -28.62 -20.48
N SER A 279 -19.33 -27.39 -20.10
CA SER A 279 -19.26 -26.31 -21.08
C SER A 279 -18.11 -26.50 -22.05
N GLY A 280 -17.12 -27.31 -21.71
CA GLY A 280 -16.04 -27.58 -22.61
C GLY A 280 -14.95 -26.53 -22.68
N LYS A 281 -14.91 -25.61 -21.73
CA LYS A 281 -13.87 -24.60 -21.70
C LYS A 281 -12.68 -25.08 -20.87
N GLU A 282 -11.57 -24.37 -21.02
CA GLU A 282 -10.32 -24.68 -20.33
C GLU A 282 -10.45 -24.52 -18.82
N PRO A 283 -10.26 -25.58 -18.05
CA PRO A 283 -10.29 -25.46 -16.60
C PRO A 283 -8.89 -25.25 -16.03
N LEU A 284 -8.83 -24.42 -14.99
CA LEU A 284 -7.56 -24.09 -14.37
C LEU A 284 -7.43 -24.59 -12.94
N VAL A 285 -8.53 -24.73 -12.22
CA VAL A 285 -8.53 -25.21 -10.85
C VAL A 285 -9.32 -26.49 -10.80
N TYR A 286 -8.70 -27.56 -10.32
CA TYR A 286 -9.36 -28.85 -10.20
C TYR A 286 -9.76 -29.04 -8.75
N ALA A 287 -11.05 -29.18 -8.51
CA ALA A 287 -11.58 -29.34 -7.17
C ALA A 287 -11.82 -30.82 -6.90
N ILE A 288 -11.34 -31.30 -5.76
CA ILE A 288 -11.50 -32.69 -5.36
C ILE A 288 -11.93 -32.70 -3.90
N GLY A 289 -12.95 -33.49 -3.59
CA GLY A 289 -13.39 -33.60 -2.22
C GLY A 289 -12.43 -34.39 -1.37
N HIS A 290 -12.36 -34.05 -0.09
CA HIS A 290 -11.35 -34.65 0.76
C HIS A 290 -11.78 -34.57 2.21
N CYS A 291 -11.46 -35.60 2.97
CA CYS A 291 -11.82 -35.68 4.38
C CYS A 291 -10.64 -36.25 5.14
N HIS A 292 -9.91 -35.37 5.81
CA HIS A 292 -8.71 -35.76 6.55
C HIS A 292 -9.13 -36.09 7.98
N ILE A 293 -9.13 -37.38 8.32
CA ILE A 293 -9.47 -37.83 9.66
C ILE A 293 -8.17 -38.18 10.36
N ASP A 294 -7.77 -37.35 11.32
CA ASP A 294 -6.61 -37.67 12.13
C ASP A 294 -6.92 -38.88 13.01
N SER A 295 -5.99 -39.82 13.08
CA SER A 295 -6.28 -41.10 13.72
C SER A 295 -6.41 -40.96 15.23
N CYS A 296 -5.57 -40.16 15.86
CA CYS A 296 -5.66 -40.07 17.31
C CYS A 296 -5.38 -38.67 17.84
N TRP A 297 -5.72 -37.64 17.08
CA TRP A 297 -5.28 -36.30 17.46
C TRP A 297 -5.82 -35.85 18.81
N LEU A 298 -7.12 -35.63 18.92
CA LEU A 298 -7.72 -35.12 20.15
C LEU A 298 -8.80 -36.04 20.65
N TRP A 299 -8.69 -37.32 20.32
CA TRP A 299 -9.70 -38.31 20.68
C TRP A 299 -9.03 -39.67 20.68
N PRO A 300 -9.59 -40.65 21.34
CA PRO A 300 -9.00 -41.99 21.32
C PRO A 300 -9.05 -42.61 19.94
N PHE A 301 -8.46 -43.80 19.77
CA PHE A 301 -8.52 -44.45 18.46
C PHE A 301 -9.92 -44.96 18.14
N ALA A 302 -10.68 -45.40 19.14
CA ALA A 302 -12.02 -45.89 18.89
C ALA A 302 -12.90 -44.79 18.29
N GLU A 303 -12.76 -43.57 18.81
CA GLU A 303 -13.50 -42.46 18.23
C GLU A 303 -13.13 -42.24 16.77
N THR A 304 -11.88 -42.52 16.41
CA THR A 304 -11.51 -42.42 15.00
C THR A 304 -12.18 -43.50 14.19
N LYS A 305 -12.23 -44.71 14.73
CA LYS A 305 -12.96 -45.78 14.04
C LYS A 305 -14.38 -45.35 13.75
N ARG A 306 -14.99 -44.62 14.67
CA ARG A 306 -16.35 -44.14 14.42
C ARG A 306 -16.39 -42.99 13.43
N LYS A 307 -15.41 -42.07 13.52
CA LYS A 307 -15.40 -40.92 12.64
C LYS A 307 -15.27 -41.35 11.19
N VAL A 308 -14.51 -42.40 10.93
CA VAL A 308 -14.29 -42.83 9.55
C VAL A 308 -15.61 -43.21 8.90
N VAL A 309 -16.40 -44.05 9.56
CA VAL A 309 -17.67 -44.46 8.96
C VAL A 309 -18.63 -43.29 8.91
N ARG A 310 -18.68 -42.49 9.97
CA ARG A 310 -19.66 -41.41 9.96
C ARG A 310 -19.30 -40.31 8.97
N SER A 311 -18.09 -40.30 8.44
CA SER A 311 -17.74 -39.37 7.37
C SER A 311 -17.89 -39.99 5.99
N TRP A 312 -17.46 -41.22 5.80
CA TRP A 312 -17.55 -41.81 4.47
C TRP A 312 -18.97 -42.16 4.10
N SER A 313 -19.83 -42.43 5.08
CA SER A 313 -21.24 -42.62 4.77
C SER A 313 -21.85 -41.35 4.21
N SER A 314 -21.54 -40.21 4.84
CA SER A 314 -22.03 -38.94 4.33
C SER A 314 -21.48 -38.68 2.93
N GLN A 315 -20.21 -39.00 2.71
CA GLN A 315 -19.64 -38.78 1.38
C GLN A 315 -20.30 -39.65 0.33
N CYS A 316 -20.58 -40.91 0.65
CA CYS A 316 -21.25 -41.77 -0.32
C CYS A 316 -22.66 -41.27 -0.61
N ASP A 317 -23.38 -40.83 0.41
CA ASP A 317 -24.71 -40.27 0.17
C ASP A 317 -24.63 -39.05 -0.73
N LEU A 318 -23.68 -38.16 -0.46
CA LEU A 318 -23.53 -36.97 -1.29
C LEU A 318 -23.22 -37.35 -2.73
N MET A 319 -22.30 -38.29 -2.93
CA MET A 319 -21.97 -38.71 -4.29
C MET A 319 -23.14 -39.38 -4.98
N ASP A 320 -24.08 -39.93 -4.20
CA ASP A 320 -25.33 -40.35 -4.82
C ASP A 320 -26.15 -39.15 -5.26
N ARG A 321 -26.18 -38.08 -4.47
CA ARG A 321 -27.00 -36.93 -4.83
C ARG A 321 -26.35 -36.08 -5.92
N TYR A 322 -25.03 -35.87 -5.87
CA TYR A 322 -24.35 -35.00 -6.82
C TYR A 322 -23.46 -35.81 -7.74
N PRO A 323 -23.81 -35.94 -9.02
CA PRO A 323 -23.07 -36.86 -9.89
C PRO A 323 -21.68 -36.40 -10.26
N GLU A 324 -21.26 -35.19 -9.88
CA GLU A 324 -19.95 -34.71 -10.25
C GLU A 324 -18.94 -34.73 -9.11
N LEU A 325 -19.38 -35.00 -7.88
CA LEU A 325 -18.47 -34.97 -6.75
C LEU A 325 -17.51 -36.15 -6.80
N ASN A 326 -16.23 -35.88 -6.58
CA ASN A 326 -15.21 -36.91 -6.48
C ASN A 326 -14.48 -36.76 -5.16
N PHE A 327 -14.06 -37.88 -4.60
CA PHE A 327 -13.58 -37.93 -3.23
C PHE A 327 -12.28 -38.70 -3.16
N VAL A 328 -11.36 -38.24 -2.31
CA VAL A 328 -10.10 -38.93 -2.07
C VAL A 328 -9.91 -39.10 -0.57
N CYS A 329 -9.44 -40.28 -0.17
CA CYS A 329 -9.14 -40.51 1.24
C CYS A 329 -7.97 -41.49 1.34
N SER A 330 -6.99 -41.13 2.15
CA SER A 330 -5.77 -41.89 2.34
C SER A 330 -5.92 -42.84 3.52
N GLN A 331 -4.80 -43.34 4.04
CA GLN A 331 -4.75 -44.11 5.28
C GLN A 331 -5.50 -45.43 5.16
N ALA A 332 -4.90 -46.33 4.37
CA ALA A 332 -5.37 -47.70 4.23
C ALA A 332 -5.74 -48.35 5.56
N GLN A 333 -5.11 -47.91 6.66
CA GLN A 333 -5.50 -48.43 7.97
C GLN A 333 -6.95 -48.12 8.28
N GLN A 334 -7.42 -46.92 7.90
CA GLN A 334 -8.82 -46.59 8.12
C GLN A 334 -9.72 -47.46 7.25
N TYR A 335 -9.27 -47.78 6.04
CA TYR A 335 -10.03 -48.72 5.22
C TYR A 335 -10.13 -50.07 5.91
N LYS A 336 -9.04 -50.54 6.51
CA LYS A 336 -9.09 -51.83 7.19
C LYS A 336 -10.02 -51.78 8.39
N TRP A 337 -10.01 -50.68 9.14
CA TRP A 337 -10.95 -50.54 10.24
C TRP A 337 -12.38 -50.60 9.75
N LEU A 338 -12.67 -49.87 8.67
CA LEU A 338 -14.02 -49.88 8.12
C LEU A 338 -14.41 -51.28 7.65
N LYS A 339 -13.48 -51.99 7.02
CA LYS A 339 -13.77 -53.33 6.54
C LYS A 339 -14.04 -54.29 7.68
N GLN A 340 -13.31 -54.15 8.78
CA GLN A 340 -13.49 -55.06 9.90
C GLN A 340 -14.77 -54.76 10.68
N LEU A 341 -15.08 -53.49 10.93
CA LEU A 341 -16.13 -53.15 11.87
C LEU A 341 -17.46 -52.83 11.23
N TYR A 342 -17.48 -52.26 10.03
CA TYR A 342 -18.71 -51.87 9.36
C TYR A 342 -18.72 -52.44 7.96
N PRO A 343 -18.99 -53.74 7.81
CA PRO A 343 -18.88 -54.35 6.48
C PRO A 343 -19.77 -53.71 5.42
N TYR A 344 -20.96 -53.26 5.78
CA TYR A 344 -21.85 -52.65 4.78
C TYR A 344 -21.26 -51.34 4.27
N ALA A 345 -20.74 -50.51 5.17
CA ALA A 345 -20.14 -49.26 4.74
C ALA A 345 -18.95 -49.51 3.83
N PHE A 346 -18.14 -50.51 4.16
CA PHE A 346 -17.02 -50.84 3.30
C PHE A 346 -17.49 -51.36 1.95
N GLU A 347 -18.58 -52.13 1.92
CA GLU A 347 -19.08 -52.61 0.65
C GLU A 347 -19.53 -51.47 -0.23
N ARG A 348 -20.24 -50.49 0.33
CA ARG A 348 -20.67 -49.38 -0.49
C ARG A 348 -19.50 -48.49 -0.89
N VAL A 349 -18.49 -48.37 -0.03
CA VAL A 349 -17.30 -47.62 -0.40
C VAL A 349 -16.58 -48.30 -1.56
N LYS A 350 -16.47 -49.62 -1.51
CA LYS A 350 -15.80 -50.34 -2.59
C LYS A 350 -16.60 -50.25 -3.88
N LYS A 351 -17.93 -50.27 -3.78
CA LYS A 351 -18.75 -50.07 -4.97
C LYS A 351 -18.52 -48.69 -5.57
N LYS A 352 -18.38 -47.67 -4.73
CA LYS A 352 -18.05 -46.34 -5.24
C LYS A 352 -16.68 -46.34 -5.89
N VAL A 353 -15.72 -47.03 -5.29
CA VAL A 353 -14.37 -47.06 -5.84
C VAL A 353 -14.37 -47.67 -7.24
N ALA A 354 -15.09 -48.79 -7.40
CA ALA A 354 -15.18 -49.39 -8.72
C ALA A 354 -15.91 -48.49 -9.71
N GLU A 355 -16.80 -47.64 -9.22
CA GLU A 355 -17.60 -46.78 -10.08
C GLU A 355 -16.81 -45.59 -10.61
N GLY A 356 -15.53 -45.49 -10.30
CA GLY A 356 -14.72 -44.42 -10.80
C GLY A 356 -14.69 -43.18 -9.93
N ARG A 357 -15.51 -43.11 -8.90
CA ARG A 357 -15.47 -42.04 -7.93
C ARG A 357 -14.88 -42.60 -6.64
N PHE A 358 -14.66 -41.73 -5.67
CA PHE A 358 -14.10 -42.15 -4.39
C PHE A 358 -12.73 -42.81 -4.59
N HIS A 359 -11.78 -41.99 -5.03
CA HIS A 359 -10.46 -42.51 -5.35
C HIS A 359 -9.63 -42.71 -4.10
N PRO A 360 -9.16 -43.91 -3.82
CA PRO A 360 -8.22 -44.09 -2.72
C PRO A 360 -6.79 -43.83 -3.18
N ILE A 361 -6.13 -42.82 -2.63
CA ILE A 361 -4.76 -42.53 -2.97
C ILE A 361 -3.96 -42.28 -1.70
N GLY A 362 -2.65 -42.35 -1.84
CA GLY A 362 -1.75 -42.18 -0.71
C GLY A 362 -0.81 -43.35 -0.56
N GLY A 363 -1.35 -44.56 -0.75
CA GLY A 363 -0.51 -45.75 -0.80
C GLY A 363 0.25 -46.05 0.46
N SER A 364 -0.11 -45.44 1.58
CA SER A 364 0.57 -45.69 2.83
C SER A 364 -0.42 -46.20 3.87
N TRP A 365 0.11 -46.91 4.87
CA TRP A 365 -0.75 -47.45 5.90
C TRP A 365 -1.48 -46.35 6.65
N VAL A 366 -0.75 -45.34 7.11
CA VAL A 366 -1.33 -44.15 7.71
C VAL A 366 -0.60 -42.94 7.13
N GLU A 367 -1.19 -41.77 7.33
CA GLU A 367 -0.52 -40.52 6.98
C GLU A 367 0.55 -40.27 8.02
N HIS A 368 1.64 -41.01 7.90
CA HIS A 368 2.66 -41.05 8.92
C HIS A 368 3.52 -39.80 8.88
N ASP A 369 4.18 -39.54 10.00
CA ASP A 369 5.28 -38.59 9.99
C ASP A 369 6.45 -39.23 9.26
N THR A 370 7.26 -38.39 8.61
CA THR A 370 8.36 -38.89 7.81
C THR A 370 9.73 -38.53 8.38
N ASN A 371 9.78 -37.76 9.46
CA ASN A 371 11.06 -37.36 10.02
C ASN A 371 11.60 -38.45 10.95
N MET A 372 10.82 -38.84 11.94
CA MET A 372 11.33 -39.74 12.97
C MET A 372 11.42 -41.21 12.55
N PRO A 373 10.42 -41.80 11.91
CA PRO A 373 10.49 -43.25 11.66
C PRO A 373 11.70 -43.60 10.81
N SER A 374 12.30 -44.75 11.12
CA SER A 374 13.48 -45.19 10.40
C SER A 374 13.12 -45.54 8.96
N GLY A 375 14.15 -45.85 8.18
CA GLY A 375 13.92 -46.15 6.77
C GLY A 375 13.03 -47.36 6.57
N GLU A 376 13.28 -48.42 7.35
CA GLU A 376 12.45 -49.60 7.21
C GLU A 376 11.00 -49.32 7.57
N SER A 377 10.76 -48.40 8.51
CA SER A 377 9.38 -48.04 8.80
C SER A 377 8.70 -47.41 7.60
N LEU A 378 9.39 -46.51 6.90
CA LEU A 378 8.80 -45.90 5.70
C LEU A 378 8.54 -46.95 4.63
N VAL A 379 9.50 -47.86 4.45
CA VAL A 379 9.29 -48.92 3.47
C VAL A 379 8.09 -49.76 3.83
N ARG A 380 7.94 -50.09 5.11
CA ARG A 380 6.79 -50.87 5.54
C ARG A 380 5.49 -50.12 5.33
N GLN A 381 5.48 -48.82 5.60
CA GLN A 381 4.29 -48.03 5.36
C GLN A 381 3.85 -48.19 3.91
N PHE A 382 4.78 -47.94 2.98
CA PHE A 382 4.42 -48.07 1.57
C PHE A 382 4.01 -49.48 1.23
N LEU A 383 4.74 -50.48 1.73
CA LEU A 383 4.48 -51.86 1.35
C LEU A 383 3.09 -52.29 1.80
N TYR A 384 2.77 -52.06 3.07
CA TYR A 384 1.47 -52.49 3.58
C TYR A 384 0.33 -51.70 2.95
N GLY A 385 0.50 -50.38 2.78
CA GLY A 385 -0.55 -49.61 2.15
C GLY A 385 -0.84 -50.08 0.73
N GLN A 386 0.21 -50.24 -0.07
CA GLN A 386 0.00 -50.63 -1.45
C GLN A 386 -0.53 -52.05 -1.55
N ARG A 387 -0.07 -52.96 -0.68
CA ARG A 387 -0.59 -54.31 -0.72
C ARG A 387 -2.07 -54.33 -0.36
N PHE A 388 -2.47 -53.54 0.63
CA PHE A 388 -3.89 -53.48 0.96
C PHE A 388 -4.70 -52.95 -0.19
N TYR A 389 -4.25 -51.85 -0.81
CA TYR A 389 -5.01 -51.28 -1.91
C TYR A 389 -5.09 -52.25 -3.08
N GLU A 390 -4.01 -52.96 -3.37
CA GLU A 390 -4.02 -53.89 -4.49
C GLU A 390 -4.90 -55.10 -4.20
N SER A 391 -4.94 -55.56 -2.96
CA SER A 391 -5.72 -56.75 -2.67
C SER A 391 -7.20 -56.45 -2.59
N ASN A 392 -7.58 -55.29 -2.05
CA ASN A 392 -8.99 -54.99 -1.88
C ASN A 392 -9.58 -54.35 -3.13
N PHE A 393 -9.06 -53.20 -3.52
CA PHE A 393 -9.42 -52.61 -4.80
C PHE A 393 -8.49 -53.15 -5.88
N GLY A 394 -8.88 -52.95 -7.14
CA GLY A 394 -8.11 -53.54 -8.22
C GLY A 394 -6.72 -52.97 -8.34
N LYS A 395 -6.60 -51.66 -8.27
CA LYS A 395 -5.40 -50.97 -8.71
C LYS A 395 -4.53 -50.59 -7.51
N ARG A 396 -3.48 -49.83 -7.78
CA ARG A 396 -2.47 -49.45 -6.82
C ARG A 396 -2.19 -47.97 -6.97
N CYS A 397 -2.10 -47.26 -5.85
CA CYS A 397 -2.02 -45.81 -5.92
C CYS A 397 -0.72 -45.35 -6.58
N LYS A 398 -0.81 -44.25 -7.32
CA LYS A 398 0.34 -43.63 -7.94
C LYS A 398 0.65 -42.25 -7.37
N THR A 399 -0.09 -41.79 -6.38
CA THR A 399 0.10 -40.48 -5.78
C THR A 399 0.36 -40.63 -4.29
N PHE A 400 1.38 -39.96 -3.79
CA PHE A 400 1.67 -39.93 -2.37
C PHE A 400 0.94 -38.75 -1.75
N TRP A 401 -0.05 -39.03 -0.93
CA TRP A 401 -0.89 -38.03 -0.31
C TRP A 401 -0.44 -37.83 1.12
N LEU A 402 -0.01 -36.62 1.45
CA LEU A 402 0.54 -36.36 2.77
C LEU A 402 0.36 -34.90 3.13
N PRO A 403 -0.88 -34.42 3.25
CA PRO A 403 -1.11 -32.98 3.39
C PRO A 403 -1.00 -32.43 4.80
N ASP A 404 -0.58 -33.24 5.77
CA ASP A 404 -0.59 -32.77 7.15
C ASP A 404 0.66 -33.17 7.93
N THR A 405 1.72 -33.57 7.25
CA THR A 405 2.89 -34.12 7.92
C THR A 405 3.89 -33.02 8.25
N PHE A 406 4.48 -33.11 9.44
CA PHE A 406 5.43 -32.11 9.92
C PHE A 406 6.81 -32.42 9.34
N GLY A 407 7.04 -31.93 8.13
CA GLY A 407 8.36 -32.12 7.57
C GLY A 407 8.51 -33.42 6.81
N TYR A 408 9.38 -33.40 5.81
CA TYR A 408 9.55 -34.52 4.91
C TYR A 408 11.02 -34.85 4.77
N SER A 409 11.37 -36.10 4.97
CA SER A 409 12.77 -36.50 4.92
C SER A 409 13.32 -36.39 3.52
N ALA A 410 14.63 -36.20 3.43
CA ALA A 410 15.27 -35.94 2.15
C ALA A 410 15.22 -37.15 1.22
N GLN A 411 15.00 -38.35 1.74
CA GLN A 411 15.00 -39.55 0.93
C GLN A 411 13.61 -40.01 0.54
N LEU A 412 12.58 -39.24 0.87
CA LEU A 412 11.22 -39.64 0.52
C LEU A 412 10.99 -39.81 -0.97
N PRO A 413 11.46 -38.93 -1.86
CA PRO A 413 11.21 -39.16 -3.29
C PRO A 413 11.76 -40.47 -3.80
N GLN A 414 12.91 -40.90 -3.29
CA GLN A 414 13.44 -42.18 -3.75
C GLN A 414 12.53 -43.34 -3.35
N LEU A 415 12.05 -43.33 -2.11
CA LEU A 415 11.14 -44.39 -1.68
C LEU A 415 9.84 -44.33 -2.47
N CYS A 416 9.36 -43.14 -2.78
CA CYS A 416 8.16 -43.01 -3.59
C CYS A 416 8.36 -43.60 -4.98
N ARG A 417 9.50 -43.29 -5.61
CA ARG A 417 9.76 -43.82 -6.94
C ARG A 417 9.93 -45.33 -6.90
N LEU A 418 10.49 -45.87 -5.82
CA LEU A 418 10.63 -47.31 -5.71
C LEU A 418 9.32 -47.99 -5.37
N ALA A 419 8.33 -47.26 -4.90
CA ALA A 419 7.02 -47.83 -4.61
C ALA A 419 6.03 -47.60 -5.74
N GLY A 420 6.50 -47.14 -6.90
CA GLY A 420 5.63 -46.90 -8.03
C GLY A 420 4.84 -45.61 -7.98
N MET A 421 5.13 -44.73 -7.04
CA MET A 421 4.41 -43.48 -6.88
C MET A 421 5.29 -42.33 -7.32
N THR A 422 4.94 -41.71 -8.44
CA THR A 422 5.74 -40.64 -9.02
C THR A 422 5.20 -39.27 -8.71
N ARG A 423 4.19 -39.16 -7.85
CA ARG A 423 3.54 -37.90 -7.57
C ARG A 423 3.40 -37.71 -6.07
N PHE A 424 3.44 -36.46 -5.64
CA PHE A 424 3.42 -36.14 -4.22
C PHE A 424 2.61 -34.88 -4.01
N LEU A 425 1.80 -34.87 -2.96
CA LEU A 425 0.97 -33.72 -2.67
C LEU A 425 1.06 -33.38 -1.20
N THR A 426 1.15 -32.09 -0.90
CA THR A 426 1.23 -31.64 0.47
C THR A 426 0.92 -30.17 0.56
N GLN A 427 0.46 -29.75 1.73
CA GLN A 427 0.18 -28.34 1.95
C GLN A 427 0.69 -27.82 3.28
N LYS A 428 1.39 -28.65 4.05
CA LYS A 428 1.80 -28.22 5.38
C LYS A 428 2.82 -27.10 5.33
N LEU A 429 3.67 -27.08 4.29
CA LEU A 429 4.73 -26.09 4.24
C LEU A 429 4.21 -24.67 4.10
N SER A 430 2.94 -24.49 3.79
CA SER A 430 2.36 -23.15 3.80
C SER A 430 2.25 -22.56 5.19
N TRP A 431 2.46 -23.36 6.23
CA TRP A 431 2.39 -22.87 7.59
C TRP A 431 3.71 -22.32 8.09
N ASN A 432 4.76 -22.32 7.28
CA ASN A 432 6.04 -21.78 7.71
C ASN A 432 5.88 -20.34 8.15
N ASN A 433 6.34 -20.04 9.36
CA ASN A 433 6.19 -18.71 9.91
C ASN A 433 7.46 -17.88 9.81
N ILE A 434 8.47 -18.36 9.10
CA ILE A 434 9.70 -17.60 8.94
C ILE A 434 9.98 -17.37 7.46
N ASN A 435 10.14 -18.44 6.70
CA ASN A 435 10.41 -18.35 5.27
C ASN A 435 9.23 -18.90 4.50
N ARG A 436 8.67 -18.08 3.62
CA ARG A 436 7.65 -18.57 2.71
C ARG A 436 8.29 -19.53 1.72
N PHE A 437 7.75 -20.74 1.63
CA PHE A 437 8.27 -21.69 0.67
C PHE A 437 8.01 -21.15 -0.73
N PRO A 438 9.02 -21.15 -1.62
CA PRO A 438 8.94 -20.34 -2.83
C PRO A 438 8.24 -21.01 -4.01
N HIS A 439 7.80 -22.26 -3.92
CA HIS A 439 7.28 -22.95 -5.07
C HIS A 439 5.93 -23.57 -4.78
N THR A 440 5.14 -23.73 -5.84
CA THR A 440 3.85 -24.41 -5.78
C THR A 440 3.87 -25.76 -6.46
N THR A 441 4.42 -25.83 -7.66
CA THR A 441 4.61 -27.08 -8.37
C THR A 441 6.08 -27.22 -8.72
N PHE A 442 6.70 -28.34 -8.34
CA PHE A 442 8.12 -28.47 -8.56
C PHE A 442 8.50 -29.93 -8.62
N ASN A 443 9.76 -30.17 -9.01
CA ASN A 443 10.35 -31.50 -9.00
C ASN A 443 11.14 -31.63 -7.71
N TRP A 444 10.67 -32.49 -6.82
CA TRP A 444 11.37 -32.74 -5.57
C TRP A 444 12.35 -33.88 -5.79
N VAL A 445 13.63 -33.58 -5.60
CA VAL A 445 14.71 -34.50 -5.91
C VAL A 445 15.29 -35.04 -4.61
N ALA A 446 15.41 -36.35 -4.51
CA ALA A 446 15.92 -36.98 -3.31
C ALA A 446 17.43 -36.85 -3.24
N LEU A 447 18.01 -37.48 -2.21
CA LEU A 447 19.46 -37.47 -2.07
C LEU A 447 20.13 -38.23 -3.21
N ASP A 448 19.52 -39.33 -3.66
CA ASP A 448 20.10 -40.11 -4.73
C ASP A 448 19.84 -39.53 -6.11
N GLY A 449 18.98 -38.54 -6.23
CA GLY A 449 18.63 -37.99 -7.51
C GLY A 449 17.26 -38.41 -8.03
N SER A 450 16.62 -39.38 -7.39
CA SER A 450 15.25 -39.71 -7.78
C SER A 450 14.35 -38.52 -7.53
N GLN A 451 13.39 -38.31 -8.43
CA GLN A 451 12.55 -37.14 -8.37
C GLN A 451 11.08 -37.54 -8.44
N VAL A 452 10.26 -36.73 -7.78
CA VAL A 452 8.81 -36.83 -7.86
C VAL A 452 8.26 -35.44 -8.18
N ILE A 453 7.02 -35.41 -8.61
CA ILE A 453 6.35 -34.14 -8.87
C ILE A 453 5.56 -33.77 -7.62
N CYS A 454 5.95 -32.68 -6.99
CA CYS A 454 5.26 -32.20 -5.80
C CYS A 454 4.40 -31.00 -6.18
N HIS A 455 3.16 -31.00 -5.72
CA HIS A 455 2.25 -29.89 -5.92
C HIS A 455 1.69 -29.48 -4.57
N MET A 456 1.74 -28.19 -4.29
CA MET A 456 1.21 -27.65 -3.04
C MET A 456 0.05 -26.73 -3.36
N PRO A 457 -1.18 -27.11 -3.03
CA PRO A 457 -2.34 -26.33 -3.43
C PRO A 457 -2.19 -24.87 -3.02
N PRO A 458 -2.28 -23.95 -3.98
CA PRO A 458 -2.05 -22.53 -3.65
C PRO A 458 -2.97 -22.01 -2.58
N SER A 459 -4.24 -22.37 -2.60
CA SER A 459 -5.07 -22.17 -1.43
C SER A 459 -4.50 -23.01 -0.32
N GLU A 460 -4.13 -22.38 0.78
CA GLU A 460 -3.17 -22.98 1.70
C GLU A 460 -3.80 -23.92 2.69
N THR A 461 -4.92 -24.55 2.33
CA THR A 461 -5.59 -25.49 3.20
C THR A 461 -5.95 -26.75 2.44
N TYR A 462 -6.03 -27.86 3.18
CA TYR A 462 -6.67 -29.06 2.69
C TYR A 462 -8.12 -29.15 3.12
N THR A 463 -8.61 -28.15 3.85
CA THR A 463 -10.01 -28.08 4.25
C THR A 463 -10.63 -26.81 3.72
N ALA A 464 -10.39 -26.48 2.45
CA ALA A 464 -10.91 -25.25 1.89
C ALA A 464 -12.43 -25.25 2.00
N GLU A 465 -12.97 -24.13 2.46
CA GLU A 465 -14.41 -23.99 2.59
C GLU A 465 -15.10 -23.79 1.26
N ALA A 466 -14.37 -23.96 0.15
CA ALA A 466 -14.90 -23.74 -1.18
C ALA A 466 -15.47 -22.33 -1.34
N HIS A 467 -14.91 -21.39 -0.61
CA HIS A 467 -15.34 -20.00 -0.75
C HIS A 467 -14.94 -19.48 -2.13
N PHE A 468 -15.57 -18.39 -2.52
CA PHE A 468 -15.13 -17.67 -3.71
C PHE A 468 -13.69 -17.23 -3.55
N GLY A 469 -13.33 -16.79 -2.35
CA GLY A 469 -11.96 -16.40 -2.08
C GLY A 469 -10.97 -17.53 -2.28
N ASP A 470 -11.36 -18.76 -1.95
CA ASP A 470 -10.45 -19.88 -2.12
C ASP A 470 -10.17 -20.14 -3.59
N VAL A 471 -11.20 -20.10 -4.44
CA VAL A 471 -10.98 -20.29 -5.87
C VAL A 471 -10.15 -19.15 -6.42
N LYS A 472 -10.37 -17.93 -5.94
CA LYS A 472 -9.56 -16.81 -6.39
C LYS A 472 -8.10 -16.97 -5.98
N ARG A 473 -7.87 -17.41 -4.74
CA ARG A 473 -6.51 -17.56 -4.24
C ARG A 473 -5.81 -18.76 -4.85
N SER A 474 -6.56 -19.71 -5.41
CA SER A 474 -5.92 -20.82 -6.10
C SER A 474 -5.07 -20.36 -7.27
N MET A 475 -5.29 -19.15 -7.76
CA MET A 475 -4.42 -18.54 -8.75
C MET A 475 -3.68 -17.31 -8.22
N SER A 476 -4.29 -16.54 -7.34
CA SER A 476 -3.62 -15.35 -6.86
C SER A 476 -2.40 -15.68 -6.00
N GLN A 477 -2.39 -16.85 -5.37
CA GLN A 477 -1.29 -17.26 -4.51
C GLN A 477 -0.43 -18.35 -5.15
N HIS A 478 -0.68 -18.68 -6.41
CA HIS A 478 0.14 -19.67 -7.11
C HIS A 478 1.55 -19.11 -7.29
N LYS A 479 2.55 -19.83 -6.80
CA LYS A 479 3.92 -19.36 -6.82
C LYS A 479 4.71 -19.87 -8.02
N SER A 480 4.13 -20.72 -8.85
CA SER A 480 4.85 -21.30 -9.98
C SER A 480 4.09 -21.08 -11.27
N LEU A 481 3.53 -19.89 -11.44
CA LEU A 481 2.73 -19.61 -12.62
C LEU A 481 3.57 -19.57 -13.89
N ASP A 482 4.89 -19.41 -13.76
CA ASP A 482 5.74 -19.39 -14.94
C ASP A 482 5.72 -20.72 -15.66
N GLN A 483 5.74 -21.82 -14.91
CA GLN A 483 5.84 -23.14 -15.53
C GLN A 483 4.48 -23.76 -15.77
N ASP A 484 3.53 -23.56 -14.87
CA ASP A 484 2.20 -24.11 -15.05
C ASP A 484 1.20 -23.25 -14.30
N ASN A 485 -0.03 -23.21 -14.82
CA ASN A 485 -1.08 -22.42 -14.20
C ASN A 485 -2.19 -23.25 -13.58
N THR A 486 -2.26 -24.54 -13.85
CA THR A 486 -3.26 -25.36 -13.21
C THR A 486 -2.90 -25.57 -11.74
N SER A 487 -3.93 -25.84 -10.94
CA SER A 487 -3.74 -26.04 -9.52
C SER A 487 -4.89 -26.88 -8.98
N LEU A 488 -4.68 -27.44 -7.80
CA LEU A 488 -5.64 -28.32 -7.17
C LEU A 488 -6.27 -27.61 -5.99
N LEU A 489 -7.60 -27.64 -5.92
CA LEU A 489 -8.34 -27.08 -4.80
C LEU A 489 -8.92 -28.23 -4.00
N VAL A 490 -8.36 -28.47 -2.83
CA VAL A 490 -8.77 -29.58 -1.98
C VAL A 490 -9.75 -29.02 -0.96
N PHE A 491 -11.01 -29.42 -1.04
CA PHE A 491 -12.04 -28.85 -0.20
C PHE A 491 -12.72 -29.94 0.63
N GLY A 492 -13.16 -29.56 1.81
CA GLY A 492 -13.78 -30.48 2.73
C GLY A 492 -13.72 -29.91 4.13
N LYS A 493 -13.81 -30.78 5.12
CA LYS A 493 -13.65 -30.40 6.52
C LYS A 493 -12.77 -31.45 7.19
N GLY A 494 -11.49 -31.13 7.32
CA GLY A 494 -10.51 -32.09 7.76
C GLY A 494 -10.35 -32.14 9.25
N ASP A 495 -9.15 -32.53 9.68
CA ASP A 495 -8.77 -32.70 11.08
C ASP A 495 -9.91 -33.33 11.90
N GLY A 496 -10.27 -34.54 11.52
CA GLY A 496 -11.27 -35.31 12.20
C GLY A 496 -12.69 -35.04 11.74
N GLY A 497 -12.89 -34.07 10.89
CA GLY A 497 -14.23 -33.73 10.45
C GLY A 497 -14.74 -34.63 9.37
N GLY A 498 -15.99 -34.40 8.98
CA GLY A 498 -16.56 -35.07 7.83
C GLY A 498 -16.12 -34.41 6.54
N GLY A 499 -16.48 -35.04 5.44
CA GLY A 499 -16.03 -34.58 4.15
C GLY A 499 -16.71 -33.31 3.72
N PRO A 500 -16.78 -33.08 2.41
CA PRO A 500 -17.48 -31.92 1.90
C PRO A 500 -18.96 -31.98 2.20
N THR A 501 -19.56 -30.81 2.35
CA THR A 501 -21.00 -30.66 2.52
C THR A 501 -21.62 -30.24 1.20
N TRP A 502 -22.95 -30.31 1.14
CA TRP A 502 -23.63 -29.92 -0.09
C TRP A 502 -23.44 -28.43 -0.38
N VAL A 503 -23.25 -27.63 0.66
CA VAL A 503 -23.03 -26.20 0.47
C VAL A 503 -21.80 -25.96 -0.38
N GLN A 504 -20.72 -26.68 -0.09
CA GLN A 504 -19.48 -26.49 -0.84
C GLN A 504 -19.65 -26.89 -2.30
N ILE A 505 -20.36 -27.98 -2.56
CA ILE A 505 -20.55 -28.42 -3.94
C ILE A 505 -21.36 -27.40 -4.72
N GLU A 506 -22.44 -26.90 -4.11
CA GLU A 506 -23.23 -25.88 -4.80
C GLU A 506 -22.43 -24.61 -5.02
N LYS A 507 -21.60 -24.23 -4.05
CA LYS A 507 -20.79 -23.04 -4.22
C LYS A 507 -19.78 -23.21 -5.36
N LEU A 508 -19.22 -24.40 -5.51
CA LEU A 508 -18.32 -24.62 -6.63
C LEU A 508 -19.07 -24.55 -7.95
N ARG A 509 -20.30 -25.07 -8.00
CA ARG A 509 -21.09 -24.92 -9.21
C ARG A 509 -21.30 -23.45 -9.56
N ARG A 510 -21.63 -22.64 -8.55
CA ARG A 510 -21.83 -21.21 -8.80
C ARG A 510 -20.54 -20.56 -9.27
N CYS A 511 -19.41 -20.96 -8.69
CA CYS A 511 -18.13 -20.39 -9.10
C CYS A 511 -17.84 -20.69 -10.56
N ARG A 512 -18.10 -21.92 -10.99
CA ARG A 512 -17.85 -22.21 -12.40
C ARG A 512 -18.83 -21.48 -13.29
N GLY A 513 -20.06 -21.31 -12.85
CA GLY A 513 -20.99 -20.51 -13.62
C GLY A 513 -20.51 -19.09 -13.80
N ILE A 514 -19.99 -18.49 -12.72
CA ILE A 514 -19.43 -17.15 -12.81
C ILE A 514 -18.30 -17.11 -13.82
N SER A 515 -17.37 -18.06 -13.71
CA SER A 515 -16.23 -18.05 -14.61
C SER A 515 -16.64 -18.27 -16.06
N ASP A 516 -17.74 -18.99 -16.29
CA ASP A 516 -18.21 -19.18 -17.65
C ASP A 516 -18.92 -17.96 -18.20
N THR A 517 -19.61 -17.20 -17.36
CA THR A 517 -20.36 -16.06 -17.87
C THR A 517 -19.54 -14.78 -17.88
N VAL A 518 -18.86 -14.47 -16.80
CA VAL A 518 -17.98 -13.31 -16.70
C VAL A 518 -16.59 -13.81 -16.34
N GLY A 519 -15.79 -14.06 -17.35
CA GLY A 519 -14.58 -14.83 -17.15
C GLY A 519 -13.44 -14.13 -16.44
N LEU A 520 -13.59 -13.85 -15.15
CA LEU A 520 -12.49 -13.34 -14.35
C LEU A 520 -12.00 -14.31 -13.31
N LEU A 521 -12.89 -15.09 -12.71
CA LEU A 521 -12.46 -16.17 -11.83
C LEU A 521 -11.71 -17.21 -12.64
N PRO A 522 -10.69 -17.84 -12.06
CA PRO A 522 -10.13 -19.04 -12.69
C PRO A 522 -11.20 -20.11 -12.78
N ARG A 523 -11.23 -20.79 -13.92
CA ARG A 523 -12.28 -21.77 -14.15
C ARG A 523 -12.03 -23.00 -13.29
N VAL A 524 -13.05 -23.42 -12.56
CA VAL A 524 -12.94 -24.56 -11.66
C VAL A 524 -13.65 -25.76 -12.28
N HIS A 525 -13.10 -26.94 -12.04
CA HIS A 525 -13.64 -28.18 -12.60
C HIS A 525 -13.77 -29.20 -11.50
N MET A 526 -14.79 -30.05 -11.59
CA MET A 526 -15.11 -30.94 -10.49
C MET A 526 -15.21 -32.40 -10.86
N GLY A 527 -15.35 -32.75 -12.13
CA GLY A 527 -15.52 -34.15 -12.45
C GLY A 527 -14.25 -34.96 -12.59
N SER A 528 -13.09 -34.34 -12.40
CA SER A 528 -11.83 -35.01 -12.65
C SER A 528 -11.30 -35.66 -11.38
N SER A 529 -10.14 -36.32 -11.50
CA SER A 529 -9.49 -36.97 -10.39
C SER A 529 -8.10 -36.38 -10.19
N VAL A 530 -7.47 -36.74 -9.07
CA VAL A 530 -6.10 -36.29 -8.82
C VAL A 530 -5.15 -36.87 -9.84
N ASP A 531 -5.41 -38.11 -10.28
CA ASP A 531 -4.56 -38.73 -11.28
C ASP A 531 -4.56 -37.95 -12.58
N ASP A 532 -5.72 -37.42 -12.97
CA ASP A 532 -5.79 -36.65 -14.21
C ASP A 532 -4.94 -35.38 -14.11
N PHE A 533 -5.08 -34.66 -13.01
CA PHE A 533 -4.33 -33.43 -12.81
C PHE A 533 -2.84 -33.70 -12.83
N PHE A 534 -2.41 -34.76 -12.14
CA PHE A 534 -0.99 -35.04 -12.09
C PHE A 534 -0.48 -35.60 -13.41
N ASP A 535 -1.32 -36.29 -14.17
CA ASP A 535 -0.89 -36.71 -15.49
C ASP A 535 -0.69 -35.52 -16.41
N ARG A 536 -1.55 -34.52 -16.31
CA ARG A 536 -1.36 -33.30 -17.08
C ARG A 536 -0.07 -32.60 -16.66
N LEU A 537 0.22 -32.59 -15.36
CA LEU A 537 1.47 -31.99 -14.90
C LEU A 537 2.68 -32.77 -15.42
N GLU A 538 2.60 -34.09 -15.41
CA GLU A 538 3.75 -34.94 -15.70
C GLU A 538 4.31 -34.73 -17.09
N ARG A 539 3.52 -34.23 -18.01
CA ARG A 539 3.95 -34.14 -19.39
C ARG A 539 4.63 -32.82 -19.70
N LYS A 540 4.74 -31.92 -18.73
CA LYS A 540 5.54 -30.71 -18.87
C LYS A 540 6.49 -30.55 -17.70
N ALA A 541 6.83 -31.63 -17.01
CA ALA A 541 7.60 -31.56 -15.79
C ALA A 541 9.09 -31.34 -16.03
N ASP A 542 9.56 -31.47 -17.26
CA ASP A 542 10.97 -31.22 -17.53
C ASP A 542 11.35 -29.76 -17.33
N THR A 543 10.37 -28.86 -17.34
CA THR A 543 10.63 -27.44 -17.18
C THR A 543 10.33 -26.94 -15.77
N PHE A 544 9.90 -27.81 -14.87
CA PHE A 544 9.57 -27.38 -13.52
C PHE A 544 10.82 -27.05 -12.73
N VAL A 545 10.65 -26.19 -11.74
CA VAL A 545 11.71 -25.93 -10.79
C VAL A 545 12.01 -27.21 -10.01
N THR A 546 13.27 -27.38 -9.62
CA THR A 546 13.66 -28.51 -8.81
C THR A 546 14.01 -28.06 -7.41
N TRP A 547 13.74 -28.93 -6.44
CA TRP A 547 14.15 -28.72 -5.06
C TRP A 547 14.95 -29.93 -4.63
N TYR A 548 16.18 -29.70 -4.18
CA TYR A 548 17.06 -30.77 -3.75
C TYR A 548 17.08 -30.85 -2.23
N GLY A 549 17.00 -32.06 -1.70
CA GLY A 549 17.14 -32.25 -0.28
C GLY A 549 15.83 -32.20 0.46
N GLU A 550 15.94 -32.09 1.77
CA GLU A 550 14.77 -32.16 2.63
C GLU A 550 13.90 -30.92 2.46
N LEU A 551 12.59 -31.13 2.61
CA LEU A 551 11.62 -30.03 2.68
C LEU A 551 11.43 -29.71 4.15
N TYR A 552 12.25 -28.82 4.67
CA TYR A 552 12.21 -28.54 6.10
C TYR A 552 10.96 -27.76 6.45
N PHE A 553 10.22 -28.25 7.43
CA PHE A 553 9.04 -27.58 7.94
C PHE A 553 9.44 -26.70 9.11
N GLU A 554 9.13 -25.41 9.01
CA GLU A 554 9.62 -24.42 9.97
C GLU A 554 8.65 -24.21 11.11
N LEU A 555 7.92 -25.24 11.50
CA LEU A 555 7.01 -25.16 12.62
C LEU A 555 7.00 -26.53 13.30
N HIS A 556 6.45 -26.57 14.50
CA HIS A 556 6.30 -27.82 15.24
C HIS A 556 7.64 -28.51 15.46
N ARG A 557 8.65 -27.73 15.82
CA ARG A 557 9.96 -28.30 16.07
C ARG A 557 10.05 -29.00 17.42
N GLY A 558 9.15 -28.70 18.34
CA GLY A 558 9.12 -29.44 19.58
C GLY A 558 8.55 -30.83 19.44
N THR A 559 8.00 -31.13 18.27
CA THR A 559 7.45 -32.44 18.00
C THR A 559 8.52 -33.53 18.00
N TYR A 560 9.79 -33.17 17.88
CA TYR A 560 10.85 -34.16 17.95
C TYR A 560 11.13 -34.63 19.36
N THR A 561 10.54 -34.02 20.37
CA THR A 561 10.94 -34.33 21.73
C THR A 561 9.77 -34.70 22.63
N THR A 562 8.58 -34.19 22.32
CA THR A 562 7.43 -34.42 23.18
C THR A 562 7.07 -35.90 23.23
N GLN A 563 6.61 -36.34 24.39
CA GLN A 563 6.20 -37.73 24.62
C GLN A 563 7.36 -38.68 24.35
N ALA A 564 8.40 -38.56 25.16
CA ALA A 564 9.62 -39.33 24.94
C ALA A 564 9.35 -40.82 24.97
N LYS A 565 8.38 -41.25 25.77
CA LYS A 565 8.10 -42.69 25.86
C LYS A 565 7.70 -43.25 24.51
N ASN A 566 6.87 -42.52 23.77
CA ASN A 566 6.41 -43.00 22.47
C ASN A 566 7.57 -43.14 21.49
N LYS A 567 8.47 -42.17 21.46
CA LYS A 567 9.59 -42.23 20.53
C LYS A 567 10.55 -43.35 20.91
N LYS A 568 10.82 -43.52 22.20
CA LYS A 568 11.66 -44.62 22.63
C LYS A 568 11.04 -45.96 22.23
N ASN A 569 9.73 -46.10 22.45
CA ASN A 569 9.07 -47.34 22.08
C ASN A 569 9.12 -47.56 20.59
N ASN A 570 8.96 -46.51 19.80
CA ASN A 570 8.98 -46.66 18.35
C ASN A 570 10.33 -47.15 17.88
N ARG A 571 11.41 -46.56 18.39
CA ARG A 571 12.73 -47.01 17.95
C ARG A 571 13.02 -48.43 18.42
N ARG A 572 12.65 -48.74 19.67
CA ARG A 572 12.85 -50.10 20.15
C ARG A 572 12.08 -51.10 19.31
N ALA A 573 10.83 -50.77 18.95
CA ALA A 573 10.03 -51.67 18.14
C ALA A 573 10.64 -51.86 16.76
N GLU A 574 11.14 -50.79 16.16
CA GLU A 574 11.78 -50.92 14.86
C GLU A 574 12.97 -51.85 14.92
N ALA A 575 13.84 -51.63 15.92
CA ALA A 575 15.04 -52.47 16.02
C ALA A 575 14.67 -53.92 16.29
N LYS A 576 13.72 -54.15 17.20
CA LYS A 576 13.32 -55.51 17.52
C LYS A 576 12.69 -56.20 16.32
N LEU A 577 11.89 -55.47 15.55
CA LEU A 577 11.27 -56.05 14.37
C LEU A 577 12.30 -56.43 13.33
N ARG A 578 13.30 -55.57 13.12
CA ARG A 578 14.38 -55.92 12.20
C ARG A 578 15.11 -57.18 12.65
N ASP A 579 15.47 -57.23 13.93
CA ASP A 579 16.16 -58.39 14.47
C ASP A 579 15.33 -59.64 14.27
N LEU A 580 14.05 -59.59 14.65
CA LEU A 580 13.20 -60.75 14.59
C LEU A 580 12.98 -61.20 13.15
N GLU A 581 12.83 -60.26 12.23
CA GLU A 581 12.65 -60.65 10.84
C GLU A 581 13.87 -61.37 10.31
N LEU A 582 15.07 -60.87 10.65
CA LEU A 582 16.28 -61.56 10.21
C LEU A 582 16.36 -62.96 10.81
N LEU A 583 16.11 -63.08 12.11
CA LEU A 583 16.22 -64.38 12.76
C LEU A 583 15.19 -65.35 12.23
N ALA A 584 13.96 -64.87 12.01
CA ALA A 584 12.91 -65.73 11.48
C ALA A 584 13.22 -66.15 10.06
N THR A 585 13.82 -65.27 9.26
CA THR A 585 14.21 -65.67 7.92
C THR A 585 15.24 -66.79 7.97
N ILE A 586 16.25 -66.63 8.83
CA ILE A 586 17.27 -67.67 8.95
C ILE A 586 16.64 -68.98 9.38
N ALA A 587 15.76 -68.93 10.38
CA ALA A 587 15.14 -70.15 10.88
C ALA A 587 14.26 -70.81 9.82
N SER A 588 13.46 -70.01 9.12
CA SER A 588 12.55 -70.57 8.14
C SER A 588 13.29 -71.19 6.97
N VAL A 589 14.39 -70.58 6.54
CA VAL A 589 15.16 -71.18 5.46
C VAL A 589 15.87 -72.43 5.95
N GLN A 590 16.41 -72.40 7.16
CA GLN A 590 17.17 -73.55 7.65
C GLN A 590 16.28 -74.76 7.89
N ASP A 591 15.17 -74.58 8.60
CA ASP A 591 14.29 -75.68 8.95
C ASP A 591 12.96 -75.54 8.22
N LYS A 592 12.58 -76.58 7.48
CA LYS A 592 11.36 -76.52 6.71
C LYS A 592 10.11 -76.64 7.57
N SER A 593 10.22 -77.23 8.76
CA SER A 593 9.05 -77.44 9.59
C SER A 593 8.64 -76.19 10.36
N TYR A 594 9.49 -75.17 10.41
CA TYR A 594 9.19 -73.97 11.16
C TYR A 594 8.45 -72.99 10.26
N LYS A 595 7.20 -72.69 10.60
CA LYS A 595 6.39 -71.81 9.78
C LYS A 595 6.74 -70.36 10.09
N TYR A 596 7.07 -69.61 9.04
CA TYR A 596 7.37 -68.20 9.19
C TYR A 596 6.15 -67.47 9.74
N PRO A 597 6.27 -66.78 10.86
CA PRO A 597 5.08 -66.23 11.53
C PRO A 597 4.57 -64.95 10.87
N LYS A 598 3.89 -65.12 9.74
CA LYS A 598 3.43 -63.95 8.99
C LYS A 598 2.26 -63.26 9.69
N GLU A 599 1.37 -64.03 10.32
CA GLU A 599 0.26 -63.42 11.05
C GLU A 599 0.78 -62.46 12.11
N GLU A 600 1.69 -62.95 12.96
CA GLU A 600 2.18 -62.12 14.06
C GLU A 600 2.98 -60.94 13.54
N PHE A 601 3.83 -61.15 12.54
CA PHE A 601 4.61 -60.04 12.00
C PHE A 601 3.69 -58.97 11.42
N ASP A 602 2.65 -59.38 10.71
CA ASP A 602 1.71 -58.42 10.17
C ASP A 602 1.02 -57.65 11.28
N ALA A 603 0.61 -58.35 12.34
CA ALA A 603 -0.05 -57.67 13.44
C ALA A 603 0.86 -56.62 14.07
N MET A 604 2.09 -57.01 14.40
CA MET A 604 3.00 -56.05 15.06
C MET A 604 3.35 -54.91 14.13
N TRP A 605 3.58 -55.19 12.84
CA TRP A 605 3.91 -54.11 11.93
C TRP A 605 2.76 -53.16 11.78
N GLU A 606 1.53 -53.67 11.70
CA GLU A 606 0.38 -52.79 11.59
C GLU A 606 0.25 -51.90 12.82
N ASN A 607 0.45 -52.47 14.01
CA ASN A 607 0.37 -51.66 15.21
C ASN A 607 1.46 -50.59 15.24
N VAL A 608 2.69 -50.96 14.88
CA VAL A 608 3.79 -50.01 14.90
C VAL A 608 3.53 -48.88 13.91
N LEU A 609 3.14 -49.24 12.70
CA LEU A 609 2.88 -48.23 11.68
C LEU A 609 1.74 -47.32 12.08
N LEU A 610 0.70 -47.87 12.69
CA LEU A 610 -0.38 -47.02 13.19
C LEU A 610 0.13 -46.05 14.24
N CYS A 611 0.96 -46.53 15.15
CA CYS A 611 1.52 -45.63 16.15
C CYS A 611 2.47 -44.61 15.54
N GLN A 612 2.92 -44.81 14.31
CA GLN A 612 3.73 -43.80 13.63
C GLN A 612 2.90 -42.73 12.95
N PHE A 613 1.63 -42.60 13.32
CA PHE A 613 0.76 -41.61 12.68
C PHE A 613 1.26 -40.20 12.97
N HIS A 614 0.94 -39.28 12.07
CA HIS A 614 1.53 -37.95 12.18
C HIS A 614 1.04 -37.17 13.34
N ASP A 615 0.26 -37.74 14.25
CA ASP A 615 -0.08 -37.07 15.50
C ASP A 615 0.13 -37.94 16.72
N CYS A 616 0.38 -39.25 16.57
CA CYS A 616 0.70 -40.08 17.71
C CYS A 616 2.19 -39.99 18.05
N LEU A 617 3.04 -40.43 17.12
CA LEU A 617 4.48 -40.36 17.35
C LEU A 617 4.98 -38.95 17.61
N PRO A 618 4.57 -37.91 16.88
CA PRO A 618 5.06 -36.56 17.18
C PRO A 618 4.66 -36.06 18.55
N GLY A 619 3.94 -36.86 19.32
CA GLY A 619 3.65 -36.50 20.69
C GLY A 619 2.74 -35.31 20.88
N SER A 620 1.67 -35.22 20.12
CA SER A 620 0.78 -34.07 20.17
C SER A 620 -0.67 -34.51 20.29
N SER A 621 -0.94 -35.44 21.20
CA SER A 621 -2.27 -35.96 21.40
C SER A 621 -2.65 -35.91 22.87
N ILE A 622 -3.90 -36.26 23.15
CA ILE A 622 -4.43 -36.25 24.51
C ILE A 622 -4.01 -37.51 25.24
N GLU A 623 -4.22 -37.56 26.55
CA GLU A 623 -3.73 -38.68 27.35
C GLU A 623 -4.32 -40.01 26.91
N MET A 624 -5.62 -40.06 26.65
CA MET A 624 -6.25 -41.34 26.33
C MET A 624 -5.63 -41.96 25.08
N ALA A 625 -5.26 -41.13 24.11
CA ALA A 625 -4.60 -41.64 22.93
C ALA A 625 -3.29 -42.32 23.29
N TYR A 626 -2.54 -41.75 24.22
CA TYR A 626 -1.27 -42.37 24.58
C TYR A 626 -1.46 -43.58 25.47
N ARG A 627 -2.56 -43.66 26.22
CA ARG A 627 -2.85 -44.91 26.91
C ARG A 627 -3.11 -46.02 25.91
N GLU A 628 -3.88 -45.73 24.86
CA GLU A 628 -4.10 -46.76 23.84
C GLU A 628 -2.82 -47.10 23.10
N SER A 629 -2.00 -46.11 22.80
CA SER A 629 -0.74 -46.40 22.13
C SER A 629 0.21 -47.20 23.01
N ASP A 630 0.21 -46.94 24.31
CA ASP A 630 0.99 -47.75 25.23
C ASP A 630 0.50 -49.18 25.23
N GLN A 631 -0.81 -49.38 25.20
CA GLN A 631 -1.33 -50.74 25.09
C GLN A 631 -0.90 -51.40 23.80
N MET A 632 -0.91 -50.63 22.70
CA MET A 632 -0.49 -51.17 21.42
C MET A 632 0.97 -51.62 21.46
N TYR A 633 1.84 -50.80 22.03
CA TYR A 633 3.25 -51.16 22.09
C TYR A 633 3.48 -52.34 23.03
N ALA A 634 2.72 -52.43 24.11
CA ALA A 634 2.83 -53.59 24.98
C ALA A 634 2.44 -54.86 24.25
N ASP A 635 1.37 -54.80 23.46
CA ASP A 635 0.99 -55.96 22.65
C ASP A 635 2.09 -56.30 21.64
N VAL A 636 2.68 -55.28 21.02
CA VAL A 636 3.74 -55.52 20.05
C VAL A 636 4.91 -56.24 20.70
N PHE A 637 5.31 -55.79 21.88
CA PHE A 637 6.47 -56.41 22.52
C PHE A 637 6.15 -57.79 23.04
N SER A 638 4.92 -58.04 23.51
CA SER A 638 4.57 -59.39 23.91
C SER A 638 4.59 -60.35 22.72
N THR A 639 4.04 -59.91 21.59
CA THR A 639 4.09 -60.74 20.39
C THR A 639 5.52 -60.97 19.95
N ALA A 640 6.36 -59.94 20.07
CA ALA A 640 7.77 -60.11 19.72
C ALA A 640 8.43 -61.12 20.63
N GLU A 641 8.10 -61.11 21.91
CA GLU A 641 8.64 -62.11 22.82
C GLU A 641 8.23 -63.51 22.41
N LYS A 642 6.96 -63.68 22.04
CA LYS A 642 6.50 -65.01 21.61
C LYS A 642 7.24 -65.47 20.36
N ILE A 643 7.38 -64.56 19.39
CA ILE A 643 8.08 -64.91 18.15
C ILE A 643 9.52 -65.28 18.44
N MET A 644 10.18 -64.49 19.27
CA MET A 644 11.58 -64.76 19.58
C MET A 644 11.75 -66.08 20.30
N LYS A 645 10.81 -66.41 21.20
CA LYS A 645 10.89 -67.70 21.86
C LYS A 645 10.76 -68.84 20.87
N GLY A 646 9.81 -68.73 19.94
CA GLY A 646 9.69 -69.77 18.92
C GLY A 646 10.94 -69.91 18.07
N VAL A 647 11.48 -68.78 17.61
CA VAL A 647 12.64 -68.81 16.75
C VAL A 647 13.84 -69.37 17.49
N SER A 648 14.02 -68.98 18.75
CA SER A 648 15.12 -69.52 19.53
C SER A 648 14.97 -71.02 19.76
N GLN A 649 13.73 -71.49 19.90
CA GLN A 649 13.51 -72.92 19.97
C GLN A 649 14.00 -73.59 18.69
N VAL A 650 13.67 -73.00 17.54
CA VAL A 650 14.08 -73.63 16.28
C VAL A 650 15.53 -73.33 15.96
N LEU A 651 15.95 -72.07 16.10
CA LEU A 651 17.26 -71.65 15.64
C LEU A 651 18.34 -72.20 16.57
N GLY A 652 18.77 -73.41 16.31
CA GLY A 652 19.62 -74.08 17.28
C GLY A 652 18.84 -74.17 18.57
N LEU A 653 19.40 -73.59 19.63
CA LEU A 653 18.68 -73.48 20.89
C LEU A 653 19.33 -72.37 21.70
N GLU A 654 18.55 -71.37 22.07
CA GLU A 654 19.06 -70.20 22.77
C GLU A 654 18.15 -69.88 23.94
N PRO A 655 18.13 -70.72 24.94
CA PRO A 655 17.10 -70.59 25.99
C PRO A 655 17.18 -69.31 26.80
N ALA A 656 18.27 -69.07 27.49
CA ALA A 656 18.32 -68.01 28.49
C ALA A 656 19.76 -67.85 28.95
N LEU A 657 19.95 -67.07 30.02
CA LEU A 657 21.25 -66.82 30.60
C LEU A 657 21.32 -67.38 32.01
N ASN A 658 22.42 -68.07 32.31
CA ASN A 658 22.65 -68.68 33.61
C ASN A 658 24.00 -68.22 34.15
N HIS A 659 24.49 -68.88 35.20
CA HIS A 659 25.90 -68.76 35.53
C HIS A 659 26.71 -69.04 34.27
N MET A 660 27.39 -68.02 33.77
CA MET A 660 27.95 -68.10 32.43
C MET A 660 29.14 -69.04 32.39
N SER A 661 29.46 -69.49 31.17
CA SER A 661 30.53 -70.45 30.95
C SER A 661 31.52 -70.03 29.88
N THR A 662 31.25 -68.97 29.13
CA THR A 662 32.09 -68.43 28.04
C THR A 662 32.57 -69.52 27.08
N THR A 663 31.91 -70.67 27.09
CA THR A 663 32.11 -71.67 26.04
C THR A 663 30.81 -72.30 25.58
N ASN A 664 29.72 -72.16 26.33
CA ASN A 664 28.41 -72.64 25.93
C ASN A 664 27.47 -71.50 25.57
N THR A 665 27.97 -70.27 25.50
CA THR A 665 27.13 -69.12 25.25
C THR A 665 27.62 -68.38 24.02
N VAL A 666 26.68 -67.89 23.22
CA VAL A 666 26.96 -67.07 22.06
C VAL A 666 26.33 -65.71 22.29
N ALA A 667 26.61 -64.78 21.38
CA ALA A 667 26.03 -63.46 21.42
C ALA A 667 25.31 -63.19 20.11
N LEU A 668 24.06 -62.77 20.20
CA LEU A 668 23.30 -62.44 19.00
C LEU A 668 23.84 -61.16 18.38
N ASN A 669 24.09 -61.20 17.07
CA ASN A 669 24.66 -60.05 16.38
C ASN A 669 23.61 -59.18 15.73
N THR A 670 22.85 -59.73 14.78
CA THR A 670 21.81 -59.01 14.05
C THR A 670 22.33 -57.76 13.34
N LEU A 671 23.63 -57.66 13.11
CA LEU A 671 24.17 -56.54 12.36
C LEU A 671 25.04 -57.08 11.24
N PRO A 672 24.95 -56.49 10.05
CA PRO A 672 25.55 -57.09 8.86
C PRO A 672 27.00 -56.69 8.61
N TRP A 673 27.84 -56.82 9.63
CA TRP A 673 29.26 -56.59 9.46
C TRP A 673 30.00 -57.27 10.59
N PRO A 674 31.29 -57.55 10.41
CA PRO A 674 32.05 -58.13 11.51
C PRO A 674 32.02 -57.23 12.73
N ARG A 675 31.90 -57.85 13.89
CA ARG A 675 31.66 -57.14 15.13
C ARG A 675 32.64 -57.61 16.17
N ARG A 676 33.04 -56.70 17.05
CA ARG A 676 34.02 -57.00 18.08
C ARG A 676 33.81 -56.01 19.22
N GLU A 677 33.12 -56.45 20.27
CA GLU A 677 32.85 -55.59 21.41
C GLU A 677 33.01 -56.33 22.73
N LEU A 678 32.78 -55.60 23.81
CA LEU A 678 32.88 -56.10 25.17
C LEU A 678 31.50 -56.48 25.66
N VAL A 679 31.35 -57.72 26.10
CA VAL A 679 30.09 -58.21 26.65
C VAL A 679 30.29 -58.47 28.13
N LYS A 680 29.18 -58.41 28.87
CA LYS A 680 29.19 -58.23 30.30
C LYS A 680 28.85 -59.52 31.04
N ILE A 681 29.33 -60.66 30.54
CA ILE A 681 29.04 -61.93 31.19
C ILE A 681 29.64 -61.96 32.59
N SER A 682 29.05 -62.77 33.48
CA SER A 682 29.65 -63.07 34.77
C SER A 682 29.97 -61.76 35.53
N GLU A 683 28.89 -61.13 35.99
CA GLU A 683 28.82 -59.69 36.21
C GLU A 683 30.10 -59.09 36.78
N LYS A 684 30.85 -59.84 37.58
CA LYS A 684 32.16 -59.37 38.01
C LYS A 684 33.12 -59.23 36.83
N GLU A 685 33.13 -60.20 35.92
CA GLU A 685 34.07 -60.23 34.81
C GLU A 685 33.39 -59.80 33.51
N ALA A 686 34.09 -59.97 32.40
CA ALA A 686 33.58 -59.62 31.08
C ALA A 686 34.39 -60.35 30.02
N ALA A 687 33.87 -60.34 28.80
CA ALA A 687 34.51 -61.06 27.70
C ALA A 687 34.42 -60.24 26.43
N VAL A 688 35.06 -60.71 25.37
CA VAL A 688 35.06 -60.06 24.08
C VAL A 688 34.25 -60.91 23.12
N ALA A 689 33.18 -60.35 22.59
CA ALA A 689 32.37 -61.00 21.57
C ALA A 689 32.84 -60.53 20.21
N HIS A 690 33.33 -61.46 19.41
CA HIS A 690 33.86 -61.14 18.09
C HIS A 690 33.38 -62.18 17.10
N GLY A 691 33.05 -61.73 15.91
CA GLY A 691 32.59 -62.65 14.88
C GLY A 691 32.03 -61.91 13.70
N THR A 692 31.38 -62.66 12.82
CA THR A 692 30.83 -62.05 11.62
C THR A 692 29.37 -62.44 11.39
N GLY A 693 28.98 -63.63 11.83
CA GLY A 693 27.66 -64.12 11.57
C GLY A 693 26.63 -63.56 12.53
N PRO A 694 25.44 -64.16 12.55
CA PRO A 694 24.45 -63.77 13.56
C PRO A 694 24.84 -64.19 14.96
N PHE A 695 25.76 -65.14 15.10
CA PHE A 695 26.18 -65.63 16.41
C PHE A 695 27.68 -65.42 16.56
N LEU A 696 28.08 -64.82 17.66
CA LEU A 696 29.48 -64.52 17.93
C LEU A 696 29.96 -65.36 19.11
N LYS A 697 31.21 -65.80 19.05
CA LYS A 697 31.81 -66.49 20.17
C LYS A 697 32.47 -65.49 21.10
N LEU A 698 32.82 -65.94 22.29
CA LEU A 698 33.45 -65.09 23.28
C LEU A 698 34.88 -65.54 23.53
N GLN A 699 35.69 -64.64 24.07
CA GLN A 699 37.12 -64.87 24.24
C GLN A 699 37.57 -64.91 25.69
N LYS A 700 36.89 -64.18 26.59
CA LYS A 700 37.22 -64.17 28.01
C LYS A 700 38.66 -63.72 28.23
N LEU A 701 38.88 -62.44 27.93
CA LEU A 701 40.18 -61.84 28.11
C LEU A 701 40.57 -61.74 29.59
N GLU A 702 41.88 -61.79 29.84
CA GLU A 702 42.43 -61.46 31.16
C GLU A 702 43.90 -61.15 30.98
N THR A 703 44.26 -59.88 31.16
CA THR A 703 45.64 -59.42 31.00
C THR A 703 45.79 -58.20 31.93
N THR A 704 46.80 -57.38 31.69
CA THR A 704 46.92 -56.10 32.40
C THR A 704 45.63 -55.30 32.24
N LYS A 705 45.33 -54.49 33.25
CA LYS A 705 44.04 -53.84 33.34
C LYS A 705 43.96 -52.67 32.36
N PRO A 706 42.99 -52.64 31.46
CA PRO A 706 42.62 -51.40 30.78
C PRO A 706 41.68 -50.62 31.68
N LEU A 707 41.30 -49.43 31.22
CA LEU A 707 40.25 -48.65 31.90
C LEU A 707 40.61 -48.36 33.35
N VAL A 708 41.56 -47.51 33.52
CA VAL A 708 41.87 -47.05 34.86
C VAL A 708 41.00 -45.85 35.19
N THR A 709 40.70 -45.68 36.48
CA THR A 709 40.06 -44.47 36.98
C THR A 709 40.84 -43.99 38.19
N LEU A 710 41.11 -42.70 38.24
CA LEU A 710 41.85 -42.19 39.39
C LEU A 710 41.36 -40.81 39.77
N ARG A 711 41.31 -40.56 41.07
CA ARG A 711 40.88 -39.27 41.61
C ARG A 711 42.07 -38.33 41.75
N GLN A 712 41.86 -37.08 41.37
CA GLN A 712 42.80 -36.04 41.71
C GLN A 712 42.60 -35.60 43.14
N VAL A 713 43.64 -34.97 43.71
CA VAL A 713 43.59 -34.48 45.08
C VAL A 713 42.42 -33.52 45.30
N THR A 714 41.76 -33.08 44.24
CA THR A 714 40.59 -32.25 44.33
C THR A 714 39.38 -32.98 44.93
N LYS A 715 39.47 -34.31 45.06
CA LYS A 715 38.50 -35.09 45.82
C LYS A 715 37.16 -35.16 45.07
N GLY A 716 37.04 -34.39 44.00
CA GLY A 716 35.79 -34.40 43.26
C GLY A 716 35.98 -34.62 41.77
N ALA A 717 37.21 -34.50 41.31
CA ALA A 717 37.53 -34.65 39.89
C ALA A 717 38.08 -36.03 39.63
N PHE A 718 37.72 -36.60 38.49
CA PHE A 718 38.14 -37.94 38.14
C PHE A 718 38.77 -37.95 36.77
N VAL A 719 39.67 -38.90 36.56
CA VAL A 719 40.25 -39.17 35.26
C VAL A 719 39.92 -40.61 34.93
N LEU A 720 39.09 -40.81 33.92
CA LEU A 720 38.81 -42.13 33.38
C LEU A 720 39.66 -42.28 32.13
N GLU A 721 40.68 -43.12 32.21
CA GLU A 721 41.63 -43.28 31.12
C GLU A 721 41.44 -44.63 30.48
N ASN A 722 41.24 -44.62 29.18
CA ASN A 722 41.12 -45.78 28.33
C ASN A 722 42.44 -45.99 27.61
N SER A 723 42.48 -46.92 26.67
CA SER A 723 43.62 -46.97 25.77
C SER A 723 43.49 -45.97 24.63
N GLN A 724 42.33 -45.37 24.44
CA GLN A 724 42.11 -44.41 23.37
C GLN A 724 41.58 -43.07 23.83
N LEU A 725 40.99 -42.97 25.02
CA LEU A 725 40.40 -41.73 25.49
C LEU A 725 40.85 -41.44 26.91
N ARG A 726 40.87 -40.17 27.26
CA ARG A 726 41.09 -39.72 28.62
C ARG A 726 40.04 -38.69 28.95
N VAL A 727 39.20 -38.98 29.94
CA VAL A 727 38.07 -38.12 30.28
C VAL A 727 38.31 -37.54 31.66
N HIS A 728 38.43 -36.22 31.73
CA HIS A 728 38.51 -35.48 32.97
C HIS A 728 37.11 -35.02 33.31
N VAL A 729 36.54 -35.59 34.37
CA VAL A 729 35.17 -35.35 34.80
C VAL A 729 35.21 -34.53 36.08
N GLU A 730 34.71 -33.31 35.99
CA GLU A 730 34.52 -32.43 37.14
C GLU A 730 33.15 -32.74 37.73
N LYS A 731 32.59 -31.81 38.51
CA LYS A 731 31.35 -32.08 39.24
C LYS A 731 30.21 -32.19 38.24
N GLY A 732 30.18 -33.33 37.56
CA GLY A 732 29.08 -33.71 36.70
C GLY A 732 29.33 -33.50 35.22
N VAL A 733 30.30 -32.67 34.86
CA VAL A 733 30.52 -32.33 33.46
C VAL A 733 31.88 -32.86 33.04
N ILE A 734 32.01 -33.10 31.74
CA ILE A 734 33.27 -33.55 31.16
C ILE A 734 34.09 -32.30 30.87
N THR A 735 34.97 -31.94 31.80
CA THR A 735 35.80 -30.76 31.58
C THR A 735 36.90 -31.00 30.57
N SER A 736 37.28 -32.26 30.33
CA SER A 736 38.29 -32.47 29.30
C SER A 736 38.10 -33.83 28.67
N LEU A 737 38.38 -33.91 27.37
CA LEU A 737 38.26 -35.17 26.64
C LEU A 737 39.41 -35.22 25.65
N TYR A 738 40.42 -36.01 25.97
CA TYR A 738 41.64 -36.09 25.18
C TYR A 738 41.65 -37.39 24.41
N ASP A 739 41.88 -37.29 23.10
CA ASP A 739 41.95 -38.46 22.23
C ASP A 739 43.40 -38.90 22.13
N LYS A 740 43.69 -40.10 22.61
CA LYS A 740 45.07 -40.55 22.65
C LYS A 740 45.54 -41.12 21.32
N GLN A 741 44.66 -41.27 20.34
CA GLN A 741 45.07 -41.72 19.01
C GLN A 741 45.50 -40.54 18.15
N ALA A 742 44.62 -39.56 17.99
CA ALA A 742 44.99 -38.26 17.45
C ALA A 742 45.20 -37.33 18.63
N ASN A 743 46.45 -37.03 18.95
CA ASN A 743 46.77 -36.41 20.24
C ASN A 743 46.25 -34.98 20.24
N ARG A 744 44.94 -34.85 20.42
CA ARG A 744 44.31 -33.55 20.45
C ARG A 744 43.17 -33.53 21.44
N GLU A 745 42.91 -32.35 22.00
CA GLU A 745 41.81 -32.16 22.91
C GLU A 745 40.51 -32.01 22.13
N VAL A 746 39.46 -32.65 22.63
CA VAL A 746 38.17 -32.55 21.96
C VAL A 746 37.34 -31.40 22.50
N ILE A 747 37.42 -31.11 23.80
CA ILE A 747 36.63 -30.04 24.39
C ILE A 747 37.44 -28.74 24.37
N PRO A 748 36.87 -27.64 23.90
CA PRO A 748 37.62 -26.38 23.90
C PRO A 748 37.98 -25.94 25.30
N LYS A 749 39.03 -25.14 25.40
CA LYS A 749 39.50 -24.65 26.69
C LYS A 749 38.42 -23.80 27.34
N GLY A 750 38.18 -24.05 28.62
CA GLY A 750 37.26 -23.25 29.40
C GLY A 750 35.81 -23.66 29.31
N GLN A 751 35.45 -24.53 28.37
CA GLN A 751 34.09 -25.00 28.25
C GLN A 751 33.95 -26.38 28.89
N LYS A 752 32.71 -26.85 28.96
CA LYS A 752 32.41 -28.09 29.67
C LYS A 752 31.36 -28.86 28.87
N ALA A 753 31.73 -30.07 28.46
CA ALA A 753 30.84 -30.90 27.67
C ALA A 753 29.93 -31.70 28.58
N ASN A 754 28.86 -32.22 27.97
CA ASN A 754 27.78 -32.91 28.68
C ASN A 754 27.35 -32.01 29.84
N GLN A 755 26.76 -30.89 29.43
CA GLN A 755 26.30 -29.87 30.37
C GLN A 755 24.79 -29.77 30.25
N TYR A 756 24.09 -30.00 31.35
CA TYR A 756 22.65 -29.90 31.34
C TYR A 756 22.25 -28.43 31.34
N VAL A 757 21.41 -28.05 30.39
CA VAL A 757 20.89 -26.70 30.32
C VAL A 757 19.38 -26.79 30.24
N ILE A 758 18.73 -25.71 30.67
CA ILE A 758 17.28 -25.66 30.71
C ILE A 758 16.83 -24.35 30.08
N PHE A 759 15.72 -24.41 29.36
CA PHE A 759 15.14 -23.26 28.69
C PHE A 759 13.68 -23.16 29.08
N ASP A 760 13.11 -21.98 28.88
CA ASP A 760 11.68 -21.79 29.08
C ASP A 760 10.99 -21.95 27.74
N ASP A 761 10.04 -22.88 27.66
CA ASP A 761 9.49 -23.24 26.35
C ASP A 761 8.43 -22.25 25.90
N LYS A 762 7.28 -22.23 26.58
CA LYS A 762 6.17 -21.32 26.34
C LYS A 762 5.99 -20.91 24.88
N PRO A 763 5.65 -21.82 23.99
CA PRO A 763 5.44 -21.43 22.59
C PRO A 763 4.22 -20.56 22.42
N LEU A 764 3.99 -20.09 21.19
CA LEU A 764 2.93 -19.10 20.96
C LEU A 764 1.56 -19.69 21.18
N TYR A 765 1.16 -20.66 20.35
CA TYR A 765 -0.13 -21.30 20.51
C TYR A 765 -0.03 -22.80 20.73
N TRP A 766 0.64 -23.52 19.85
CA TRP A 766 0.67 -24.97 19.88
C TRP A 766 1.68 -25.43 20.90
N GLN A 767 1.24 -25.73 22.11
CA GLN A 767 2.16 -26.03 23.20
C GLN A 767 2.95 -27.31 22.92
N ALA A 768 2.25 -28.40 22.63
CA ALA A 768 2.94 -29.67 22.45
C ALA A 768 3.75 -29.69 21.17
N TRP A 769 3.35 -28.90 20.18
CA TRP A 769 4.02 -28.95 18.89
C TRP A 769 5.26 -28.06 18.87
N ASP A 770 5.08 -26.78 19.15
CA ASP A 770 6.08 -25.78 18.83
C ASP A 770 7.09 -25.59 19.94
N VAL A 771 8.35 -25.41 19.54
CA VAL A 771 9.33 -24.69 20.34
C VAL A 771 9.83 -23.56 19.46
N GLU A 772 9.78 -22.34 19.97
CA GLU A 772 10.05 -21.18 19.14
C GLU A 772 11.49 -20.73 19.29
N VAL A 773 11.93 -19.87 18.36
CA VAL A 773 13.33 -19.49 18.30
C VAL A 773 13.74 -18.72 19.54
N TYR A 774 12.85 -17.86 20.06
CA TYR A 774 13.22 -17.03 21.19
C TYR A 774 13.58 -17.85 22.42
N HIS A 775 13.17 -19.12 22.46
CA HIS A 775 13.52 -19.96 23.59
C HIS A 775 15.02 -20.09 23.75
N LEU A 776 15.80 -19.84 22.71
CA LEU A 776 17.25 -19.95 22.84
C LEU A 776 17.83 -18.86 23.74
N ASP A 777 17.06 -17.81 24.04
CA ASP A 777 17.60 -16.73 24.85
C ASP A 777 17.65 -17.09 26.33
N THR A 778 16.75 -17.94 26.79
CA THR A 778 16.65 -18.23 28.22
C THR A 778 17.49 -19.44 28.62
N ARG A 779 18.75 -19.44 28.21
CA ARG A 779 19.64 -20.54 28.57
C ARG A 779 20.02 -20.44 30.04
N LYS A 780 20.12 -21.58 30.70
CA LYS A 780 20.49 -21.61 32.11
C LYS A 780 21.11 -22.97 32.42
N GLU A 781 22.31 -22.95 32.96
CA GLU A 781 23.04 -24.18 33.25
C GLU A 781 22.67 -24.70 34.63
N LEU A 782 22.61 -26.02 34.75
CA LEU A 782 22.32 -26.66 36.02
C LEU A 782 23.63 -27.08 36.68
N PRO A 783 23.99 -26.51 37.80
CA PRO A 783 25.35 -26.68 38.31
C PRO A 783 25.53 -27.74 39.37
N SER A 784 24.44 -28.30 39.88
CA SER A 784 24.45 -28.88 41.22
C SER A 784 25.16 -30.22 41.32
N GLY A 785 25.99 -30.59 40.34
CA GLY A 785 26.65 -31.87 40.40
C GLY A 785 27.63 -31.97 41.56
N GLU A 786 27.90 -33.22 41.96
CA GLU A 786 28.99 -33.54 42.87
C GLU A 786 29.32 -35.01 42.66
N THR A 787 30.46 -35.30 42.04
CA THR A 787 30.71 -36.60 41.43
C THR A 787 31.28 -37.59 42.43
N GLU A 788 31.02 -38.88 42.19
CA GLU A 788 31.58 -39.96 43.00
C GLU A 788 31.61 -41.23 42.18
N VAL A 789 32.39 -42.21 42.65
CA VAL A 789 32.59 -43.44 41.90
C VAL A 789 31.31 -44.27 41.92
N HIS A 790 31.04 -44.93 40.80
CA HIS A 790 29.90 -45.83 40.70
C HIS A 790 30.29 -47.25 40.32
N GLU A 791 31.31 -47.43 39.50
CA GLU A 791 31.74 -48.77 39.11
C GLU A 791 33.22 -48.70 38.76
N ASN A 792 33.98 -49.69 39.22
CA ASN A 792 35.43 -49.65 39.09
C ASN A 792 35.98 -51.01 38.71
N THR A 793 35.35 -51.68 37.77
CA THR A 793 35.87 -52.98 37.37
C THR A 793 37.04 -52.80 36.40
N PRO A 794 37.96 -53.76 36.34
CA PRO A 794 39.14 -53.61 35.49
C PRO A 794 38.82 -53.54 34.01
N HIS A 795 37.56 -53.74 33.64
CA HIS A 795 37.16 -53.61 32.26
C HIS A 795 36.17 -52.47 32.02
N ARG A 796 35.73 -51.78 33.07
CA ARG A 796 34.77 -50.71 32.89
C ARG A 796 34.74 -49.85 34.14
N VAL A 797 34.87 -48.54 33.96
CA VAL A 797 34.79 -47.61 35.07
C VAL A 797 33.67 -46.63 34.76
N SER A 798 33.11 -46.05 35.82
CA SER A 798 32.00 -45.13 35.63
C SER A 798 31.78 -44.35 36.91
N VAL A 799 31.59 -43.05 36.76
CA VAL A 799 31.29 -42.15 37.87
C VAL A 799 29.85 -41.73 37.75
N VAL A 800 29.26 -41.37 38.89
CA VAL A 800 27.84 -41.04 38.96
C VAL A 800 27.69 -39.67 39.61
N THR A 801 26.75 -38.89 39.11
CA THR A 801 26.54 -37.53 39.61
C THR A 801 25.05 -37.28 39.74
N ARG A 802 24.67 -36.48 40.73
CA ARG A 802 23.30 -36.06 40.92
C ARG A 802 23.20 -34.56 40.68
N THR A 803 22.26 -34.15 39.83
CA THR A 803 22.04 -32.75 39.51
C THR A 803 20.59 -32.41 39.85
N LYS A 804 20.39 -31.31 40.56
CA LYS A 804 19.07 -30.88 40.99
C LYS A 804 18.56 -29.86 39.99
N VAL A 805 17.62 -30.28 39.15
CA VAL A 805 17.00 -29.35 38.20
C VAL A 805 16.23 -28.27 38.96
N SER A 806 15.43 -28.70 39.91
CA SER A 806 14.66 -27.80 40.77
C SER A 806 14.01 -28.66 41.84
N ASP A 807 13.25 -28.03 42.71
CA ASP A 807 12.46 -28.78 43.67
C ASP A 807 11.59 -29.78 42.92
N LYS A 808 11.57 -31.01 43.42
CA LYS A 808 10.80 -32.12 42.86
C LYS A 808 11.24 -32.53 41.47
N SER A 809 12.39 -32.05 40.98
CA SER A 809 12.88 -32.47 39.68
C SER A 809 14.39 -32.60 39.72
N HIS A 810 14.91 -33.79 39.44
CA HIS A 810 16.34 -34.00 39.58
C HIS A 810 16.84 -34.99 38.54
N ILE A 811 18.16 -35.06 38.40
CA ILE A 811 18.82 -35.88 37.41
C ILE A 811 19.94 -36.66 38.08
N GLN A 812 20.11 -37.91 37.68
CA GLN A 812 21.24 -38.72 38.09
C GLN A 812 21.94 -39.24 36.85
N THR A 813 23.20 -38.84 36.66
CA THR A 813 23.94 -39.09 35.44
C THR A 813 25.10 -40.03 35.71
N ILE A 814 25.27 -41.02 34.85
CA ILE A 814 26.39 -41.95 34.92
C ILE A 814 27.21 -41.78 33.65
N ILE A 815 28.49 -41.49 33.81
CA ILE A 815 29.43 -41.38 32.70
C ILE A 815 30.35 -42.58 32.78
N ALA A 816 30.42 -43.34 31.71
CA ALA A 816 31.12 -44.61 31.70
C ALA A 816 32.05 -44.71 30.52
N LEU A 817 33.14 -45.46 30.72
CA LEU A 817 34.12 -45.74 29.70
C LEU A 817 34.37 -47.24 29.70
N ASN A 818 34.25 -47.86 28.54
CA ASN A 818 34.50 -49.29 28.41
C ASN A 818 35.93 -49.53 27.97
N GLY A 819 36.42 -50.73 28.26
CA GLY A 819 37.75 -51.11 27.78
C GLY A 819 37.82 -51.04 26.27
N ALA A 820 38.91 -50.47 25.77
CA ALA A 820 39.09 -50.41 24.33
C ALA A 820 39.38 -51.80 23.78
N VAL A 821 39.12 -51.95 22.48
CA VAL A 821 39.40 -53.19 21.77
C VAL A 821 40.17 -52.84 20.51
N GLU A 822 40.83 -53.85 19.96
CA GLU A 822 41.76 -53.63 18.86
C GLU A 822 41.04 -53.06 17.66
N GLY A 823 41.45 -51.87 17.23
CA GLY A 823 40.95 -51.27 16.01
C GLY A 823 39.46 -51.02 16.01
N GLU A 824 38.94 -50.52 17.13
CA GLU A 824 37.52 -50.21 17.22
C GLU A 824 37.39 -48.97 18.10
N GLN A 825 36.89 -47.88 17.51
CA GLN A 825 36.78 -46.63 18.25
C GLN A 825 35.90 -46.81 19.46
N SER A 826 36.34 -46.28 20.60
CA SER A 826 35.58 -46.37 21.83
C SER A 826 34.90 -45.04 22.11
N TRP A 827 33.75 -45.11 22.77
CA TRP A 827 32.94 -43.94 23.04
C TRP A 827 32.86 -43.69 24.54
N VAL A 828 32.45 -42.49 24.89
CA VAL A 828 32.11 -42.14 26.27
C VAL A 828 30.60 -42.23 26.38
N GLU A 829 30.11 -43.14 27.21
CA GLU A 829 28.68 -43.41 27.28
C GLU A 829 28.10 -42.68 28.49
N VAL A 830 26.93 -42.08 28.31
CA VAL A 830 26.25 -41.37 29.38
C VAL A 830 24.84 -41.90 29.47
N GLN A 831 24.40 -42.23 30.68
CA GLN A 831 23.01 -42.59 30.92
C GLN A 831 22.46 -41.78 32.07
N SER A 832 21.27 -41.22 31.88
CA SER A 832 20.64 -40.36 32.85
C SER A 832 19.30 -40.93 33.29
N LYS A 833 19.10 -40.99 34.59
CA LYS A 833 17.78 -41.17 35.18
C LYS A 833 17.27 -39.77 35.52
N VAL A 834 16.26 -39.31 34.80
CA VAL A 834 15.71 -37.99 35.02
C VAL A 834 14.34 -38.13 35.67
N ASP A 835 14.21 -37.66 36.90
CA ASP A 835 12.91 -37.52 37.54
C ASP A 835 12.40 -36.13 37.18
N TRP A 836 11.44 -36.07 36.27
CA TRP A 836 11.06 -34.87 35.56
C TRP A 836 9.65 -34.48 35.96
N HIS A 837 9.50 -33.29 36.54
CA HIS A 837 8.21 -32.77 36.94
C HIS A 837 8.11 -31.27 36.67
N GLU A 838 8.89 -30.77 35.73
CA GLU A 838 8.91 -29.34 35.47
C GLU A 838 7.66 -28.92 34.69
N THR A 839 7.49 -27.61 34.56
CA THR A 839 6.34 -27.04 33.87
C THR A 839 6.83 -26.07 32.82
N MET A 840 6.54 -26.37 31.56
CA MET A 840 6.91 -25.53 30.42
C MET A 840 8.41 -25.26 30.39
N LYS A 841 9.20 -26.26 30.78
CA LYS A 841 10.65 -26.19 30.68
C LYS A 841 11.13 -27.10 29.57
N PHE A 842 12.36 -26.89 29.15
CA PHE A 842 12.95 -27.65 28.05
C PHE A 842 14.37 -28.00 28.48
N LEU A 843 14.61 -29.28 28.77
CA LEU A 843 15.91 -29.73 29.25
C LEU A 843 16.70 -30.30 28.09
N LYS A 844 17.92 -29.79 27.88
CA LYS A 844 18.82 -30.25 26.85
C LYS A 844 20.19 -30.49 27.45
N VAL A 845 21.07 -31.10 26.67
CA VAL A 845 22.44 -31.36 27.08
C VAL A 845 23.37 -30.87 25.99
N GLU A 846 24.45 -30.22 26.40
CA GLU A 846 25.34 -29.50 25.50
C GLU A 846 26.70 -30.19 25.45
N PHE A 847 27.27 -30.26 24.25
CA PHE A 847 28.64 -30.74 24.04
C PHE A 847 29.37 -29.78 23.13
N PRO A 848 30.19 -28.87 23.67
CA PRO A 848 31.13 -28.14 22.81
C PRO A 848 32.28 -29.04 22.40
N VAL A 849 32.61 -29.04 21.11
CA VAL A 849 33.43 -30.10 20.53
C VAL A 849 34.68 -29.61 19.83
N ASP A 850 34.95 -28.31 19.80
CA ASP A 850 36.22 -27.80 19.26
C ASP A 850 36.51 -28.35 17.87
N VAL A 851 35.50 -28.31 17.01
CA VAL A 851 35.64 -28.68 15.62
C VAL A 851 34.98 -27.59 14.80
N ARG A 852 35.75 -26.94 13.94
CA ARG A 852 35.26 -25.79 13.19
C ARG A 852 34.75 -26.25 11.83
N ASN A 853 33.46 -26.04 11.60
CA ASN A 853 32.86 -26.38 10.32
C ASN A 853 31.52 -25.68 10.21
N THR A 854 31.17 -25.28 9.00
CA THR A 854 29.93 -24.58 8.76
C THR A 854 28.75 -25.51 8.57
N GLU A 855 29.00 -26.81 8.52
CA GLU A 855 28.00 -27.81 8.19
C GLU A 855 28.12 -29.00 9.13
N ALA A 856 26.98 -29.50 9.58
CA ALA A 856 26.92 -30.68 10.42
C ALA A 856 26.13 -31.76 9.70
N SER A 857 26.51 -33.01 9.94
CA SER A 857 25.88 -34.15 9.29
C SER A 857 24.95 -34.83 10.27
N TYR A 858 23.74 -35.13 9.84
CA TYR A 858 22.77 -35.86 10.64
C TYR A 858 22.30 -37.06 9.85
N GLU A 859 21.92 -38.11 10.57
CA GLU A 859 21.35 -39.29 9.94
C GLU A 859 19.86 -39.10 9.73
N THR A 860 19.39 -39.47 8.55
CA THR A 860 17.97 -39.51 8.29
C THR A 860 17.62 -40.92 7.78
N ALA A 861 16.39 -41.08 7.34
CA ALA A 861 15.99 -42.35 6.78
C ALA A 861 16.82 -42.63 5.52
N PHE A 862 17.68 -43.65 5.59
CA PHE A 862 18.43 -44.11 4.43
C PHE A 862 19.36 -43.04 3.88
N GLY A 863 20.15 -42.45 4.74
CA GLY A 863 21.20 -41.56 4.27
C GLY A 863 21.51 -40.48 5.27
N ILE A 864 22.26 -39.49 4.78
CA ILE A 864 22.80 -38.41 5.59
C ILE A 864 22.29 -37.10 5.04
N VAL A 865 21.72 -36.28 5.90
CA VAL A 865 21.35 -34.92 5.55
C VAL A 865 22.41 -34.00 6.14
N ARG A 866 22.57 -32.83 5.52
CA ARG A 866 23.64 -31.91 5.87
C ARG A 866 23.04 -30.54 6.12
N ARG A 867 23.35 -29.96 7.27
CA ARG A 867 22.65 -28.74 7.64
C ARG A 867 23.61 -27.69 8.15
N PRO A 868 23.28 -26.41 7.95
CA PRO A 868 24.17 -25.33 8.38
C PRO A 868 24.20 -25.20 9.88
N THR A 869 25.23 -24.52 10.37
CA THR A 869 25.41 -24.29 11.80
C THR A 869 25.72 -22.83 12.08
N HIS A 870 25.13 -21.89 11.32
CA HIS A 870 25.57 -20.52 11.49
C HIS A 870 24.50 -19.44 11.53
N TYR A 871 23.23 -19.73 11.26
CA TYR A 871 22.18 -18.71 11.30
C TYR A 871 22.47 -17.52 10.38
N ASN A 872 23.10 -17.77 9.23
CA ASN A 872 23.47 -16.66 8.37
C ASN A 872 22.24 -15.92 7.86
N THR A 873 21.31 -16.64 7.28
CA THR A 873 20.08 -16.07 6.74
C THR A 873 18.90 -16.61 7.51
N SER A 874 17.71 -16.10 7.19
CA SER A 874 16.51 -16.64 7.81
C SER A 874 16.32 -18.09 7.44
N TRP A 875 16.75 -18.49 6.24
CA TRP A 875 16.66 -19.88 5.82
C TRP A 875 17.48 -20.80 6.71
N ASP A 876 18.49 -20.27 7.38
CA ASP A 876 19.29 -21.06 8.32
C ASP A 876 18.91 -20.81 9.76
N MET A 877 18.41 -19.62 10.08
CA MET A 877 17.89 -19.39 11.42
C MET A 877 16.64 -20.22 11.68
N ALA A 878 15.90 -20.55 10.63
CA ALA A 878 14.72 -21.38 10.79
C ALA A 878 15.06 -22.81 11.18
N LYS A 879 16.32 -23.22 11.04
CA LYS A 879 16.74 -24.57 11.36
C LYS A 879 17.46 -24.64 12.70
N PHE A 880 17.02 -23.87 13.68
CA PHE A 880 17.68 -23.86 14.97
C PHE A 880 17.51 -25.16 15.73
N GLU A 881 16.61 -26.03 15.30
CA GLU A 881 16.46 -27.35 15.91
C GLU A 881 16.02 -28.31 14.82
N VAL A 882 16.77 -29.39 14.64
CA VAL A 882 16.57 -30.31 13.55
C VAL A 882 16.36 -31.71 14.10
N CYS A 883 16.00 -32.63 13.21
CA CYS A 883 15.72 -34.01 13.57
C CYS A 883 16.84 -34.90 13.06
N ALA A 884 17.48 -35.61 13.96
CA ALA A 884 18.52 -36.58 13.63
C ALA A 884 18.14 -37.91 14.23
N HIS A 885 18.36 -38.99 13.49
CA HIS A 885 17.83 -40.28 13.93
C HIS A 885 18.71 -40.92 15.00
N ARG A 886 19.92 -41.31 14.62
CA ARG A 886 20.76 -42.07 15.54
C ARG A 886 22.09 -41.43 15.83
N TRP A 887 22.53 -40.48 15.02
CA TRP A 887 23.81 -39.83 15.27
C TRP A 887 23.80 -38.46 14.63
N ALA A 888 24.52 -37.53 15.23
CA ALA A 888 24.79 -36.24 14.66
C ALA A 888 26.28 -36.03 14.70
N ASP A 889 26.87 -35.68 13.56
CA ASP A 889 28.31 -35.61 13.43
C ASP A 889 28.74 -34.19 13.07
N LEU A 890 29.76 -33.70 13.76
CA LEU A 890 30.41 -32.45 13.42
C LEU A 890 31.87 -32.77 13.15
N SER A 891 32.30 -32.62 11.91
CA SER A 891 33.62 -33.09 11.51
C SER A 891 34.33 -32.05 10.68
N GLU A 892 35.59 -31.81 10.99
CA GLU A 892 36.49 -31.04 10.16
C GLU A 892 37.22 -32.01 9.23
N TYR A 893 38.30 -31.58 8.60
CA TYR A 893 38.89 -32.39 7.53
C TYR A 893 39.34 -33.76 8.02
N GLY A 894 40.15 -33.80 9.07
CA GLY A 894 40.73 -35.05 9.51
C GLY A 894 40.21 -35.62 10.80
N TYR A 895 39.11 -35.09 11.34
CA TYR A 895 38.67 -35.41 12.68
C TYR A 895 37.23 -34.98 12.87
N GLY A 896 36.46 -35.77 13.60
CA GLY A 896 35.11 -35.38 13.90
C GLY A 896 34.66 -35.92 15.23
N VAL A 897 33.55 -35.39 15.71
CA VAL A 897 32.90 -35.87 16.91
C VAL A 897 31.46 -36.17 16.56
N SER A 898 30.99 -37.36 16.94
CA SER A 898 29.61 -37.75 16.73
C SER A 898 28.93 -37.93 18.07
N ILE A 899 27.80 -37.28 18.26
CA ILE A 899 26.92 -37.54 19.39
C ILE A 899 25.89 -38.53 18.89
N LEU A 900 25.90 -39.73 19.42
CA LEU A 900 24.97 -40.76 18.97
C LEU A 900 24.11 -41.22 20.14
N ASN A 901 22.81 -41.26 19.91
CA ASN A 901 21.82 -41.52 20.95
C ASN A 901 21.03 -42.77 20.61
N ASP A 902 20.04 -43.08 21.44
CA ASP A 902 19.19 -44.23 21.21
C ASP A 902 17.71 -43.97 21.38
N SER A 903 17.32 -42.80 21.88
CA SER A 903 15.90 -42.52 22.04
C SER A 903 15.52 -41.08 21.73
N LYS A 904 16.45 -40.24 21.31
CA LYS A 904 16.18 -38.82 21.13
C LYS A 904 16.34 -38.42 19.69
N TYR A 905 15.49 -37.52 19.22
CA TYR A 905 15.52 -37.07 17.84
C TYR A 905 15.89 -35.61 17.68
N GLY A 906 15.52 -34.76 18.64
CA GLY A 906 15.82 -33.35 18.51
C GLY A 906 17.31 -33.11 18.65
N PHE A 907 17.86 -32.31 17.73
CA PHE A 907 19.26 -31.98 17.77
C PHE A 907 19.45 -30.57 17.25
N ALA A 908 20.53 -29.92 17.68
CA ALA A 908 20.81 -28.57 17.23
C ALA A 908 22.31 -28.34 17.32
N THR A 909 22.96 -28.13 16.18
CA THR A 909 24.36 -27.75 16.15
C THR A 909 24.44 -26.28 15.79
N ALA A 910 25.06 -25.49 16.66
CA ALA A 910 25.19 -24.06 16.46
C ALA A 910 26.63 -23.68 16.75
N GLY A 911 27.49 -23.76 15.75
CA GLY A 911 28.83 -23.23 15.86
C GLY A 911 29.65 -23.83 16.98
N GLN A 912 30.07 -25.08 16.82
CA GLN A 912 30.96 -25.79 17.74
C GLN A 912 30.25 -26.27 18.99
N THR A 913 28.94 -26.17 19.07
CA THR A 913 28.20 -26.60 20.26
C THR A 913 27.03 -27.46 19.83
N MET A 914 27.23 -28.77 19.85
CA MET A 914 26.12 -29.69 19.65
C MET A 914 25.22 -29.67 20.88
N ARG A 915 23.92 -29.82 20.64
CA ARG A 915 22.94 -29.76 21.71
C ARG A 915 21.87 -30.80 21.44
N LEU A 916 21.72 -31.74 22.36
CA LEU A 916 20.76 -32.82 22.23
C LEU A 916 19.54 -32.51 23.08
N SER A 917 18.37 -32.47 22.45
CA SER A 917 17.14 -32.14 23.15
C SER A 917 16.67 -33.35 23.93
N LEU A 918 16.52 -33.21 25.25
CA LEU A 918 16.20 -34.33 26.11
C LEU A 918 14.73 -34.40 26.46
N LEU A 919 14.18 -33.35 27.08
CA LEU A 919 12.84 -33.46 27.62
C LEU A 919 12.09 -32.14 27.48
N ARG A 920 10.80 -32.24 27.22
CA ARG A 920 9.91 -31.09 27.20
C ARG A 920 8.72 -31.38 28.10
N SER A 921 8.10 -30.32 28.61
CA SER A 921 6.96 -30.45 29.52
C SER A 921 5.84 -29.52 29.07
N PRO A 922 5.18 -29.82 27.97
CA PRO A 922 4.02 -29.03 27.56
C PRO A 922 2.80 -29.42 28.37
N LYS A 923 1.72 -28.68 28.17
CA LYS A 923 0.49 -28.91 28.91
C LYS A 923 -0.78 -28.90 28.07
N ALA A 924 -0.72 -28.51 26.80
CA ALA A 924 -1.99 -28.19 26.15
C ALA A 924 -2.81 -29.42 25.83
N PRO A 925 -2.38 -30.34 24.97
CA PRO A 925 -3.25 -31.48 24.68
C PRO A 925 -3.20 -32.49 25.81
N ASP A 926 -2.03 -32.60 26.44
CA ASP A 926 -1.82 -33.51 27.55
C ASP A 926 -1.32 -32.70 28.75
N ALA A 927 -1.99 -32.87 29.89
CA ALA A 927 -1.63 -32.11 31.07
C ALA A 927 -0.49 -32.75 31.87
N HIS A 928 -0.11 -33.97 31.53
CA HIS A 928 0.96 -34.69 32.21
C HIS A 928 1.88 -35.33 31.19
N ALA A 929 2.32 -34.54 30.21
CA ALA A 929 2.94 -35.08 29.01
C ALA A 929 4.11 -35.99 29.34
N ASP A 930 5.15 -35.45 29.93
CA ASP A 930 6.37 -36.22 30.18
C ASP A 930 6.70 -36.34 31.65
N MET A 931 5.72 -36.19 32.53
CA MET A 931 5.97 -36.33 33.95
C MET A 931 6.43 -37.75 34.27
N GLY A 932 7.41 -37.86 35.14
CA GLY A 932 7.79 -39.19 35.56
C GLY A 932 9.27 -39.39 35.43
N THR A 933 9.67 -40.65 35.36
CA THR A 933 11.08 -41.02 35.32
C THR A 933 11.46 -41.45 33.91
N HIS A 934 12.53 -40.87 33.39
CA HIS A 934 13.00 -41.17 32.05
C HIS A 934 14.42 -41.72 32.10
N HIS A 935 14.66 -42.73 31.28
CA HIS A 935 15.97 -43.35 31.11
C HIS A 935 16.50 -42.90 29.77
N ILE A 936 17.57 -42.11 29.75
CA ILE A 936 18.12 -41.56 28.52
C ILE A 936 19.56 -42.02 28.37
N ARG A 937 19.94 -42.35 27.15
CA ARG A 937 21.30 -42.77 26.85
C ARG A 937 21.83 -41.99 25.67
N TRP A 938 23.10 -41.58 25.75
CA TRP A 938 23.78 -41.04 24.60
C TRP A 938 25.26 -41.34 24.72
N ALA A 939 26.01 -41.00 23.69
CA ALA A 939 27.43 -41.30 23.70
C ALA A 939 28.18 -40.32 22.83
N ILE A 940 29.36 -39.94 23.28
CA ILE A 940 30.27 -39.09 22.53
C ILE A 940 31.31 -39.99 21.88
N LEU A 941 31.46 -39.86 20.58
CA LEU A 941 32.35 -40.72 19.79
C LEU A 941 33.28 -39.83 18.99
N PRO A 942 34.51 -39.58 19.47
CA PRO A 942 35.48 -38.83 18.69
C PRO A 942 36.22 -39.77 17.74
N HIS A 943 36.15 -39.48 16.45
CA HIS A 943 36.66 -40.39 15.44
C HIS A 943 37.68 -39.70 14.56
N GLN A 944 38.78 -40.41 14.30
CA GLN A 944 39.76 -39.96 13.33
C GLN A 944 39.17 -40.02 11.93
N GLY A 945 39.61 -39.11 11.09
CA GLY A 945 39.09 -39.02 9.74
C GLY A 945 37.74 -38.34 9.72
N SER A 946 37.31 -37.96 8.53
CA SER A 946 36.02 -37.33 8.39
C SER A 946 34.92 -38.36 8.64
N LEU A 947 33.67 -37.91 8.55
CA LEU A 947 32.55 -38.80 8.76
C LEU A 947 32.62 -39.98 7.81
N SER A 948 32.68 -41.19 8.36
CA SER A 948 32.91 -42.38 7.57
C SER A 948 32.04 -43.49 8.13
N HIS A 949 32.34 -44.72 7.72
CA HIS A 949 31.55 -45.86 8.16
C HIS A 949 31.67 -46.10 9.66
N VAL A 950 32.68 -45.55 10.31
CA VAL A 950 32.87 -45.79 11.73
C VAL A 950 31.67 -45.26 12.51
N THR A 951 31.23 -44.05 12.19
CA THR A 951 30.09 -43.47 12.90
C THR A 951 28.81 -44.26 12.64
N ILE A 952 28.59 -44.68 11.39
CA ILE A 952 27.38 -45.44 11.07
C ILE A 952 27.35 -46.74 11.86
N ARG A 953 28.46 -47.48 11.79
CA ARG A 953 28.52 -48.76 12.48
C ARG A 953 28.39 -48.57 13.99
N LYS A 954 29.02 -47.53 14.53
CA LYS A 954 28.95 -47.31 15.97
C LYS A 954 27.54 -46.94 16.40
N ALA A 955 26.84 -46.13 15.60
CA ALA A 955 25.46 -45.79 15.96
C ALA A 955 24.57 -47.02 15.94
N PHE A 956 24.74 -47.88 14.93
CA PHE A 956 23.97 -49.11 14.90
C PHE A 956 24.27 -49.98 16.11
N GLU A 957 25.56 -50.07 16.48
CA GLU A 957 25.93 -50.88 17.64
C GLU A 957 25.38 -50.29 18.92
N PHE A 958 25.35 -48.97 19.02
CA PHE A 958 24.83 -48.32 20.22
C PHE A 958 23.34 -48.55 20.37
N ASN A 959 22.61 -48.60 19.26
CA ASN A 959 21.18 -48.83 19.33
C ASN A 959 20.80 -50.31 19.40
N ASN A 960 21.75 -51.22 19.20
CA ASN A 960 21.47 -52.66 19.19
C ASN A 960 22.49 -53.38 20.05
N PRO A 961 22.36 -53.29 21.37
CA PRO A 961 23.30 -54.00 22.24
C PRO A 961 23.18 -55.50 22.04
N THR A 962 24.32 -56.17 22.18
CA THR A 962 24.34 -57.62 22.03
C THR A 962 23.66 -58.29 23.22
N LYS A 963 22.94 -59.36 22.93
CA LYS A 963 22.29 -60.18 23.94
C LYS A 963 22.96 -61.54 23.96
N LEU A 964 23.19 -62.08 25.14
CA LEU A 964 23.83 -63.38 25.26
C LEU A 964 22.78 -64.48 25.31
N TYR A 965 23.18 -65.66 24.83
CA TYR A 965 22.26 -66.78 24.73
C TYR A 965 23.05 -68.07 24.92
N SER A 966 22.64 -68.90 25.86
CA SER A 966 23.29 -70.19 26.01
C SER A 966 22.84 -71.12 24.90
N SER A 967 23.58 -72.23 24.75
CA SER A 967 23.23 -73.19 23.71
C SER A 967 23.79 -74.54 24.10
N PRO A 968 23.08 -75.63 23.78
CA PRO A 968 23.66 -76.96 24.05
C PRO A 968 24.97 -77.19 23.31
N ASP A 969 25.09 -76.70 22.08
CA ASP A 969 26.31 -76.83 21.29
C ASP A 969 26.67 -75.47 20.69
N ALA A 970 27.35 -74.64 21.46
CA ALA A 970 27.79 -73.34 20.96
C ALA A 970 29.19 -73.43 20.36
N ALA A 971 29.40 -74.41 19.53
CA ALA A 971 30.60 -74.47 18.71
C ALA A 971 30.28 -74.71 17.25
N ALA A 972 29.28 -75.54 16.96
CA ALA A 972 28.79 -75.63 15.60
C ALA A 972 28.09 -74.36 15.19
N LEU A 973 27.33 -73.76 16.11
CA LEU A 973 26.60 -72.54 15.77
C LEU A 973 27.53 -71.40 15.41
N VAL A 974 28.61 -71.24 16.17
CA VAL A 974 29.55 -70.16 15.90
C VAL A 974 30.34 -70.42 14.63
N ALA A 975 30.82 -71.65 14.46
CA ALA A 975 31.73 -71.95 13.36
C ALA A 975 31.02 -71.96 12.01
N ALA A 976 29.70 -72.07 11.99
CA ALA A 976 28.99 -72.11 10.72
C ALA A 976 29.11 -70.76 10.02
N PRO A 977 29.30 -70.76 8.70
CA PRO A 977 29.39 -69.48 7.99
C PRO A 977 28.06 -68.75 8.05
N PRO A 978 28.08 -67.42 7.98
CA PRO A 978 26.84 -66.67 8.11
C PRO A 978 25.93 -66.95 6.94
N PRO A 979 24.62 -66.77 7.10
CA PRO A 979 23.70 -66.99 5.99
C PRO A 979 23.88 -65.98 4.87
N VAL A 980 23.87 -64.69 5.20
CA VAL A 980 24.07 -63.63 4.21
C VAL A 980 25.08 -62.65 4.79
N TRP A 981 26.12 -62.32 4.01
CA TRP A 981 27.10 -61.35 4.48
C TRP A 981 27.68 -60.62 3.29
N LEU A 982 28.45 -59.58 3.60
CA LEU A 982 29.19 -58.83 2.60
C LEU A 982 30.67 -59.14 2.73
N THR A 983 31.34 -59.30 1.60
CA THR A 983 32.76 -59.61 1.64
C THR A 983 33.51 -58.46 2.30
N PRO A 984 34.58 -58.75 3.05
CA PRO A 984 35.33 -57.68 3.69
C PRO A 984 35.90 -56.67 2.70
N ASP A 985 36.27 -57.10 1.51
CA ASP A 985 36.78 -56.18 0.50
C ASP A 985 35.71 -55.28 -0.10
N SER A 986 34.45 -55.56 0.18
CA SER A 986 33.39 -54.69 -0.32
C SER A 986 33.43 -53.34 0.39
N SER A 987 32.75 -52.38 -0.20
CA SER A 987 32.78 -51.03 0.35
C SER A 987 32.10 -51.02 1.72
N PRO A 988 32.73 -50.43 2.74
CA PRO A 988 32.11 -50.40 4.06
C PRO A 988 30.89 -49.51 4.14
N ALA A 989 30.62 -48.68 3.14
CA ALA A 989 29.46 -47.80 3.17
C ALA A 989 28.15 -48.55 3.00
N ILE A 990 28.19 -49.80 2.56
CA ILE A 990 26.96 -50.55 2.34
C ILE A 990 26.44 -51.07 3.65
N VAL A 991 25.17 -50.81 3.93
CA VAL A 991 24.48 -51.35 5.09
C VAL A 991 23.42 -52.30 4.57
N LEU A 992 23.54 -53.58 4.93
CA LEU A 992 22.55 -54.60 4.57
C LEU A 992 21.46 -54.56 5.63
N ASP A 993 20.58 -53.57 5.48
CA ASP A 993 19.72 -53.17 6.59
C ASP A 993 18.81 -54.30 7.04
N THR A 994 18.07 -54.91 6.11
CA THR A 994 17.12 -55.94 6.48
C THR A 994 17.25 -57.15 5.58
N VAL A 995 17.09 -58.32 6.20
CA VAL A 995 16.83 -59.57 5.50
C VAL A 995 15.43 -60.00 5.89
N LYS A 996 14.60 -60.26 4.90
CA LYS A 996 13.19 -60.52 5.15
C LYS A 996 12.69 -61.51 4.11
N ARG A 997 11.82 -62.41 4.52
CA ARG A 997 11.28 -63.37 3.58
C ARG A 997 10.22 -62.71 2.71
N GLY A 998 10.12 -63.19 1.48
CA GLY A 998 9.25 -62.57 0.52
C GLY A 998 7.80 -62.59 0.96
N GLU A 999 7.05 -61.61 0.46
CA GLU A 999 5.68 -61.44 0.91
C GLU A 999 4.74 -62.48 0.34
N ASP A 1000 5.14 -63.18 -0.72
CA ASP A 1000 4.28 -64.14 -1.41
C ASP A 1000 5.12 -65.37 -1.75
N ASP A 1001 5.15 -66.35 -0.86
CA ASP A 1001 6.01 -67.51 -1.05
C ASP A 1001 5.28 -68.83 -0.87
N GLU A 1002 3.96 -68.86 -1.03
CA GLU A 1002 3.20 -70.10 -1.01
C GLU A 1002 3.18 -70.71 0.38
N ASP A 1003 3.94 -70.13 1.30
CA ASP A 1003 3.87 -70.50 2.71
C ASP A 1003 3.95 -69.28 3.61
N VAL A 1004 3.90 -68.08 3.04
CA VAL A 1004 3.94 -66.84 3.78
C VAL A 1004 2.80 -65.99 3.25
N SER A 1005 2.10 -66.51 2.24
CA SER A 1005 1.27 -65.68 1.39
C SER A 1005 0.12 -65.02 2.16
N ARG A 1006 -0.57 -65.79 3.00
CA ARG A 1006 -1.82 -65.42 3.66
C ARG A 1006 -2.98 -65.31 2.70
N GLY A 1007 -2.77 -65.52 1.40
CA GLY A 1007 -3.85 -65.51 0.45
C GLY A 1007 -4.36 -64.15 0.02
N GLU A 1008 -3.74 -63.08 0.49
CA GLU A 1008 -4.21 -61.75 0.11
C GLU A 1008 -4.02 -61.49 -1.38
N LEU A 1009 -2.89 -61.90 -1.92
CA LEU A 1009 -2.50 -61.64 -3.30
C LEU A 1009 -1.98 -62.93 -3.91
N PRO A 1010 -1.93 -63.02 -5.24
CA PRO A 1010 -1.39 -64.22 -5.88
C PRO A 1010 0.04 -64.46 -5.43
N ALA A 1011 0.37 -65.73 -5.20
CA ALA A 1011 1.61 -66.11 -4.56
C ALA A 1011 2.57 -66.76 -5.55
N ARG A 1012 3.86 -66.52 -5.34
CA ARG A 1012 4.90 -67.17 -6.11
C ARG A 1012 5.16 -68.57 -5.55
N LYS A 1013 5.95 -69.34 -6.29
CA LYS A 1013 6.06 -70.77 -5.98
C LYS A 1013 7.04 -71.05 -4.85
N GLY A 1014 8.31 -70.75 -5.05
CA GLY A 1014 9.34 -71.20 -4.14
C GLY A 1014 9.53 -70.28 -2.95
N GLN A 1015 10.59 -70.56 -2.20
CA GLN A 1015 11.00 -69.69 -1.11
C GLN A 1015 11.84 -68.55 -1.64
N SER A 1016 11.63 -67.36 -1.11
CA SER A 1016 12.38 -66.20 -1.54
C SER A 1016 12.77 -65.37 -0.32
N VAL A 1017 13.88 -64.66 -0.45
CA VAL A 1017 14.41 -63.81 0.60
C VAL A 1017 14.64 -62.43 0.01
N ILE A 1018 14.22 -61.39 0.72
CA ILE A 1018 14.38 -60.02 0.26
C ILE A 1018 15.47 -59.35 1.08
N LEU A 1019 16.49 -58.84 0.41
CA LEU A 1019 17.53 -58.05 1.04
C LEU A 1019 17.35 -56.60 0.66
N ARG A 1020 17.34 -55.72 1.64
CA ARG A 1020 17.39 -54.28 1.39
C ARG A 1020 18.73 -53.77 1.86
N MET A 1021 19.56 -53.35 0.92
CA MET A 1021 20.85 -52.77 1.25
C MET A 1021 20.87 -51.36 0.71
N TYR A 1022 21.41 -50.45 1.50
CA TYR A 1022 21.56 -49.08 1.08
C TYR A 1022 22.94 -48.58 1.48
N ASP A 1023 23.51 -47.71 0.68
CA ASP A 1023 24.75 -47.09 1.09
C ASP A 1023 24.44 -45.89 1.97
N SER A 1024 25.20 -45.74 3.03
CA SER A 1024 24.86 -44.75 4.04
C SER A 1024 25.69 -43.50 3.95
N LEU A 1025 26.73 -43.49 3.11
CA LEU A 1025 27.68 -42.39 3.11
C LEU A 1025 27.59 -41.50 1.89
N GLY A 1026 26.96 -41.95 0.81
CA GLY A 1026 26.75 -41.09 -0.33
C GLY A 1026 27.78 -41.20 -1.43
N GLY A 1027 28.48 -42.33 -1.53
CA GLY A 1027 29.39 -42.55 -2.62
C GLY A 1027 29.12 -43.89 -3.28
N LEU A 1028 29.49 -43.98 -4.55
CA LEU A 1028 29.30 -45.21 -5.29
C LEU A 1028 29.89 -46.38 -4.54
N ALA A 1029 29.07 -47.34 -4.18
CA ALA A 1029 29.48 -48.42 -3.31
C ALA A 1029 29.45 -49.73 -4.08
N ARG A 1030 30.58 -50.41 -4.12
CA ARG A 1030 30.70 -51.72 -4.74
C ARG A 1030 30.70 -52.76 -3.63
N GLY A 1031 29.97 -53.86 -3.85
CA GLY A 1031 29.91 -54.90 -2.84
C GLY A 1031 29.73 -56.25 -3.49
N THR A 1032 30.08 -57.27 -2.72
CA THR A 1032 29.83 -58.65 -3.10
C THR A 1032 29.07 -59.30 -1.97
N VAL A 1033 27.89 -59.82 -2.26
CA VAL A 1033 27.04 -60.45 -1.26
C VAL A 1033 27.24 -61.95 -1.36
N VAL A 1034 27.60 -62.57 -0.24
CA VAL A 1034 27.84 -64.00 -0.17
C VAL A 1034 26.72 -64.64 0.62
N THR A 1035 26.16 -65.72 0.09
CA THR A 1035 25.11 -66.47 0.74
C THR A 1035 25.50 -67.94 0.77
N THR A 1036 25.19 -68.61 1.87
CA THR A 1036 25.35 -70.05 1.93
C THR A 1036 24.09 -70.80 1.52
N TRP A 1037 23.00 -70.10 1.31
CA TRP A 1037 21.77 -70.74 0.87
C TRP A 1037 21.92 -71.22 -0.57
N PRO A 1038 21.30 -72.32 -0.93
CA PRO A 1038 21.36 -72.77 -2.32
C PRO A 1038 20.51 -71.88 -3.20
N LEU A 1039 21.17 -71.05 -4.00
CA LEU A 1039 20.52 -70.02 -4.76
C LEU A 1039 20.03 -70.55 -6.10
N LYS A 1040 18.82 -70.16 -6.48
CA LYS A 1040 18.29 -70.50 -7.78
C LYS A 1040 18.29 -69.31 -8.74
N LYS A 1041 17.94 -68.12 -8.25
CA LYS A 1041 18.10 -66.93 -9.08
C LYS A 1041 18.10 -65.70 -8.19
N VAL A 1042 18.57 -64.59 -8.74
CA VAL A 1042 18.61 -63.31 -8.04
C VAL A 1042 18.08 -62.25 -8.98
N CYS A 1043 17.23 -61.37 -8.46
CA CYS A 1043 16.72 -60.28 -9.27
C CYS A 1043 16.65 -59.01 -8.44
N LYS A 1044 16.67 -57.87 -9.12
CA LYS A 1044 16.45 -56.59 -8.47
C LYS A 1044 14.95 -56.35 -8.41
N VAL A 1045 14.48 -55.89 -7.25
CA VAL A 1045 13.07 -55.62 -7.06
C VAL A 1045 12.90 -54.22 -6.51
N ASN A 1046 11.68 -53.71 -6.61
CA ASN A 1046 11.35 -52.45 -5.99
C ASN A 1046 10.81 -52.72 -4.59
N LEU A 1047 10.28 -51.69 -3.93
CA LEU A 1047 9.82 -51.86 -2.56
C LEU A 1047 8.63 -52.81 -2.46
N LEU A 1048 7.83 -52.90 -3.51
CA LEU A 1048 6.69 -53.80 -3.51
C LEU A 1048 7.04 -55.20 -4.00
N GLU A 1049 8.33 -55.47 -4.22
CA GLU A 1049 8.82 -56.78 -4.61
C GLU A 1049 8.26 -57.20 -5.97
N ASP A 1050 8.52 -56.35 -6.96
CA ASP A 1050 8.24 -56.63 -8.36
C ASP A 1050 9.56 -56.68 -9.11
N ASP A 1051 9.81 -57.76 -9.83
CA ASP A 1051 11.10 -57.97 -10.45
C ASP A 1051 11.40 -56.89 -11.47
N LEU A 1052 12.66 -56.47 -11.52
CA LEU A 1052 13.11 -55.45 -12.45
C LEU A 1052 14.11 -55.99 -13.46
N GLU A 1053 15.24 -56.53 -13.01
CA GLU A 1053 16.13 -57.22 -13.93
C GLU A 1053 16.87 -58.32 -13.17
N VAL A 1054 17.31 -59.31 -13.91
CA VAL A 1054 18.08 -60.40 -13.34
C VAL A 1054 19.53 -59.96 -13.21
N VAL A 1055 20.16 -60.33 -12.10
CA VAL A 1055 21.58 -60.04 -11.91
C VAL A 1055 22.34 -61.36 -11.97
N PRO A 1056 23.60 -61.37 -12.41
CA PRO A 1056 24.35 -62.61 -12.48
C PRO A 1056 24.95 -62.98 -11.14
N TRP A 1057 25.03 -64.29 -10.90
CA TRP A 1057 25.59 -64.81 -9.66
C TRP A 1057 26.46 -66.01 -9.98
N GLU A 1058 27.45 -66.24 -9.13
CA GLU A 1058 28.52 -67.19 -9.42
C GLU A 1058 28.51 -68.40 -8.49
N ASN A 1059 28.66 -68.19 -7.19
CA ASN A 1059 28.63 -69.26 -6.20
C ASN A 1059 27.84 -68.78 -4.99
N GLY A 1060 26.69 -68.17 -5.24
CA GLY A 1060 26.08 -67.35 -4.21
C GLY A 1060 26.91 -66.13 -3.92
N ARG A 1061 27.41 -65.48 -4.96
CA ARG A 1061 28.32 -64.34 -4.81
C ARG A 1061 27.97 -63.24 -5.81
N PHE A 1062 26.70 -62.90 -5.90
CA PHE A 1062 26.33 -61.82 -6.81
C PHE A 1062 26.89 -60.49 -6.30
N THR A 1063 27.22 -59.61 -7.24
CA THR A 1063 27.78 -58.31 -6.91
C THR A 1063 26.73 -57.21 -7.01
N VAL A 1064 26.90 -56.19 -6.18
CA VAL A 1064 25.98 -55.08 -6.10
C VAL A 1064 26.74 -53.78 -6.34
N GLU A 1065 26.16 -52.91 -7.15
CA GLU A 1065 26.64 -51.55 -7.35
C GLU A 1065 25.56 -50.59 -6.92
N LEU A 1066 25.86 -49.75 -5.95
CA LEU A 1066 24.89 -48.82 -5.40
C LEU A 1066 25.31 -47.40 -5.77
N ARG A 1067 24.42 -46.68 -6.43
CA ARG A 1067 24.60 -45.26 -6.61
C ARG A 1067 24.52 -44.57 -5.26
N PRO A 1068 25.02 -43.35 -5.15
CA PRO A 1068 24.98 -42.66 -3.86
C PRO A 1068 23.57 -42.58 -3.29
N PHE A 1069 23.45 -42.96 -2.02
CA PHE A 1069 22.18 -42.87 -1.29
C PHE A 1069 21.08 -43.70 -1.95
N GLU A 1070 21.43 -44.81 -2.56
CA GLU A 1070 20.46 -45.68 -3.21
C GLU A 1070 20.00 -46.76 -2.24
N VAL A 1071 18.78 -47.26 -2.47
CA VAL A 1071 18.14 -48.21 -1.56
C VAL A 1071 17.79 -49.49 -2.29
N ALA A 1072 18.67 -49.94 -3.19
CA ALA A 1072 18.41 -51.14 -3.98
C ALA A 1072 17.95 -52.31 -3.12
N SER A 1073 17.05 -53.12 -3.66
CA SER A 1073 16.53 -54.30 -3.00
C SER A 1073 16.65 -55.50 -3.94
N TYR A 1074 17.01 -56.64 -3.37
CA TYR A 1074 17.26 -57.85 -4.14
C TYR A 1074 16.39 -58.98 -3.64
N ARG A 1075 15.84 -59.76 -4.57
CA ARG A 1075 15.11 -60.96 -4.25
C ARG A 1075 15.99 -62.15 -4.62
N LEU A 1076 16.22 -63.02 -3.64
CA LEU A 1076 16.96 -64.26 -3.81
C LEU A 1076 15.94 -65.38 -3.80
N VAL A 1077 15.76 -66.03 -4.95
CA VAL A 1077 14.90 -67.20 -5.04
C VAL A 1077 15.77 -68.42 -4.80
N LEU A 1078 15.46 -69.17 -3.75
CA LEU A 1078 16.22 -70.34 -3.34
C LEU A 1078 15.69 -71.59 -4.02
N ALA A 1079 16.50 -72.63 -3.99
CA ALA A 1079 16.11 -73.91 -4.58
C ALA A 1079 15.15 -74.66 -3.68
N LEU A 1122 -26.32 -47.94 -16.17
CA LEU A 1122 -25.98 -47.72 -17.56
C LEU A 1122 -24.54 -48.12 -17.81
N GLU A 1123 -24.32 -49.02 -18.76
CA GLU A 1123 -22.99 -49.51 -19.08
C GLU A 1123 -22.61 -49.10 -20.49
N ALA A 1124 -21.31 -49.00 -20.74
CA ALA A 1124 -20.78 -48.67 -22.05
C ALA A 1124 -19.38 -49.24 -22.16
N THR A 1125 -19.03 -49.69 -23.36
CA THR A 1125 -17.70 -50.25 -23.58
C THR A 1125 -17.10 -49.68 -24.86
N PHE A 1126 -15.78 -49.66 -24.91
CA PHE A 1126 -15.06 -49.10 -26.03
C PHE A 1126 -14.85 -50.16 -27.10
N VAL A 1127 -14.82 -49.71 -28.35
CA VAL A 1127 -14.63 -50.63 -29.47
C VAL A 1127 -13.41 -50.21 -30.30
N ARG A 1128 -13.46 -49.01 -30.87
CA ARG A 1128 -12.36 -48.50 -31.67
C ARG A 1128 -12.52 -47.00 -31.83
N ASP A 1129 -11.53 -46.39 -32.49
CA ASP A 1129 -11.53 -44.97 -32.76
C ASP A 1129 -10.66 -44.72 -33.99
N THR A 1130 -10.73 -43.49 -34.50
CA THR A 1130 -10.10 -43.18 -35.78
C THR A 1130 -8.59 -43.03 -35.65
N VAL A 1131 -8.12 -42.07 -34.85
CA VAL A 1131 -6.70 -41.85 -34.68
C VAL A 1131 -6.23 -42.61 -33.45
N GLN A 1132 -5.24 -43.48 -33.64
CA GLN A 1132 -4.77 -44.36 -32.58
C GLN A 1132 -4.01 -43.55 -31.53
N ASP A 1133 -3.49 -44.26 -30.54
CA ASP A 1133 -2.65 -43.63 -29.54
C ASP A 1133 -1.25 -43.40 -30.08
N GLY A 1134 -0.68 -42.27 -29.72
CA GLY A 1134 0.69 -41.99 -30.11
C GLY A 1134 0.89 -41.64 -31.56
N THR A 1135 -0.16 -41.19 -32.25
CA THR A 1135 0.01 -40.71 -33.60
C THR A 1135 0.55 -39.29 -33.59
N VAL A 1136 1.26 -38.92 -34.65
CA VAL A 1136 2.00 -37.67 -34.71
C VAL A 1136 1.22 -36.65 -35.52
N LEU A 1137 1.19 -35.41 -35.04
CA LEU A 1137 0.38 -34.36 -35.63
C LEU A 1137 1.19 -33.09 -35.77
N ALA A 1138 0.72 -32.20 -36.63
CA ALA A 1138 1.35 -30.90 -36.80
C ALA A 1138 1.22 -30.10 -35.52
N PRO A 1139 2.10 -29.10 -35.32
CA PRO A 1139 2.08 -28.36 -34.05
C PRO A 1139 0.75 -27.72 -33.72
N ASN A 1140 0.03 -27.19 -34.69
CA ASN A 1140 -1.26 -26.54 -34.44
C ASN A 1140 -2.32 -27.06 -35.40
N HIS A 1141 -2.41 -28.37 -35.53
CA HIS A 1141 -3.36 -28.99 -36.42
C HIS A 1141 -4.76 -28.95 -35.84
N LEU A 1142 -5.75 -29.11 -36.72
CA LEU A 1142 -7.16 -29.19 -36.36
C LEU A 1142 -7.65 -30.58 -36.76
N PHE A 1143 -8.10 -31.36 -35.79
CA PHE A 1143 -8.49 -32.75 -36.08
C PHE A 1143 -9.70 -33.10 -35.23
N GLU A 1144 -10.19 -34.32 -35.43
CA GLU A 1144 -11.38 -34.80 -34.73
C GLU A 1144 -11.14 -36.21 -34.23
N GLN A 1145 -11.61 -36.49 -33.03
CA GLN A 1145 -11.48 -37.80 -32.40
C GLN A 1145 -12.85 -38.45 -32.34
N THR A 1146 -12.96 -39.65 -32.91
CA THR A 1146 -14.23 -40.35 -33.05
C THR A 1146 -14.12 -41.71 -32.38
N TRP A 1147 -14.74 -41.85 -31.22
CA TRP A 1147 -14.87 -43.15 -30.60
C TRP A 1147 -16.12 -43.85 -31.12
N VAL A 1148 -16.15 -45.18 -30.99
CA VAL A 1148 -17.39 -45.92 -31.15
C VAL A 1148 -17.62 -46.75 -29.90
N LEU A 1149 -18.80 -46.65 -29.32
CA LEU A 1149 -19.10 -47.31 -28.06
C LEU A 1149 -20.31 -48.23 -28.21
N ARG A 1150 -20.20 -49.42 -27.63
CA ARG A 1150 -21.28 -50.38 -27.57
C ARG A 1150 -21.93 -50.31 -26.20
N ASN A 1151 -23.22 -50.66 -26.13
CA ASN A 1151 -23.95 -50.52 -24.88
C ASN A 1151 -23.59 -51.61 -23.89
N THR A 1152 -23.86 -52.87 -24.24
CA THR A 1152 -23.58 -54.00 -23.36
C THR A 1152 -24.16 -53.81 -21.97
N GLY A 1153 -25.39 -53.31 -21.92
CA GLY A 1153 -26.06 -53.11 -20.64
C GLY A 1153 -27.54 -53.38 -20.79
N LYS A 1154 -28.18 -53.70 -19.68
CA LYS A 1154 -29.61 -53.97 -19.71
C LYS A 1154 -30.41 -52.70 -20.02
N VAL A 1155 -30.13 -51.63 -19.30
CA VAL A 1155 -30.84 -50.37 -19.47
C VAL A 1155 -30.45 -49.73 -20.80
N ALA A 1156 -31.15 -48.66 -21.16
CA ALA A 1156 -30.89 -47.95 -22.41
C ALA A 1156 -30.37 -46.54 -22.14
N TRP A 1157 -29.53 -46.07 -23.04
CA TRP A 1157 -28.94 -44.75 -22.91
C TRP A 1157 -29.99 -43.68 -23.18
N PRO A 1158 -30.06 -42.65 -22.38
CA PRO A 1158 -30.98 -41.54 -22.68
C PRO A 1158 -30.61 -40.83 -23.99
N ALA A 1159 -31.37 -39.78 -24.32
CA ALA A 1159 -31.27 -39.18 -25.65
C ALA A 1159 -29.90 -38.57 -25.91
N GLY A 1160 -29.43 -37.71 -25.01
CA GLY A 1160 -28.21 -36.95 -25.28
C GLY A 1160 -26.93 -37.76 -25.28
N CYS A 1161 -26.50 -38.21 -24.11
CA CYS A 1161 -25.39 -39.15 -23.94
C CYS A 1161 -24.17 -38.77 -24.77
N SER A 1162 -23.55 -37.65 -24.39
CA SER A 1162 -22.38 -37.14 -25.06
C SER A 1162 -21.12 -37.39 -24.23
N VAL A 1163 -19.97 -36.97 -24.78
CA VAL A 1163 -18.67 -37.08 -24.13
C VAL A 1163 -18.24 -35.68 -23.68
N LYS A 1164 -17.85 -35.55 -22.41
CA LYS A 1164 -17.76 -34.21 -21.82
C LYS A 1164 -16.50 -34.01 -20.97
N PHE A 1165 -15.34 -34.49 -21.45
CA PHE A 1165 -14.02 -33.96 -21.08
C PHE A 1165 -13.85 -33.76 -19.57
N VAL A 1166 -13.69 -34.87 -18.85
CA VAL A 1166 -13.39 -34.79 -17.43
C VAL A 1166 -11.90 -34.96 -17.19
N GLY A 1167 -11.08 -34.66 -18.19
CA GLY A 1167 -9.68 -35.06 -18.15
C GLY A 1167 -8.62 -34.00 -17.92
N GLY A 1168 -7.46 -34.20 -18.54
CA GLY A 1168 -6.25 -33.43 -18.29
C GLY A 1168 -5.93 -32.39 -19.35
N ASP A 1169 -5.02 -32.75 -20.26
CA ASP A 1169 -4.57 -31.81 -21.28
C ASP A 1169 -5.72 -31.35 -22.16
N TYR A 1170 -6.13 -30.10 -22.00
CA TYR A 1170 -7.25 -29.58 -22.78
C TYR A 1170 -6.82 -29.33 -24.23
N MET A 1171 -7.68 -29.73 -25.16
CA MET A 1171 -7.36 -29.66 -26.58
C MET A 1171 -8.53 -29.07 -27.37
N GLY A 1172 -9.38 -28.30 -26.72
CA GLY A 1172 -10.62 -27.84 -27.32
C GLY A 1172 -10.48 -26.84 -28.46
N ARG A 1173 -11.57 -26.13 -28.76
CA ARG A 1173 -11.65 -25.15 -29.84
C ARG A 1173 -11.38 -25.80 -31.20
N VAL A 1174 -12.31 -26.69 -31.56
CA VAL A 1174 -12.44 -27.29 -32.89
C VAL A 1174 -11.15 -27.83 -33.46
N ALA A 1197 -31.46 -42.33 -28.56
CA ALA A 1197 -31.18 -43.42 -27.64
C ALA A 1197 -30.55 -44.61 -28.36
N VAL A 1198 -29.90 -45.48 -27.59
CA VAL A 1198 -29.15 -46.60 -28.15
C VAL A 1198 -29.58 -47.90 -27.50
N GLN A 1199 -30.17 -48.81 -28.26
CA GLN A 1199 -30.64 -50.06 -27.70
C GLN A 1199 -29.46 -50.87 -27.18
N PRO A 1200 -29.69 -51.74 -26.19
CA PRO A 1200 -28.59 -52.55 -25.63
C PRO A 1200 -27.80 -53.37 -26.64
N GLY A 1201 -28.20 -53.32 -27.91
CA GLY A 1201 -27.48 -54.07 -28.92
C GLY A 1201 -26.41 -53.31 -29.67
N GLU A 1202 -26.76 -52.15 -30.24
CA GLU A 1202 -25.95 -51.57 -31.29
C GLU A 1202 -24.90 -50.61 -30.73
N GLU A 1203 -24.17 -49.97 -31.65
CA GLU A 1203 -22.99 -49.16 -31.35
C GLU A 1203 -23.20 -47.74 -31.85
N ALA A 1204 -22.80 -46.77 -31.04
CA ALA A 1204 -22.95 -45.36 -31.37
C ALA A 1204 -21.58 -44.70 -31.52
N PRO A 1205 -21.34 -43.95 -32.58
CA PRO A 1205 -20.10 -43.18 -32.68
C PRO A 1205 -20.26 -41.78 -32.12
N PHE A 1206 -19.22 -41.34 -31.42
CA PHE A 1206 -19.17 -40.00 -30.84
C PHE A 1206 -17.94 -39.27 -31.34
N THR A 1207 -18.07 -37.98 -31.55
CA THR A 1207 -17.03 -37.16 -32.16
C THR A 1207 -16.76 -35.95 -31.29
N VAL A 1208 -15.48 -35.61 -31.16
CA VAL A 1208 -15.07 -34.35 -30.54
C VAL A 1208 -14.10 -33.67 -31.49
N LEU A 1209 -14.06 -32.35 -31.44
CA LEU A 1209 -13.21 -31.54 -32.28
C LEU A 1209 -12.09 -30.94 -31.45
N LEU A 1210 -10.85 -31.15 -31.87
CA LEU A 1210 -9.70 -30.78 -31.06
C LEU A 1210 -8.63 -30.12 -31.91
N ARG A 1211 -7.74 -29.42 -31.22
CA ARG A 1211 -6.57 -28.78 -31.81
C ARG A 1211 -5.34 -29.15 -30.99
N THR A 1212 -4.20 -29.22 -31.65
CA THR A 1212 -2.98 -29.57 -30.92
C THR A 1212 -2.37 -28.32 -30.30
N PRO A 1213 -1.82 -28.42 -29.08
CA PRO A 1213 -1.35 -27.22 -28.39
C PRO A 1213 -0.07 -26.63 -29.00
N TYR A 1214 0.42 -25.55 -28.41
CA TYR A 1214 1.51 -24.76 -29.01
C TYR A 1214 2.89 -25.21 -28.52
N ARG A 1215 3.20 -26.49 -28.64
CA ARG A 1215 4.52 -26.98 -28.24
C ARG A 1215 4.65 -28.44 -28.65
N ALA A 1216 5.88 -28.84 -28.95
CA ALA A 1216 6.18 -30.23 -29.25
C ALA A 1216 6.19 -31.01 -27.94
N CYS A 1217 5.25 -31.93 -27.80
CA CYS A 1217 5.12 -32.73 -26.58
C CYS A 1217 4.14 -33.86 -26.85
N ARG A 1218 3.84 -34.62 -25.81
CA ARG A 1218 2.76 -35.59 -25.82
C ARG A 1218 1.64 -35.02 -24.97
N VAL A 1219 0.41 -35.09 -25.48
CA VAL A 1219 -0.75 -34.56 -24.79
C VAL A 1219 -1.81 -35.65 -24.69
N ILE A 1220 -2.48 -35.68 -23.54
CA ILE A 1220 -3.43 -36.74 -23.22
C ILE A 1220 -4.68 -36.07 -22.67
N SER A 1221 -5.82 -36.31 -23.30
CA SER A 1221 -7.10 -35.77 -22.84
C SER A 1221 -8.01 -36.93 -22.47
N HIS A 1222 -8.58 -36.88 -21.26
CA HIS A 1222 -9.53 -37.90 -20.82
C HIS A 1222 -10.96 -37.43 -21.02
N TRP A 1223 -11.79 -38.33 -21.54
CA TRP A 1223 -13.19 -38.08 -21.80
C TRP A 1223 -14.03 -39.16 -21.12
N ARG A 1224 -15.35 -38.96 -21.15
CA ARG A 1224 -16.26 -39.90 -20.50
C ARG A 1224 -17.66 -39.66 -21.04
N LEU A 1225 -18.38 -40.74 -21.32
CA LEU A 1225 -19.79 -40.65 -21.67
C LEU A 1225 -20.58 -40.11 -20.49
N THR A 1226 -21.50 -39.20 -20.76
CA THR A 1226 -22.35 -38.69 -19.71
C THR A 1226 -23.77 -38.49 -20.22
N THR A 1227 -24.75 -38.82 -19.38
CA THR A 1227 -26.14 -38.59 -19.72
C THR A 1227 -26.40 -37.10 -19.80
N PRO A 1228 -27.39 -36.67 -20.59
CA PRO A 1228 -27.67 -35.24 -20.68
C PRO A 1228 -28.41 -34.73 -19.46
N LYS A 1229 -28.00 -35.19 -18.29
CA LYS A 1229 -28.44 -34.60 -17.03
C LYS A 1229 -27.33 -34.54 -16.01
N GLY A 1230 -26.11 -34.95 -16.36
CA GLY A 1230 -24.98 -34.80 -15.47
C GLY A 1230 -24.22 -36.06 -15.15
N THR A 1231 -24.92 -37.17 -14.96
CA THR A 1231 -24.28 -38.40 -14.52
C THR A 1231 -23.38 -38.96 -15.62
N LYS A 1232 -22.17 -39.36 -15.23
CA LYS A 1232 -21.21 -39.97 -16.14
C LYS A 1232 -21.20 -41.48 -15.95
N PHE A 1233 -20.92 -42.19 -17.03
CA PHE A 1233 -20.99 -43.65 -17.01
C PHE A 1233 -20.07 -44.22 -18.07
N GLY A 1234 -19.91 -45.53 -18.03
CA GLY A 1234 -19.14 -46.22 -19.04
C GLY A 1234 -17.66 -46.22 -18.75
N HIS A 1235 -16.92 -46.75 -19.71
CA HIS A 1235 -15.47 -46.77 -19.61
C HIS A 1235 -14.91 -45.36 -19.74
N ARG A 1236 -13.60 -45.25 -19.57
CA ARG A 1236 -12.90 -43.97 -19.73
C ARG A 1236 -12.20 -43.94 -21.07
N LEU A 1237 -12.29 -42.79 -21.74
CA LEU A 1237 -11.70 -42.60 -23.05
C LEU A 1237 -10.56 -41.59 -22.98
N TRP A 1238 -9.68 -41.66 -23.96
CA TRP A 1238 -8.59 -40.69 -24.03
C TRP A 1238 -8.17 -40.48 -25.47
N CYS A 1239 -7.59 -39.33 -25.73
CA CYS A 1239 -6.92 -39.03 -26.99
C CYS A 1239 -5.43 -38.90 -26.72
N ASP A 1240 -4.62 -39.63 -27.49
CA ASP A 1240 -3.18 -39.71 -27.29
C ASP A 1240 -2.48 -39.26 -28.57
N VAL A 1241 -1.85 -38.10 -28.53
CA VAL A 1241 -1.14 -37.60 -29.70
C VAL A 1241 0.23 -37.09 -29.31
N VAL A 1242 1.10 -37.04 -30.31
CA VAL A 1242 2.45 -36.51 -30.19
C VAL A 1242 2.57 -35.36 -31.16
N VAL A 1243 3.23 -34.29 -30.73
CA VAL A 1243 3.38 -33.08 -31.54
C VAL A 1243 4.78 -33.06 -32.13
N GLU A 1244 4.87 -32.95 -33.45
CA GLU A 1244 6.15 -33.12 -34.16
C GLU A 1244 7.01 -31.87 -34.09
N LYS A 1245 6.44 -30.72 -34.46
CA LYS A 1245 7.18 -29.47 -34.57
C LYS A 1245 8.31 -29.59 -35.59
N GLY B 2 -1.58 37.96 38.04
CA GLY B 2 -0.76 36.76 37.98
C GLY B 2 -1.37 35.60 38.73
N GLY B 3 -2.42 35.87 39.49
CA GLY B 3 -3.11 34.82 40.22
C GLY B 3 -4.38 35.36 40.82
N GLU B 4 -5.20 34.43 41.31
CA GLU B 4 -6.49 34.80 41.89
C GLU B 4 -6.29 35.56 43.20
N THR B 5 -7.06 36.63 43.37
CA THR B 5 -7.01 37.43 44.59
C THR B 5 -8.40 37.68 45.16
N PHE B 6 -9.40 36.89 44.74
CA PHE B 6 -10.79 37.05 45.13
C PHE B 6 -11.39 38.34 44.59
N ASP B 7 -10.58 39.17 43.96
CA ASP B 7 -11.06 40.30 43.19
C ASP B 7 -11.06 40.02 41.69
N VAL B 8 -10.12 39.19 41.23
CA VAL B 8 -10.05 38.75 39.85
C VAL B 8 -10.16 37.23 39.83
N LYS B 9 -11.08 36.72 39.02
CA LYS B 9 -11.27 35.28 38.92
C LYS B 9 -10.32 34.63 37.93
N GLY B 10 -9.66 35.42 37.09
CA GLY B 10 -8.77 34.91 36.09
C GLY B 10 -8.07 36.03 35.33
N PRO B 11 -7.43 35.70 34.22
CA PRO B 11 -6.77 36.73 33.43
C PRO B 11 -7.77 37.55 32.63
N ARG B 12 -7.31 38.69 32.13
CA ARG B 12 -8.15 39.56 31.34
C ARG B 12 -8.69 38.78 30.14
N PRO B 13 -9.98 38.84 29.86
CA PRO B 13 -10.57 37.92 28.88
C PRO B 13 -10.03 38.12 27.47
N ASN B 14 -10.05 37.05 26.69
CA ASN B 14 -9.50 37.06 25.35
C ASN B 14 -10.31 37.95 24.42
N ASP B 15 -9.66 38.45 23.39
CA ASP B 15 -10.32 39.26 22.36
C ASP B 15 -10.73 38.40 21.17
N TYR B 16 -11.54 37.40 21.46
CA TYR B 16 -12.07 36.55 20.40
C TYR B 16 -13.24 37.24 19.73
N PRO B 17 -13.15 37.58 18.46
CA PRO B 17 -14.20 38.40 17.84
C PRO B 17 -15.53 37.67 17.79
N LEU B 18 -16.60 38.44 17.87
CA LEU B 18 -17.94 37.85 17.86
C LEU B 18 -18.28 37.29 16.50
N ARG B 19 -18.04 38.05 15.44
CA ARG B 19 -18.32 37.61 14.07
C ARG B 19 -17.02 37.22 13.38
N ALA B 20 -17.08 36.16 12.60
CA ALA B 20 -15.93 35.77 11.81
C ALA B 20 -15.69 36.81 10.72
N PRO B 21 -14.49 37.38 10.63
CA PRO B 21 -14.26 38.43 9.64
C PRO B 21 -14.33 37.94 8.20
N LYS B 22 -13.60 36.88 7.89
CA LYS B 22 -13.54 36.35 6.54
C LYS B 22 -13.46 34.84 6.58
N PRO B 23 -13.92 34.16 5.54
CA PRO B 23 -13.72 32.71 5.47
C PRO B 23 -12.29 32.38 5.10
N VAL B 24 -11.75 31.36 5.76
CA VAL B 24 -10.42 30.85 5.45
C VAL B 24 -10.55 29.36 5.26
N GLY B 25 -9.96 28.86 4.18
CA GLY B 25 -10.10 27.47 3.82
C GLY B 25 -8.88 26.65 4.15
N GLN B 26 -9.08 25.34 4.26
CA GLN B 26 -7.97 24.43 4.47
C GLN B 26 -7.05 24.46 3.26
N LEU B 27 -5.75 24.61 3.50
CA LEU B 27 -4.82 24.72 2.40
C LEU B 27 -4.56 23.34 1.81
N ILE B 28 -4.66 23.24 0.48
CA ILE B 28 -4.42 21.98 -0.19
C ILE B 28 -2.95 21.61 -0.06
N SER B 29 -2.69 20.42 0.47
CA SER B 29 -1.32 20.08 0.87
C SER B 29 -0.39 19.99 -0.32
N HIS B 30 -0.77 19.25 -1.35
CA HIS B 30 0.19 18.96 -2.41
C HIS B 30 0.49 20.18 -3.26
N ILE B 31 -0.47 21.07 -3.47
CA ILE B 31 -0.20 22.29 -4.22
C ILE B 31 0.83 23.14 -3.49
N TYR B 32 0.62 23.34 -2.19
CA TYR B 32 1.58 24.12 -1.42
C TYR B 32 2.95 23.46 -1.39
N LYS B 33 2.97 22.13 -1.28
CA LYS B 33 4.25 21.44 -1.27
C LYS B 33 4.99 21.62 -2.59
N ASP B 34 4.28 21.54 -3.71
CA ASP B 34 4.93 21.74 -4.99
C ASP B 34 5.32 23.18 -5.23
N ARG B 35 4.68 24.12 -4.53
CA ARG B 35 5.04 25.52 -4.73
C ARG B 35 6.44 25.85 -4.24
N ILE B 36 6.92 25.15 -3.20
CA ILE B 36 8.15 25.57 -2.54
C ILE B 36 9.33 25.50 -3.48
N ALA B 37 9.41 24.44 -4.28
CA ALA B 37 10.58 24.23 -5.12
C ALA B 37 10.81 25.38 -6.08
N GLN B 38 9.75 26.07 -6.49
CA GLN B 38 9.91 27.17 -7.43
C GLN B 38 10.59 28.39 -6.81
N PHE B 39 10.76 28.41 -5.50
CA PHE B 39 11.41 29.53 -4.86
C PHE B 39 12.92 29.54 -5.09
N TYR B 40 13.50 28.41 -5.49
CA TYR B 40 14.93 28.37 -5.74
C TYR B 40 15.31 27.59 -6.99
N ASN B 41 14.36 27.02 -7.71
CA ASN B 41 14.70 26.25 -8.88
C ASN B 41 15.12 27.17 -10.02
N GLY B 42 15.90 26.60 -10.94
CA GLY B 42 16.32 27.34 -12.11
C GLY B 42 15.39 27.13 -13.28
N GLY B 43 14.09 27.27 -13.05
CA GLY B 43 13.14 27.09 -14.13
C GLY B 43 12.79 28.40 -14.80
N GLN B 44 11.51 28.65 -14.98
CA GLN B 44 11.04 29.87 -15.62
C GLN B 44 11.02 31.06 -14.69
N TYR B 45 11.30 30.86 -13.40
CA TYR B 45 11.33 31.95 -12.45
C TYR B 45 12.73 32.31 -12.01
N GLU B 46 13.74 32.01 -12.84
CA GLU B 46 15.12 32.28 -12.48
C GLU B 46 15.33 33.73 -12.10
N HIS B 47 14.58 34.64 -12.72
CA HIS B 47 14.78 36.06 -12.51
C HIS B 47 13.80 36.66 -11.51
N GLN B 48 13.01 35.83 -10.83
CA GLN B 48 12.07 36.32 -9.85
C GLN B 48 12.15 35.62 -8.52
N ASN B 49 13.05 34.67 -8.35
CA ASN B 49 13.19 33.94 -7.10
C ASN B 49 14.61 34.11 -6.57
N LEU B 50 14.96 33.30 -5.58
CA LEU B 50 16.23 33.44 -4.88
C LEU B 50 17.42 33.42 -5.83
N ARG B 51 17.32 32.70 -6.94
CA ARG B 51 18.42 32.67 -7.89
C ARG B 51 18.79 34.05 -8.38
N ALA B 52 17.80 34.94 -8.51
CA ALA B 52 18.10 36.30 -8.92
C ALA B 52 18.86 37.06 -7.85
N MET B 53 18.61 36.75 -6.58
CA MET B 53 19.27 37.44 -5.49
C MET B 53 20.62 36.83 -5.13
N MET B 54 20.94 35.66 -5.68
CA MET B 54 22.17 34.97 -5.27
C MET B 54 23.41 35.78 -5.59
N LYS B 55 23.49 36.34 -6.80
CA LYS B 55 24.68 37.07 -7.23
C LYS B 55 24.45 38.56 -7.04
N GLU B 56 25.25 39.18 -6.17
CA GLU B 56 25.19 40.62 -6.04
C GLU B 56 25.71 41.32 -7.28
N ASP B 57 26.82 40.84 -7.82
CA ASP B 57 27.40 41.52 -8.98
C ASP B 57 28.30 40.57 -9.74
N SER B 58 28.61 40.95 -10.98
CA SER B 58 29.48 40.13 -11.82
C SER B 58 30.27 41.01 -12.76
N VAL B 59 31.49 40.59 -13.05
CA VAL B 59 32.31 41.21 -14.09
C VAL B 59 33.01 40.12 -14.86
N SER B 60 32.95 40.18 -16.19
CA SER B 60 33.51 39.13 -17.01
C SER B 60 34.34 39.62 -18.18
N GLY B 61 34.42 40.92 -18.40
CA GLY B 61 35.03 41.42 -19.61
C GLY B 61 36.54 41.23 -19.64
N GLU B 62 37.12 41.70 -20.73
CA GLU B 62 38.56 41.68 -20.92
C GLU B 62 39.32 42.68 -20.03
N PRO B 63 38.76 43.83 -19.64
CA PRO B 63 39.53 44.68 -18.73
C PRO B 63 39.79 44.04 -17.38
N HIS B 64 38.89 43.19 -16.90
CA HIS B 64 38.95 42.66 -15.55
C HIS B 64 39.49 41.24 -15.50
N VAL B 65 38.97 40.34 -16.32
CA VAL B 65 39.42 38.96 -16.37
C VAL B 65 40.04 38.73 -17.74
N GLN B 66 41.36 38.65 -17.80
CA GLN B 66 42.04 38.39 -19.05
C GLN B 66 42.72 37.03 -18.97
N LEU B 67 42.44 36.16 -19.93
CA LEU B 67 42.97 34.81 -19.89
C LEU B 67 43.73 34.47 -21.16
N TRP B 68 44.95 33.98 -20.98
CA TRP B 68 45.75 33.38 -22.02
C TRP B 68 45.71 31.87 -21.86
N VAL B 69 45.97 31.16 -22.96
CA VAL B 69 45.92 29.71 -22.95
C VAL B 69 47.18 29.16 -23.60
N TRP B 70 47.51 27.93 -23.22
CA TRP B 70 48.61 27.18 -23.81
C TRP B 70 48.19 25.74 -23.92
N HIS B 71 48.38 25.15 -25.09
CA HIS B 71 47.98 23.78 -25.34
C HIS B 71 49.16 22.85 -25.12
N ALA B 72 48.95 21.82 -24.31
CA ALA B 72 49.99 20.82 -24.11
C ALA B 72 50.27 20.10 -25.43
N PRO B 73 51.50 19.66 -25.66
CA PRO B 73 51.87 19.15 -26.98
C PRO B 73 50.96 18.06 -27.52
N GLY B 74 50.85 16.95 -26.81
CA GLY B 74 50.01 15.86 -27.26
C GLY B 74 48.96 15.52 -26.22
N GLN B 75 48.99 14.29 -25.73
CA GLN B 75 48.25 13.93 -24.54
C GLN B 75 49.12 13.97 -23.30
N THR B 76 50.32 14.54 -23.40
CA THR B 76 51.20 14.67 -22.25
C THR B 76 50.61 15.63 -21.23
N ARG B 77 51.03 15.47 -19.98
CA ARG B 77 50.54 16.25 -18.85
C ARG B 77 51.74 16.91 -18.18
N PRO B 78 52.21 18.03 -18.70
CA PRO B 78 53.41 18.65 -18.14
C PRO B 78 53.16 19.17 -16.74
N SER B 79 54.23 19.21 -15.96
CA SER B 79 54.15 19.75 -14.62
C SER B 79 54.06 21.27 -14.67
N PHE B 80 53.78 21.87 -13.51
CA PHE B 80 53.69 23.32 -13.43
C PHE B 80 55.02 23.97 -13.78
N GLU B 81 56.13 23.31 -13.48
CA GLU B 81 57.44 23.89 -13.72
C GLU B 81 57.66 24.16 -15.20
N GLU B 82 57.31 23.20 -16.05
CA GLU B 82 57.56 23.30 -17.48
C GLU B 82 56.35 23.78 -18.25
N ALA B 83 55.29 24.19 -17.57
CA ALA B 83 54.11 24.71 -18.24
C ALA B 83 54.09 26.23 -18.28
N VAL B 84 54.46 26.89 -17.18
CA VAL B 84 54.44 28.35 -17.15
C VAL B 84 55.63 28.97 -17.85
N SER B 85 56.52 28.17 -18.43
CA SER B 85 57.65 28.69 -19.18
C SER B 85 57.39 28.72 -20.68
N ASN B 86 56.16 28.45 -21.11
CA ASN B 86 55.82 28.39 -22.51
C ASN B 86 55.25 29.73 -22.96
N GLN B 87 54.72 29.76 -24.18
CA GLN B 87 54.18 30.97 -24.78
C GLN B 87 52.66 30.85 -24.84
N PHE B 88 51.98 31.65 -24.04
CA PHE B 88 50.53 31.65 -24.02
C PHE B 88 49.98 32.62 -25.05
N VAL B 89 48.80 32.31 -25.57
CA VAL B 89 48.12 33.16 -26.54
C VAL B 89 46.76 33.56 -25.98
N LYS B 90 46.37 34.80 -26.22
CA LYS B 90 45.15 35.33 -25.62
C LYS B 90 43.93 34.56 -26.10
N THR B 91 42.97 34.33 -25.21
CA THR B 91 41.71 33.74 -25.59
C THR B 91 40.60 34.45 -24.84
N ASN B 92 39.39 33.89 -24.89
CA ASN B 92 38.26 34.51 -24.23
C ASN B 92 37.17 33.46 -24.03
N VAL B 93 36.14 33.86 -23.30
CA VAL B 93 35.02 32.96 -23.05
C VAL B 93 34.32 32.62 -24.35
N GLY B 94 33.99 31.35 -24.53
CA GLY B 94 33.27 30.88 -25.68
C GLY B 94 34.07 30.03 -26.64
N GLU B 95 35.37 29.90 -26.42
CA GLU B 95 36.18 29.06 -27.29
C GLU B 95 35.99 27.59 -26.93
N TRP B 96 36.39 26.73 -27.86
CA TRP B 96 36.34 25.29 -27.68
C TRP B 96 37.77 24.77 -27.60
N PHE B 97 38.02 23.84 -26.68
CA PHE B 97 39.38 23.48 -26.32
C PHE B 97 39.62 21.99 -26.48
N GLY B 98 40.51 21.64 -27.40
CA GLY B 98 41.23 20.40 -27.39
C GLY B 98 40.40 19.16 -27.64
N PRO B 99 41.03 18.12 -28.17
CA PRO B 99 40.39 16.81 -28.18
C PRO B 99 40.41 16.23 -26.78
N SER B 100 39.74 15.10 -26.62
CA SER B 100 39.61 14.51 -25.30
C SER B 100 40.97 14.09 -24.76
N TRP B 101 41.10 14.14 -23.44
CA TRP B 101 42.28 13.77 -22.66
C TRP B 101 43.43 14.75 -22.81
N THR B 102 43.31 15.78 -23.62
CA THR B 102 44.35 16.78 -23.69
C THR B 102 44.22 17.74 -22.52
N THR B 103 45.30 18.46 -22.23
CA THR B 103 45.32 19.41 -21.14
C THR B 103 45.70 20.78 -21.65
N HIS B 104 45.09 21.81 -21.06
CA HIS B 104 45.34 23.19 -21.45
C HIS B 104 45.59 24.02 -20.21
N TRP B 105 46.61 24.86 -20.25
CA TRP B 105 46.91 25.71 -19.13
C TRP B 105 46.43 27.12 -19.42
N PHE B 106 45.72 27.72 -18.47
CA PHE B 106 45.22 29.07 -18.61
C PHE B 106 45.94 29.96 -17.61
N ARG B 107 46.49 31.06 -18.09
CA ARG B 107 46.94 32.13 -17.23
C ARG B 107 45.80 33.12 -17.11
N VAL B 108 45.25 33.27 -15.92
CA VAL B 108 44.12 34.14 -15.67
C VAL B 108 44.62 35.30 -14.83
N VAL B 109 44.45 36.51 -15.35
CA VAL B 109 44.80 37.72 -14.62
C VAL B 109 43.50 38.41 -14.23
N LEU B 110 43.34 38.61 -12.93
CA LEU B 110 42.14 39.20 -12.34
C LEU B 110 42.46 40.56 -11.75
N THR B 111 41.56 41.51 -11.99
CA THR B 111 41.63 42.84 -11.41
C THR B 111 40.23 43.13 -10.88
N VAL B 112 40.06 43.00 -9.57
CA VAL B 112 38.76 43.29 -8.95
C VAL B 112 38.48 44.77 -9.12
N PRO B 113 37.36 45.16 -9.70
CA PRO B 113 37.11 46.57 -9.99
C PRO B 113 36.92 47.40 -8.75
N GLU B 114 36.69 48.70 -8.93
CA GLU B 114 36.60 49.60 -7.78
C GLU B 114 35.37 49.32 -6.94
N HIS B 115 34.27 48.92 -7.58
CA HIS B 115 33.00 48.76 -6.89
C HIS B 115 32.77 47.36 -6.37
N LEU B 116 33.75 46.47 -6.47
CA LEU B 116 33.65 45.14 -5.89
C LEU B 116 34.60 44.91 -4.75
N GLN B 117 35.39 45.91 -4.35
CA GLN B 117 36.43 45.69 -3.38
C GLN B 117 35.88 45.37 -2.00
N ASN B 118 34.63 45.71 -1.71
CA ASN B 118 34.06 45.58 -0.38
C ASN B 118 32.73 44.84 -0.43
N LYS B 119 32.69 43.72 -1.12
CA LYS B 119 31.45 43.00 -1.34
C LYS B 119 31.29 41.79 -0.44
N ARG B 120 32.19 41.59 0.51
CA ARG B 120 32.03 40.62 1.60
C ARG B 120 32.17 39.18 1.13
N LEU B 121 32.17 38.95 -0.18
CA LEU B 121 32.46 37.63 -0.73
C LEU B 121 32.73 37.73 -2.22
N LEU B 122 33.95 37.43 -2.64
CA LEU B 122 34.32 37.48 -4.04
C LEU B 122 34.78 36.10 -4.47
N GLU B 123 34.21 35.60 -5.55
CA GLU B 123 34.63 34.32 -6.10
C GLU B 123 34.96 34.49 -7.57
N PHE B 124 35.81 33.60 -8.05
CA PHE B 124 36.06 33.44 -9.47
C PHE B 124 35.26 32.23 -9.92
N HIS B 125 34.26 32.45 -10.75
CA HIS B 125 33.48 31.38 -11.33
C HIS B 125 34.09 30.97 -12.65
N TRP B 126 34.55 29.72 -12.71
CA TRP B 126 35.17 29.14 -13.89
C TRP B 126 34.41 27.88 -14.23
N ASP B 127 33.84 27.82 -15.43
CA ASP B 127 32.98 26.73 -15.80
C ASP B 127 33.31 26.21 -17.19
N SER B 128 34.57 25.95 -17.45
CA SER B 128 34.89 25.05 -18.54
C SER B 128 34.24 23.71 -18.23
N ASN B 129 33.59 23.13 -19.20
CA ASN B 129 32.71 22.01 -18.86
C ASN B 129 33.44 20.77 -18.44
N SER B 130 34.74 20.86 -18.19
CA SER B 130 35.54 19.74 -17.75
C SER B 130 36.14 20.06 -16.39
N GLU B 131 37.06 19.21 -15.93
CA GLU B 131 37.71 19.41 -14.66
C GLU B 131 38.97 20.26 -14.82
N GLY B 132 39.39 20.83 -13.71
CA GLY B 132 40.59 21.66 -13.73
C GLY B 132 41.12 21.82 -12.33
N LEU B 133 42.32 22.40 -12.26
CA LEU B 133 43.00 22.63 -10.99
C LEU B 133 43.54 24.05 -10.97
N VAL B 134 43.39 24.74 -9.86
CA VAL B 134 43.83 26.12 -9.72
C VAL B 134 45.19 26.12 -9.04
N TRP B 135 46.17 26.75 -9.67
CA TRP B 135 47.50 26.92 -9.14
C TRP B 135 47.75 28.39 -8.85
N SER B 136 48.40 28.66 -7.73
CA SER B 136 48.84 30.02 -7.47
C SER B 136 50.02 30.35 -8.37
N GLU B 137 50.43 31.61 -8.34
CA GLU B 137 51.58 32.03 -9.15
C GLU B 137 52.83 31.28 -8.74
N ASP B 138 52.99 31.02 -7.44
CA ASP B 138 54.19 30.34 -6.96
C ASP B 138 54.27 28.91 -7.48
N GLY B 139 53.15 28.21 -7.51
CA GLY B 139 53.14 26.84 -7.98
C GLY B 139 52.47 25.88 -7.04
N LYS B 140 51.71 26.39 -6.11
CA LYS B 140 51.01 25.54 -5.17
C LYS B 140 49.62 25.22 -5.69
N PRO B 141 49.22 23.96 -5.75
CA PRO B 141 47.82 23.66 -6.06
C PRO B 141 46.91 24.25 -5.01
N LEU B 142 45.76 24.76 -5.45
CA LEU B 142 44.86 25.45 -4.55
C LEU B 142 43.51 24.80 -4.45
N GLN B 143 42.88 24.44 -5.56
CA GLN B 143 41.51 23.98 -5.51
C GLN B 143 41.15 23.29 -6.81
N GLY B 144 40.34 22.25 -6.72
CA GLY B 144 39.80 21.64 -7.91
C GLY B 144 38.60 22.38 -8.44
N LEU B 145 38.25 22.08 -9.68
CA LEU B 145 37.08 22.66 -10.32
C LEU B 145 36.44 21.60 -11.21
N THR B 146 35.12 21.59 -11.27
CA THR B 146 34.39 20.68 -12.13
C THR B 146 33.35 21.46 -12.91
N GLY B 147 33.14 21.07 -14.16
CA GLY B 147 32.37 21.85 -15.10
C GLY B 147 30.88 21.62 -15.15
N GLY B 148 30.35 20.70 -14.37
CA GLY B 148 28.92 20.56 -14.43
C GLY B 148 28.15 21.57 -13.63
N GLY B 149 28.85 22.46 -12.94
CA GLY B 149 28.25 23.33 -11.96
C GLY B 149 28.41 22.87 -10.53
N GLU B 150 29.01 21.71 -10.30
CA GLU B 150 29.16 21.21 -8.94
C GLU B 150 30.19 22.01 -8.16
N ARG B 151 31.35 22.25 -8.77
CA ARG B 151 32.43 22.99 -8.11
C ARG B 151 33.00 23.95 -9.15
N VAL B 152 32.48 25.18 -9.17
CA VAL B 152 32.87 26.15 -10.17
C VAL B 152 33.45 27.42 -9.56
N GLU B 153 33.36 27.61 -8.25
CA GLU B 153 33.79 28.85 -7.63
C GLU B 153 35.07 28.64 -6.85
N TRP B 154 35.98 29.60 -6.98
CA TRP B 154 37.18 29.67 -6.18
C TRP B 154 37.17 30.99 -5.43
N ILE B 155 37.16 30.94 -4.11
CA ILE B 155 37.06 32.16 -3.32
C ILE B 155 38.37 32.92 -3.37
N LEU B 156 38.31 34.19 -3.72
CA LEU B 156 39.52 35.00 -3.84
C LEU B 156 40.16 35.18 -2.46
N PRO B 157 41.48 35.08 -2.38
CA PRO B 157 42.13 35.01 -1.07
C PRO B 157 42.37 36.34 -0.41
N ASP B 158 41.39 37.25 -0.46
CA ASP B 158 41.35 38.42 0.41
C ASP B 158 42.52 39.38 0.20
N SER B 159 43.46 39.01 -0.65
CA SER B 159 44.53 39.92 -1.04
C SER B 159 44.35 40.41 -2.45
N PHE B 160 43.32 39.93 -3.15
CA PHE B 160 42.99 40.41 -4.47
C PHE B 160 42.12 41.65 -4.42
N ARG B 161 41.76 42.11 -3.22
CA ARG B 161 40.84 43.24 -3.07
C ARG B 161 41.57 44.57 -3.22
N ASP B 162 42.26 44.70 -4.35
CA ASP B 162 42.90 45.93 -4.78
C ASP B 162 43.31 45.75 -6.23
N GLY B 163 43.13 46.80 -7.02
CA GLY B 163 43.29 46.64 -8.45
C GLY B 163 44.73 46.43 -8.88
N LYS B 164 45.36 45.38 -8.36
CA LYS B 164 46.74 45.08 -8.67
C LYS B 164 46.90 43.96 -9.69
N GLU B 165 45.80 43.39 -10.18
CA GLU B 165 45.83 42.41 -11.25
C GLU B 165 46.71 41.20 -10.89
N HIS B 166 46.20 40.45 -9.92
CA HIS B 166 46.87 39.22 -9.53
C HIS B 166 46.61 38.13 -10.54
N THR B 167 47.54 37.19 -10.64
CA THR B 167 47.47 36.15 -11.65
C THR B 167 47.45 34.77 -11.00
N ILE B 168 46.65 33.88 -11.59
CA ILE B 168 46.57 32.48 -11.19
C ILE B 168 46.64 31.64 -12.46
N TYR B 169 46.81 30.34 -12.28
CA TYR B 169 46.81 29.41 -13.39
C TYR B 169 45.71 28.39 -13.20
N ILE B 170 45.14 27.93 -14.29
CA ILE B 170 44.10 26.91 -14.26
C ILE B 170 44.48 25.84 -15.25
N GLU B 171 44.82 24.67 -14.75
CA GLU B 171 45.17 23.53 -15.60
C GLU B 171 43.90 22.72 -15.84
N MET B 172 43.35 22.83 -17.03
CA MET B 172 42.10 22.16 -17.39
C MET B 172 42.43 20.86 -18.11
N ALA B 173 41.77 19.79 -17.70
CA ALA B 173 41.88 18.50 -18.37
C ALA B 173 40.62 18.28 -19.18
N CYS B 174 40.77 18.04 -20.48
CA CYS B 174 39.61 17.91 -21.36
C CYS B 174 38.98 16.53 -21.17
N ASN B 175 38.31 16.39 -20.03
CA ASN B 175 37.54 15.20 -19.73
C ASN B 175 36.59 15.55 -18.59
N ARG B 176 35.41 14.93 -18.61
CA ARG B 176 34.44 15.22 -17.58
C ARG B 176 34.77 14.43 -16.31
N MET B 177 33.88 14.52 -15.32
CA MET B 177 34.06 13.80 -14.07
C MET B 177 34.14 12.29 -14.29
N PHE B 178 33.51 11.78 -15.33
CA PHE B 178 33.40 10.34 -15.55
C PHE B 178 33.89 9.97 -16.94
N GLY B 179 35.06 10.46 -17.29
CA GLY B 179 35.63 10.11 -18.58
C GLY B 179 35.03 10.91 -19.71
N ASN B 180 35.07 10.34 -20.91
CA ASN B 180 34.75 11.06 -22.12
C ASN B 180 33.80 10.27 -23.00
N ALA B 181 32.78 9.66 -22.41
CA ALA B 181 31.80 8.97 -23.21
C ALA B 181 30.96 9.97 -23.99
N PRO B 182 30.48 9.61 -25.16
CA PRO B 182 29.49 10.44 -25.83
C PRO B 182 28.27 10.57 -24.94
N GLY B 183 28.02 11.79 -24.48
CA GLY B 183 27.21 12.06 -23.30
C GLY B 183 25.96 11.22 -23.11
N GLY B 184 25.66 10.88 -21.87
CA GLY B 184 24.44 10.20 -21.54
C GLY B 184 24.62 8.90 -20.81
N ASP B 185 25.63 8.12 -21.20
CA ASP B 185 25.83 6.79 -20.65
C ASP B 185 27.00 6.72 -19.68
N SER B 186 28.11 7.37 -20.02
CA SER B 186 29.27 7.48 -19.14
C SER B 186 30.02 6.17 -19.01
N ILE B 187 29.50 5.09 -19.55
CA ILE B 187 30.23 3.83 -19.64
C ILE B 187 30.41 3.35 -21.07
N GLN B 188 29.87 4.08 -22.04
CA GLN B 188 30.19 3.80 -23.42
C GLN B 188 31.66 4.12 -23.66
N PRO B 189 32.27 3.55 -24.69
CA PRO B 189 33.69 3.78 -24.92
C PRO B 189 33.94 5.26 -25.17
N PRO B 190 35.05 5.80 -24.68
CA PRO B 190 35.28 7.23 -24.78
C PRO B 190 35.36 7.70 -26.22
N ASP B 191 34.85 8.91 -26.45
CA ASP B 191 34.91 9.54 -27.76
C ASP B 191 36.22 10.29 -27.91
N PRO B 192 37.05 9.98 -28.90
CA PRO B 192 38.36 10.63 -29.00
C PRO B 192 38.29 12.09 -29.42
N ASN B 193 37.14 12.59 -29.84
CA ASN B 193 37.05 13.94 -30.41
C ASN B 193 35.98 14.75 -29.70
N LYS B 194 35.98 14.71 -28.38
CA LYS B 194 35.13 15.60 -27.61
C LYS B 194 35.81 16.96 -27.47
N TYR B 195 35.00 18.02 -27.53
CA TYR B 195 35.49 19.37 -27.35
C TYR B 195 34.70 20.05 -26.26
N PHE B 196 35.38 20.86 -25.47
CA PHE B 196 34.79 21.47 -24.29
C PHE B 196 34.75 22.98 -24.45
N ARG B 197 33.62 23.57 -24.09
CA ARG B 197 33.41 25.00 -24.22
C ARG B 197 33.68 25.70 -22.90
N LEU B 198 34.48 26.75 -22.95
CA LEU B 198 34.65 27.62 -21.79
C LEU B 198 33.40 28.47 -21.64
N ASP B 199 32.58 28.14 -20.65
CA ASP B 199 31.28 28.79 -20.52
C ASP B 199 31.38 30.14 -19.82
N LYS B 200 31.85 30.15 -18.58
CA LYS B 200 31.89 31.37 -17.81
C LYS B 200 33.22 31.44 -17.07
N ALA B 201 33.83 32.62 -17.09
CA ALA B 201 35.12 32.85 -16.46
C ALA B 201 35.12 34.19 -15.75
N GLU B 202 34.13 34.43 -14.91
CA GLU B 202 33.95 35.78 -14.40
C GLU B 202 34.26 35.88 -12.91
N ILE B 203 34.21 37.10 -12.40
CA ILE B 203 34.33 37.39 -10.98
C ILE B 203 32.95 37.76 -10.47
N VAL B 204 32.51 37.09 -9.41
CA VAL B 204 31.16 37.24 -8.90
C VAL B 204 31.23 37.67 -7.46
N ALA B 205 30.47 38.70 -7.12
CA ALA B 205 30.22 39.07 -5.73
C ALA B 205 28.90 38.44 -5.33
N ILE B 206 28.96 37.55 -4.35
CA ILE B 206 27.85 36.70 -3.94
C ILE B 206 27.30 37.23 -2.62
N ASP B 207 25.99 37.24 -2.48
CA ASP B 207 25.39 37.61 -1.21
C ASP B 207 25.38 36.40 -0.30
N PRO B 208 26.13 36.42 0.81
CA PRO B 208 26.13 35.27 1.71
C PRO B 208 24.76 35.00 2.31
N ASP B 209 23.97 36.03 2.58
CA ASP B 209 22.65 35.82 3.15
C ASP B 209 21.75 35.03 2.21
N ALA B 210 21.79 35.37 0.92
CA ALA B 210 21.00 34.62 -0.03
C ALA B 210 21.43 33.17 -0.10
N ARG B 211 22.73 32.92 0.01
CA ARG B 211 23.24 31.55 -0.02
C ARG B 211 22.73 30.77 1.18
N GLN B 212 22.84 31.35 2.37
CA GLN B 212 22.35 30.66 3.56
C GLN B 212 20.84 30.42 3.48
N LEU B 213 20.10 31.40 2.99
CA LEU B 213 18.66 31.23 2.85
C LEU B 213 18.32 30.15 1.83
N TRP B 214 19.12 30.05 0.77
CA TRP B 214 18.90 29.01 -0.22
C TRP B 214 19.05 27.63 0.40
N ILE B 215 20.12 27.44 1.16
CA ILE B 215 20.30 26.15 1.83
C ILE B 215 19.15 25.90 2.80
N ASP B 216 18.76 26.93 3.54
CA ASP B 216 17.67 26.80 4.52
C ASP B 216 16.39 26.33 3.85
N ILE B 217 15.98 27.02 2.79
CA ILE B 217 14.70 26.69 2.16
C ILE B 217 14.78 25.36 1.44
N TRP B 218 15.96 24.98 0.93
CA TRP B 218 16.11 23.66 0.33
C TRP B 218 15.86 22.57 1.36
N ILE B 219 16.50 22.68 2.52
CA ILE B 219 16.30 21.67 3.57
C ILE B 219 14.87 21.70 4.05
N LEU B 220 14.27 22.88 4.15
CA LEU B 220 12.88 22.98 4.60
C LEU B 220 11.92 22.32 3.62
N GLN B 221 12.14 22.50 2.32
CA GLN B 221 11.29 21.83 1.34
C GLN B 221 11.45 20.33 1.42
N ASP B 222 12.68 19.84 1.59
CA ASP B 222 12.87 18.41 1.74
C ASP B 222 12.19 17.89 3.00
N ALA B 223 12.22 18.68 4.08
CA ALA B 223 11.52 18.27 5.29
C ALA B 223 10.02 18.23 5.07
N ALA B 224 9.47 19.20 4.36
CA ALA B 224 8.04 19.23 4.10
C ALA B 224 7.62 18.06 3.22
N ARG B 225 8.51 17.54 2.39
CA ARG B 225 8.11 16.46 1.52
C ARG B 225 8.40 15.07 2.10
N GLU B 226 9.49 14.91 2.85
CA GLU B 226 9.91 13.58 3.28
C GLU B 226 9.46 13.19 4.67
N PHE B 227 9.13 14.15 5.53
CA PHE B 227 8.57 13.82 6.82
C PHE B 227 7.21 13.13 6.63
N PRO B 228 6.81 12.28 7.57
CA PRO B 228 5.52 11.62 7.44
C PRO B 228 4.39 12.64 7.36
N GLY B 229 3.45 12.37 6.45
CA GLY B 229 2.38 13.32 6.23
C GLY B 229 1.39 13.43 7.38
N ASP B 230 1.39 12.46 8.28
CA ASP B 230 0.43 12.44 9.37
C ASP B 230 0.97 13.01 10.67
N SER B 231 2.20 13.52 10.67
CA SER B 231 2.76 14.13 11.87
C SER B 231 2.87 15.63 11.68
N TRP B 232 2.96 16.34 12.80
CA TRP B 232 2.93 17.79 12.76
C TRP B 232 4.20 18.41 12.21
N GLU B 233 5.29 17.64 12.14
CA GLU B 233 6.56 18.23 11.71
C GLU B 233 6.51 18.70 10.27
N SER B 234 5.96 17.87 9.38
CA SER B 234 5.89 18.25 7.97
C SER B 234 5.00 19.46 7.78
N HIS B 235 3.87 19.50 8.49
CA HIS B 235 2.97 20.64 8.37
C HIS B 235 3.62 21.91 8.88
N LYS B 236 4.36 21.83 9.98
CA LYS B 236 5.05 23.02 10.46
C LYS B 236 6.12 23.46 9.49
N ALA B 237 6.82 22.52 8.86
CA ALA B 237 7.81 22.88 7.86
C ALA B 237 7.15 23.59 6.69
N LEU B 238 5.99 23.10 6.25
CA LEU B 238 5.27 23.74 5.17
C LEU B 238 4.84 25.14 5.56
N GLN B 239 4.37 25.33 6.79
CA GLN B 239 3.95 26.65 7.24
C GLN B 239 5.13 27.62 7.28
N VAL B 240 6.28 27.15 7.75
CA VAL B 240 7.47 28.00 7.78
C VAL B 240 7.89 28.36 6.36
N CYS B 241 7.82 27.40 5.44
CA CYS B 241 8.14 27.70 4.05
C CYS B 241 7.22 28.76 3.48
N ASN B 242 5.92 28.65 3.76
CA ASN B 242 4.98 29.66 3.27
C ASN B 242 5.31 31.03 3.85
N GLU B 243 5.60 31.08 5.14
CA GLU B 243 5.92 32.36 5.76
C GLU B 243 7.20 32.95 5.17
N ILE B 244 8.14 32.11 4.76
CA ILE B 244 9.34 32.60 4.10
C ILE B 244 9.00 33.16 2.73
N ILE B 245 8.19 32.42 1.96
CA ILE B 245 7.87 32.87 0.61
C ILE B 245 7.15 34.21 0.64
N GLU B 246 6.21 34.37 1.56
CA GLU B 246 5.46 35.61 1.59
C GLU B 246 6.28 36.79 2.12
N ALA B 247 7.41 36.52 2.78
CA ALA B 247 8.22 37.57 3.35
C ALA B 247 9.37 38.00 2.46
N PHE B 248 9.49 37.43 1.27
CA PHE B 248 10.61 37.70 0.37
C PHE B 248 10.13 38.56 -0.78
N GLU B 249 10.81 39.68 -0.99
CA GLU B 249 10.53 40.55 -2.13
C GLU B 249 11.79 40.72 -2.95
N LEU B 250 11.62 40.80 -4.27
CA LEU B 250 12.75 40.70 -5.18
C LEU B 250 13.76 41.82 -4.98
N GLY B 251 13.29 43.08 -4.99
CA GLY B 251 14.22 44.18 -4.96
C GLY B 251 15.00 44.26 -3.67
N ASN B 252 14.30 44.14 -2.54
CA ASN B 252 14.90 44.40 -1.25
C ASN B 252 15.91 43.32 -0.88
N ARG B 253 16.93 43.71 -0.12
CA ARG B 253 17.91 42.76 0.38
C ARG B 253 17.79 42.51 1.88
N GLU B 254 17.11 43.38 2.62
CA GLU B 254 16.85 43.08 4.02
C GLU B 254 15.83 41.97 4.18
N SER B 255 14.99 41.77 3.17
CA SER B 255 14.03 40.67 3.21
C SER B 255 14.73 39.34 3.35
N LEU B 256 15.97 39.22 2.85
CA LEU B 256 16.72 37.98 3.03
C LEU B 256 17.01 37.73 4.51
N LYS B 257 17.45 38.77 5.22
CA LYS B 257 17.71 38.60 6.65
C LYS B 257 16.42 38.30 7.40
N LYS B 258 15.32 38.95 7.01
CA LYS B 258 14.05 38.65 7.65
C LYS B 258 13.63 37.21 7.41
N CYS B 259 13.84 36.71 6.19
CA CYS B 259 13.48 35.33 5.87
C CYS B 259 14.34 34.35 6.66
N ARG B 260 15.63 34.64 6.81
CA ARG B 260 16.47 33.77 7.61
C ARG B 260 16.01 33.75 9.06
N LYS B 261 15.64 34.92 9.60
CA LYS B 261 15.12 34.95 10.96
C LYS B 261 13.84 34.13 11.08
N ILE B 262 12.99 34.17 10.06
CA ILE B 262 11.77 33.37 10.07
C ILE B 262 12.11 31.87 10.09
N ALA B 263 13.03 31.47 9.22
CA ALA B 263 13.41 30.06 9.15
C ALA B 263 14.07 29.59 10.44
N GLU B 264 14.67 30.49 11.20
CA GLU B 264 15.31 30.10 12.45
C GLU B 264 14.33 29.44 13.42
N GLN B 265 13.04 29.78 13.33
CA GLN B 265 12.06 29.19 14.22
C GLN B 265 11.84 27.71 13.96
N TYR B 266 12.35 27.19 12.85
CA TYR B 266 12.29 25.76 12.56
C TYR B 266 13.65 25.12 12.50
N LEU B 267 14.68 25.85 12.09
CA LEU B 267 16.02 25.27 12.02
C LEU B 267 16.82 25.50 13.28
N GLY B 268 16.56 26.56 14.02
CA GLY B 268 17.31 26.85 15.21
C GLY B 268 18.00 28.19 15.15
N PRO B 269 18.54 28.65 16.27
CA PRO B 269 19.04 30.03 16.32
C PRO B 269 20.22 30.32 15.41
N ASN B 270 21.23 29.46 15.37
CA ASN B 270 22.48 29.79 14.70
C ASN B 270 22.96 28.64 13.82
N VAL B 271 22.08 28.14 12.94
CA VAL B 271 22.43 26.99 12.12
C VAL B 271 23.62 27.25 11.22
N ASP B 272 23.90 28.50 10.92
CA ASP B 272 24.97 28.83 9.98
C ASP B 272 26.35 28.81 10.62
N SER B 273 26.52 28.20 11.77
CA SER B 273 27.79 28.13 12.45
C SER B 273 28.06 26.70 12.90
N PRO B 274 29.31 26.33 13.08
CA PRO B 274 29.62 24.97 13.56
C PRO B 274 29.11 24.70 14.96
N ASN B 275 28.78 25.73 15.72
CA ASN B 275 28.33 25.52 17.10
C ASN B 275 27.08 24.67 17.18
N VAL B 276 26.35 24.51 16.07
CA VAL B 276 25.18 23.67 16.08
C VAL B 276 25.52 22.24 16.45
N TYR B 277 26.77 21.82 16.26
CA TYR B 277 27.17 20.47 16.61
C TYR B 277 27.56 20.32 18.07
N ASN B 278 27.54 21.39 18.85
CA ASN B 278 27.96 21.34 20.24
C ASN B 278 26.78 21.39 21.20
N SER B 279 25.59 21.05 20.73
CA SER B 279 24.42 21.08 21.60
C SER B 279 24.48 20.03 22.70
N GLY B 280 25.30 19.01 22.54
CA GLY B 280 25.47 18.01 23.58
C GLY B 280 24.39 16.96 23.64
N LYS B 281 23.57 16.83 22.61
CA LYS B 281 22.55 15.80 22.58
C LYS B 281 23.09 14.53 21.94
N GLU B 282 22.34 13.44 22.13
CA GLU B 282 22.70 12.14 21.60
C GLU B 282 22.69 12.10 20.08
N PRO B 283 23.82 11.83 19.45
CA PRO B 283 23.86 11.70 17.99
C PRO B 283 23.67 10.27 17.55
N LEU B 284 22.96 10.09 16.44
CA LEU B 284 22.66 8.78 15.92
C LEU B 284 23.30 8.50 14.57
N VAL B 285 23.54 9.52 13.77
CA VAL B 285 24.14 9.36 12.46
C VAL B 285 25.44 10.14 12.45
N TYR B 286 26.54 9.46 12.16
CA TYR B 286 27.85 10.10 12.10
C TYR B 286 28.20 10.35 10.64
N ALA B 287 28.38 11.61 10.29
CA ALA B 287 28.69 12.00 8.92
C ALA B 287 30.19 12.19 8.79
N ILE B 288 30.77 11.59 7.76
CA ILE B 288 32.19 11.70 7.49
C ILE B 288 32.37 11.96 6.00
N GLY B 289 33.20 12.95 5.66
CA GLY B 289 33.45 13.25 4.27
C GLY B 289 34.32 12.19 3.62
N HIS B 290 34.11 12.00 2.33
CA HIS B 290 34.76 10.90 1.65
C HIS B 290 34.84 11.19 0.16
N CYS B 291 35.94 10.78 -0.45
CA CYS B 291 36.16 11.01 -1.88
C CYS B 291 36.77 9.73 -2.45
N HIS B 292 35.96 8.94 -3.13
CA HIS B 292 36.41 7.68 -3.71
C HIS B 292 36.89 7.95 -5.12
N ILE B 293 38.21 7.90 -5.33
CA ILE B 293 38.80 8.09 -6.64
C ILE B 293 39.18 6.72 -7.17
N ASP B 294 38.45 6.23 -8.16
CA ASP B 294 38.83 5.00 -8.81
C ASP B 294 40.12 5.21 -9.59
N SER B 295 41.05 4.27 -9.47
CA SER B 295 42.39 4.48 -10.00
C SER B 295 42.41 4.45 -11.52
N CYS B 296 41.65 3.55 -12.15
CA CYS B 296 41.71 3.49 -13.60
C CYS B 296 40.37 3.18 -14.23
N TRP B 297 39.28 3.61 -13.63
CA TRP B 297 37.98 3.14 -14.09
C TRP B 297 37.67 3.54 -15.53
N LEU B 298 37.49 4.82 -15.79
CA LEU B 298 37.12 5.29 -17.12
C LEU B 298 38.12 6.32 -17.64
N TRP B 299 39.35 6.23 -17.16
CA TRP B 299 40.39 7.18 -17.52
C TRP B 299 41.73 6.51 -17.31
N PRO B 300 42.78 6.99 -17.93
CA PRO B 300 44.10 6.40 -17.71
C PRO B 300 44.58 6.58 -16.28
N PHE B 301 45.74 6.01 -15.93
CA PHE B 301 46.26 6.19 -14.58
C PHE B 301 46.76 7.61 -14.35
N ALA B 302 47.30 8.26 -15.38
CA ALA B 302 47.78 9.62 -15.21
C ALA B 302 46.65 10.56 -14.82
N GLU B 303 45.49 10.38 -15.44
CA GLU B 303 44.35 11.19 -15.06
C GLU B 303 43.97 10.96 -13.61
N THR B 304 44.18 9.75 -13.09
CA THR B 304 43.93 9.52 -11.67
C THR B 304 44.94 10.27 -10.81
N LYS B 305 46.21 10.27 -11.23
CA LYS B 305 47.21 11.04 -10.51
C LYS B 305 46.79 12.49 -10.41
N ARG B 306 46.17 13.02 -11.46
CA ARG B 306 45.69 14.39 -11.41
C ARG B 306 44.43 14.54 -10.55
N LYS B 307 43.52 13.57 -10.63
CA LYS B 307 42.28 13.67 -9.87
C LYS B 307 42.55 13.67 -8.38
N VAL B 308 43.57 12.93 -7.95
CA VAL B 308 43.85 12.85 -6.52
C VAL B 308 44.18 14.23 -5.96
N VAL B 309 45.10 14.94 -6.61
CA VAL B 309 45.47 16.25 -6.10
C VAL B 309 44.33 17.23 -6.27
N ARG B 310 43.63 17.19 -7.40
CA ARG B 310 42.57 18.17 -7.59
C ARG B 310 41.38 17.92 -6.70
N SER B 311 41.29 16.76 -6.06
CA SER B 311 40.26 16.54 -5.06
C SER B 311 40.72 16.83 -3.64
N TRP B 312 41.93 16.40 -3.28
CA TRP B 312 42.38 16.62 -1.92
C TRP B 312 42.72 18.07 -1.67
N SER B 313 43.11 18.83 -2.70
CA SER B 313 43.29 20.26 -2.50
C SER B 313 41.98 20.94 -2.15
N SER B 314 40.91 20.58 -2.85
CA SER B 314 39.60 21.12 -2.51
C SER B 314 39.19 20.73 -1.11
N GLN B 315 39.47 19.48 -0.72
CA GLN B 315 39.10 19.05 0.61
C GLN B 315 39.87 19.81 1.69
N CYS B 316 41.16 20.05 1.46
CA CYS B 316 41.94 20.80 2.44
C CYS B 316 41.44 22.23 2.55
N ASP B 317 41.11 22.85 1.41
CA ASP B 317 40.56 24.20 1.47
C ASP B 317 39.25 24.24 2.23
N LEU B 318 38.37 23.26 1.97
CA LEU B 318 37.11 23.22 2.69
C LEU B 318 37.33 23.05 4.18
N MET B 319 38.22 22.14 4.57
CA MET B 319 38.50 21.95 5.98
C MET B 319 39.12 23.18 6.61
N ASP B 320 39.75 24.03 5.82
CA ASP B 320 40.14 25.34 6.33
C ASP B 320 38.92 26.21 6.57
N ARG B 321 37.93 26.16 5.67
CA ARG B 321 36.76 27.02 5.84
C ARG B 321 35.80 26.50 6.89
N TYR B 322 35.58 25.19 6.95
CA TYR B 322 34.60 24.61 7.86
C TYR B 322 35.29 23.82 8.95
N PRO B 323 35.30 24.28 10.20
CA PRO B 323 36.11 23.64 11.23
C PRO B 323 35.58 22.29 11.69
N GLU B 324 34.43 21.85 11.23
CA GLU B 324 33.87 20.58 11.68
C GLU B 324 33.99 19.47 10.66
N LEU B 325 34.39 19.77 9.43
CA LEU B 325 34.47 18.75 8.40
C LEU B 325 35.61 17.80 8.67
N ASN B 326 35.35 16.51 8.55
CA ASN B 326 36.36 15.48 8.66
C ASN B 326 36.32 14.61 7.40
N PHE B 327 37.49 14.12 7.02
CA PHE B 327 37.67 13.52 5.71
C PHE B 327 38.41 12.19 5.84
N VAL B 328 38.03 11.20 5.05
CA VAL B 328 38.71 9.91 5.01
C VAL B 328 39.03 9.57 3.57
N CYS B 329 40.24 9.06 3.34
CA CYS B 329 40.61 8.60 2.01
C CYS B 329 41.56 7.43 2.12
N SER B 330 41.27 6.37 1.37
CA SER B 330 42.02 5.13 1.40
C SER B 330 43.08 5.15 0.30
N GLN B 331 43.61 3.96 -0.05
CA GLN B 331 44.50 3.78 -1.19
C GLN B 331 45.82 4.54 -1.00
N ALA B 332 46.62 4.02 -0.07
CA ALA B 332 47.98 4.48 0.16
C ALA B 332 48.76 4.71 -1.14
N GLN B 333 48.43 3.98 -2.19
CA GLN B 333 49.08 4.22 -3.48
C GLN B 333 48.84 5.64 -3.96
N GLN B 334 47.62 6.14 -3.77
CA GLN B 334 47.34 7.52 -4.15
C GLN B 334 48.12 8.51 -3.30
N TYR B 335 48.32 8.19 -2.02
CA TYR B 335 49.19 9.01 -1.19
C TYR B 335 50.60 9.02 -1.74
N LYS B 336 51.10 7.87 -2.19
CA LYS B 336 52.45 7.84 -2.73
C LYS B 336 52.56 8.65 -4.01
N TRP B 337 51.53 8.57 -4.86
CA TRP B 337 51.52 9.39 -6.07
C TRP B 337 51.56 10.87 -5.71
N LEU B 338 50.73 11.28 -4.75
CA LEU B 338 50.71 12.67 -4.34
C LEU B 338 52.06 13.09 -3.78
N LYS B 339 52.69 12.23 -2.99
CA LYS B 339 53.98 12.56 -2.39
C LYS B 339 55.05 12.69 -3.46
N GLN B 340 55.00 11.86 -4.50
CA GLN B 340 56.03 11.92 -5.53
C GLN B 340 55.84 13.11 -6.45
N LEU B 341 54.61 13.40 -6.86
CA LEU B 341 54.39 14.35 -7.93
C LEU B 341 54.03 15.75 -7.48
N TYR B 342 53.35 15.90 -6.35
CA TYR B 342 52.91 17.20 -5.85
C TYR B 342 53.33 17.33 -4.39
N PRO B 343 54.61 17.61 -4.14
CA PRO B 343 55.09 17.64 -2.76
C PRO B 343 54.37 18.64 -1.87
N TYR B 344 53.97 19.79 -2.39
CA TYR B 344 53.28 20.77 -1.55
C TYR B 344 51.91 20.26 -1.11
N ALA B 345 51.17 19.66 -2.04
CA ALA B 345 49.87 19.12 -1.68
C ALA B 345 50.02 18.02 -0.64
N PHE B 346 51.03 17.17 -0.78
CA PHE B 346 51.24 16.13 0.22
C PHE B 346 51.62 16.74 1.56
N GLU B 347 52.41 17.81 1.56
CA GLU B 347 52.78 18.44 2.81
C GLU B 347 51.55 19.00 3.53
N ARG B 348 50.66 19.65 2.80
CA ARG B 348 49.47 20.18 3.46
C ARG B 348 48.52 19.06 3.88
N VAL B 349 48.46 17.97 3.12
CA VAL B 349 47.66 16.82 3.53
C VAL B 349 48.21 16.23 4.81
N LYS B 350 49.54 16.10 4.91
CA LYS B 350 50.12 15.54 6.11
C LYS B 350 49.91 16.47 7.31
N LYS B 351 49.97 17.77 7.08
CA LYS B 351 49.67 18.71 8.15
C LYS B 351 48.23 18.55 8.63
N LYS B 352 47.30 18.36 7.70
CA LYS B 352 45.92 18.09 8.10
C LYS B 352 45.82 16.79 8.88
N VAL B 353 46.55 15.76 8.47
CA VAL B 353 46.50 14.48 9.15
C VAL B 353 46.97 14.62 10.59
N ALA B 354 48.07 15.33 10.79
CA ALA B 354 48.55 15.55 12.16
C ALA B 354 47.57 16.39 12.97
N GLU B 355 46.79 17.24 12.30
CA GLU B 355 45.86 18.13 12.98
C GLU B 355 44.60 17.41 13.46
N GLY B 356 44.51 16.10 13.28
CA GLY B 356 43.38 15.35 13.74
C GLY B 356 42.23 15.25 12.77
N ARG B 357 42.28 15.96 11.66
CA ARG B 357 41.32 15.82 10.59
C ARG B 357 41.99 15.11 9.44
N PHE B 358 41.21 14.79 8.40
CA PHE B 358 41.76 14.10 7.23
C PHE B 358 42.37 12.76 7.65
N HIS B 359 41.50 11.86 8.08
CA HIS B 359 41.94 10.57 8.59
C HIS B 359 42.26 9.61 7.45
N PRO B 360 43.47 9.11 7.36
CA PRO B 360 43.74 8.06 6.38
C PRO B 360 43.42 6.69 6.95
N ILE B 361 42.45 5.99 6.36
CA ILE B 361 42.10 4.65 6.81
C ILE B 361 41.97 3.73 5.61
N GLY B 362 42.00 2.44 5.88
CA GLY B 362 41.92 1.44 4.85
C GLY B 362 43.09 0.49 4.91
N GLY B 363 44.28 1.02 5.17
CA GLY B 363 45.43 0.19 5.42
C GLY B 363 45.85 -0.71 4.28
N SER B 364 45.37 -0.45 3.08
CA SER B 364 45.73 -1.26 1.93
C SER B 364 46.37 -0.40 0.87
N TRP B 365 47.15 -1.02 0.00
CA TRP B 365 47.82 -0.28 -1.07
C TRP B 365 46.81 0.38 -1.98
N VAL B 366 45.85 -0.39 -2.47
CA VAL B 366 44.73 0.14 -3.23
C VAL B 366 43.46 -0.51 -2.72
N GLU B 367 42.32 0.06 -3.10
CA GLU B 367 41.03 -0.55 -2.81
C GLU B 367 40.87 -1.72 -3.77
N HIS B 368 41.56 -2.81 -3.45
CA HIS B 368 41.69 -3.93 -4.35
C HIS B 368 40.43 -4.77 -4.37
N ASP B 369 40.26 -5.54 -5.43
CA ASP B 369 39.30 -6.62 -5.40
C ASP B 369 39.83 -7.71 -4.49
N THR B 370 38.92 -8.44 -3.86
CA THR B 370 39.32 -9.47 -2.91
C THR B 370 39.00 -10.87 -3.37
N ASN B 371 38.32 -11.02 -4.50
CA ASN B 371 37.97 -12.36 -4.98
C ASN B 371 39.13 -13.00 -5.73
N MET B 372 39.64 -12.33 -6.74
CA MET B 372 40.63 -12.95 -7.62
C MET B 372 42.04 -13.02 -7.05
N PRO B 373 42.60 -11.95 -6.46
CA PRO B 373 44.00 -12.01 -6.05
C PRO B 373 44.25 -13.13 -5.05
N SER B 374 45.40 -13.77 -5.18
CA SER B 374 45.75 -14.88 -4.31
C SER B 374 45.95 -14.37 -2.88
N GLY B 375 46.16 -15.33 -1.96
CA GLY B 375 46.33 -14.95 -0.57
C GLY B 375 47.53 -14.06 -0.34
N GLU B 376 48.65 -14.38 -0.98
CA GLU B 376 49.84 -13.56 -0.80
C GLU B 376 49.62 -12.15 -1.33
N SER B 377 48.80 -12.00 -2.37
CA SER B 377 48.49 -10.65 -2.84
C SER B 377 47.76 -9.85 -1.78
N LEU B 378 46.78 -10.45 -1.12
CA LEU B 378 46.07 -9.75 -0.05
C LEU B 378 47.01 -9.39 1.09
N VAL B 379 47.87 -10.32 1.46
CA VAL B 379 48.84 -10.04 2.52
C VAL B 379 49.74 -8.88 2.12
N ARG B 380 50.19 -8.86 0.87
CA ARG B 380 51.05 -7.77 0.41
C ARG B 380 50.30 -6.45 0.41
N GLN B 381 49.02 -6.47 0.01
CA GLN B 381 48.23 -5.24 0.05
C GLN B 381 48.25 -4.66 1.45
N PHE B 382 47.91 -5.48 2.44
CA PHE B 382 47.89 -5.00 3.81
C PHE B 382 49.28 -4.55 4.25
N LEU B 383 50.30 -5.34 3.94
CA LEU B 383 51.65 -5.05 4.42
C LEU B 383 52.14 -3.72 3.89
N TYR B 384 52.04 -3.52 2.57
CA TYR B 384 52.54 -2.29 1.98
C TYR B 384 51.71 -1.09 2.41
N GLY B 385 50.39 -1.24 2.46
CA GLY B 385 49.59 -0.11 2.90
C GLY B 385 49.91 0.32 4.31
N GLN B 386 49.96 -0.64 5.24
CA GLN B 386 50.22 -0.30 6.63
C GLN B 386 51.64 0.22 6.81
N ARG B 387 52.61 -0.33 6.09
CA ARG B 387 53.96 0.18 6.22
C ARG B 387 54.05 1.61 5.71
N PHE B 388 53.37 1.92 4.61
CA PHE B 388 53.37 3.30 4.12
C PHE B 388 52.74 4.23 5.14
N TYR B 389 51.59 3.85 5.68
CA TYR B 389 50.92 4.73 6.64
C TYR B 389 51.76 4.92 7.88
N GLU B 390 52.43 3.87 8.35
CA GLU B 390 53.23 3.99 9.56
C GLU B 390 54.48 4.82 9.31
N SER B 391 55.07 4.72 8.13
CA SER B 391 56.29 5.46 7.87
C SER B 391 56.03 6.93 7.62
N ASN B 392 54.94 7.26 6.93
CA ASN B 392 54.68 8.65 6.59
C ASN B 392 53.93 9.37 7.70
N PHE B 393 52.74 8.90 8.02
CA PHE B 393 52.04 9.40 9.19
C PHE B 393 52.44 8.58 10.41
N GLY B 394 52.12 9.10 11.59
CA GLY B 394 52.59 8.44 12.79
C GLY B 394 51.97 7.07 13.00
N LYS B 395 50.67 6.95 12.81
CA LYS B 395 49.92 5.81 13.28
C LYS B 395 49.66 4.83 12.15
N ARG B 396 48.85 3.82 12.46
CA ARG B 396 48.56 2.72 11.56
C ARG B 396 47.07 2.47 11.59
N CYS B 397 46.46 2.27 10.42
CA CYS B 397 45.01 2.20 10.34
C CYS B 397 44.46 0.99 11.08
N LYS B 398 43.29 1.16 11.69
CA LYS B 398 42.59 0.09 12.35
C LYS B 398 41.27 -0.26 11.69
N THR B 399 40.94 0.38 10.58
CA THR B 399 39.68 0.13 9.87
C THR B 399 39.99 -0.28 8.44
N PHE B 400 39.33 -1.34 7.98
CA PHE B 400 39.46 -1.77 6.60
C PHE B 400 38.36 -1.10 5.79
N TRP B 401 38.75 -0.20 4.91
CA TRP B 401 37.81 0.58 4.11
C TRP B 401 37.75 -0.03 2.72
N LEU B 402 36.58 -0.46 2.32
CA LEU B 402 36.45 -1.14 1.04
C LEU B 402 35.03 -0.99 0.51
N PRO B 403 34.59 0.24 0.22
CA PRO B 403 33.17 0.47 -0.08
C PRO B 403 32.78 0.21 -1.53
N ASP B 404 33.66 -0.32 -2.37
CA ASP B 404 33.32 -0.43 -3.78
C ASP B 404 33.79 -1.76 -4.38
N THR B 405 34.11 -2.75 -3.57
CA THR B 405 34.69 -3.99 -4.05
C THR B 405 33.62 -5.01 -4.39
N PHE B 406 33.81 -5.72 -5.51
CA PHE B 406 32.84 -6.71 -5.98
C PHE B 406 33.06 -8.02 -5.23
N GLY B 407 32.46 -8.12 -4.06
CA GLY B 407 32.55 -9.38 -3.35
C GLY B 407 33.77 -9.45 -2.47
N TYR B 408 33.63 -10.22 -1.39
CA TYR B 408 34.66 -10.30 -0.36
C TYR B 408 34.93 -11.76 -0.04
N SER B 409 36.20 -12.14 -0.07
CA SER B 409 36.57 -13.53 0.16
C SER B 409 36.30 -13.93 1.59
N ALA B 410 36.08 -15.23 1.80
CA ALA B 410 35.68 -15.73 3.10
C ALA B 410 36.79 -15.59 4.13
N GLN B 411 38.03 -15.43 3.72
CA GLN B 411 39.16 -15.37 4.65
C GLN B 411 39.60 -13.95 4.94
N LEU B 412 38.88 -12.95 4.43
CA LEU B 412 39.27 -11.57 4.68
C LEU B 412 39.30 -11.19 6.15
N PRO B 413 38.32 -11.56 6.99
CA PRO B 413 38.40 -11.16 8.40
C PRO B 413 39.65 -11.66 9.10
N GLN B 414 40.12 -12.87 8.76
CA GLN B 414 41.33 -13.36 9.38
C GLN B 414 42.54 -12.51 9.02
N LEU B 415 42.67 -12.16 7.75
CA LEU B 415 43.78 -11.30 7.34
C LEU B 415 43.67 -9.94 7.98
N CYS B 416 42.45 -9.41 8.11
CA CYS B 416 42.28 -8.13 8.78
C CYS B 416 42.70 -8.19 10.24
N ARG B 417 42.31 -9.25 10.94
CA ARG B 417 42.71 -9.38 12.34
C ARG B 417 44.21 -9.57 12.48
N LEU B 418 44.83 -10.24 11.52
CA LEU B 418 46.28 -10.40 11.57
C LEU B 418 47.02 -9.15 11.17
N ALA B 419 46.36 -8.20 10.53
CA ALA B 419 46.98 -6.93 10.17
C ALA B 419 46.66 -5.84 11.17
N GLY B 420 46.07 -6.17 12.31
CA GLY B 420 45.75 -5.19 13.31
C GLY B 420 44.48 -4.41 13.06
N MET B 421 43.69 -4.78 12.07
CA MET B 421 42.48 -4.06 11.70
C MET B 421 41.27 -4.89 12.12
N THR B 422 40.55 -4.42 13.12
CA THR B 422 39.41 -5.14 13.68
C THR B 422 38.08 -4.63 13.16
N ARG B 423 38.09 -3.72 12.20
CA ARG B 423 36.87 -3.08 11.73
C ARG B 423 36.84 -3.10 10.21
N PHE B 424 35.64 -3.17 9.65
CA PHE B 424 35.46 -3.29 8.23
C PHE B 424 34.24 -2.49 7.81
N LEU B 425 34.35 -1.80 6.68
CA LEU B 425 33.25 -0.99 6.19
C LEU B 425 33.07 -1.23 4.71
N THR B 426 31.82 -1.33 4.29
CA THR B 426 31.50 -1.55 2.90
C THR B 426 30.05 -1.24 2.63
N GLN B 427 29.76 -0.90 1.37
CA GLN B 427 28.39 -0.63 0.99
C GLN B 427 28.00 -1.27 -0.33
N LYS B 428 28.89 -2.05 -0.94
CA LYS B 428 28.59 -2.60 -2.25
C LYS B 428 27.45 -3.61 -2.21
N LEU B 429 27.30 -4.33 -1.10
CA LEU B 429 26.29 -5.37 -1.04
C LEU B 429 24.88 -4.83 -1.11
N SER B 430 24.69 -3.53 -0.96
CA SER B 430 23.37 -2.94 -1.14
C SER B 430 22.92 -2.98 -2.60
N TRP B 431 23.82 -3.30 -3.53
CA TRP B 431 23.48 -3.36 -4.94
C TRP B 431 22.95 -4.72 -5.36
N ASN B 432 22.85 -5.67 -4.43
CA ASN B 432 22.33 -6.99 -4.78
C ASN B 432 20.95 -6.87 -5.38
N ASN B 433 20.77 -7.45 -6.56
CA ASN B 433 19.50 -7.34 -7.28
C ASN B 433 18.64 -8.59 -7.13
N ILE B 434 19.03 -9.53 -6.26
CA ILE B 434 18.24 -10.73 -6.06
C ILE B 434 17.84 -10.84 -4.60
N ASN B 435 18.82 -10.94 -3.72
CA ASN B 435 18.59 -11.06 -2.29
C ASN B 435 19.08 -9.81 -1.58
N ARG B 436 18.19 -9.16 -0.86
CA ARG B 436 18.61 -8.06 -0.02
C ARG B 436 19.45 -8.59 1.13
N PHE B 437 20.65 -8.07 1.29
CA PHE B 437 21.48 -8.49 2.39
C PHE B 437 20.82 -8.09 3.71
N PRO B 438 20.70 -8.99 4.67
CA PRO B 438 19.79 -8.78 5.79
C PRO B 438 20.33 -7.97 6.95
N HIS B 439 21.59 -7.56 6.94
CA HIS B 439 22.19 -6.93 8.11
C HIS B 439 22.85 -5.61 7.74
N THR B 440 22.92 -4.72 8.73
CA THR B 440 23.62 -3.45 8.61
C THR B 440 24.90 -3.42 9.42
N THR B 441 24.84 -3.85 10.68
CA THR B 441 26.02 -3.97 11.52
C THR B 441 26.08 -5.40 12.03
N PHE B 442 27.22 -6.05 11.83
CA PHE B 442 27.30 -7.46 12.21
C PHE B 442 28.75 -7.85 12.46
N ASN B 443 28.92 -9.05 12.99
CA ASN B 443 30.22 -9.65 13.18
C ASN B 443 30.48 -10.58 12.00
N TRP B 444 31.43 -10.21 11.16
CA TRP B 444 31.79 -11.02 10.01
C TRP B 444 32.88 -11.99 10.45
N VAL B 445 32.59 -13.28 10.36
CA VAL B 445 33.45 -14.34 10.87
C VAL B 445 34.10 -15.06 9.70
N ALA B 446 35.42 -15.19 9.75
CA ALA B 446 36.15 -15.81 8.66
C ALA B 446 36.00 -17.33 8.72
N LEU B 447 36.72 -18.02 7.85
CA LEU B 447 36.69 -19.47 7.85
C LEU B 447 37.33 -20.03 9.12
N ASP B 448 38.38 -19.39 9.62
CA ASP B 448 39.04 -19.87 10.82
C ASP B 448 38.33 -19.47 12.10
N GLY B 449 37.35 -18.59 12.03
CA GLY B 449 36.68 -18.10 13.21
C GLY B 449 37.07 -16.69 13.63
N SER B 450 38.11 -16.12 13.03
CA SER B 450 38.43 -14.73 13.31
C SER B 450 37.28 -13.84 12.85
N GLN B 451 37.02 -12.80 13.61
CA GLN B 451 35.86 -11.95 13.36
C GLN B 451 36.27 -10.49 13.32
N VAL B 452 35.55 -9.73 12.49
CA VAL B 452 35.67 -8.28 12.44
C VAL B 452 34.28 -7.70 12.56
N ILE B 453 34.22 -6.41 12.86
CA ILE B 453 32.95 -5.70 12.91
C ILE B 453 32.71 -5.06 11.56
N CYS B 454 31.69 -5.49 10.85
CA CYS B 454 31.34 -4.93 9.57
C CYS B 454 30.13 -4.03 9.73
N HIS B 455 30.21 -2.84 9.16
CA HIS B 455 29.10 -1.90 9.14
C HIS B 455 28.83 -1.49 7.71
N MET B 456 27.58 -1.54 7.30
CA MET B 456 27.18 -1.14 5.96
C MET B 456 26.25 0.06 6.07
N PRO B 457 26.68 1.24 5.65
CA PRO B 457 25.88 2.44 5.85
C PRO B 457 24.47 2.27 5.32
N PRO B 458 23.46 2.47 6.15
CA PRO B 458 22.09 2.21 5.71
C PRO B 458 21.69 3.02 4.50
N SER B 459 22.07 4.28 4.44
CA SER B 459 22.01 5.00 3.18
C SER B 459 22.95 4.30 2.21
N GLU B 460 22.42 3.83 1.09
CA GLU B 460 23.08 2.77 0.34
C GLU B 460 24.16 3.30 -0.60
N THR B 461 24.76 4.43 -0.29
CA THR B 461 25.79 5.01 -1.13
C THR B 461 26.98 5.42 -0.29
N TYR B 462 28.15 5.42 -0.91
CA TYR B 462 29.32 6.10 -0.36
C TYR B 462 29.47 7.51 -0.92
N THR B 463 28.56 7.93 -1.80
CA THR B 463 28.57 9.27 -2.34
C THR B 463 27.25 9.96 -2.01
N ALA B 464 26.80 9.84 -0.77
CA ALA B 464 25.53 10.43 -0.39
C ALA B 464 25.56 11.92 -0.65
N GLU B 465 24.50 12.44 -1.28
CA GLU B 465 24.41 13.85 -1.57
C GLU B 465 24.09 14.67 -0.34
N ALA B 466 24.13 14.06 0.85
CA ALA B 466 23.79 14.72 2.10
C ALA B 466 22.39 15.33 2.05
N HIS B 467 21.50 14.71 1.27
CA HIS B 467 20.12 15.15 1.24
C HIS B 467 19.46 14.90 2.59
N PHE B 468 18.34 15.59 2.80
CA PHE B 468 17.50 15.27 3.94
C PHE B 468 17.05 13.82 3.89
N GLY B 469 16.73 13.34 2.69
CA GLY B 469 16.34 11.96 2.54
C GLY B 469 17.42 10.98 2.93
N ASP B 470 18.68 11.33 2.70
CA ASP B 470 19.77 10.43 3.08
C ASP B 470 19.87 10.30 4.60
N VAL B 471 19.77 11.41 5.31
CA VAL B 471 19.81 11.34 6.77
C VAL B 471 18.60 10.57 7.29
N LYS B 472 17.44 10.77 6.67
CA LYS B 472 16.26 10.01 7.08
C LYS B 472 16.44 8.53 6.83
N ARG B 473 16.99 8.16 5.68
CA ARG B 473 17.17 6.76 5.34
C ARG B 473 18.29 6.11 6.14
N SER B 474 19.19 6.90 6.72
CA SER B 474 20.22 6.32 7.57
C SER B 474 19.63 5.61 8.77
N MET B 475 18.37 5.88 9.10
CA MET B 475 17.64 5.13 10.10
C MET B 475 16.47 4.35 9.54
N SER B 476 15.80 4.88 8.52
CA SER B 476 14.64 4.16 7.99
C SER B 476 15.04 2.87 7.29
N GLN B 477 16.27 2.78 6.80
CA GLN B 477 16.75 1.58 6.11
C GLN B 477 17.75 0.80 6.92
N HIS B 478 17.96 1.16 8.18
CA HIS B 478 18.84 0.41 9.06
C HIS B 478 18.25 -0.96 9.32
N LYS B 479 19.00 -2.01 9.01
CA LYS B 479 18.50 -3.37 9.13
C LYS B 479 18.87 -4.05 10.44
N SER B 480 19.64 -3.39 11.30
CA SER B 480 20.09 -4.00 12.55
C SER B 480 19.76 -3.11 13.73
N LEU B 481 18.57 -2.51 13.71
CA LEU B 481 18.19 -1.59 14.77
C LEU B 481 18.00 -2.30 16.10
N ASP B 482 17.83 -3.62 16.10
CA ASP B 482 17.67 -4.35 17.35
C ASP B 482 18.93 -4.28 18.20
N GLN B 483 20.09 -4.38 17.57
CA GLN B 483 21.33 -4.43 18.32
C GLN B 483 21.96 -3.05 18.50
N ASP B 484 21.87 -2.19 17.48
CA ASP B 484 22.43 -0.86 17.58
C ASP B 484 21.66 0.07 16.66
N ASN B 485 21.60 1.34 17.03
CA ASN B 485 20.89 2.33 16.24
C ASN B 485 21.80 3.36 15.59
N THR B 486 23.06 3.43 15.99
CA THR B 486 23.96 4.37 15.33
C THR B 486 24.32 3.86 13.94
N SER B 487 24.67 4.80 13.07
CA SER B 487 25.03 4.46 11.71
C SER B 487 25.93 5.53 11.15
N LEU B 488 26.61 5.20 10.06
CA LEU B 488 27.57 6.10 9.42
C LEU B 488 26.98 6.61 8.11
N LEU B 489 27.05 7.92 7.92
CA LEU B 489 26.62 8.54 6.67
C LEU B 489 27.86 9.03 5.94
N VAL B 490 28.21 8.35 4.87
CA VAL B 490 29.40 8.66 4.10
C VAL B 490 28.96 9.53 2.93
N PHE B 491 29.37 10.80 2.93
CA PHE B 491 28.92 11.75 1.93
C PHE B 491 30.09 12.31 1.16
N GLY B 492 29.84 12.64 -0.09
CA GLY B 492 30.86 13.15 -0.98
C GLY B 492 30.42 12.95 -2.42
N LYS B 493 31.40 12.93 -3.31
CA LYS B 493 31.16 12.65 -4.73
C LYS B 493 32.25 11.68 -5.18
N GLY B 494 31.94 10.40 -5.21
CA GLY B 494 32.91 9.37 -5.45
C GLY B 494 33.11 9.06 -6.91
N ASP B 495 33.52 7.82 -7.17
CA ASP B 495 33.83 7.30 -8.51
C ASP B 495 34.55 8.33 -9.36
N GLY B 496 35.72 8.72 -8.90
CA GLY B 496 36.58 9.65 -9.60
C GLY B 496 36.30 11.10 -9.32
N GLY B 497 35.24 11.40 -8.59
CA GLY B 497 34.88 12.78 -8.33
C GLY B 497 35.69 13.39 -7.21
N GLY B 498 35.43 14.68 -6.98
CA GLY B 498 35.99 15.35 -5.83
C GLY B 498 35.21 15.05 -4.58
N GLY B 499 35.73 15.52 -3.45
CA GLY B 499 35.13 15.21 -2.18
C GLY B 499 33.83 15.95 -1.95
N PRO B 500 33.49 16.15 -0.69
CA PRO B 500 32.27 16.91 -0.38
C PRO B 500 32.40 18.36 -0.83
N THR B 501 31.26 18.94 -1.16
CA THR B 501 31.17 20.35 -1.47
C THR B 501 30.62 21.12 -0.28
N TRP B 502 30.71 22.44 -0.34
CA TRP B 502 30.20 23.25 0.77
C TRP B 502 28.70 23.10 0.92
N VAL B 503 28.00 22.81 -0.17
CA VAL B 503 26.56 22.62 -0.11
C VAL B 503 26.21 21.49 0.82
N GLN B 504 26.93 20.38 0.73
CA GLN B 504 26.64 19.23 1.58
C GLN B 504 26.89 19.54 3.04
N ILE B 505 27.97 20.25 3.35
CA ILE B 505 28.27 20.58 4.73
C ILE B 505 27.19 21.49 5.31
N GLU B 506 26.78 22.50 4.57
CA GLU B 506 25.71 23.37 5.05
C GLU B 506 24.41 22.61 5.21
N LYS B 507 24.12 21.68 4.31
CA LYS B 507 22.89 20.91 4.44
C LYS B 507 22.93 20.02 5.67
N LEU B 508 24.08 19.47 6.00
CA LEU B 508 24.18 18.69 7.23
C LEU B 508 23.98 19.56 8.46
N ARG B 509 24.51 20.78 8.43
CA ARG B 509 24.26 21.71 9.53
C ARG B 509 22.77 21.96 9.70
N ARG B 510 22.07 22.20 8.59
CA ARG B 510 20.64 22.42 8.67
C ARG B 510 19.91 21.19 9.20
N CYS B 511 20.35 20.01 8.78
CA CYS B 511 19.72 18.78 9.26
C CYS B 511 19.86 18.64 10.76
N ARG B 512 21.05 18.93 11.29
CA ARG B 512 21.20 18.82 12.74
C ARG B 512 20.38 19.90 13.46
N GLY B 513 20.30 21.09 12.87
CA GLY B 513 19.43 22.10 13.45
C GLY B 513 17.99 21.64 13.54
N ILE B 514 17.49 21.02 12.46
CA ILE B 514 16.14 20.48 12.47
C ILE B 514 15.98 19.45 13.58
N SER B 515 16.92 18.52 13.66
CA SER B 515 16.79 17.48 14.67
C SER B 515 16.87 18.04 16.08
N ASP B 516 17.59 19.14 16.26
CA ASP B 516 17.66 19.75 17.59
C ASP B 516 16.39 20.53 17.94
N THR B 517 15.74 21.13 16.96
CA THR B 517 14.56 21.94 17.27
C THR B 517 13.27 21.13 17.24
N VAL B 518 13.07 20.34 16.19
CA VAL B 518 11.89 19.48 16.08
C VAL B 518 12.41 18.05 15.90
N GLY B 519 12.54 17.36 17.01
CA GLY B 519 13.31 16.12 17.01
C GLY B 519 12.65 14.92 16.36
N LEU B 520 12.52 14.95 15.03
CA LEU B 520 12.06 13.77 14.31
C LEU B 520 13.13 13.16 13.41
N LEU B 521 13.98 13.98 12.82
CA LEU B 521 15.13 13.47 12.11
C LEU B 521 16.08 12.79 13.08
N PRO B 522 16.73 11.70 12.68
CA PRO B 522 17.85 11.21 13.48
C PRO B 522 18.93 12.27 13.57
N ARG B 523 19.49 12.42 14.77
CA ARG B 523 20.48 13.47 14.99
C ARG B 523 21.77 13.13 14.29
N VAL B 524 22.30 14.06 13.51
CA VAL B 524 23.51 13.85 12.73
C VAL B 524 24.65 14.59 13.41
N HIS B 525 25.84 14.03 13.36
CA HIS B 525 27.01 14.60 13.97
C HIS B 525 28.15 14.61 12.97
N MET B 526 29.00 15.63 13.06
CA MET B 526 30.01 15.81 12.02
C MET B 526 31.44 15.95 12.53
N GLY B 527 31.65 16.22 13.81
CA GLY B 527 33.01 16.41 14.24
C GLY B 527 33.77 15.15 14.59
N SER B 528 33.16 13.98 14.47
CA SER B 528 33.78 12.74 14.91
C SER B 528 34.54 12.08 13.77
N SER B 529 35.16 10.95 14.07
CA SER B 529 35.91 10.17 13.10
C SER B 529 35.31 8.78 12.99
N VAL B 530 35.78 8.04 11.99
CA VAL B 530 35.33 6.66 11.83
C VAL B 530 35.79 5.81 13.00
N ASP B 531 36.98 6.10 13.52
CA ASP B 531 37.49 5.34 14.66
C ASP B 531 36.57 5.49 15.87
N ASP B 532 36.01 6.68 16.08
CA ASP B 532 35.13 6.89 17.22
C ASP B 532 33.87 6.06 17.09
N PHE B 533 33.26 6.08 15.90
CA PHE B 533 32.05 5.32 15.67
C PHE B 533 32.29 3.83 15.85
N PHE B 534 33.40 3.34 15.32
CA PHE B 534 33.65 1.91 15.46
C PHE B 534 34.06 1.53 16.86
N ASP B 535 34.69 2.44 17.61
CA ASP B 535 34.97 2.15 19.00
C ASP B 535 33.69 2.04 19.81
N ARG B 536 32.73 2.92 19.51
CA ARG B 536 31.43 2.80 20.17
C ARG B 536 30.75 1.49 19.82
N LEU B 537 30.86 1.07 18.56
CA LEU B 537 30.29 -0.22 18.17
C LEU B 537 30.98 -1.39 18.88
N GLU B 538 32.31 -1.32 19.01
CA GLU B 538 33.10 -2.43 19.49
C GLU B 538 32.73 -2.85 20.90
N ARG B 539 32.16 -1.95 21.68
CA ARG B 539 31.93 -2.24 23.09
C ARG B 539 30.57 -2.88 23.33
N LYS B 540 29.78 -3.09 22.28
CA LYS B 540 28.55 -3.85 22.38
C LYS B 540 28.48 -4.92 21.30
N ALA B 541 29.63 -5.32 20.76
CA ALA B 541 29.66 -6.22 19.62
C ALA B 541 29.39 -7.68 19.99
N ASP B 542 29.38 -8.02 21.28
CA ASP B 542 29.07 -9.39 21.65
C ASP B 542 27.65 -9.78 21.34
N THR B 543 26.76 -8.79 21.16
CA THR B 543 25.36 -9.05 20.88
C THR B 543 25.02 -8.90 19.41
N PHE B 544 25.98 -8.57 18.56
CA PHE B 544 25.69 -8.37 17.15
C PHE B 544 25.43 -9.69 16.46
N VAL B 545 24.67 -9.61 15.37
CA VAL B 545 24.49 -10.78 14.52
C VAL B 545 25.82 -11.16 13.90
N THR B 546 26.02 -12.45 13.66
CA THR B 546 27.22 -12.94 13.02
C THR B 546 26.90 -13.43 11.61
N TRP B 547 27.86 -13.26 10.72
CA TRP B 547 27.79 -13.81 9.37
C TRP B 547 29.02 -14.67 9.16
N TYR B 548 28.82 -15.93 8.81
CA TYR B 548 29.90 -16.86 8.58
C TYR B 548 30.14 -17.03 7.09
N GLY B 549 31.39 -17.03 6.68
CA GLY B 549 31.73 -17.31 5.32
C GLY B 549 31.78 -16.07 4.44
N GLU B 550 31.80 -16.32 3.15
CA GLU B 550 31.97 -15.24 2.17
C GLU B 550 30.74 -14.35 2.14
N LEU B 551 30.99 -13.07 1.88
CA LEU B 551 29.93 -12.11 1.60
C LEU B 551 29.76 -12.06 0.10
N TYR B 552 28.91 -12.93 -0.43
CA TYR B 552 28.78 -13.03 -1.87
C TYR B 552 28.06 -11.81 -2.43
N PHE B 553 28.67 -11.19 -3.42
CA PHE B 553 28.07 -10.05 -4.11
C PHE B 553 27.31 -10.56 -5.32
N GLU B 554 26.02 -10.23 -5.39
CA GLU B 554 25.13 -10.81 -6.39
C GLU B 554 25.04 -9.96 -7.64
N LEU B 555 26.12 -9.29 -7.99
CA LEU B 555 26.18 -8.48 -9.21
C LEU B 555 27.61 -8.56 -9.73
N HIS B 556 27.78 -8.14 -10.98
CA HIS B 556 29.11 -8.08 -11.60
C HIS B 556 29.78 -9.44 -11.61
N ARG B 557 29.02 -10.48 -11.94
CA ARG B 557 29.59 -11.81 -11.99
C ARG B 557 30.41 -12.04 -13.25
N GLY B 558 30.23 -11.24 -14.29
CA GLY B 558 31.10 -11.35 -15.44
C GLY B 558 32.46 -10.77 -15.21
N THR B 559 32.66 -10.11 -14.09
CA THR B 559 33.95 -9.54 -13.73
C THR B 559 35.01 -10.62 -13.52
N TYR B 560 34.61 -11.87 -13.31
CA TYR B 560 35.59 -12.94 -13.16
C TYR B 560 36.20 -13.37 -14.49
N THR B 561 35.70 -12.88 -15.61
CA THR B 561 36.14 -13.42 -16.88
C THR B 561 36.62 -12.34 -17.85
N THR B 562 36.11 -11.13 -17.71
CA THR B 562 36.44 -10.08 -18.66
C THR B 562 37.92 -9.74 -18.60
N GLN B 563 38.49 -9.39 -19.75
CA GLN B 563 39.90 -9.03 -19.87
C GLN B 563 40.80 -10.16 -19.39
N ALA B 564 40.73 -11.28 -20.10
CA ALA B 564 41.46 -12.47 -19.68
C ALA B 564 42.95 -12.23 -19.59
N LYS B 565 43.48 -11.34 -20.43
CA LYS B 565 44.92 -11.09 -20.40
C LYS B 565 45.35 -10.55 -19.04
N ASN B 566 44.57 -9.65 -18.47
CA ASN B 566 44.93 -9.06 -17.19
C ASN B 566 44.95 -10.12 -16.08
N LYS B 567 43.95 -11.00 -16.06
CA LYS B 567 43.91 -12.02 -15.02
C LYS B 567 45.04 -13.02 -15.18
N LYS B 568 45.33 -13.42 -16.42
CA LYS B 568 46.45 -14.31 -16.64
C LYS B 568 47.75 -13.67 -16.19
N ASN B 569 47.94 -12.39 -16.52
CA ASN B 569 49.15 -11.70 -16.09
C ASN B 569 49.21 -11.60 -14.58
N ASN B 570 48.09 -11.35 -13.93
CA ASN B 570 48.10 -11.23 -12.47
C ASN B 570 48.52 -12.53 -11.82
N ARG B 571 47.95 -13.65 -12.27
CA ARG B 571 48.33 -14.92 -11.66
C ARG B 571 49.78 -15.26 -11.96
N ARG B 572 50.24 -15.03 -13.19
CA ARG B 572 51.63 -15.29 -13.51
C ARG B 572 52.56 -14.45 -12.66
N ALA B 573 52.22 -13.17 -12.46
CA ALA B 573 53.04 -12.30 -11.65
C ALA B 573 53.08 -12.75 -10.21
N GLU B 574 51.94 -13.18 -9.66
CA GLU B 574 51.92 -13.68 -8.30
C GLU B 574 52.84 -14.89 -8.14
N ALA B 575 52.71 -15.86 -9.06
CA ALA B 575 53.53 -17.07 -8.96
C ALA B 575 55.01 -16.74 -9.12
N LYS B 576 55.34 -15.89 -10.09
CA LYS B 576 56.74 -15.53 -10.30
C LYS B 576 57.31 -14.79 -9.11
N LEU B 577 56.52 -13.91 -8.50
CA LEU B 577 56.99 -13.18 -7.34
C LEU B 577 57.24 -14.11 -6.17
N ARG B 578 56.36 -15.07 -5.95
CA ARG B 578 56.59 -16.05 -4.88
C ARG B 578 57.87 -16.83 -5.14
N ASP B 579 58.04 -17.33 -6.36
CA ASP B 579 59.24 -18.08 -6.71
C ASP B 579 60.48 -17.24 -6.47
N LEU B 580 60.49 -16.00 -6.97
CA LEU B 580 61.66 -15.16 -6.88
C LEU B 580 61.96 -14.80 -5.44
N GLU B 581 60.94 -14.55 -4.63
CA GLU B 581 61.18 -14.23 -3.23
C GLU B 581 61.82 -15.40 -2.52
N LEU B 582 61.34 -16.62 -2.78
CA LEU B 582 61.96 -17.79 -2.15
C LEU B 582 63.41 -17.94 -2.58
N LEU B 583 63.67 -17.82 -3.89
CA LEU B 583 65.03 -18.01 -4.39
C LEU B 583 65.95 -16.93 -3.87
N ALA B 584 65.48 -15.69 -3.83
CA ALA B 584 66.30 -14.60 -3.33
C ALA B 584 66.56 -14.76 -1.84
N THR B 585 65.61 -15.27 -1.09
CA THR B 585 65.85 -15.54 0.32
C THR B 585 66.95 -16.57 0.49
N ILE B 586 66.87 -17.66 -0.27
CA ILE B 586 67.89 -18.70 -0.18
C ILE B 586 69.25 -18.13 -0.54
N ALA B 587 69.32 -17.35 -1.62
CA ALA B 587 70.60 -16.80 -2.05
C ALA B 587 71.15 -15.81 -1.03
N SER B 588 70.31 -14.94 -0.49
CA SER B 588 70.78 -13.93 0.44
C SER B 588 71.27 -14.56 1.74
N VAL B 589 70.59 -15.61 2.21
CA VAL B 589 71.06 -16.27 3.42
C VAL B 589 72.35 -17.04 3.13
N GLN B 590 72.44 -17.70 1.98
CA GLN B 590 73.61 -18.52 1.69
C GLN B 590 74.85 -17.67 1.49
N ASP B 591 74.77 -16.62 0.67
CA ASP B 591 75.92 -15.80 0.35
C ASP B 591 75.73 -14.41 0.91
N LYS B 592 76.70 -13.96 1.71
CA LYS B 592 76.57 -12.66 2.35
C LYS B 592 76.81 -11.51 1.38
N SER B 593 77.52 -11.75 0.28
CA SER B 593 77.83 -10.68 -0.65
C SER B 593 76.68 -10.33 -1.57
N TYR B 594 75.65 -11.17 -1.65
CA TYR B 594 74.53 -10.93 -2.54
C TYR B 594 73.48 -10.10 -1.82
N LYS B 595 73.25 -8.89 -2.32
CA LYS B 595 72.30 -8.00 -1.68
C LYS B 595 70.88 -8.36 -2.09
N TYR B 596 70.02 -8.57 -1.10
CA TYR B 596 68.63 -8.88 -1.37
C TYR B 596 67.99 -7.72 -2.10
N PRO B 597 67.41 -7.94 -3.27
CA PRO B 597 66.95 -6.82 -4.11
C PRO B 597 65.63 -6.23 -3.64
N LYS B 598 65.68 -5.43 -2.57
CA LYS B 598 64.46 -4.90 -2.00
C LYS B 598 63.87 -3.81 -2.88
N GLU B 599 64.71 -2.99 -3.51
CA GLU B 599 64.20 -1.96 -4.41
C GLU B 599 63.34 -2.57 -5.51
N GLU B 600 63.89 -3.56 -6.21
CA GLU B 600 63.18 -4.16 -7.33
C GLU B 600 61.92 -4.89 -6.86
N PHE B 601 62.02 -5.63 -5.76
CA PHE B 601 60.86 -6.34 -5.26
C PHE B 601 59.75 -5.37 -4.89
N ASP B 602 60.11 -4.26 -4.24
CA ASP B 602 59.11 -3.26 -3.91
C ASP B 602 58.48 -2.68 -5.15
N ALA B 603 59.28 -2.40 -6.18
CA ALA B 603 58.72 -1.84 -7.40
C ALA B 603 57.73 -2.80 -8.04
N MET B 604 58.13 -4.06 -8.22
CA MET B 604 57.23 -5.02 -8.86
C MET B 604 55.99 -5.27 -8.02
N TRP B 605 56.13 -5.37 -6.70
CA TRP B 605 54.96 -5.60 -5.87
C TRP B 605 54.01 -4.41 -5.93
N GLU B 606 54.55 -3.20 -5.93
CA GLU B 606 53.67 -2.03 -6.02
C GLU B 606 52.92 -2.03 -7.35
N ASN B 607 53.61 -2.35 -8.44
CA ASN B 607 52.92 -2.39 -9.72
C ASN B 607 51.84 -3.46 -9.76
N VAL B 608 52.14 -4.65 -9.23
CA VAL B 608 51.18 -5.74 -9.24
C VAL B 608 49.97 -5.37 -8.40
N LEU B 609 50.20 -4.85 -7.20
CA LEU B 609 49.11 -4.49 -6.32
C LEU B 609 48.26 -3.39 -6.94
N LEU B 610 48.88 -2.42 -7.59
CA LEU B 610 48.11 -1.39 -8.27
C LEU B 610 47.25 -1.99 -9.36
N CYS B 611 47.79 -2.92 -10.14
CA CYS B 611 46.99 -3.58 -11.16
C CYS B 611 45.90 -4.45 -10.57
N GLN B 612 45.97 -4.77 -9.28
CA GLN B 612 44.88 -5.49 -8.62
C GLN B 612 43.76 -4.59 -8.15
N PHE B 613 43.69 -3.36 -8.65
CA PHE B 613 42.66 -2.43 -8.21
C PHE B 613 41.28 -2.93 -8.59
N HIS B 614 40.27 -2.51 -7.82
CA HIS B 614 38.95 -3.11 -8.01
C HIS B 614 38.30 -2.73 -9.30
N ASP B 615 38.98 -2.06 -10.22
CA ASP B 615 38.46 -1.84 -11.55
C ASP B 615 39.44 -2.17 -12.65
N CYS B 616 40.71 -2.41 -12.34
CA CYS B 616 41.65 -2.87 -13.36
C CYS B 616 41.57 -4.37 -13.55
N LEU B 617 41.89 -5.14 -12.50
CA LEU B 617 41.82 -6.59 -12.58
C LEU B 617 40.43 -7.11 -12.93
N PRO B 618 39.34 -6.61 -12.36
CA PRO B 618 38.02 -7.12 -12.75
C PRO B 618 37.65 -6.87 -14.20
N GLY B 619 38.55 -6.23 -14.95
CA GLY B 619 38.33 -6.08 -16.38
C GLY B 619 37.18 -5.19 -16.78
N SER B 620 37.04 -4.04 -16.14
CA SER B 620 35.92 -3.15 -16.39
C SER B 620 36.40 -1.72 -16.61
N SER B 621 37.41 -1.56 -17.45
CA SER B 621 37.99 -0.25 -17.72
C SER B 621 38.08 -0.03 -19.22
N ILE B 622 38.49 1.18 -19.60
CA ILE B 622 38.62 1.56 -20.99
C ILE B 622 39.94 1.07 -21.54
N GLU B 623 40.13 1.15 -22.86
CA GLU B 623 41.32 0.56 -23.48
C GLU B 623 42.60 1.18 -22.96
N MET B 624 42.65 2.51 -22.83
CA MET B 624 43.90 3.15 -22.46
C MET B 624 44.39 2.66 -21.10
N ALA B 625 43.45 2.39 -20.18
CA ALA B 625 43.82 1.85 -18.89
C ALA B 625 44.52 0.51 -19.04
N TYR B 626 44.03 -0.33 -19.95
CA TYR B 626 44.66 -1.63 -20.12
C TYR B 626 45.96 -1.54 -20.89
N ARG B 627 46.12 -0.53 -21.74
CA ARG B 627 47.45 -0.33 -22.32
C ARG B 627 48.46 0.03 -21.25
N GLU B 628 48.08 0.91 -20.31
CA GLU B 628 49.00 1.22 -19.22
C GLU B 628 49.24 0.02 -18.32
N SER B 629 48.21 -0.77 -18.05
CA SER B 629 48.41 -1.95 -17.22
C SER B 629 49.28 -2.99 -17.91
N ASP B 630 49.15 -3.11 -19.24
CA ASP B 630 50.03 -3.99 -19.98
C ASP B 630 51.47 -3.52 -19.88
N GLN B 631 51.69 -2.21 -19.96
CA GLN B 631 53.03 -1.70 -19.78
C GLN B 631 53.55 -2.01 -18.38
N MET B 632 52.69 -1.87 -17.37
CA MET B 632 53.07 -2.16 -16.00
C MET B 632 53.50 -3.62 -15.85
N TYR B 633 52.73 -4.53 -16.42
CA TYR B 633 53.07 -5.95 -16.29
C TYR B 633 54.33 -6.29 -17.07
N ALA B 634 54.54 -5.64 -18.22
CA ALA B 634 55.78 -5.85 -18.95
C ALA B 634 56.98 -5.40 -18.13
N ASP B 635 56.86 -4.26 -17.46
CA ASP B 635 57.94 -3.81 -16.59
C ASP B 635 58.15 -4.79 -15.44
N VAL B 636 57.06 -5.31 -14.87
CA VAL B 636 57.18 -6.26 -13.78
C VAL B 636 57.94 -7.49 -14.22
N PHE B 637 57.61 -8.02 -15.40
CA PHE B 637 58.26 -9.24 -15.85
C PHE B 637 59.70 -8.99 -16.28
N SER B 638 60.02 -7.82 -16.82
CA SER B 638 61.41 -7.52 -17.12
C SER B 638 62.23 -7.42 -15.84
N THR B 639 61.70 -6.76 -14.82
CA THR B 639 62.41 -6.69 -13.54
C THR B 639 62.56 -8.07 -12.94
N ALA B 640 61.54 -8.91 -13.07
CA ALA B 640 61.64 -10.28 -12.57
C ALA B 640 62.73 -11.05 -13.30
N GLU B 641 62.85 -10.84 -14.61
CA GLU B 641 63.93 -11.49 -15.35
C GLU B 641 65.28 -11.04 -14.84
N LYS B 642 65.45 -9.75 -14.59
CA LYS B 642 66.72 -9.25 -14.07
C LYS B 642 67.04 -9.87 -12.71
N ILE B 643 66.05 -9.90 -11.83
CA ILE B 643 66.25 -10.47 -10.50
C ILE B 643 66.62 -11.93 -10.60
N MET B 644 65.91 -12.67 -11.44
CA MET B 644 66.18 -14.10 -11.57
C MET B 644 67.55 -14.35 -12.13
N LYS B 645 67.99 -13.52 -13.09
CA LYS B 645 69.35 -13.67 -13.60
C LYS B 645 70.38 -13.46 -12.51
N GLY B 646 70.20 -12.41 -11.69
CA GLY B 646 71.13 -12.19 -10.60
C GLY B 646 71.16 -13.35 -9.62
N VAL B 647 69.98 -13.83 -9.23
CA VAL B 647 69.90 -14.90 -8.25
C VAL B 647 70.51 -16.17 -8.80
N SER B 648 70.25 -16.48 -10.07
CA SER B 648 70.84 -17.66 -10.68
C SER B 648 72.35 -17.54 -10.77
N GLN B 649 72.85 -16.33 -10.99
CA GLN B 649 74.30 -16.14 -10.93
C GLN B 649 74.82 -16.49 -9.55
N VAL B 650 74.13 -16.04 -8.51
CA VAL B 650 74.61 -16.31 -7.15
C VAL B 650 74.26 -17.73 -6.72
N LEU B 651 73.02 -18.15 -6.93
CA LEU B 651 72.53 -19.40 -6.40
C LEU B 651 73.14 -20.57 -7.14
N GLY B 652 74.32 -21.00 -6.72
CA GLY B 652 75.06 -21.94 -7.53
C GLY B 652 75.30 -21.30 -8.88
N LEU B 653 74.81 -21.95 -9.93
CA LEU B 653 74.85 -21.37 -11.25
C LEU B 653 73.82 -22.09 -12.10
N GLU B 654 72.88 -21.35 -12.65
CA GLU B 654 71.76 -21.91 -13.42
C GLU B 654 71.59 -21.12 -14.69
N PRO B 655 72.53 -21.22 -15.61
CA PRO B 655 72.52 -20.30 -16.76
C PRO B 655 71.32 -20.44 -17.69
N ALA B 656 71.14 -21.60 -18.28
CA ALA B 656 70.18 -21.75 -19.37
C ALA B 656 70.04 -23.22 -19.70
N LEU B 657 69.38 -23.51 -20.82
CA LEU B 657 69.16 -24.87 -21.29
C LEU B 657 69.85 -25.08 -22.62
N ASN B 658 70.55 -26.21 -22.74
CA ASN B 658 71.28 -26.58 -23.94
C ASN B 658 70.85 -27.97 -24.39
N HIS B 659 71.61 -28.57 -25.30
CA HIS B 659 71.50 -30.01 -25.51
C HIS B 659 71.63 -30.68 -24.14
N MET B 660 70.55 -31.31 -23.68
CA MET B 660 70.48 -31.72 -22.29
C MET B 660 71.39 -32.92 -22.02
N SER B 661 71.71 -33.11 -20.75
CA SER B 661 72.62 -34.16 -20.34
C SER B 661 72.08 -35.04 -19.21
N THR B 662 70.95 -34.68 -18.60
CA THR B 662 70.29 -35.40 -17.49
C THR B 662 71.27 -35.79 -16.38
N THR B 663 72.43 -35.14 -16.34
CA THR B 663 73.31 -35.24 -15.18
C THR B 663 73.92 -33.91 -14.80
N ASN B 664 73.87 -32.90 -15.67
CA ASN B 664 74.33 -31.56 -15.34
C ASN B 664 73.19 -30.58 -15.21
N THR B 665 71.95 -31.05 -15.21
CA THR B 665 70.78 -30.19 -15.16
C THR B 665 69.91 -30.54 -13.97
N VAL B 666 69.37 -29.52 -13.33
CA VAL B 666 68.43 -29.67 -12.23
C VAL B 666 67.11 -29.05 -12.67
N ALA B 667 66.10 -29.23 -11.83
CA ALA B 667 64.79 -28.65 -12.07
C ALA B 667 64.41 -27.80 -10.87
N LEU B 668 64.02 -26.56 -11.13
CA LEU B 668 63.59 -25.68 -10.05
C LEU B 668 62.24 -26.14 -9.52
N ASN B 669 62.14 -26.26 -8.20
CA ASN B 669 60.92 -26.75 -7.57
C ASN B 669 60.01 -25.61 -7.11
N THR B 670 60.47 -24.77 -6.20
CA THR B 670 59.70 -23.65 -5.65
C THR B 670 58.37 -24.09 -5.03
N LEU B 671 58.23 -25.36 -4.68
CA LEU B 671 57.03 -25.81 -3.99
C LEU B 671 57.44 -26.57 -2.73
N PRO B 672 56.74 -26.35 -1.64
CA PRO B 672 57.20 -26.82 -0.33
C PRO B 672 56.75 -28.23 0.01
N TRP B 673 56.96 -29.18 -0.89
CA TRP B 673 56.69 -30.58 -0.61
C TRP B 673 57.47 -31.43 -1.57
N PRO B 674 57.70 -32.70 -1.25
CA PRO B 674 58.38 -33.57 -2.19
C PRO B 674 57.61 -33.65 -3.49
N ARG B 675 58.34 -33.66 -4.59
CA ARG B 675 57.76 -33.54 -5.92
C ARG B 675 58.32 -34.64 -6.80
N ARG B 676 57.50 -35.11 -7.72
CA ARG B 676 57.88 -36.20 -8.61
C ARG B 676 57.02 -36.09 -9.87
N GLU B 677 57.57 -35.53 -10.93
CA GLU B 677 56.84 -35.36 -12.17
C GLU B 677 57.69 -35.66 -13.39
N LEU B 678 57.07 -35.53 -14.56
CA LEU B 678 57.72 -35.78 -15.83
C LEU B 678 58.18 -34.46 -16.42
N VAL B 679 59.45 -34.37 -16.75
CA VAL B 679 60.01 -33.18 -17.37
C VAL B 679 60.43 -33.52 -18.78
N LYS B 680 60.46 -32.51 -19.63
CA LYS B 680 60.42 -32.66 -21.08
C LYS B 680 61.79 -32.41 -21.71
N ILE B 681 62.87 -32.84 -21.05
CA ILE B 681 64.21 -32.64 -21.59
C ILE B 681 64.37 -33.38 -22.91
N SER B 682 65.26 -32.89 -23.76
CA SER B 682 65.68 -33.62 -24.96
C SER B 682 64.46 -34.00 -25.80
N GLU B 683 63.89 -32.97 -26.43
CA GLU B 683 62.48 -32.91 -26.81
C GLU B 683 61.91 -34.23 -27.30
N LYS B 684 62.74 -35.06 -27.93
CA LYS B 684 62.29 -36.41 -28.29
C LYS B 684 62.01 -37.25 -27.04
N GLU B 685 62.88 -37.17 -26.04
CA GLU B 685 62.77 -37.99 -24.84
C GLU B 685 62.24 -37.18 -23.66
N ALA B 686 62.28 -37.76 -22.47
CA ALA B 686 61.80 -37.11 -21.26
C ALA B 686 62.41 -37.81 -20.05
N ALA B 687 62.29 -37.18 -18.90
CA ALA B 687 62.88 -37.71 -17.67
C ALA B 687 61.94 -37.48 -16.51
N VAL B 688 62.29 -38.01 -15.34
CA VAL B 688 61.50 -37.88 -14.14
C VAL B 688 62.27 -36.98 -13.18
N ALA B 689 61.68 -35.85 -12.82
CA ALA B 689 62.24 -34.95 -11.83
C ALA B 689 61.63 -35.27 -10.48
N HIS B 690 62.46 -35.69 -9.55
CA HIS B 690 62.00 -36.08 -8.23
C HIS B 690 62.94 -35.51 -7.18
N GLY B 691 62.38 -35.05 -6.07
CA GLY B 691 63.20 -34.50 -5.02
C GLY B 691 62.35 -33.80 -3.98
N THR B 692 63.02 -33.08 -3.09
CA THR B 692 62.31 -32.40 -2.02
C THR B 692 62.70 -30.94 -1.91
N GLY B 693 63.94 -30.61 -2.26
CA GLY B 693 64.42 -29.27 -2.08
C GLY B 693 63.99 -28.33 -3.19
N PRO B 694 64.59 -27.15 -3.28
CA PRO B 694 64.34 -26.28 -4.42
C PRO B 694 64.90 -26.81 -5.72
N PHE B 695 65.84 -27.74 -5.67
CA PHE B 695 66.45 -28.31 -6.88
C PHE B 695 66.23 -29.81 -6.89
N LEU B 696 65.72 -30.32 -8.00
CA LEU B 696 65.43 -31.73 -8.16
C LEU B 696 66.37 -32.34 -9.19
N LYS B 697 66.78 -33.57 -8.95
CA LYS B 697 67.57 -34.29 -9.93
C LYS B 697 66.65 -35.04 -10.89
N LEU B 698 67.22 -35.51 -11.99
CA LEU B 698 66.46 -36.23 -12.99
C LEU B 698 66.91 -37.69 -13.05
N GLN B 699 66.04 -38.54 -13.59
CA GLN B 699 66.27 -39.98 -13.60
C GLN B 699 66.44 -40.59 -14.98
N LYS B 700 65.82 -39.99 -16.00
CA LYS B 700 65.95 -40.45 -17.38
C LYS B 700 65.49 -41.91 -17.51
N LEU B 701 64.19 -42.09 -17.32
CA LEU B 701 63.58 -43.40 -17.42
C LEU B 701 63.63 -43.93 -18.86
N GLU B 702 63.68 -45.26 -18.97
CA GLU B 702 63.48 -45.94 -20.25
C GLU B 702 63.11 -47.39 -19.96
N THR B 703 61.87 -47.75 -20.23
CA THR B 703 61.36 -49.10 -19.98
C THR B 703 60.25 -49.33 -21.00
N THR B 704 59.38 -50.31 -20.75
CA THR B 704 58.18 -50.48 -21.57
C THR B 704 57.40 -49.18 -21.63
N LYS B 705 56.69 -48.98 -22.74
CA LYS B 705 56.08 -47.70 -23.03
C LYS B 705 54.82 -47.51 -22.19
N PRO B 706 54.72 -46.45 -21.39
CA PRO B 706 53.43 -46.01 -20.87
C PRO B 706 52.77 -45.14 -21.95
N LEU B 707 51.54 -44.72 -21.67
CA LEU B 707 50.86 -43.74 -22.51
C LEU B 707 50.70 -44.24 -23.95
N VAL B 708 49.85 -45.20 -24.10
CA VAL B 708 49.53 -45.64 -25.45
C VAL B 708 48.39 -44.79 -25.98
N THR B 709 48.34 -44.63 -27.30
CA THR B 709 47.22 -44.03 -27.99
C THR B 709 46.84 -44.93 -29.15
N LEU B 710 45.55 -45.19 -29.32
CA LEU B 710 45.14 -46.05 -30.42
C LEU B 710 43.82 -45.58 -31.00
N ARG B 711 43.70 -45.65 -32.32
CA ARG B 711 42.50 -45.29 -33.03
C ARG B 711 41.55 -46.47 -33.15
N GLN B 712 40.27 -46.20 -32.91
CA GLN B 712 39.24 -47.18 -33.26
C GLN B 712 38.95 -47.11 -34.75
N VAL B 713 38.37 -48.20 -35.26
CA VAL B 713 38.02 -48.28 -36.67
C VAL B 713 37.12 -47.14 -37.11
N THR B 714 36.59 -46.38 -36.16
CA THR B 714 35.78 -45.20 -36.47
C THR B 714 36.59 -44.08 -37.10
N LYS B 715 37.92 -44.18 -37.09
CA LYS B 715 38.80 -43.30 -37.86
C LYS B 715 38.82 -41.90 -37.24
N GLY B 716 37.95 -41.65 -36.28
CA GLY B 716 37.90 -40.34 -35.66
C GLY B 716 37.96 -40.38 -34.15
N ALA B 717 37.78 -41.57 -33.58
CA ALA B 717 37.78 -41.72 -32.13
C ALA B 717 39.12 -42.27 -31.68
N PHE B 718 39.57 -41.79 -30.53
CA PHE B 718 40.87 -42.17 -30.00
C PHE B 718 40.73 -42.68 -28.58
N VAL B 719 41.63 -43.57 -28.19
CA VAL B 719 41.75 -44.00 -26.81
C VAL B 719 43.15 -43.65 -26.37
N LEU B 720 43.28 -42.72 -25.43
CA LEU B 720 44.54 -42.39 -24.79
C LEU B 720 44.55 -43.12 -23.46
N GLU B 721 45.38 -44.15 -23.34
CA GLU B 721 45.40 -44.98 -22.16
C GLU B 721 46.69 -44.74 -21.40
N ASN B 722 46.54 -44.41 -20.14
CA ASN B 722 47.62 -44.21 -19.19
C ASN B 722 47.72 -45.46 -18.33
N SER B 723 48.56 -45.40 -17.29
CA SER B 723 48.50 -46.44 -16.28
C SER B 723 47.38 -46.20 -15.27
N GLN B 724 46.79 -45.01 -15.26
CA GLN B 724 45.73 -44.68 -14.33
C GLN B 724 44.45 -44.19 -14.97
N LEU B 725 44.48 -43.72 -16.21
CA LEU B 725 43.31 -43.17 -16.87
C LEU B 725 43.16 -43.77 -18.25
N ARG B 726 41.93 -43.80 -18.73
CA ARG B 726 41.62 -44.16 -20.11
C ARG B 726 40.65 -43.13 -20.64
N VAL B 727 41.05 -42.41 -21.67
CA VAL B 727 40.26 -41.31 -22.21
C VAL B 727 39.81 -41.69 -23.61
N HIS B 728 38.50 -41.80 -23.80
CA HIS B 728 37.89 -42.01 -25.11
C HIS B 728 37.50 -40.63 -25.62
N VAL B 729 38.18 -40.19 -26.68
CA VAL B 729 38.01 -38.87 -27.26
C VAL B 729 37.33 -39.03 -28.61
N GLU B 730 36.11 -38.51 -28.70
CA GLU B 730 35.35 -38.43 -29.94
C GLU B 730 35.74 -37.13 -30.64
N LYS B 731 34.92 -36.65 -31.56
CA LYS B 731 35.27 -35.49 -32.37
C LYS B 731 35.31 -34.26 -31.49
N GLY B 732 36.38 -34.17 -30.70
CA GLY B 732 36.69 -32.99 -29.93
C GLY B 732 36.32 -33.08 -28.46
N VAL B 733 35.44 -34.00 -28.09
CA VAL B 733 34.96 -34.08 -26.72
C VAL B 733 35.41 -35.39 -26.10
N ILE B 734 35.53 -35.39 -24.79
CA ILE B 734 35.89 -36.59 -24.04
C ILE B 734 34.60 -37.36 -23.80
N THR B 735 34.32 -38.33 -24.67
CA THR B 735 33.10 -39.12 -24.49
C THR B 735 33.22 -40.11 -23.35
N SER B 736 34.44 -40.48 -22.95
CA SER B 736 34.53 -41.38 -21.81
C SER B 736 35.82 -41.13 -21.06
N LEU B 737 35.77 -41.29 -19.74
CA LEU B 737 36.95 -41.10 -18.89
C LEU B 737 36.88 -42.14 -17.79
N TYR B 738 37.67 -43.19 -17.93
CA TYR B 738 37.65 -44.33 -17.02
C TYR B 738 38.87 -44.26 -16.11
N ASP B 739 38.63 -44.35 -14.81
CA ASP B 739 39.70 -44.35 -13.82
C ASP B 739 40.10 -45.78 -13.53
N LYS B 740 41.34 -46.13 -13.85
CA LYS B 740 41.77 -47.52 -13.70
C LYS B 740 42.20 -47.85 -12.28
N GLN B 741 42.26 -46.87 -11.38
CA GLN B 741 42.56 -47.15 -9.98
C GLN B 741 41.29 -47.48 -9.22
N ALA B 742 40.32 -46.58 -9.24
CA ALA B 742 38.96 -46.88 -8.80
C ALA B 742 38.15 -47.20 -10.05
N ASN B 743 37.86 -48.47 -10.27
CA ASN B 743 37.38 -48.92 -11.57
C ASN B 743 35.96 -48.39 -11.78
N ARG B 744 35.87 -47.10 -12.09
CA ARG B 744 34.59 -46.47 -12.33
C ARG B 744 34.70 -45.44 -13.42
N GLU B 745 33.58 -45.23 -14.11
CA GLU B 745 33.52 -44.22 -15.15
C GLU B 745 33.31 -42.85 -14.53
N VAL B 746 34.01 -41.86 -15.06
CA VAL B 746 33.87 -40.51 -14.55
C VAL B 746 32.80 -39.72 -15.29
N ILE B 747 32.63 -39.94 -16.58
CA ILE B 747 31.65 -39.20 -17.36
C ILE B 747 30.34 -40.00 -17.39
N PRO B 748 29.20 -39.37 -17.10
CA PRO B 748 27.94 -40.11 -17.15
C PRO B 748 27.63 -40.60 -18.55
N LYS B 749 26.83 -41.66 -18.61
CA LYS B 749 26.46 -42.25 -19.89
C LYS B 749 25.70 -41.24 -20.74
N GLY B 750 26.09 -41.13 -22.01
CA GLY B 750 25.39 -40.28 -22.95
C GLY B 750 25.82 -38.84 -22.96
N GLN B 751 26.59 -38.39 -21.98
CA GLN B 751 27.07 -37.02 -21.95
C GLN B 751 28.51 -36.97 -22.46
N LYS B 752 29.01 -35.74 -22.61
CA LYS B 752 30.32 -35.52 -23.21
C LYS B 752 31.03 -34.42 -22.45
N ALA B 753 32.18 -34.74 -21.88
CA ALA B 753 32.95 -33.79 -21.10
C ALA B 753 33.85 -32.98 -22.01
N ASN B 754 34.33 -31.86 -21.46
CA ASN B 754 35.10 -30.87 -22.20
C ASN B 754 34.33 -30.54 -23.48
N GLN B 755 33.19 -29.92 -23.26
CA GLN B 755 32.29 -29.55 -24.33
C GLN B 755 32.20 -28.03 -24.38
N TYR B 756 32.55 -27.45 -25.52
CA TYR B 756 32.48 -26.00 -25.66
C TYR B 756 31.03 -25.59 -25.86
N VAL B 757 30.56 -24.66 -25.03
CA VAL B 757 29.23 -24.13 -25.16
C VAL B 757 29.33 -22.61 -25.23
N ILE B 758 28.32 -22.01 -25.83
CA ILE B 758 28.30 -20.57 -26.01
C ILE B 758 26.94 -20.04 -25.58
N PHE B 759 26.95 -18.86 -24.96
CA PHE B 759 25.75 -18.21 -24.47
C PHE B 759 25.72 -16.79 -25.02
N ASP B 760 24.53 -16.20 -25.01
CA ASP B 760 24.39 -14.79 -25.36
C ASP B 760 24.43 -13.97 -24.09
N ASP B 761 25.37 -13.02 -24.01
CA ASP B 761 25.61 -12.34 -22.74
C ASP B 761 24.59 -11.24 -22.49
N LYS B 762 24.66 -10.16 -23.28
CA LYS B 762 23.75 -9.03 -23.26
C LYS B 762 23.21 -8.71 -21.88
N PRO B 763 24.03 -8.27 -20.94
CA PRO B 763 23.50 -7.93 -19.61
C PRO B 763 22.63 -6.69 -19.65
N LEU B 764 22.06 -6.32 -18.51
CA LEU B 764 21.06 -5.24 -18.49
C LEU B 764 21.71 -3.89 -18.78
N TYR B 765 22.58 -3.43 -17.91
CA TYR B 765 23.26 -2.17 -18.13
C TYR B 765 24.77 -2.30 -18.19
N TRP B 766 25.39 -2.88 -17.17
CA TRP B 766 26.84 -2.92 -17.05
C TRP B 766 27.37 -4.05 -17.92
N GLN B 767 27.80 -3.73 -19.13
CA GLN B 767 28.20 -4.76 -20.08
C GLN B 767 29.43 -5.52 -19.60
N ALA B 768 30.50 -4.81 -19.25
CA ALA B 768 31.73 -5.49 -18.88
C ALA B 768 31.61 -6.17 -17.54
N TRP B 769 30.73 -5.66 -16.67
CA TRP B 769 30.63 -6.20 -15.32
C TRP B 769 29.72 -7.42 -15.26
N ASP B 770 28.48 -7.26 -15.69
CA ASP B 770 27.43 -8.21 -15.37
C ASP B 770 27.34 -9.33 -16.39
N VAL B 771 27.09 -10.54 -15.90
CA VAL B 771 26.44 -11.59 -16.65
C VAL B 771 25.21 -11.99 -15.85
N GLU B 772 24.05 -11.98 -16.48
CA GLU B 772 22.81 -12.15 -15.75
C GLU B 772 22.36 -13.61 -15.81
N VAL B 773 21.40 -13.93 -14.93
CA VAL B 773 20.98 -15.31 -14.76
C VAL B 773 20.33 -15.84 -16.04
N TYR B 774 19.55 -15.00 -16.72
CA TYR B 774 18.83 -15.49 -17.89
C TYR B 774 19.77 -15.96 -18.98
N HIS B 775 21.04 -15.58 -18.94
CA HIS B 775 21.99 -16.05 -19.93
C HIS B 775 22.10 -17.56 -19.94
N LEU B 776 21.74 -18.23 -18.84
CA LEU B 776 21.82 -19.68 -18.82
C LEU B 776 20.83 -20.33 -19.77
N ASP B 777 19.82 -19.60 -20.24
CA ASP B 777 18.83 -20.22 -21.10
C ASP B 777 19.33 -20.42 -22.52
N THR B 778 20.24 -19.57 -22.98
CA THR B 778 20.67 -19.62 -24.38
C THR B 778 21.89 -20.50 -24.56
N ARG B 779 21.84 -21.72 -24.03
CA ARG B 779 22.95 -22.65 -24.19
C ARG B 779 22.99 -23.18 -25.61
N LYS B 780 24.19 -23.36 -26.13
CA LYS B 780 24.35 -23.86 -27.49
C LYS B 780 25.72 -24.53 -27.60
N GLU B 781 25.75 -25.78 -28.01
CA GLU B 781 26.97 -26.54 -28.10
C GLU B 781 27.64 -26.31 -29.45
N LEU B 782 28.97 -26.29 -29.43
CA LEU B 782 29.74 -26.14 -30.66
C LEU B 782 30.19 -27.50 -31.13
N PRO B 783 29.73 -27.97 -32.27
CA PRO B 783 29.93 -29.38 -32.62
C PRO B 783 31.09 -29.68 -33.54
N SER B 784 31.72 -28.65 -34.09
CA SER B 784 32.43 -28.81 -35.36
C SER B 784 33.76 -29.54 -35.25
N GLY B 785 34.01 -30.26 -34.16
CA GLY B 785 35.28 -30.94 -34.02
C GLY B 785 35.48 -32.04 -35.06
N GLU B 786 36.75 -32.35 -35.30
CA GLU B 786 37.15 -33.53 -36.06
C GLU B 786 38.58 -33.85 -35.67
N THR B 787 38.78 -34.92 -34.91
CA THR B 787 40.01 -35.12 -34.15
C THR B 787 41.09 -35.80 -34.98
N GLU B 788 42.35 -35.53 -34.64
CA GLU B 788 43.49 -36.17 -35.27
C GLU B 788 44.67 -36.13 -34.31
N VAL B 789 45.67 -36.97 -34.60
CA VAL B 789 46.82 -37.10 -33.72
C VAL B 789 47.68 -35.84 -33.79
N HIS B 790 48.23 -35.47 -32.64
CA HIS B 790 49.13 -34.32 -32.56
C HIS B 790 50.50 -34.69 -32.01
N GLU B 791 50.57 -35.61 -31.07
CA GLU B 791 51.85 -36.01 -30.50
C GLU B 791 51.74 -37.45 -30.00
N ASN B 792 52.74 -38.26 -30.29
CA ASN B 792 52.66 -39.69 -30.02
C ASN B 792 53.97 -40.21 -29.44
N THR B 793 54.56 -39.49 -28.50
CA THR B 793 55.79 -39.98 -27.94
C THR B 793 55.50 -41.03 -26.87
N PRO B 794 56.43 -41.96 -26.62
CA PRO B 794 56.16 -43.05 -25.68
C PRO B 794 55.96 -42.58 -24.25
N HIS B 795 56.14 -41.29 -23.99
CA HIS B 795 55.88 -40.74 -22.67
C HIS B 795 54.74 -39.73 -22.66
N ARG B 796 54.17 -39.38 -23.81
CA ARG B 796 53.10 -38.40 -23.85
C ARG B 796 52.38 -38.50 -25.18
N VAL B 797 51.06 -38.60 -25.11
CA VAL B 797 50.24 -38.62 -26.32
C VAL B 797 49.25 -37.47 -26.22
N SER B 798 48.79 -37.01 -27.38
CA SER B 798 47.88 -35.89 -27.40
C SER B 798 47.24 -35.80 -28.77
N VAL B 799 45.94 -35.58 -28.78
CA VAL B 799 45.17 -35.38 -29.99
C VAL B 799 44.76 -33.93 -30.07
N VAL B 800 44.53 -33.45 -31.28
CA VAL B 800 44.23 -32.05 -31.54
C VAL B 800 42.94 -31.96 -32.34
N THR B 801 42.12 -30.97 -32.02
CA THR B 801 40.83 -30.79 -32.67
C THR B 801 40.62 -29.31 -32.97
N ARG B 802 39.93 -29.04 -34.08
CA ARG B 802 39.55 -27.69 -34.44
C ARG B 802 38.04 -27.55 -34.37
N THR B 803 37.58 -26.53 -33.67
CA THR B 803 36.15 -26.26 -33.52
C THR B 803 35.87 -24.86 -34.02
N LYS B 804 34.86 -24.73 -34.87
CA LYS B 804 34.50 -23.45 -35.47
C LYS B 804 33.39 -22.82 -34.65
N VAL B 805 33.74 -21.81 -33.86
CA VAL B 805 32.72 -21.09 -33.09
C VAL B 805 31.75 -20.40 -34.02
N SER B 806 32.28 -19.70 -35.00
CA SER B 806 31.50 -19.01 -36.01
C SER B 806 32.48 -18.49 -37.05
N ASP B 807 31.94 -17.80 -38.06
CA ASP B 807 32.81 -17.13 -39.01
C ASP B 807 33.74 -16.19 -38.25
N LYS B 808 35.01 -16.23 -38.62
CA LYS B 808 36.08 -15.43 -38.04
C LYS B 808 36.33 -15.72 -36.56
N SER B 809 35.78 -16.81 -36.02
CA SER B 809 36.06 -17.17 -34.63
C SER B 809 36.16 -18.68 -34.52
N HIS B 810 37.31 -19.17 -34.06
CA HIS B 810 37.51 -20.61 -34.04
C HIS B 810 38.38 -21.01 -32.86
N ILE B 811 38.40 -22.31 -32.58
CA ILE B 811 39.11 -22.88 -31.44
C ILE B 811 39.94 -24.07 -31.91
N GLN B 812 41.14 -24.21 -31.37
CA GLN B 812 41.97 -25.38 -31.58
C GLN B 812 42.34 -25.95 -30.23
N THR B 813 41.90 -27.17 -29.96
CA THR B 813 42.01 -27.79 -28.64
C THR B 813 42.95 -28.98 -28.71
N ILE B 814 43.85 -29.08 -27.73
CA ILE B 814 44.75 -30.20 -27.59
C ILE B 814 44.44 -30.88 -26.27
N ILE B 815 44.14 -32.17 -26.33
CA ILE B 815 43.90 -32.99 -25.15
C ILE B 815 45.09 -33.93 -25.01
N ALA B 816 45.74 -33.89 -23.86
CA ALA B 816 46.99 -34.60 -23.66
C ALA B 816 46.95 -35.40 -22.38
N LEU B 817 47.68 -36.52 -22.40
CA LEU B 817 47.86 -37.40 -21.26
C LEU B 817 49.34 -37.65 -21.07
N ASN B 818 49.84 -37.41 -19.88
CA ASN B 818 51.24 -37.67 -19.58
C ASN B 818 51.41 -39.05 -18.97
N GLY B 819 52.62 -39.58 -19.09
CA GLY B 819 52.92 -40.85 -18.44
C GLY B 819 52.70 -40.76 -16.94
N ALA B 820 52.07 -41.79 -16.40
CA ALA B 820 51.86 -41.83 -14.97
C ALA B 820 53.18 -42.07 -14.24
N VAL B 821 53.21 -41.67 -12.97
CA VAL B 821 54.36 -41.90 -12.12
C VAL B 821 53.87 -42.53 -10.83
N GLU B 822 54.81 -43.14 -10.11
CA GLU B 822 54.46 -43.95 -8.95
C GLU B 822 53.78 -43.10 -7.89
N GLY B 823 52.55 -43.46 -7.54
CA GLY B 823 51.84 -42.83 -6.46
C GLY B 823 51.62 -41.34 -6.63
N GLU B 824 51.24 -40.94 -7.84
CA GLU B 824 50.97 -39.53 -8.11
C GLU B 824 49.82 -39.48 -9.11
N GLN B 825 48.69 -38.92 -8.70
CA GLN B 825 47.52 -38.88 -9.56
C GLN B 825 47.84 -38.12 -10.84
N SER B 826 47.42 -38.67 -11.97
CA SER B 826 47.65 -38.04 -13.26
C SER B 826 46.37 -37.38 -13.74
N TRP B 827 46.53 -36.30 -14.50
CA TRP B 827 45.42 -35.52 -14.97
C TRP B 827 45.31 -35.59 -16.49
N VAL B 828 44.16 -35.21 -17.00
CA VAL B 828 43.95 -35.00 -18.43
C VAL B 828 44.08 -33.52 -18.69
N GLU B 829 45.10 -33.12 -19.46
CA GLU B 829 45.39 -31.71 -19.66
C GLU B 829 44.80 -31.25 -20.98
N VAL B 830 44.20 -30.06 -20.99
CA VAL B 830 43.62 -29.49 -22.18
C VAL B 830 44.18 -28.10 -22.36
N GLN B 831 44.65 -27.80 -23.57
CA GLN B 831 45.05 -26.44 -23.91
C GLN B 831 44.38 -25.99 -25.19
N SER B 832 43.82 -24.79 -25.18
CA SER B 832 43.07 -24.26 -26.29
C SER B 832 43.71 -22.98 -26.79
N LYS B 833 43.92 -22.91 -28.10
CA LYS B 833 44.16 -21.66 -28.81
C LYS B 833 42.82 -21.17 -29.33
N VAL B 834 42.31 -20.09 -28.77
CA VAL B 834 41.02 -19.55 -29.17
C VAL B 834 41.26 -18.27 -29.94
N ASP B 835 40.92 -18.25 -31.22
CA ASP B 835 40.87 -17.02 -32.00
C ASP B 835 39.46 -16.47 -31.84
N TRP B 836 39.34 -15.42 -31.04
CA TRP B 836 38.07 -14.95 -30.50
C TRP B 836 37.76 -13.59 -31.08
N HIS B 837 36.64 -13.50 -31.79
CA HIS B 837 36.18 -12.25 -32.37
C HIS B 837 34.67 -12.11 -32.27
N GLU B 838 34.05 -12.78 -31.31
CA GLU B 838 32.60 -12.75 -31.19
C GLU B 838 32.13 -11.44 -30.60
N THR B 839 30.82 -11.23 -30.62
CA THR B 839 30.20 -10.03 -30.11
C THR B 839 29.12 -10.39 -29.11
N MET B 840 29.30 -9.97 -27.86
CA MET B 840 28.34 -10.23 -26.80
C MET B 840 28.05 -11.71 -26.63
N LYS B 841 29.05 -12.55 -26.85
CA LYS B 841 28.95 -13.98 -26.61
C LYS B 841 29.74 -14.34 -25.36
N PHE B 842 29.46 -15.52 -24.84
CA PHE B 842 30.10 -16.02 -23.63
C PHE B 842 30.47 -17.47 -23.87
N LEU B 843 31.75 -17.75 -24.00
CA LEU B 843 32.22 -19.09 -24.29
C LEU B 843 32.67 -19.77 -23.01
N LYS B 844 32.11 -20.94 -22.73
CA LYS B 844 32.45 -21.74 -21.57
C LYS B 844 32.71 -23.18 -22.00
N VAL B 845 33.23 -23.97 -21.07
CA VAL B 845 33.51 -25.38 -21.32
C VAL B 845 32.89 -26.18 -20.20
N GLU B 846 32.26 -27.30 -20.56
CA GLU B 846 31.44 -28.09 -19.65
C GLU B 846 32.09 -29.43 -19.39
N PHE B 847 32.04 -29.89 -18.15
CA PHE B 847 32.46 -31.23 -17.74
C PHE B 847 31.40 -31.86 -16.86
N PRO B 848 30.54 -32.72 -17.41
CA PRO B 848 29.69 -33.55 -16.55
C PRO B 848 30.53 -34.66 -15.93
N VAL B 849 30.39 -34.87 -14.61
CA VAL B 849 31.38 -35.62 -13.86
C VAL B 849 30.80 -36.80 -13.09
N ASP B 850 29.50 -37.05 -13.16
CA ASP B 850 28.90 -38.25 -12.55
C ASP B 850 29.31 -38.40 -11.09
N VAL B 851 29.21 -37.31 -10.35
CA VAL B 851 29.42 -37.31 -8.91
C VAL B 851 28.28 -36.56 -8.28
N ARG B 852 27.52 -37.23 -7.42
CA ARG B 852 26.32 -36.66 -6.85
C ARG B 852 26.65 -36.01 -5.51
N ASN B 853 26.44 -34.70 -5.43
CA ASN B 853 26.66 -33.98 -4.19
C ASN B 853 25.98 -32.63 -4.29
N THR B 854 25.46 -32.16 -3.17
CA THR B 854 24.76 -30.88 -3.13
C THR B 854 25.70 -29.71 -2.96
N GLU B 855 26.97 -29.96 -2.75
CA GLU B 855 27.96 -28.94 -2.43
C GLU B 855 29.23 -29.16 -3.23
N ALA B 856 29.80 -28.08 -3.73
CA ALA B 856 31.06 -28.12 -4.45
C ALA B 856 32.07 -27.27 -3.71
N SER B 857 33.33 -27.68 -3.77
CA SER B 857 34.41 -26.99 -3.08
C SER B 857 35.21 -26.18 -4.07
N TYR B 858 35.49 -24.93 -3.74
CA TYR B 858 36.31 -24.06 -4.55
C TYR B 858 37.44 -23.52 -3.69
N GLU B 859 38.56 -23.22 -4.35
CA GLU B 859 39.68 -22.61 -3.65
C GLU B 859 39.51 -21.10 -3.61
N THR B 860 39.76 -20.51 -2.46
CA THR B 860 39.80 -19.07 -2.34
C THR B 860 41.15 -18.69 -1.73
N ALA B 861 41.30 -17.42 -1.40
CA ALA B 861 42.51 -16.98 -0.75
C ALA B 861 42.65 -17.67 0.60
N PHE B 862 43.64 -18.54 0.73
CA PHE B 862 43.98 -19.18 2.00
C PHE B 862 42.84 -20.04 2.52
N GLY B 863 42.32 -20.91 1.69
CA GLY B 863 41.37 -21.90 2.17
C GLY B 863 40.39 -22.30 1.10
N ILE B 864 39.34 -22.99 1.57
CA ILE B 864 38.34 -23.60 0.71
C ILE B 864 36.98 -23.02 1.07
N VAL B 865 36.28 -22.53 0.07
CA VAL B 865 34.89 -22.12 0.24
C VAL B 865 34.02 -23.23 -0.33
N ARG B 866 32.80 -23.31 0.17
CA ARG B 866 31.89 -24.40 -0.15
C ARG B 866 30.57 -23.81 -0.60
N ARG B 867 30.09 -24.23 -1.76
CA ARG B 867 28.94 -23.57 -2.33
C ARG B 867 27.91 -24.56 -2.85
N PRO B 868 26.64 -24.20 -2.82
CA PRO B 868 25.59 -25.13 -3.25
C PRO B 868 25.60 -25.31 -4.75
N THR B 869 24.96 -26.38 -5.20
CA THR B 869 24.87 -26.70 -6.62
C THR B 869 23.44 -27.02 -7.01
N HIS B 870 22.45 -26.35 -6.42
CA HIS B 870 21.09 -26.80 -6.68
C HIS B 870 20.04 -25.72 -6.94
N TYR B 871 20.32 -24.44 -6.77
CA TYR B 871 19.33 -23.39 -7.03
C TYR B 871 18.06 -23.57 -6.21
N ASN B 872 18.17 -24.09 -4.99
CA ASN B 872 16.97 -24.36 -4.20
C ASN B 872 16.21 -23.08 -3.91
N THR B 873 16.88 -22.09 -3.35
CA THR B 873 16.29 -20.81 -2.99
C THR B 873 16.92 -19.72 -3.83
N SER B 874 16.41 -18.50 -3.69
CA SER B 874 17.03 -17.37 -4.36
C SER B 874 18.45 -17.15 -3.86
N TRP B 875 18.70 -17.48 -2.59
CA TRP B 875 20.05 -17.35 -2.05
C TRP B 875 21.03 -18.26 -2.74
N ASP B 876 20.55 -19.33 -3.37
CA ASP B 876 21.41 -20.22 -4.12
C ASP B 876 21.33 -19.99 -5.62
N MET B 877 20.19 -19.52 -6.12
CA MET B 877 20.10 -19.14 -7.51
C MET B 877 20.97 -17.94 -7.81
N ALA B 878 21.21 -17.08 -6.81
CA ALA B 878 22.08 -15.94 -7.00
C ALA B 878 23.53 -16.34 -7.20
N LYS B 879 23.91 -17.57 -6.90
CA LYS B 879 25.28 -18.03 -7.03
C LYS B 879 25.47 -18.89 -8.28
N PHE B 880 24.80 -18.54 -9.37
CA PHE B 880 24.91 -19.33 -10.59
C PHE B 880 26.28 -19.25 -11.22
N GLU B 881 27.13 -18.32 -10.80
CA GLU B 881 28.49 -18.24 -11.28
C GLU B 881 29.36 -17.71 -10.15
N VAL B 882 30.40 -18.45 -9.80
CA VAL B 882 31.21 -18.13 -8.63
C VAL B 882 32.66 -18.00 -9.05
N CYS B 883 33.49 -17.57 -8.11
CA CYS B 883 34.90 -17.34 -8.36
C CYS B 883 35.71 -18.40 -7.65
N ALA B 884 36.50 -19.14 -8.40
CA ALA B 884 37.41 -20.14 -7.87
C ALA B 884 38.81 -19.84 -8.37
N HIS B 885 39.80 -19.99 -7.50
CA HIS B 885 41.14 -19.51 -7.86
C HIS B 885 41.86 -20.51 -8.76
N ARG B 886 42.19 -21.68 -8.23
CA ARG B 886 43.02 -22.62 -8.97
C ARG B 886 42.39 -23.96 -9.19
N TRP B 887 41.36 -24.31 -8.44
CA TRP B 887 40.71 -25.59 -8.63
C TRP B 887 39.29 -25.51 -8.12
N ALA B 888 38.41 -26.28 -8.75
CA ALA B 888 37.05 -26.49 -8.29
C ALA B 888 36.82 -27.97 -8.20
N ASP B 889 36.35 -28.44 -7.05
CA ASP B 889 36.24 -29.86 -6.78
C ASP B 889 34.79 -30.23 -6.53
N LEU B 890 34.35 -31.32 -7.16
CA LEU B 890 33.06 -31.92 -6.89
C LEU B 890 33.32 -33.34 -6.44
N SER B 891 33.04 -33.64 -5.18
CA SER B 891 33.44 -34.92 -4.61
C SER B 891 32.31 -35.53 -3.82
N GLU B 892 32.08 -36.82 -4.02
CA GLU B 892 31.21 -37.62 -3.19
C GLU B 892 32.07 -38.25 -2.09
N TYR B 893 31.56 -39.26 -1.40
CA TYR B 893 32.23 -39.74 -0.21
C TYR B 893 33.64 -40.26 -0.51
N GLY B 894 33.77 -41.17 -1.46
CA GLY B 894 35.05 -41.80 -1.71
C GLY B 894 35.75 -41.41 -2.98
N TYR B 895 35.30 -40.38 -3.67
CA TYR B 895 35.76 -40.08 -5.02
C TYR B 895 35.37 -38.66 -5.39
N GLY B 896 36.26 -37.98 -6.11
CA GLY B 896 35.93 -36.66 -6.58
C GLY B 896 36.61 -36.36 -7.89
N VAL B 897 36.15 -35.30 -8.53
CA VAL B 897 36.76 -34.78 -9.74
C VAL B 897 37.06 -33.31 -9.51
N SER B 898 38.28 -32.89 -9.80
CA SER B 898 38.68 -31.50 -9.69
C SER B 898 39.01 -30.96 -11.07
N ILE B 899 38.40 -29.86 -11.44
CA ILE B 899 38.79 -29.10 -12.62
C ILE B 899 39.74 -28.03 -12.13
N LEU B 900 40.99 -28.10 -12.54
CA LEU B 900 41.99 -27.14 -12.07
C LEU B 900 42.58 -26.41 -13.27
N ASN B 901 42.62 -25.09 -13.18
CA ASN B 901 43.01 -24.22 -14.27
C ASN B 901 44.23 -23.41 -13.89
N ASP B 902 44.63 -22.52 -14.78
CA ASP B 902 45.77 -21.66 -14.52
C ASP B 902 45.56 -20.20 -14.87
N SER B 903 44.46 -19.85 -15.52
CA SER B 903 44.22 -18.45 -15.84
C SER B 903 42.77 -18.03 -15.72
N LYS B 904 41.87 -18.90 -15.30
CA LYS B 904 40.44 -18.61 -15.31
C LYS B 904 39.90 -18.62 -13.89
N TYR B 905 38.98 -17.71 -13.62
CA TYR B 905 38.39 -17.59 -12.29
C TYR B 905 36.91 -17.93 -12.24
N GLY B 906 36.17 -17.66 -13.32
CA GLY B 906 34.75 -17.93 -13.30
C GLY B 906 34.49 -19.42 -13.31
N PHE B 907 33.60 -19.87 -12.44
CA PHE B 907 33.24 -21.27 -12.36
C PHE B 907 31.78 -21.38 -11.98
N ALA B 908 31.16 -22.50 -12.36
CA ALA B 908 29.77 -22.73 -12.02
C ALA B 908 29.52 -24.22 -11.98
N THR B 909 29.18 -24.75 -10.81
CA THR B 909 28.78 -26.13 -10.68
C THR B 909 27.27 -26.17 -10.46
N ALA B 910 26.56 -26.86 -11.34
CA ALA B 910 25.12 -26.96 -11.28
C ALA B 910 24.74 -28.42 -11.46
N GLY B 911 24.71 -29.17 -10.37
CA GLY B 911 24.16 -30.51 -10.40
C GLY B 911 24.86 -31.44 -11.37
N GLN B 912 26.08 -31.86 -11.04
CA GLN B 912 26.85 -32.84 -11.79
C GLN B 912 27.47 -32.27 -13.05
N THR B 913 27.40 -30.97 -13.27
CA THR B 913 27.97 -30.37 -14.48
C THR B 913 28.81 -29.16 -14.08
N MET B 914 30.11 -29.37 -13.94
CA MET B 914 31.02 -28.26 -13.77
C MET B 914 31.15 -27.49 -15.08
N ARG B 915 31.30 -26.18 -14.95
CA ARG B 915 31.36 -25.30 -16.11
C ARG B 915 32.39 -24.22 -15.85
N LEU B 916 33.42 -24.18 -16.68
CA LEU B 916 34.50 -23.22 -16.54
C LEU B 916 34.29 -22.09 -17.53
N SER B 917 34.21 -20.87 -17.03
CA SER B 917 33.98 -19.70 -17.89
C SER B 917 35.28 -19.32 -18.58
N LEU B 918 35.27 -19.31 -19.91
CA LEU B 918 36.48 -19.10 -20.68
C LEU B 918 36.61 -17.67 -21.17
N LEU B 919 35.64 -17.18 -21.94
CA LEU B 919 35.83 -15.90 -22.61
C LEU B 919 34.52 -15.13 -22.68
N ARG B 920 34.62 -13.82 -22.54
CA ARG B 920 33.49 -12.92 -22.73
C ARG B 920 33.89 -11.84 -23.71
N SER B 921 32.90 -11.26 -24.38
CA SER B 921 33.14 -10.22 -25.38
C SER B 921 32.19 -9.06 -25.16
N PRO B 922 32.40 -8.28 -24.11
CA PRO B 922 31.59 -7.09 -23.89
C PRO B 922 32.08 -5.96 -24.78
N LYS B 923 31.34 -4.86 -24.77
CA LYS B 923 31.68 -3.71 -25.59
C LYS B 923 31.60 -2.36 -24.90
N ALA B 924 31.08 -2.28 -23.68
CA ALA B 924 30.72 -0.96 -23.19
C ALA B 924 31.95 -0.12 -22.83
N PRO B 925 32.76 -0.46 -21.84
CA PRO B 925 33.88 0.42 -21.54
C PRO B 925 34.98 0.24 -22.54
N ASP B 926 35.15 -0.98 -23.03
CA ASP B 926 36.15 -1.32 -24.03
C ASP B 926 35.47 -1.92 -25.23
N ALA B 927 35.75 -1.38 -26.41
CA ALA B 927 35.11 -1.85 -27.63
C ALA B 927 35.81 -3.06 -28.23
N HIS B 928 36.98 -3.42 -27.73
CA HIS B 928 37.74 -4.57 -28.23
C HIS B 928 38.26 -5.38 -27.05
N ALA B 929 37.37 -5.71 -26.13
CA ALA B 929 37.77 -6.21 -24.82
C ALA B 929 38.69 -7.41 -24.93
N ASP B 930 38.20 -8.52 -25.48
CA ASP B 930 38.96 -9.75 -25.51
C ASP B 930 39.23 -10.24 -26.93
N MET B 931 39.18 -9.35 -27.91
CA MET B 931 39.46 -9.75 -29.27
C MET B 931 40.89 -10.24 -29.40
N GLY B 932 41.07 -11.31 -30.15
CA GLY B 932 42.43 -11.74 -30.40
C GLY B 932 42.60 -13.21 -30.08
N THR B 933 43.83 -13.61 -29.85
CA THR B 933 44.16 -15.01 -29.63
C THR B 933 44.44 -15.25 -28.16
N HIS B 934 43.80 -16.26 -27.59
CA HIS B 934 43.95 -16.59 -26.19
C HIS B 934 44.47 -18.00 -26.04
N HIS B 935 45.39 -18.17 -25.10
CA HIS B 935 45.96 -19.46 -24.74
C HIS B 935 45.37 -19.85 -23.39
N ILE B 936 44.56 -20.91 -23.35
CA ILE B 936 43.88 -21.32 -22.14
C ILE B 936 44.29 -22.73 -21.80
N ARG B 937 44.49 -22.99 -20.51
CA ARG B 937 44.86 -24.32 -20.04
C ARG B 937 43.95 -24.72 -18.90
N TRP B 938 43.53 -25.98 -18.89
CA TRP B 938 42.86 -26.53 -17.73
C TRP B 938 43.14 -28.02 -17.67
N ALA B 939 42.68 -28.66 -16.61
CA ALA B 939 42.96 -30.08 -16.46
C ALA B 939 41.88 -30.73 -15.62
N ILE B 940 41.52 -31.94 -15.99
CA ILE B 940 40.58 -32.77 -15.24
C ILE B 940 41.39 -33.74 -14.40
N LEU B 941 41.13 -33.76 -13.10
CA LEU B 941 41.89 -34.57 -12.15
C LEU B 941 40.90 -35.41 -11.36
N PRO B 942 40.69 -36.67 -11.72
CA PRO B 942 39.84 -37.55 -10.92
C PRO B 942 40.66 -38.19 -9.82
N HIS B 943 40.25 -37.99 -8.58
CA HIS B 943 41.04 -38.41 -7.44
C HIS B 943 40.24 -39.32 -6.53
N GLN B 944 40.90 -40.40 -6.10
CA GLN B 944 40.34 -41.27 -5.08
C GLN B 944 40.27 -40.54 -3.75
N GLY B 945 39.26 -40.89 -2.95
CA GLY B 945 39.05 -40.23 -1.69
C GLY B 945 38.40 -38.88 -1.88
N SER B 946 37.91 -38.33 -0.79
CA SER B 946 37.29 -37.01 -0.84
C SER B 946 38.37 -35.96 -1.09
N LEU B 947 37.93 -34.71 -1.16
CA LEU B 947 38.86 -33.62 -1.40
C LEU B 947 39.94 -33.60 -0.33
N SER B 948 41.19 -33.74 -0.75
CA SER B 948 42.30 -33.89 0.17
C SER B 948 43.47 -33.09 -0.36
N HIS B 949 44.65 -33.36 0.21
CA HIS B 949 45.84 -32.63 -0.19
C HIS B 949 46.23 -32.89 -1.63
N VAL B 950 45.73 -33.97 -2.23
CA VAL B 950 46.10 -34.30 -3.60
C VAL B 950 45.68 -33.19 -4.55
N THR B 951 44.46 -32.70 -4.40
CA THR B 951 43.97 -31.64 -5.27
C THR B 951 44.76 -30.35 -5.06
N ILE B 952 45.04 -30.00 -3.81
CA ILE B 952 45.80 -28.77 -3.54
C ILE B 952 47.17 -28.84 -4.18
N ARG B 953 47.88 -29.94 -3.93
CA ARG B 953 49.23 -30.08 -4.48
C ARG B 953 49.19 -30.10 -6.00
N LYS B 954 48.20 -30.77 -6.58
CA LYS B 954 48.12 -30.85 -8.03
C LYS B 954 47.82 -29.49 -8.64
N ALA B 955 46.95 -28.70 -8.01
CA ALA B 955 46.68 -27.37 -8.53
C ALA B 955 47.92 -26.50 -8.47
N PHE B 956 48.65 -26.56 -7.37
CA PHE B 956 49.90 -25.80 -7.29
C PHE B 956 50.88 -26.24 -8.37
N GLU B 957 50.98 -27.56 -8.60
CA GLU B 957 51.90 -28.05 -9.63
C GLU B 957 51.45 -27.63 -11.01
N PHE B 958 50.14 -27.60 -11.25
CA PHE B 958 49.63 -27.20 -12.55
C PHE B 958 49.91 -25.73 -12.82
N ASN B 959 49.86 -24.89 -11.79
CA ASN B 959 50.12 -23.48 -11.99
C ASN B 959 51.61 -23.12 -11.94
N ASN B 960 52.48 -24.05 -11.56
CA ASN B 960 53.91 -23.79 -11.42
C ASN B 960 54.70 -24.90 -12.10
N PRO B 961 54.74 -24.90 -13.43
CA PRO B 961 55.52 -25.93 -14.12
C PRO B 961 56.99 -25.82 -13.78
N THR B 962 57.65 -26.96 -13.74
CA THR B 962 59.08 -26.97 -13.44
C THR B 962 59.88 -26.43 -14.62
N LYS B 963 60.93 -25.69 -14.30
CA LYS B 963 61.86 -25.16 -15.28
C LYS B 963 63.19 -25.84 -15.09
N LEU B 964 63.85 -26.19 -16.18
CA LEU B 964 65.15 -26.85 -16.10
C LEU B 964 66.26 -25.83 -16.13
N TYR B 965 67.38 -26.18 -15.50
CA TYR B 965 68.51 -25.27 -15.39
C TYR B 965 69.79 -26.08 -15.35
N SER B 966 70.72 -25.78 -16.25
CA SER B 966 72.00 -26.45 -16.20
C SER B 966 72.82 -25.91 -15.04
N SER B 967 73.89 -26.62 -14.70
CA SER B 967 74.75 -26.18 -13.62
C SER B 967 76.13 -26.78 -13.80
N PRO B 968 77.19 -26.07 -13.46
CA PRO B 968 78.54 -26.68 -13.53
C PRO B 968 78.66 -27.91 -12.64
N ASP B 969 78.05 -27.90 -11.47
CA ASP B 969 78.07 -29.03 -10.54
C ASP B 969 76.65 -29.30 -10.04
N ALA B 970 75.90 -30.06 -10.83
CA ALA B 970 74.55 -30.44 -10.42
C ALA B 970 74.54 -31.77 -9.68
N ALA B 971 75.42 -31.90 -8.74
CA ALA B 971 75.39 -33.02 -7.80
C ALA B 971 75.48 -32.55 -6.36
N ALA B 972 76.29 -31.53 -6.09
CA ALA B 972 76.26 -30.91 -4.78
C ALA B 972 74.96 -30.14 -4.57
N LEU B 973 74.48 -29.49 -5.62
CA LEU B 973 73.25 -28.72 -5.50
C LEU B 973 72.06 -29.60 -5.16
N VAL B 974 71.95 -30.74 -5.82
CA VAL B 974 70.83 -31.64 -5.57
C VAL B 974 70.95 -32.30 -4.20
N ALA B 975 72.15 -32.77 -3.86
CA ALA B 975 72.32 -33.55 -2.65
C ALA B 975 72.19 -32.73 -1.38
N ALA B 976 72.34 -31.41 -1.48
CA ALA B 976 72.26 -30.57 -0.30
C ALA B 976 70.85 -30.61 0.28
N PRO B 977 70.70 -30.66 1.60
CA PRO B 977 69.37 -30.66 2.18
C PRO B 977 68.67 -29.34 1.92
N PRO B 978 67.34 -29.35 1.84
CA PRO B 978 66.62 -28.11 1.51
C PRO B 978 66.80 -27.08 2.62
N PRO B 979 66.67 -25.81 2.30
CA PRO B 979 66.79 -24.78 3.33
C PRO B 979 65.67 -24.82 4.36
N VAL B 980 64.42 -24.84 3.90
CA VAL B 980 63.26 -24.94 4.78
C VAL B 980 62.33 -26.00 4.21
N TRP B 981 61.90 -26.94 5.05
CA TRP B 981 60.96 -27.95 4.59
C TRP B 981 60.11 -28.41 5.74
N LEU B 982 59.10 -29.20 5.42
CA LEU B 982 58.23 -29.81 6.41
C LEU B 982 58.52 -31.31 6.45
N THR B 983 58.55 -31.86 7.66
CA THR B 983 58.83 -33.28 7.79
C THR B 983 57.74 -34.09 7.09
N PRO B 984 58.09 -35.22 6.50
CA PRO B 984 57.07 -36.03 5.82
C PRO B 984 55.96 -36.49 6.75
N ASP B 985 56.26 -36.73 8.03
CA ASP B 985 55.23 -37.14 8.97
C ASP B 985 54.30 -36.00 9.37
N SER B 986 54.62 -34.77 9.00
CA SER B 986 53.73 -33.67 9.30
C SER B 986 52.47 -33.76 8.46
N SER B 987 51.45 -33.02 8.87
CA SER B 987 50.17 -33.08 8.19
C SER B 987 50.31 -32.56 6.77
N PRO B 988 49.81 -33.28 5.76
CA PRO B 988 49.92 -32.80 4.39
C PRO B 988 49.08 -31.58 4.10
N ALA B 989 48.15 -31.22 4.97
CA ALA B 989 47.31 -30.06 4.73
C ALA B 989 48.06 -28.75 4.85
N ILE B 990 49.25 -28.74 5.41
CA ILE B 990 50.01 -27.50 5.59
C ILE B 990 50.67 -27.13 4.29
N VAL B 991 50.46 -25.89 3.85
CA VAL B 991 51.13 -25.32 2.69
C VAL B 991 52.03 -24.22 3.20
N LEU B 992 53.35 -24.40 2.99
CA LEU B 992 54.35 -23.39 3.34
C LEU B 992 54.42 -22.41 2.18
N ASP B 993 53.45 -21.49 2.15
CA ASP B 993 53.18 -20.76 0.92
C ASP B 993 54.37 -19.91 0.50
N THR B 994 54.89 -19.08 1.40
CA THR B 994 55.97 -18.19 1.05
C THR B 994 57.09 -18.24 2.07
N VAL B 995 58.32 -18.15 1.57
CA VAL B 995 59.49 -17.83 2.35
C VAL B 995 59.99 -16.49 1.88
N LYS B 996 60.16 -15.56 2.80
CA LYS B 996 60.47 -14.18 2.44
C LYS B 996 61.36 -13.60 3.51
N ARG B 997 62.32 -12.78 3.11
CA ARG B 997 63.19 -12.15 4.08
C ARG B 997 62.46 -11.01 4.77
N GLY B 998 62.82 -10.78 6.03
CA GLY B 998 62.11 -9.80 6.83
C GLY B 998 62.20 -8.41 6.25
N GLU B 999 61.20 -7.61 6.56
CA GLU B 999 61.10 -6.28 5.96
C GLU B 999 62.10 -5.30 6.54
N ASP B 1000 62.68 -5.60 7.70
CA ASP B 1000 63.58 -4.68 8.39
C ASP B 1000 64.75 -5.49 8.95
N ASP B 1001 65.82 -5.62 8.16
CA ASP B 1001 66.93 -6.47 8.56
C ASP B 1001 68.28 -5.77 8.44
N GLU B 1002 68.31 -4.44 8.48
CA GLU B 1002 69.57 -3.69 8.51
C GLU B 1002 70.32 -3.83 7.18
N ASP B 1003 69.83 -4.68 6.29
CA ASP B 1003 70.33 -4.74 4.94
C ASP B 1003 69.20 -4.91 3.92
N VAL B 1004 67.95 -4.79 4.36
CA VAL B 1004 66.80 -4.90 3.50
C VAL B 1004 65.92 -3.70 3.82
N SER B 1005 66.35 -2.91 4.81
CA SER B 1005 65.45 -1.98 5.48
C SER B 1005 64.91 -0.92 4.53
N ARG B 1006 65.77 -0.32 3.71
CA ARG B 1006 65.48 0.85 2.89
C ARG B 1006 65.30 2.11 3.72
N GLY B 1007 65.37 2.04 5.04
CA GLY B 1007 65.29 3.20 5.88
C GLY B 1007 63.91 3.76 6.11
N GLU B 1008 62.86 3.12 5.60
CA GLU B 1008 61.52 3.63 5.79
C GLU B 1008 61.11 3.60 7.25
N LEU B 1009 61.44 2.52 7.95
CA LEU B 1009 61.04 2.29 9.32
C LEU B 1009 62.24 1.82 10.12
N PRO B 1010 62.19 1.91 11.45
CA PRO B 1010 63.32 1.41 12.25
C PRO B 1010 63.59 -0.06 11.97
N ALA B 1011 64.86 -0.42 11.92
CA ALA B 1011 65.28 -1.72 11.44
C ALA B 1011 65.80 -2.57 12.59
N ARG B 1012 65.56 -3.88 12.49
CA ARG B 1012 66.12 -4.84 13.42
C ARG B 1012 67.55 -5.16 13.04
N LYS B 1013 68.24 -5.89 13.92
CA LYS B 1013 69.68 -6.04 13.78
C LYS B 1013 70.05 -7.13 12.79
N GLY B 1014 69.72 -8.37 13.08
CA GLY B 1014 70.23 -9.49 12.33
C GLY B 1014 69.43 -9.80 11.08
N GLN B 1015 69.77 -10.93 10.47
CA GLN B 1015 69.01 -11.43 9.35
C GLN B 1015 67.80 -12.21 9.84
N SER B 1016 66.67 -12.05 9.17
CA SER B 1016 65.45 -12.74 9.55
C SER B 1016 64.75 -13.24 8.30
N VAL B 1017 64.01 -14.33 8.47
CA VAL B 1017 63.26 -14.96 7.39
C VAL B 1017 61.82 -15.12 7.87
N ILE B 1018 60.87 -14.77 7.01
CA ILE B 1018 59.46 -14.86 7.35
C ILE B 1018 58.86 -16.03 6.57
N LEU B 1019 58.26 -16.97 7.29
CA LEU B 1019 57.51 -18.06 6.69
C LEU B 1019 56.04 -17.83 6.90
N ARG B 1020 55.25 -17.91 5.84
CA ARG B 1020 53.80 -17.92 5.94
C ARG B 1020 53.32 -19.30 5.56
N MET B 1021 52.79 -20.02 6.52
CA MET B 1021 52.22 -21.33 6.28
C MET B 1021 50.76 -21.29 6.67
N TYR B 1022 49.93 -21.91 5.84
CA TYR B 1022 48.51 -21.99 6.14
C TYR B 1022 48.05 -23.40 5.84
N ASP B 1023 47.08 -23.88 6.59
CA ASP B 1023 46.48 -25.15 6.25
C ASP B 1023 45.38 -24.91 5.22
N SER B 1024 45.33 -25.78 4.23
CA SER B 1024 44.45 -25.54 3.09
C SER B 1024 43.18 -26.35 3.15
N LEU B 1025 43.06 -27.29 4.08
CA LEU B 1025 41.96 -28.23 4.06
C LEU B 1025 40.94 -28.00 5.16
N GLY B 1026 41.30 -27.28 6.21
CA GLY B 1026 40.34 -26.94 7.24
C GLY B 1026 40.32 -27.85 8.44
N GLY B 1027 41.41 -28.55 8.73
CA GLY B 1027 41.49 -29.34 9.92
C GLY B 1027 42.76 -29.01 10.68
N LEU B 1028 42.72 -29.26 11.99
CA LEU B 1028 43.88 -28.99 12.84
C LEU B 1028 45.10 -29.68 12.26
N ALA B 1029 46.11 -28.90 11.91
CA ALA B 1029 47.27 -29.41 11.22
C ALA B 1029 48.50 -29.31 12.11
N ARG B 1030 49.15 -30.45 12.33
CA ARG B 1030 50.39 -30.52 13.09
C ARG B 1030 51.53 -30.63 12.10
N GLY B 1031 52.61 -29.89 12.35
CA GLY B 1031 53.74 -29.95 11.46
C GLY B 1031 55.03 -29.71 12.22
N THR B 1032 56.13 -30.15 11.60
CA THR B 1032 57.46 -29.87 12.09
C THR B 1032 58.23 -29.24 10.96
N VAL B 1033 58.75 -28.04 11.18
CA VAL B 1033 59.49 -27.30 10.17
C VAL B 1033 60.97 -27.51 10.44
N VAL B 1034 61.69 -27.98 9.44
CA VAL B 1034 63.11 -28.24 9.54
C VAL B 1034 63.85 -27.21 8.71
N THR B 1035 64.88 -26.62 9.29
CA THR B 1035 65.72 -25.65 8.61
C THR B 1035 67.18 -26.04 8.78
N THR B 1036 67.96 -25.86 7.72
CA THR B 1036 69.40 -26.03 7.83
C THR B 1036 70.12 -24.75 8.18
N TRP B 1037 69.42 -23.62 8.21
CA TRP B 1037 70.04 -22.37 8.58
C TRP B 1037 70.37 -22.37 10.07
N PRO B 1038 71.44 -21.72 10.47
CA PRO B 1038 71.75 -21.64 11.91
C PRO B 1038 70.79 -20.70 12.60
N LEU B 1039 69.88 -21.28 13.38
CA LEU B 1039 68.77 -20.54 13.96
C LEU B 1039 69.18 -19.92 15.29
N LYS B 1040 68.78 -18.67 15.49
CA LYS B 1040 68.99 -18.01 16.78
C LYS B 1040 67.72 -17.90 17.59
N LYS B 1041 66.59 -17.60 16.96
CA LYS B 1041 65.32 -17.66 17.67
C LYS B 1041 64.18 -17.74 16.66
N VAL B 1042 63.01 -18.15 17.14
CA VAL B 1042 61.81 -18.25 16.32
C VAL B 1042 60.67 -17.60 17.09
N CYS B 1043 59.86 -16.82 16.40
CA CYS B 1043 58.71 -16.21 17.03
C CYS B 1043 57.53 -16.22 16.08
N LYS B 1044 56.33 -16.16 16.64
CA LYS B 1044 55.12 -15.99 15.84
C LYS B 1044 54.91 -14.51 15.61
N VAL B 1045 54.58 -14.16 14.36
CA VAL B 1045 54.37 -12.77 14.00
C VAL B 1045 53.04 -12.64 13.29
N ASN B 1046 52.54 -11.43 13.22
CA ASN B 1046 51.35 -11.14 12.45
C ASN B 1046 51.77 -10.74 11.03
N LEU B 1047 50.83 -10.28 10.22
CA LEU B 1047 51.14 -9.97 8.84
C LEU B 1047 52.12 -8.81 8.72
N LEU B 1048 52.13 -7.90 9.69
CA LEU B 1048 53.03 -6.77 9.66
C LEU B 1048 54.36 -7.08 10.32
N GLU B 1049 54.59 -8.34 10.70
CA GLU B 1049 55.85 -8.80 11.26
C GLU B 1049 56.14 -8.11 12.60
N ASP B 1050 55.18 -8.26 13.52
CA ASP B 1050 55.34 -7.84 14.90
C ASP B 1050 55.28 -9.08 15.78
N ASP B 1051 56.28 -9.25 16.63
CA ASP B 1051 56.40 -10.49 17.40
C ASP B 1051 55.22 -10.68 18.33
N LEU B 1052 54.77 -11.91 18.45
CA LEU B 1052 53.65 -12.25 19.32
C LEU B 1052 54.07 -13.15 20.48
N GLU B 1053 54.62 -14.33 20.21
CA GLU B 1053 55.22 -15.12 21.27
C GLU B 1053 56.36 -15.94 20.71
N VAL B 1054 57.26 -16.32 21.59
CA VAL B 1054 58.39 -17.15 21.22
C VAL B 1054 57.94 -18.60 21.18
N VAL B 1055 58.40 -19.35 20.18
CA VAL B 1055 58.11 -20.78 20.12
C VAL B 1055 59.40 -21.54 20.39
N PRO B 1056 59.34 -22.74 20.95
CA PRO B 1056 60.56 -23.49 21.23
C PRO B 1056 61.05 -24.23 20.00
N TRP B 1057 62.37 -24.35 19.90
CA TRP B 1057 63.00 -25.03 18.78
C TRP B 1057 64.15 -25.88 19.31
N GLU B 1058 64.45 -26.96 18.59
CA GLU B 1058 65.34 -28.00 19.09
C GLU B 1058 66.64 -28.08 18.29
N ASN B 1059 66.56 -28.36 17.00
CA ASN B 1059 67.73 -28.45 16.13
C ASN B 1059 67.38 -27.79 14.79
N GLY B 1060 66.77 -26.62 14.86
CA GLY B 1060 66.08 -26.11 13.70
C GLY B 1060 64.87 -26.95 13.38
N ARG B 1061 64.10 -27.34 14.39
CA ARG B 1061 62.98 -28.24 14.22
C ARG B 1061 61.79 -27.79 15.05
N PHE B 1062 61.46 -26.50 14.99
CA PHE B 1062 60.30 -26.05 15.73
C PHE B 1062 59.03 -26.64 15.15
N THR B 1063 58.04 -26.85 16.02
CA THR B 1063 56.78 -27.45 15.62
C THR B 1063 55.70 -26.39 15.49
N VAL B 1064 54.77 -26.62 14.59
CA VAL B 1064 53.68 -25.70 14.31
C VAL B 1064 52.36 -26.42 14.49
N GLU B 1065 51.41 -25.75 15.13
CA GLU B 1065 50.03 -26.21 15.25
C GLU B 1065 49.13 -25.16 14.61
N LEU B 1066 48.39 -25.55 13.60
CA LEU B 1066 47.54 -24.64 12.86
C LEU B 1066 46.09 -25.01 13.12
N ARG B 1067 45.32 -24.04 13.61
CA ARG B 1067 43.89 -24.20 13.66
C ARG B 1067 43.33 -24.24 12.25
N PRO B 1068 42.13 -24.75 12.06
CA PRO B 1068 41.57 -24.84 10.71
C PRO B 1068 41.58 -23.49 10.00
N PHE B 1069 42.08 -23.49 8.77
CA PHE B 1069 42.10 -22.32 7.91
C PHE B 1069 42.86 -21.15 8.54
N GLU B 1070 43.91 -21.45 9.30
CA GLU B 1070 44.72 -20.43 9.92
C GLU B 1070 45.91 -20.08 9.03
N VAL B 1071 46.40 -18.85 9.18
CA VAL B 1071 47.45 -18.31 8.31
C VAL B 1071 48.67 -17.90 9.13
N ALA B 1072 49.00 -18.68 10.15
CA ALA B 1072 50.11 -18.35 11.03
C ALA B 1072 51.38 -18.00 10.26
N SER B 1073 52.15 -17.06 10.79
CA SER B 1073 53.40 -16.61 10.21
C SER B 1073 54.50 -16.65 11.26
N TYR B 1074 55.68 -17.08 10.86
CA TYR B 1074 56.80 -17.26 11.76
C TYR B 1074 57.99 -16.44 11.29
N ARG B 1075 58.67 -15.81 12.24
CA ARG B 1075 59.93 -15.13 11.99
C ARG B 1075 61.06 -15.98 12.55
N LEU B 1076 62.01 -16.31 11.70
CA LEU B 1076 63.21 -17.05 12.06
C LEU B 1076 64.36 -16.04 12.07
N VAL B 1077 64.89 -15.75 13.25
CA VAL B 1077 66.05 -14.90 13.37
C VAL B 1077 67.28 -15.79 13.36
N LEU B 1078 68.13 -15.61 12.36
CA LEU B 1078 69.32 -16.41 12.15
C LEU B 1078 70.51 -15.82 12.89
N ALA B 1079 71.54 -16.63 13.05
CA ALA B 1079 72.75 -16.20 13.74
C ALA B 1079 73.62 -15.35 12.81
N LEU B 1122 46.57 27.41 18.25
CA LEU B 1122 46.19 27.22 19.65
C LEU B 1122 46.54 25.81 20.07
N GLU B 1123 47.33 25.67 21.13
CA GLU B 1123 47.77 24.39 21.63
C GLU B 1123 47.21 24.16 23.02
N ALA B 1124 47.05 22.88 23.38
CA ALA B 1124 46.59 22.50 24.70
C ALA B 1124 47.11 21.11 25.01
N THR B 1125 47.43 20.88 26.27
CA THR B 1125 47.95 19.59 26.69
C THR B 1125 47.24 19.13 27.96
N PHE B 1126 47.19 17.82 28.14
CA PHE B 1126 46.51 17.21 29.27
C PHE B 1126 47.44 17.12 30.46
N VAL B 1127 46.87 17.21 31.66
CA VAL B 1127 47.66 17.12 32.87
C VAL B 1127 47.15 16.01 33.77
N ARG B 1128 45.90 16.13 34.21
CA ARG B 1128 45.29 15.11 35.06
C ARG B 1128 43.78 15.30 35.05
N ASP B 1129 43.09 14.39 35.74
CA ASP B 1129 41.64 14.43 35.85
C ASP B 1129 41.25 13.70 37.13
N THR B 1130 39.98 13.84 37.51
CA THR B 1130 39.54 13.32 38.81
C THR B 1130 39.38 11.82 38.81
N VAL B 1131 38.50 11.28 37.98
CA VAL B 1131 38.26 9.85 37.93
C VAL B 1131 39.13 9.25 36.84
N GLN B 1132 39.96 8.28 37.21
CA GLN B 1132 40.93 7.70 36.30
C GLN B 1132 40.22 6.85 35.26
N ASP B 1133 41.02 6.21 34.40
CA ASP B 1133 40.48 5.28 33.43
C ASP B 1133 40.16 3.94 34.09
N GLY B 1134 39.05 3.34 33.67
CA GLY B 1134 38.71 2.02 34.16
C GLY B 1134 38.22 1.98 35.59
N THR B 1135 37.72 3.10 36.12
CA THR B 1135 37.11 3.07 37.43
C THR B 1135 35.68 2.54 37.32
N VAL B 1136 35.20 1.95 38.40
CA VAL B 1136 33.93 1.23 38.40
C VAL B 1136 32.85 2.10 39.03
N LEU B 1137 31.67 2.10 38.42
CA LEU B 1137 30.57 2.98 38.81
C LEU B 1137 29.28 2.19 38.90
N ALA B 1138 28.32 2.75 39.62
CA ALA B 1138 27.00 2.15 39.72
C ALA B 1138 26.32 2.16 38.35
N PRO B 1139 25.34 1.27 38.14
CA PRO B 1139 24.73 1.17 36.81
C PRO B 1139 24.16 2.47 36.28
N ASN B 1140 23.56 3.29 37.12
CA ASN B 1140 22.95 4.55 36.67
C ASN B 1140 23.38 5.69 37.57
N HIS B 1141 24.69 5.79 37.82
CA HIS B 1141 25.22 6.82 38.68
C HIS B 1141 25.28 8.16 37.95
N LEU B 1142 25.36 9.22 38.73
CA LEU B 1142 25.51 10.59 38.24
C LEU B 1142 26.85 11.10 38.73
N PHE B 1143 27.74 11.45 37.81
CA PHE B 1143 29.09 11.84 38.20
C PHE B 1143 29.56 12.96 37.27
N GLU B 1144 30.76 13.47 37.54
CA GLU B 1144 31.33 14.57 36.79
C GLU B 1144 32.79 14.27 36.46
N GLN B 1145 33.18 14.61 35.24
CA GLN B 1145 34.55 14.40 34.77
C GLN B 1145 35.24 15.75 34.65
N THR B 1146 36.37 15.91 35.32
CA THR B 1146 37.07 17.18 35.40
C THR B 1146 38.50 17.00 34.89
N TRP B 1147 38.76 17.49 33.68
CA TRP B 1147 40.12 17.54 33.21
C TRP B 1147 40.79 18.84 33.65
N VAL B 1148 42.12 18.84 33.66
CA VAL B 1148 42.88 20.09 33.77
C VAL B 1148 43.82 20.17 32.59
N LEU B 1149 43.81 21.29 31.89
CA LEU B 1149 44.60 21.46 30.69
C LEU B 1149 45.52 22.66 30.80
N ARG B 1150 46.76 22.48 30.37
CA ARG B 1150 47.75 23.55 30.30
C ARG B 1150 47.82 24.05 28.86
N ASN B 1151 48.20 25.32 28.71
CA ASN B 1151 48.19 25.92 27.38
C ASN B 1151 49.38 25.45 26.54
N THR B 1152 50.60 25.75 26.98
CA THR B 1152 51.82 25.37 26.27
C THR B 1152 51.76 25.80 24.81
N GLY B 1153 51.30 27.03 24.57
CA GLY B 1153 51.25 27.57 23.24
C GLY B 1153 51.52 29.06 23.26
N LYS B 1154 51.97 29.57 22.12
CA LYS B 1154 52.27 31.00 22.04
C LYS B 1154 50.99 31.84 22.14
N VAL B 1155 49.99 31.49 21.34
CA VAL B 1155 48.73 32.23 21.30
C VAL B 1155 47.95 31.98 22.59
N ALA B 1156 46.87 32.72 22.78
CA ALA B 1156 46.03 32.60 23.96
C ALA B 1156 44.65 32.07 23.60
N TRP B 1157 44.07 31.33 24.54
CA TRP B 1157 42.76 30.74 24.33
C TRP B 1157 41.68 31.82 24.39
N PRO B 1158 40.74 31.82 23.47
CA PRO B 1158 39.62 32.76 23.57
C PRO B 1158 38.78 32.55 24.82
N ALA B 1159 37.72 33.34 24.96
CA ALA B 1159 36.99 33.39 26.24
C ALA B 1159 36.33 32.05 26.56
N GLY B 1160 35.55 31.50 25.64
CA GLY B 1160 34.75 30.33 25.94
C GLY B 1160 35.52 29.05 26.16
N CYS B 1161 36.09 28.50 25.09
CA CYS B 1161 37.03 27.37 25.13
C CYS B 1161 36.53 26.24 26.04
N SER B 1162 35.45 25.59 25.60
CA SER B 1162 34.84 24.49 26.34
C SER B 1162 35.15 23.15 25.67
N VAL B 1163 34.66 22.08 26.29
CA VAL B 1163 34.81 20.71 25.78
C VAL B 1163 33.46 20.26 25.24
N LYS B 1164 33.44 19.73 24.01
CA LYS B 1164 32.17 19.59 23.31
C LYS B 1164 32.04 18.26 22.56
N PHE B 1165 32.43 17.15 23.20
CA PHE B 1165 31.93 15.81 22.91
C PHE B 1165 31.88 15.48 21.41
N VAL B 1166 33.05 15.24 20.85
CA VAL B 1166 33.11 14.79 19.45
C VAL B 1166 33.27 13.28 19.39
N GLY B 1167 32.85 12.57 20.43
CA GLY B 1167 33.23 11.18 20.58
C GLY B 1167 32.17 10.10 20.34
N GLY B 1168 32.30 9.01 21.10
CA GLY B 1168 31.53 7.80 20.88
C GLY B 1168 30.38 7.59 21.86
N ASP B 1169 30.63 6.78 22.90
CA ASP B 1169 29.58 6.44 23.85
C ASP B 1169 29.06 7.67 24.57
N TYR B 1170 27.84 8.08 24.24
CA TYR B 1170 27.26 9.28 24.85
C TYR B 1170 26.87 9.00 26.28
N MET B 1171 27.18 9.95 27.16
CA MET B 1171 26.96 9.78 28.59
C MET B 1171 26.33 11.04 29.20
N GLY B 1172 25.64 11.83 28.39
CA GLY B 1172 25.13 13.11 28.82
C GLY B 1172 24.02 13.10 29.85
N ARG B 1173 23.31 14.22 29.96
CA ARG B 1173 22.23 14.42 30.93
C ARG B 1173 22.74 14.29 32.37
N VAL B 1174 23.60 15.24 32.71
CA VAL B 1174 24.06 15.49 34.08
C VAL B 1174 24.52 14.27 34.84
N ALA B 1197 39.83 33.85 29.42
CA ALA B 1197 41.00 33.46 28.64
C ALA B 1197 42.09 32.91 29.54
N VAL B 1198 43.03 32.16 28.93
CA VAL B 1198 44.08 31.48 29.69
C VAL B 1198 45.44 31.82 29.12
N GLN B 1199 46.28 32.47 29.91
CA GLN B 1199 47.59 32.87 29.44
C GLN B 1199 48.42 31.63 29.12
N PRO B 1200 49.39 31.76 28.20
CA PRO B 1200 50.24 30.61 27.86
C PRO B 1200 50.92 29.91 29.02
N GLY B 1201 50.77 30.44 30.23
CA GLY B 1201 51.40 29.82 31.38
C GLY B 1201 50.54 28.83 32.15
N GLU B 1202 49.34 29.26 32.56
CA GLU B 1202 48.64 28.55 33.62
C GLU B 1202 47.72 27.47 33.07
N GLU B 1203 46.97 26.84 33.99
CA GLU B 1203 46.18 25.66 33.73
C GLU B 1203 44.72 25.93 34.07
N ALA B 1204 43.82 25.44 33.21
CA ALA B 1204 42.40 25.64 33.37
C ALA B 1204 41.70 24.31 33.59
N PRO B 1205 40.84 24.18 34.59
CA PRO B 1205 40.04 22.97 34.73
C PRO B 1205 38.71 23.07 34.01
N PHE B 1206 38.31 21.98 33.37
CA PHE B 1206 37.04 21.88 32.67
C PHE B 1206 36.25 20.71 33.23
N THR B 1207 34.93 20.87 33.28
CA THR B 1207 34.05 19.90 33.90
C THR B 1207 32.93 19.56 32.95
N VAL B 1208 32.57 18.28 32.91
CA VAL B 1208 31.38 17.82 32.22
C VAL B 1208 30.59 16.95 33.19
N LEU B 1209 29.28 16.92 32.99
CA LEU B 1209 28.37 16.17 33.85
C LEU B 1209 27.84 14.98 33.06
N LEU B 1210 27.98 13.78 33.64
CA LEU B 1210 27.68 12.56 32.91
C LEU B 1210 26.90 11.59 33.79
N ARG B 1211 26.26 10.63 33.12
CA ARG B 1211 25.55 9.54 33.76
C ARG B 1211 25.97 8.23 33.11
N THR B 1212 25.95 7.15 33.89
CA THR B 1212 26.35 5.87 33.33
C THR B 1212 25.16 5.21 32.64
N PRO B 1213 25.37 4.54 31.51
CA PRO B 1213 24.23 4.00 30.75
C PRO B 1213 23.57 2.81 31.42
N TYR B 1214 22.53 2.26 30.77
CA TYR B 1214 21.67 1.25 31.38
C TYR B 1214 22.14 -0.18 31.10
N ARG B 1215 23.40 -0.48 31.37
CA ARG B 1215 23.91 -1.84 31.17
C ARG B 1215 25.31 -1.94 31.74
N ALA B 1216 25.66 -3.13 32.20
CA ALA B 1216 27.01 -3.41 32.66
C ALA B 1216 27.91 -3.56 31.45
N CYS B 1217 28.86 -2.65 31.30
CA CYS B 1217 29.77 -2.66 30.17
C CYS B 1217 30.89 -1.67 30.46
N ARG B 1218 31.76 -1.49 29.47
CA ARG B 1218 32.74 -0.42 29.48
C ARG B 1218 32.29 0.62 28.46
N VAL B 1219 32.33 1.89 28.85
CA VAL B 1219 31.89 2.98 27.99
C VAL B 1219 33.00 4.01 27.89
N ILE B 1220 33.17 4.56 26.70
CA ILE B 1220 34.27 5.47 26.39
C ILE B 1220 33.68 6.66 25.64
N SER B 1221 33.88 7.86 26.18
CA SER B 1221 33.42 9.08 25.54
C SER B 1221 34.62 9.94 25.20
N HIS B 1222 34.70 10.39 23.96
CA HIS B 1222 35.78 11.28 23.52
C HIS B 1222 35.32 12.73 23.52
N TRP B 1223 36.18 13.60 24.04
CA TRP B 1223 35.93 15.02 24.13
C TRP B 1223 37.08 15.77 23.49
N ARG B 1224 36.92 17.09 23.36
CA ARG B 1224 37.93 17.92 22.73
C ARG B 1224 37.67 19.37 23.09
N LEU B 1225 38.73 20.11 23.42
CA LEU B 1225 38.63 21.54 23.61
C LEU B 1225 38.24 22.21 22.30
N THR B 1226 37.31 23.16 22.38
CA THR B 1226 36.92 23.91 21.20
C THR B 1226 36.70 25.38 21.56
N THR B 1227 37.13 26.25 20.66
CA THR B 1227 36.90 27.68 20.82
C THR B 1227 35.41 27.96 20.72
N PRO B 1228 34.93 29.03 21.36
CA PRO B 1228 33.50 29.33 21.27
C PRO B 1228 33.12 29.95 19.95
N LYS B 1229 33.69 29.41 18.88
CA LYS B 1229 33.25 29.73 17.53
C LYS B 1229 33.27 28.51 16.62
N GLY B 1230 33.62 27.34 17.12
CA GLY B 1230 33.53 26.12 16.35
C GLY B 1230 34.82 25.32 16.23
N THR B 1231 35.95 25.99 16.10
CA THR B 1231 37.20 25.29 15.85
C THR B 1231 37.64 24.51 17.08
N LYS B 1232 38.05 23.27 16.87
CA LYS B 1232 38.54 22.40 17.92
C LYS B 1232 40.06 22.36 17.89
N PHE B 1233 40.65 22.18 19.06
CA PHE B 1233 42.10 22.24 19.17
C PHE B 1233 42.55 21.43 20.38
N GLY B 1234 43.85 21.25 20.49
CA GLY B 1234 44.43 20.59 21.64
C GLY B 1234 44.43 19.08 21.49
N HIS B 1235 44.84 18.43 22.58
CA HIS B 1235 44.84 16.99 22.64
C HIS B 1235 43.41 16.45 22.67
N ARG B 1236 43.29 15.13 22.63
CA ARG B 1236 42.00 14.46 22.71
C ARG B 1236 41.81 13.91 24.12
N LEU B 1237 40.61 14.07 24.65
CA LEU B 1237 40.27 13.62 25.99
C LEU B 1237 39.26 12.50 25.93
N TRP B 1238 39.20 11.71 27.00
CA TRP B 1238 38.22 10.65 27.08
C TRP B 1238 37.86 10.39 28.53
N CYS B 1239 36.66 9.83 28.72
CA CYS B 1239 36.23 9.30 30.00
C CYS B 1239 36.11 7.79 29.87
N ASP B 1240 36.74 7.06 30.79
CA ASP B 1240 36.81 5.60 30.75
C ASP B 1240 36.22 5.05 32.04
N VAL B 1241 35.06 4.42 31.94
CA VAL B 1241 34.43 3.85 33.12
C VAL B 1241 33.93 2.44 32.82
N VAL B 1242 33.76 1.68 33.90
CA VAL B 1242 33.23 0.33 33.87
C VAL B 1242 31.97 0.33 34.72
N VAL B 1243 30.94 -0.37 34.25
CA VAL B 1243 29.66 -0.43 34.94
C VAL B 1243 29.54 -1.77 35.66
N GLU B 1244 29.31 -1.71 36.97
CA GLU B 1244 29.38 -2.90 37.81
C GLU B 1244 28.12 -3.76 37.71
N LYS B 1245 26.96 -3.14 37.90
CA LYS B 1245 25.68 -3.86 37.96
C LYS B 1245 25.69 -4.88 39.08
N GLY C 2 -7.51 -45.82 -27.12
CA GLY C 2 -8.41 -44.70 -26.95
C GLY C 2 -9.39 -44.89 -25.80
N GLY C 3 -9.42 -46.11 -25.26
CA GLY C 3 -10.29 -46.40 -24.13
C GLY C 3 -9.97 -47.76 -23.57
N GLU C 4 -10.54 -48.03 -22.40
CA GLU C 4 -10.29 -49.30 -21.73
C GLU C 4 -10.93 -50.45 -22.49
N THR C 5 -10.19 -51.55 -22.62
CA THR C 5 -10.70 -52.74 -23.30
C THR C 5 -10.48 -53.99 -22.46
N PHE C 6 -10.21 -53.84 -21.17
CA PHE C 6 -9.91 -54.94 -20.25
C PHE C 6 -8.59 -55.60 -20.59
N ASP C 7 -7.96 -55.19 -21.69
CA ASP C 7 -6.57 -55.55 -21.98
C ASP C 7 -5.62 -54.41 -21.66
N VAL C 8 -6.06 -53.17 -21.78
CA VAL C 8 -5.28 -52.00 -21.42
C VAL C 8 -6.05 -51.24 -20.35
N LYS C 9 -5.37 -50.94 -19.24
CA LYS C 9 -6.00 -50.22 -18.15
C LYS C 9 -5.96 -48.71 -18.36
N GLY C 10 -5.15 -48.23 -19.29
CA GLY C 10 -5.01 -46.81 -19.53
C GLY C 10 -4.09 -46.55 -20.71
N PRO C 11 -3.68 -45.30 -20.87
CA PRO C 11 -2.77 -44.98 -21.98
C PRO C 11 -1.35 -45.42 -21.67
N ARG C 12 -0.54 -45.46 -22.72
CA ARG C 12 0.86 -45.87 -22.57
C ARG C 12 1.54 -44.96 -21.55
N PRO C 13 2.27 -45.52 -20.58
CA PRO C 13 2.72 -44.70 -19.45
C PRO C 13 3.69 -43.61 -19.86
N ASN C 14 3.70 -42.54 -19.06
CA ASN C 14 4.52 -41.37 -19.37
C ASN C 14 6.00 -41.69 -19.24
N ASP C 15 6.82 -40.91 -19.96
CA ASP C 15 8.27 -41.04 -19.91
C ASP C 15 8.85 -40.03 -18.91
N TYR C 16 8.39 -40.13 -17.68
CA TYR C 16 8.92 -39.26 -16.62
C TYR C 16 10.24 -39.84 -16.13
N PRO C 17 11.35 -39.14 -16.30
CA PRO C 17 12.66 -39.74 -15.99
C PRO C 17 12.79 -40.03 -14.51
N LEU C 18 13.55 -41.08 -14.21
CA LEU C 18 13.74 -41.48 -12.82
C LEU C 18 14.60 -40.48 -12.06
N ARG C 19 15.70 -40.07 -12.64
CA ARG C 19 16.60 -39.10 -12.02
C ARG C 19 16.43 -37.74 -12.67
N ALA C 20 16.47 -36.70 -11.87
CA ALA C 20 16.42 -35.35 -12.41
C ALA C 20 17.72 -35.07 -13.17
N PRO C 21 17.64 -34.66 -14.42
CA PRO C 21 18.88 -34.45 -15.19
C PRO C 21 19.71 -33.29 -14.68
N LYS C 22 19.11 -32.13 -14.51
CA LYS C 22 19.82 -30.93 -14.08
C LYS C 22 18.93 -30.12 -13.16
N PRO C 23 19.52 -29.33 -12.27
CA PRO C 23 18.71 -28.41 -11.48
C PRO C 23 18.28 -27.21 -12.31
N VAL C 24 17.04 -26.80 -12.12
CA VAL C 24 16.49 -25.62 -12.75
C VAL C 24 15.87 -24.76 -11.67
N GLY C 25 16.19 -23.48 -11.68
CA GLY C 25 15.77 -22.58 -10.63
C GLY C 25 14.61 -21.69 -11.06
N GLN C 26 13.91 -21.17 -10.06
CA GLN C 26 12.84 -20.23 -10.32
C GLN C 26 13.42 -18.96 -10.92
N LEU C 27 12.84 -18.50 -12.02
CA LEU C 27 13.37 -17.32 -12.69
C LEU C 27 12.98 -16.07 -11.93
N ILE C 28 13.96 -15.20 -11.67
CA ILE C 28 13.70 -13.97 -10.96
C ILE C 28 12.84 -13.07 -11.84
N SER C 29 11.71 -12.63 -11.31
CA SER C 29 10.71 -11.98 -12.16
C SER C 29 11.22 -10.65 -12.69
N HIS C 30 11.73 -9.79 -11.82
CA HIS C 30 12.02 -8.42 -12.25
C HIS C 30 13.20 -8.35 -13.20
N ILE C 31 14.20 -9.22 -13.03
CA ILE C 31 15.32 -9.23 -13.96
C ILE C 31 14.85 -9.60 -15.36
N TYR C 32 14.05 -10.67 -15.46
CA TYR C 32 13.54 -11.06 -16.76
C TYR C 32 12.65 -9.99 -17.36
N LYS C 33 11.84 -9.34 -16.53
CA LYS C 33 10.98 -8.28 -17.04
C LYS C 33 11.80 -7.12 -17.60
N ASP C 34 12.86 -6.74 -16.90
CA ASP C 34 13.69 -5.66 -17.39
C ASP C 34 14.51 -6.06 -18.60
N ARG C 35 14.73 -7.36 -18.80
CA ARG C 35 15.50 -7.78 -19.96
C ARG C 35 14.78 -7.51 -21.27
N ILE C 36 13.45 -7.55 -21.28
CA ILE C 36 12.72 -7.55 -22.54
C ILE C 36 12.95 -6.25 -23.30
N ALA C 37 12.96 -5.12 -22.59
CA ALA C 37 13.03 -3.84 -23.26
C ALA C 37 14.30 -3.70 -24.09
N GLN C 38 15.37 -4.38 -23.71
CA GLN C 38 16.61 -4.27 -24.45
C GLN C 38 16.55 -4.94 -25.80
N PHE C 39 15.50 -5.71 -26.08
CA PHE C 39 15.38 -6.38 -27.36
C PHE C 39 15.00 -5.42 -28.48
N TYR C 40 14.47 -4.25 -28.15
CA TYR C 40 14.11 -3.28 -29.17
C TYR C 40 14.49 -1.85 -28.83
N ASN C 41 15.07 -1.59 -27.68
CA ASN C 41 15.42 -0.23 -27.33
C ASN C 41 16.61 0.25 -28.13
N GLY C 42 16.71 1.57 -28.26
CA GLY C 42 17.84 2.17 -28.94
C GLY C 42 18.95 2.55 -28.00
N GLY C 43 19.34 1.61 -27.13
CA GLY C 43 20.41 1.89 -26.20
C GLY C 43 21.76 1.45 -26.72
N GLN C 44 22.50 0.73 -25.90
CA GLN C 44 23.82 0.25 -26.28
C GLN C 44 23.77 -1.00 -27.13
N TYR C 45 22.59 -1.58 -27.34
CA TYR C 45 22.45 -2.78 -28.16
C TYR C 45 21.79 -2.48 -29.49
N GLU C 46 21.87 -1.23 -29.97
CA GLU C 46 21.23 -0.88 -31.23
C GLU C 46 21.66 -1.78 -32.36
N HIS C 47 22.89 -2.27 -32.33
CA HIS C 47 23.43 -3.05 -33.42
C HIS C 47 23.37 -4.55 -33.17
N GLN C 48 22.71 -4.97 -32.10
CA GLN C 48 22.59 -6.38 -31.81
C GLN C 48 21.17 -6.84 -31.53
N ASN C 49 20.19 -5.96 -31.61
CA ASN C 49 18.80 -6.30 -31.36
C ASN C 49 17.97 -5.97 -32.59
N LEU C 50 16.65 -6.00 -32.41
CA LEU C 50 15.72 -5.84 -33.53
C LEU C 50 15.98 -4.57 -34.33
N ARG C 51 16.47 -3.51 -33.68
CA ARG C 51 16.75 -2.28 -34.39
C ARG C 51 17.73 -2.50 -35.53
N ALA C 52 18.68 -3.42 -35.36
CA ALA C 52 19.62 -3.71 -36.43
C ALA C 52 18.94 -4.41 -37.60
N MET C 53 17.90 -5.19 -37.33
CA MET C 53 17.21 -5.92 -38.37
C MET C 53 16.11 -5.10 -39.02
N MET C 54 15.77 -3.94 -38.46
CA MET C 54 14.63 -3.17 -38.96
C MET C 54 14.85 -2.73 -40.40
N LYS C 55 16.03 -2.20 -40.71
CA LYS C 55 16.31 -1.66 -42.03
C LYS C 55 17.05 -2.70 -42.86
N GLU C 56 16.43 -3.17 -43.95
CA GLU C 56 17.14 -4.06 -44.85
C GLU C 56 18.26 -3.33 -45.57
N ASP C 57 18.00 -2.12 -46.05
CA ASP C 57 19.02 -1.41 -46.82
C ASP C 57 18.74 0.07 -46.81
N SER C 58 19.77 0.85 -47.18
CA SER C 58 19.62 2.29 -47.20
C SER C 58 20.52 2.87 -48.29
N VAL C 59 20.06 3.94 -48.91
CA VAL C 59 20.86 4.72 -49.84
C VAL C 59 20.59 6.20 -49.58
N SER C 60 21.65 6.99 -49.44
CA SER C 60 21.49 8.39 -49.10
C SER C 60 22.33 9.34 -49.94
N GLY C 61 23.17 8.84 -50.83
CA GLY C 61 24.13 9.69 -51.51
C GLY C 61 23.48 10.63 -52.51
N GLU C 62 24.35 11.40 -53.15
CA GLU C 62 23.94 12.31 -54.21
C GLU C 62 23.52 11.61 -55.50
N PRO C 63 24.06 10.45 -55.88
CA PRO C 63 23.54 9.82 -57.10
C PRO C 63 22.08 9.41 -57.00
N HIS C 64 21.60 9.08 -55.81
CA HIS C 64 20.27 8.51 -55.63
C HIS C 64 19.26 9.52 -55.13
N VAL C 65 19.59 10.26 -54.08
CA VAL C 65 18.71 11.26 -53.50
C VAL C 65 19.38 12.60 -53.70
N GLN C 66 18.89 13.40 -54.65
CA GLN C 66 19.44 14.73 -54.85
C GLN C 66 18.40 15.77 -54.50
N LEU C 67 18.75 16.71 -53.62
CA LEU C 67 17.79 17.68 -53.15
C LEU C 67 18.28 19.11 -53.38
N TRP C 68 17.43 19.90 -54.00
CA TRP C 68 17.58 21.33 -54.11
C TRP C 68 16.65 22.02 -53.12
N VAL C 69 16.99 23.24 -52.75
CA VAL C 69 16.23 23.99 -51.76
C VAL C 69 15.95 25.39 -52.29
N TRP C 70 14.88 25.98 -51.78
CA TRP C 70 14.51 27.35 -52.07
C TRP C 70 13.97 27.96 -50.79
N HIS C 71 14.46 29.14 -50.44
CA HIS C 71 14.05 29.81 -49.23
C HIS C 71 12.94 30.80 -49.53
N ALA C 72 11.86 30.72 -48.78
CA ALA C 72 10.78 31.68 -48.94
C ALA C 72 11.27 33.06 -48.55
N PRO C 73 10.75 34.12 -49.17
CA PRO C 73 11.32 35.45 -48.99
C PRO C 73 11.48 35.89 -47.55
N GLY C 74 10.38 35.95 -46.81
CA GLY C 74 10.45 36.38 -45.42
C GLY C 74 9.89 35.32 -44.51
N GLN C 75 8.84 35.67 -43.78
CA GLN C 75 8.02 34.67 -43.10
C GLN C 75 6.77 34.33 -43.89
N THR C 76 6.71 34.73 -45.15
CA THR C 76 5.59 34.39 -46.01
C THR C 76 5.56 32.90 -46.29
N ARG C 77 4.37 32.40 -46.62
CA ARG C 77 4.14 30.99 -46.88
C ARG C 77 3.53 30.85 -48.26
N PRO C 78 4.36 30.85 -49.30
CA PRO C 78 3.83 30.80 -50.66
C PRO C 78 3.14 29.48 -50.95
N SER C 79 2.18 29.52 -51.85
CA SER C 79 1.49 28.32 -52.27
C SER C 79 2.38 27.49 -53.18
N PHE C 80 1.94 26.27 -53.46
CA PHE C 80 2.70 25.41 -54.36
C PHE C 80 2.81 26.00 -55.74
N GLU C 81 1.81 26.76 -56.18
CA GLU C 81 1.83 27.31 -57.53
C GLU C 81 3.01 28.25 -57.72
N GLU C 82 3.25 29.13 -56.76
CA GLU C 82 4.29 30.14 -56.89
C GLU C 82 5.58 29.74 -56.21
N ALA C 83 5.69 28.49 -55.73
CA ALA C 83 6.92 28.02 -55.12
C ALA C 83 7.78 27.22 -56.09
N VAL C 84 7.17 26.36 -56.91
CA VAL C 84 7.94 25.54 -57.85
C VAL C 84 8.37 26.32 -59.08
N SER C 85 8.04 27.60 -59.17
CA SER C 85 8.46 28.43 -60.29
C SER C 85 9.70 29.25 -59.96
N ASN C 86 10.34 29.00 -58.83
CA ASN C 86 11.49 29.76 -58.41
C ASN C 86 12.77 29.04 -58.80
N GLN C 87 13.90 29.53 -58.31
CA GLN C 87 15.20 28.98 -58.63
C GLN C 87 15.75 28.27 -57.41
N PHE C 88 15.85 26.95 -57.49
CA PHE C 88 16.36 26.14 -56.39
C PHE C 88 17.87 26.01 -56.51
N VAL C 89 18.54 25.87 -55.38
CA VAL C 89 19.99 25.68 -55.33
C VAL C 89 20.28 24.37 -54.61
N LYS C 90 21.28 23.65 -55.11
CA LYS C 90 21.57 22.32 -54.59
C LYS C 90 21.96 22.39 -53.12
N THR C 91 21.54 21.40 -52.34
CA THR C 91 21.97 21.28 -50.96
C THR C 91 22.21 19.81 -50.67
N ASN C 92 22.39 19.49 -49.39
CA ASN C 92 22.66 18.11 -48.99
C ASN C 92 22.35 17.96 -47.52
N VAL C 93 22.39 16.71 -47.05
CA VAL C 93 22.14 16.42 -45.66
C VAL C 93 23.20 17.07 -44.79
N GLY C 94 22.76 17.68 -43.69
CA GLY C 94 23.65 18.29 -42.73
C GLY C 94 23.60 19.80 -42.70
N GLU C 95 22.89 20.43 -43.61
CA GLU C 95 22.78 21.88 -43.59
C GLU C 95 21.79 22.33 -42.53
N TRP C 96 21.88 23.61 -42.18
CA TRP C 96 20.97 24.23 -41.23
C TRP C 96 20.10 25.23 -41.96
N PHE C 97 18.81 25.27 -41.64
CA PHE C 97 17.84 25.95 -42.46
C PHE C 97 17.06 26.98 -41.65
N GLY C 98 17.24 28.25 -42.01
CA GLY C 98 16.27 29.29 -41.75
C GLY C 98 16.11 29.66 -40.29
N PRO C 99 15.72 30.91 -40.04
CA PRO C 99 15.25 31.27 -38.70
C PRO C 99 13.87 30.67 -38.48
N SER C 100 13.39 30.80 -37.25
CA SER C 100 12.12 30.19 -36.89
C SER C 100 10.98 30.80 -37.70
N TRP C 101 9.97 29.98 -37.96
CA TRP C 101 8.74 30.30 -38.67
C TRP C 101 8.95 30.50 -40.17
N THR C 102 10.17 30.43 -40.66
CA THR C 102 10.37 30.50 -42.09
C THR C 102 10.07 29.16 -42.73
N THR C 103 9.83 29.17 -44.04
CA THR C 103 9.51 27.97 -44.77
C THR C 103 10.50 27.77 -45.91
N HIS C 104 10.84 26.52 -46.18
CA HIS C 104 11.79 26.17 -47.22
C HIS C 104 11.21 25.05 -48.06
N TRP C 105 11.32 25.18 -49.37
CA TRP C 105 10.82 24.16 -50.28
C TRP C 105 11.98 23.35 -50.79
N PHE C 106 11.86 22.03 -50.74
CA PHE C 106 12.87 21.12 -51.22
C PHE C 106 12.34 20.39 -52.44
N ARG C 107 13.10 20.42 -53.53
CA ARG C 107 12.86 19.54 -54.65
C ARG C 107 13.73 18.31 -54.45
N VAL C 108 13.11 17.15 -54.24
CA VAL C 108 13.82 15.91 -53.99
C VAL C 108 13.63 15.02 -55.18
N VAL C 109 14.74 14.63 -55.81
CA VAL C 109 14.71 13.70 -56.92
C VAL C 109 15.28 12.38 -56.43
N LEU C 110 14.47 11.33 -56.56
CA LEU C 110 14.79 9.99 -56.09
C LEU C 110 14.97 9.06 -57.28
N THR C 111 16.00 8.22 -57.19
CA THR C 111 16.25 7.16 -58.16
C THR C 111 16.53 5.92 -57.35
N VAL C 112 15.54 5.03 -57.25
CA VAL C 112 15.71 3.79 -56.53
C VAL C 112 16.75 2.94 -57.28
N PRO C 113 17.81 2.51 -56.61
CA PRO C 113 18.89 1.81 -57.32
C PRO C 113 18.47 0.46 -57.84
N GLU C 114 19.39 -0.25 -58.50
CA GLU C 114 19.05 -1.51 -59.13
C GLU C 114 18.73 -2.58 -58.08
N HIS C 115 19.40 -2.55 -56.95
CA HIS C 115 19.27 -3.60 -55.95
C HIS C 115 18.21 -3.32 -54.90
N LEU C 116 17.43 -2.26 -55.07
CA LEU C 116 16.32 -1.97 -54.16
C LEU C 116 14.97 -2.08 -54.85
N GLN C 117 14.93 -2.44 -56.13
CA GLN C 117 13.67 -2.40 -56.86
C GLN C 117 12.67 -3.42 -56.37
N ASN C 118 13.11 -4.46 -55.68
CA ASN C 118 12.25 -5.57 -55.29
C ASN C 118 12.39 -5.87 -53.82
N LYS C 119 12.32 -4.84 -52.98
CA LYS C 119 12.55 -4.99 -51.56
C LYS C 119 11.28 -5.01 -50.73
N ARG C 120 10.12 -5.04 -51.37
CA ARG C 120 8.84 -5.32 -50.72
C ARG C 120 8.36 -4.17 -49.84
N LEU C 121 9.22 -3.19 -49.57
CA LEU C 121 8.81 -1.98 -48.87
C LEU C 121 9.88 -0.92 -49.01
N LEU C 122 9.57 0.18 -49.68
CA LEU C 122 10.52 1.27 -49.87
C LEU C 122 9.93 2.52 -49.28
N GLU C 123 10.69 3.19 -48.42
CA GLU C 123 10.26 4.45 -47.86
C GLU C 123 11.33 5.50 -48.07
N PHE C 124 10.89 6.74 -48.08
CA PHE C 124 11.77 7.89 -48.04
C PHE C 124 11.75 8.39 -46.61
N HIS C 125 12.88 8.28 -45.92
CA HIS C 125 13.03 8.80 -44.57
C HIS C 125 13.56 10.22 -44.65
N TRP C 126 12.76 11.16 -44.18
CA TRP C 126 13.11 12.57 -44.15
C TRP C 126 12.97 13.06 -42.73
N ASP C 127 14.06 13.55 -42.15
CA ASP C 127 14.07 13.92 -40.74
C ASP C 127 14.70 15.27 -40.53
N SER C 128 14.30 16.27 -41.29
CA SER C 128 14.50 17.63 -40.84
C SER C 128 13.79 17.78 -39.51
N ASN C 129 14.44 18.38 -38.54
CA ASN C 129 13.92 18.27 -37.18
C ASN C 129 12.65 19.04 -36.97
N SER C 130 12.03 19.55 -38.02
CA SER C 130 10.78 20.28 -37.95
C SER C 130 9.71 19.55 -38.74
N GLU C 131 8.57 20.21 -38.91
CA GLU C 131 7.47 19.63 -39.66
C GLU C 131 7.58 19.96 -41.13
N GLY C 132 6.90 19.16 -41.95
CA GLY C 132 6.92 19.37 -43.38
C GLY C 132 5.75 18.67 -44.02
N LEU C 133 5.56 18.97 -45.30
CA LEU C 133 4.49 18.39 -46.09
C LEU C 133 5.04 17.92 -47.42
N VAL C 134 4.62 16.74 -47.86
CA VAL C 134 5.10 16.15 -49.11
C VAL C 134 4.08 16.45 -50.20
N TRP C 135 4.54 17.06 -51.28
CA TRP C 135 3.73 17.34 -52.45
C TRP C 135 4.21 16.49 -53.61
N SER C 136 3.28 15.99 -54.39
CA SER C 136 3.65 15.33 -55.63
C SER C 136 4.06 16.38 -56.66
N GLU C 137 4.57 15.90 -57.79
CA GLU C 137 4.98 16.83 -58.84
C GLU C 137 3.80 17.65 -59.34
N ASP C 138 2.62 17.03 -59.41
CA ASP C 138 1.44 17.73 -59.92
C ASP C 138 1.03 18.87 -58.99
N GLY C 139 1.09 18.65 -57.68
CA GLY C 139 0.71 19.67 -56.75
C GLY C 139 -0.27 19.21 -55.70
N LYS C 140 -0.42 17.93 -55.57
CA LYS C 140 -1.33 17.38 -54.56
C LYS C 140 -0.58 17.15 -53.26
N PRO C 141 -1.07 17.63 -52.13
CA PRO C 141 -0.47 17.25 -50.85
C PRO C 141 -0.60 15.75 -50.64
N LEU C 142 0.43 15.15 -50.08
CA LEU C 142 0.46 13.70 -49.94
C LEU C 142 0.54 13.25 -48.49
N GLN C 143 1.42 13.84 -47.69
CA GLN C 143 1.64 13.30 -46.35
C GLN C 143 2.38 14.32 -45.51
N GLY C 144 2.05 14.37 -44.24
CA GLY C 144 2.82 15.18 -43.32
C GLY C 144 4.07 14.47 -42.85
N LEU C 145 4.97 15.26 -42.27
CA LEU C 145 6.21 14.74 -41.71
C LEU C 145 6.53 15.54 -40.46
N THR C 146 7.07 14.86 -39.45
CA THR C 146 7.49 15.50 -38.22
C THR C 146 8.90 15.04 -37.88
N GLY C 147 9.70 15.94 -37.34
CA GLY C 147 11.12 15.72 -37.18
C GLY C 147 11.59 15.08 -35.90
N GLY C 148 10.70 14.77 -34.98
CA GLY C 148 11.20 14.11 -33.80
C GLY C 148 11.43 12.62 -33.96
N GLY C 149 11.13 12.08 -35.14
CA GLY C 149 11.09 10.66 -35.33
C GLY C 149 9.71 10.06 -35.31
N GLU C 150 8.68 10.86 -35.01
CA GLU C 150 7.33 10.31 -34.93
C GLU C 150 6.80 9.94 -36.31
N ARG C 151 6.95 10.84 -37.28
CA ARG C 151 6.45 10.61 -38.63
C ARG C 151 7.54 11.07 -39.59
N VAL C 152 8.42 10.15 -39.98
CA VAL C 152 9.55 10.49 -40.83
C VAL C 152 9.56 9.74 -42.14
N GLU C 153 8.71 8.74 -42.32
CA GLU C 153 8.76 7.91 -43.50
C GLU C 153 7.57 8.19 -44.42
N TRP C 154 7.85 8.27 -45.71
CA TRP C 154 6.83 8.37 -46.74
C TRP C 154 6.99 7.17 -47.66
N ILE C 155 5.96 6.33 -47.75
CA ILE C 155 6.08 5.11 -48.54
C ILE C 155 6.04 5.46 -50.02
N LEU C 156 7.02 4.96 -50.76
CA LEU C 156 7.09 5.27 -52.18
C LEU C 156 5.91 4.63 -52.92
N PRO C 157 5.30 5.34 -53.86
CA PRO C 157 4.03 4.87 -54.41
C PRO C 157 4.16 3.86 -55.54
N ASP C 158 5.06 2.88 -55.39
CA ASP C 158 5.06 1.68 -56.20
C ASP C 158 5.29 1.93 -57.68
N SER C 159 5.38 3.19 -58.08
CA SER C 159 5.77 3.55 -59.43
C SER C 159 7.17 4.11 -59.48
N PHE C 160 7.82 4.26 -58.33
CA PHE C 160 9.20 4.68 -58.26
C PHE C 160 10.16 3.51 -58.42
N ARG C 161 9.64 2.30 -58.57
CA ARG C 161 10.47 1.10 -58.62
C ARG C 161 11.04 0.88 -60.03
N ASP C 162 11.69 1.92 -60.52
CA ASP C 162 12.45 1.90 -61.76
C ASP C 162 13.30 3.15 -61.81
N GLY C 163 14.53 3.02 -62.29
CA GLY C 163 15.46 4.12 -62.18
C GLY C 163 15.13 5.29 -63.07
N LYS C 164 13.93 5.85 -62.91
CA LYS C 164 13.49 6.96 -63.73
C LYS C 164 13.59 8.30 -63.03
N GLU C 165 14.06 8.33 -61.79
CA GLU C 165 14.34 9.57 -61.07
C GLU C 165 13.08 10.45 -60.98
N HIS C 166 12.13 9.95 -60.20
CA HIS C 166 10.91 10.71 -59.94
C HIS C 166 11.19 11.81 -58.93
N THR C 167 10.41 12.88 -59.02
CA THR C 167 10.63 14.05 -58.19
C THR C 167 9.41 14.35 -57.34
N ILE C 168 9.66 14.76 -56.09
CA ILE C 168 8.63 15.22 -55.18
C ILE C 168 9.11 16.52 -54.55
N TYR C 169 8.20 17.19 -53.85
CA TYR C 169 8.54 18.41 -53.15
C TYR C 169 8.25 18.22 -51.67
N ILE C 170 9.04 18.87 -50.83
CA ILE C 170 8.85 18.83 -49.40
C ILE C 170 8.88 20.26 -48.89
N GLU C 171 7.73 20.73 -48.42
CA GLU C 171 7.63 22.08 -47.87
C GLU C 171 7.84 21.97 -46.37
N MET C 172 9.01 22.40 -45.90
CA MET C 172 9.38 22.32 -44.50
C MET C 172 9.10 23.66 -43.83
N ALA C 173 8.45 23.60 -42.67
CA ALA C 173 8.23 24.79 -41.86
C ALA C 173 9.18 24.75 -40.68
N CYS C 174 9.97 25.80 -40.53
CA CYS C 174 11.00 25.82 -39.48
C CYS C 174 10.34 26.08 -38.13
N ASN C 175 9.66 25.05 -37.64
CA ASN C 175 9.08 25.07 -36.31
C ASN C 175 8.76 23.64 -35.92
N ARG C 176 8.89 23.34 -34.64
CA ARG C 176 8.63 21.99 -34.19
C ARG C 176 7.12 21.76 -34.04
N MET C 177 6.76 20.59 -33.52
CA MET C 177 5.36 20.26 -33.32
C MET C 177 4.67 21.24 -32.37
N PHE C 178 5.41 21.85 -31.47
CA PHE C 178 4.85 22.70 -30.42
C PHE C 178 5.51 24.07 -30.42
N GLY C 179 5.60 24.67 -31.59
CA GLY C 179 6.16 26.01 -31.66
C GLY C 179 7.68 25.99 -31.62
N ASN C 180 8.25 27.09 -31.17
CA ASN C 180 9.69 27.32 -31.29
C ASN C 180 10.26 27.80 -29.97
N ALA C 181 9.87 27.19 -28.87
CA ALA C 181 10.46 27.55 -27.61
C ALA C 181 11.90 27.06 -27.55
N PRO C 182 12.78 27.77 -26.84
CA PRO C 182 14.11 27.22 -26.57
C PRO C 182 13.95 25.90 -25.83
N GLY C 183 14.36 24.82 -26.48
CA GLY C 183 13.91 23.48 -26.15
C GLY C 183 13.80 23.12 -24.67
N GLY C 184 12.78 22.33 -24.35
CA GLY C 184 12.63 21.82 -23.01
C GLY C 184 11.31 22.14 -22.37
N ASP C 185 10.80 23.35 -22.58
CA ASP C 185 9.58 23.81 -21.93
C ASP C 185 8.39 23.86 -22.85
N SER C 186 8.57 24.32 -24.09
CA SER C 186 7.54 24.31 -25.12
C SER C 186 6.45 25.33 -24.84
N ILE C 187 6.48 25.99 -23.68
CA ILE C 187 5.57 27.11 -23.42
C ILE C 187 6.33 28.38 -23.10
N GLN C 188 7.65 28.35 -23.07
CA GLN C 188 8.43 29.56 -23.01
C GLN C 188 8.23 30.35 -24.30
N PRO C 189 8.47 31.65 -24.28
CA PRO C 189 8.24 32.45 -25.49
C PRO C 189 9.13 31.96 -26.62
N PRO C 190 8.64 31.95 -27.84
CA PRO C 190 9.41 31.37 -28.95
C PRO C 190 10.72 32.11 -29.17
N ASP C 191 11.74 31.34 -29.56
CA ASP C 191 13.05 31.90 -29.88
C ASP C 191 13.07 32.29 -31.34
N PRO C 192 13.34 33.56 -31.67
CA PRO C 192 13.28 33.98 -33.09
C PRO C 192 14.41 33.45 -33.93
N ASN C 193 15.44 32.83 -33.35
CA ASN C 193 16.62 32.43 -34.10
C ASN C 193 16.92 30.96 -33.90
N LYS C 194 15.91 30.12 -34.00
CA LYS C 194 16.13 28.68 -34.01
C LYS C 194 16.51 28.24 -35.42
N TYR C 195 17.43 27.28 -35.49
CA TYR C 195 17.84 26.72 -36.76
C TYR C 195 17.68 25.21 -36.71
N PHE C 196 17.28 24.63 -37.83
CA PHE C 196 16.93 23.21 -37.88
C PHE C 196 17.89 22.49 -38.83
N ARG C 197 18.35 21.34 -38.40
CA ARG C 197 19.31 20.55 -39.15
C ARG C 197 18.59 19.46 -39.93
N LEU C 198 18.90 19.37 -41.22
CA LEU C 198 18.44 18.25 -42.03
C LEU C 198 19.25 17.02 -41.64
N ASP C 199 18.63 16.10 -40.90
CA ASP C 199 19.37 14.97 -40.36
C ASP C 199 19.54 13.85 -41.38
N LYS C 200 18.43 13.29 -41.86
CA LYS C 200 18.50 12.16 -42.76
C LYS C 200 17.48 12.36 -43.88
N ALA C 201 17.91 12.08 -45.11
CA ALA C 201 17.07 12.25 -46.28
C ALA C 201 17.26 11.07 -47.22
N GLU C 202 17.13 9.85 -46.72
CA GLU C 202 17.55 8.71 -47.51
C GLU C 202 16.37 7.86 -47.95
N ILE C 203 16.66 6.85 -48.75
CA ILE C 203 15.70 5.83 -49.16
C ILE C 203 16.03 4.56 -48.42
N VAL C 204 15.04 3.99 -47.74
CA VAL C 204 15.24 2.85 -46.86
C VAL C 204 14.35 1.72 -47.34
N ALA C 205 14.94 0.54 -47.47
CA ALA C 205 14.20 -0.70 -47.66
C ALA C 205 14.04 -1.34 -46.29
N ILE C 206 12.80 -1.47 -45.85
CA ILE C 206 12.44 -1.89 -44.51
C ILE C 206 11.94 -3.32 -44.56
N ASP C 207 12.34 -4.13 -43.58
CA ASP C 207 11.81 -5.48 -43.50
C ASP C 207 10.46 -5.44 -42.79
N PRO C 208 9.36 -5.76 -43.47
CA PRO C 208 8.06 -5.73 -42.80
C PRO C 208 7.96 -6.71 -41.65
N ASP C 209 8.62 -7.88 -41.75
CA ASP C 209 8.56 -8.86 -40.67
C ASP C 209 9.18 -8.31 -39.41
N ALA C 210 10.32 -7.63 -39.52
CA ALA C 210 10.94 -7.03 -38.35
C ALA C 210 10.04 -5.99 -37.73
N ARG C 211 9.33 -5.23 -38.55
CA ARG C 211 8.42 -4.21 -38.05
C ARG C 211 7.28 -4.83 -37.26
N GLN C 212 6.66 -5.86 -37.83
CA GLN C 212 5.58 -6.54 -37.14
C GLN C 212 6.07 -7.16 -35.84
N LEU C 213 7.25 -7.77 -35.86
CA LEU C 213 7.79 -8.37 -34.65
C LEU C 213 8.11 -7.31 -33.61
N TRP C 214 8.55 -6.15 -34.04
CA TRP C 214 8.82 -5.06 -33.09
C TRP C 214 7.56 -4.65 -32.37
N ILE C 215 6.47 -4.47 -33.12
CA ILE C 215 5.21 -4.12 -32.48
C ILE C 215 4.76 -5.24 -31.54
N ASP C 216 4.91 -6.49 -31.99
CA ASP C 216 4.51 -7.63 -31.18
C ASP C 216 5.24 -7.65 -29.85
N ILE C 217 6.57 -7.54 -29.89
CA ILE C 217 7.34 -7.65 -28.66
C ILE C 217 7.13 -6.43 -27.78
N TRP C 218 6.86 -5.27 -28.37
CA TRP C 218 6.54 -4.09 -27.57
C TRP C 218 5.28 -4.31 -26.76
N ILE C 219 4.22 -4.78 -27.43
CA ILE C 219 2.97 -5.03 -26.74
C ILE C 219 3.15 -6.14 -25.71
N LEU C 220 3.94 -7.15 -26.04
CA LEU C 220 4.17 -8.25 -25.10
C LEU C 220 4.91 -7.78 -23.86
N GLN C 221 5.90 -6.91 -24.01
CA GLN C 221 6.60 -6.38 -22.85
C GLN C 221 5.66 -5.55 -21.99
N ASP C 222 4.81 -4.73 -22.62
CA ASP C 222 3.86 -3.96 -21.84
C ASP C 222 2.89 -4.88 -21.12
N ALA C 223 2.49 -5.98 -21.74
CA ALA C 223 1.61 -6.93 -21.08
C ALA C 223 2.31 -7.59 -19.89
N ALA C 224 3.58 -7.93 -20.06
CA ALA C 224 4.31 -8.55 -18.96
C ALA C 224 4.50 -7.59 -17.80
N ARG C 225 4.52 -6.29 -18.07
CA ARG C 225 4.74 -5.36 -16.97
C ARG C 225 3.45 -4.84 -16.33
N GLU C 226 2.38 -4.65 -17.11
CA GLU C 226 1.19 -3.99 -16.62
C GLU C 226 0.10 -4.94 -16.16
N PHE C 227 0.09 -6.19 -16.61
CA PHE C 227 -0.86 -7.15 -16.09
C PHE C 227 -0.58 -7.41 -14.61
N PRO C 228 -1.60 -7.78 -13.85
CA PRO C 228 -1.38 -8.04 -12.42
C PRO C 228 -0.34 -9.14 -12.23
N GLY C 229 0.55 -8.93 -11.26
CA GLY C 229 1.63 -9.87 -11.05
C GLY C 229 1.20 -11.19 -10.49
N ASP C 230 -0.01 -11.28 -9.94
CA ASP C 230 -0.49 -12.48 -9.30
C ASP C 230 -1.36 -13.34 -10.21
N SER C 231 -1.54 -12.96 -11.47
CA SER C 231 -2.32 -13.76 -12.40
C SER C 231 -1.41 -14.37 -13.44
N TRP C 232 -1.90 -15.43 -14.08
CA TRP C 232 -1.07 -16.19 -14.99
C TRP C 232 -0.80 -15.47 -16.30
N GLU C 233 -1.56 -14.42 -16.63
CA GLU C 233 -1.41 -13.77 -17.92
C GLU C 233 -0.04 -13.11 -18.05
N SER C 234 0.38 -12.39 -17.01
CA SER C 234 1.67 -11.72 -17.07
C SER C 234 2.80 -12.72 -17.17
N HIS C 235 2.72 -13.81 -16.41
CA HIS C 235 3.76 -14.82 -16.47
C HIS C 235 3.82 -15.49 -17.83
N LYS C 236 2.67 -15.76 -18.44
CA LYS C 236 2.69 -16.33 -19.78
C LYS C 236 3.28 -15.35 -20.78
N ALA C 237 2.97 -14.06 -20.63
CA ALA C 237 3.56 -13.07 -21.52
C ALA C 237 5.07 -13.04 -21.38
N LEU C 238 5.56 -13.12 -20.14
CA LEU C 238 6.99 -13.15 -19.92
C LEU C 238 7.63 -14.38 -20.54
N GLN C 239 6.96 -15.53 -20.42
CA GLN C 239 7.50 -16.76 -21.00
C GLN C 239 7.56 -16.66 -22.52
N VAL C 240 6.52 -16.10 -23.14
CA VAL C 240 6.52 -15.92 -24.59
C VAL C 240 7.62 -14.96 -25.01
N CYS C 241 7.82 -13.88 -24.24
CA CYS C 241 8.91 -12.97 -24.55
C CYS C 241 10.26 -13.66 -24.49
N ASN C 242 10.47 -14.49 -23.46
CA ASN C 242 11.73 -15.22 -23.37
C ASN C 242 11.92 -16.14 -24.55
N GLU C 243 10.86 -16.86 -24.94
CA GLU C 243 10.98 -17.76 -26.07
C GLU C 243 11.26 -17.01 -27.36
N ILE C 244 10.75 -15.79 -27.48
CA ILE C 244 11.07 -14.97 -28.65
C ILE C 244 12.54 -14.55 -28.62
N ILE C 245 13.02 -14.10 -27.46
CA ILE C 245 14.40 -13.63 -27.37
C ILE C 245 15.37 -14.75 -27.72
N GLU C 246 15.12 -15.95 -27.20
CA GLU C 246 16.05 -17.04 -27.45
C GLU C 246 15.98 -17.56 -28.87
N ALA C 247 14.92 -17.23 -29.61
CA ALA C 247 14.76 -17.73 -30.97
C ALA C 247 15.23 -16.75 -32.03
N PHE C 248 15.77 -15.61 -31.64
CA PHE C 248 16.17 -14.57 -32.56
C PHE C 248 17.69 -14.53 -32.66
N GLU C 249 18.20 -14.62 -33.87
CA GLU C 249 19.63 -14.49 -34.12
C GLU C 249 19.88 -13.37 -35.11
N LEU C 250 20.97 -12.65 -34.92
CA LEU C 250 21.19 -11.38 -35.61
C LEU C 250 21.26 -11.58 -37.12
N GLY C 251 22.13 -12.48 -37.58
CA GLY C 251 22.36 -12.58 -39.01
C GLY C 251 21.13 -13.05 -39.77
N ASN C 252 20.48 -14.09 -39.26
CA ASN C 252 19.42 -14.75 -40.02
C ASN C 252 18.18 -13.87 -40.10
N ARG C 253 17.44 -14.02 -41.19
CA ARG C 253 16.18 -13.31 -41.36
C ARG C 253 14.97 -14.21 -41.24
N GLU C 254 15.13 -15.53 -41.38
CA GLU C 254 14.01 -16.43 -41.11
C GLU C 254 13.67 -16.48 -39.63
N SER C 255 14.63 -16.17 -38.77
CA SER C 255 14.37 -16.14 -37.35
C SER C 255 13.27 -15.13 -37.02
N LEU C 256 13.13 -14.08 -37.82
CA LEU C 256 12.04 -13.14 -37.60
C LEU C 256 10.69 -13.80 -37.81
N LYS C 257 10.54 -14.59 -38.88
CA LYS C 257 9.29 -15.29 -39.10
C LYS C 257 9.04 -16.31 -38.00
N LYS C 258 10.09 -17.00 -37.56
CA LYS C 258 9.92 -17.95 -36.46
C LYS C 258 9.48 -17.24 -35.19
N CYS C 259 10.06 -16.07 -34.91
CA CYS C 259 9.68 -15.32 -33.72
C CYS C 259 8.24 -14.85 -33.79
N ARG C 260 7.80 -14.41 -34.97
CA ARG C 260 6.40 -14.01 -35.12
C ARG C 260 5.47 -15.20 -34.89
N LYS C 261 5.84 -16.36 -35.41
CA LYS C 261 5.03 -17.55 -35.17
C LYS C 261 4.97 -17.88 -33.70
N ILE C 262 6.08 -17.69 -32.98
CA ILE C 262 6.08 -17.94 -31.54
C ILE C 262 5.14 -16.97 -30.83
N ALA C 263 5.23 -15.69 -31.18
CA ALA C 263 4.37 -14.70 -30.54
C ALA C 263 2.90 -14.93 -30.84
N GLU C 264 2.59 -15.59 -31.96
CA GLU C 264 1.21 -15.83 -32.31
C GLU C 264 0.49 -16.65 -31.23
N GLN C 265 1.22 -17.47 -30.47
CA GLN C 265 0.59 -18.27 -29.43
C GLN C 265 0.06 -17.42 -28.28
N TYR C 266 0.44 -16.15 -28.21
CA TYR C 266 -0.09 -15.23 -27.22
C TYR C 266 -0.91 -14.11 -27.82
N LEU C 267 -0.59 -13.68 -29.03
CA LEU C 267 -1.35 -12.61 -29.65
C LEU C 267 -2.48 -13.11 -30.53
N GLY C 268 -2.37 -14.30 -31.09
CA GLY C 268 -3.39 -14.81 -31.97
C GLY C 268 -2.86 -15.12 -33.35
N PRO C 269 -3.67 -15.80 -34.15
CA PRO C 269 -3.15 -16.30 -35.44
C PRO C 269 -2.74 -15.23 -36.43
N ASN C 270 -3.55 -14.19 -36.61
CA ASN C 270 -3.33 -13.25 -37.72
C ASN C 270 -3.47 -11.81 -37.25
N VAL C 271 -2.76 -11.45 -36.17
CA VAL C 271 -2.89 -10.12 -35.61
C VAL C 271 -2.52 -9.02 -36.59
N ASP C 272 -1.71 -9.33 -37.59
CA ASP C 272 -1.23 -8.32 -38.51
C ASP C 272 -2.23 -7.98 -39.61
N SER C 273 -3.50 -8.32 -39.44
CA SER C 273 -4.52 -8.03 -40.43
C SER C 273 -5.74 -7.42 -39.74
N PRO C 274 -6.54 -6.66 -40.46
CA PRO C 274 -7.75 -6.08 -39.85
C PRO C 274 -8.76 -7.12 -39.42
N ASN C 275 -8.66 -8.35 -39.91
CA ASN C 275 -9.64 -9.37 -39.57
C ASN C 275 -9.69 -9.65 -38.08
N VAL C 276 -8.67 -9.24 -37.33
CA VAL C 276 -8.69 -9.43 -35.90
C VAL C 276 -9.88 -8.73 -35.26
N TYR C 277 -10.43 -7.70 -35.92
CA TYR C 277 -11.57 -7.00 -35.37
C TYR C 277 -12.90 -7.66 -35.70
N ASN C 278 -12.90 -8.75 -36.46
CA ASN C 278 -14.14 -9.40 -36.87
C ASN C 278 -14.39 -10.69 -36.10
N SER C 279 -13.78 -10.85 -34.93
CA SER C 279 -13.97 -12.06 -34.17
C SER C 279 -15.39 -12.19 -33.63
N GLY C 280 -16.13 -11.09 -33.57
CA GLY C 280 -17.52 -11.15 -33.14
C GLY C 280 -17.73 -11.21 -31.66
N LYS C 281 -16.72 -10.92 -30.85
CA LYS C 281 -16.87 -10.91 -29.40
C LYS C 281 -17.28 -9.52 -28.93
N GLU C 282 -17.73 -9.46 -27.68
CA GLU C 282 -18.17 -8.23 -27.05
C GLU C 282 -17.04 -7.23 -26.87
N PRO C 283 -17.14 -6.05 -27.49
CA PRO C 283 -16.12 -5.02 -27.29
C PRO C 283 -16.50 -4.07 -26.17
N LEU C 284 -15.49 -3.65 -25.42
CA LEU C 284 -15.71 -2.76 -24.29
C LEU C 284 -15.07 -1.40 -24.46
N VAL C 285 -14.01 -1.28 -25.24
CA VAL C 285 -13.32 -0.02 -25.47
C VAL C 285 -13.39 0.27 -26.95
N TYR C 286 -13.94 1.42 -27.31
CA TYR C 286 -14.04 1.83 -28.70
C TYR C 286 -12.94 2.83 -28.98
N ALA C 287 -12.06 2.49 -29.91
CA ALA C 287 -10.94 3.33 -30.27
C ALA C 287 -11.29 4.14 -31.51
N ILE C 288 -11.05 5.44 -31.46
CA ILE C 288 -11.32 6.33 -32.58
C ILE C 288 -10.12 7.25 -32.75
N GLY C 289 -9.66 7.40 -33.98
CA GLY C 289 -8.54 8.27 -34.23
C GLY C 289 -8.93 9.73 -34.14
N HIS C 290 -7.98 10.57 -33.73
CA HIS C 290 -8.31 11.95 -33.44
C HIS C 290 -7.07 12.80 -33.55
N CYS C 291 -7.24 14.02 -34.05
CA CYS C 291 -6.14 14.95 -34.23
C CYS C 291 -6.62 16.32 -33.81
N HIS C 292 -6.23 16.75 -32.61
CA HIS C 292 -6.64 18.03 -32.08
C HIS C 292 -5.61 19.08 -32.47
N ILE C 293 -5.97 19.95 -33.41
CA ILE C 293 -5.10 21.02 -33.86
C ILE C 293 -5.59 22.31 -33.22
N ASP C 294 -4.83 22.81 -32.26
CA ASP C 294 -5.15 24.10 -31.68
C ASP C 294 -4.92 25.19 -32.71
N SER C 295 -5.88 26.11 -32.80
CA SER C 295 -5.88 27.08 -33.90
C SER C 295 -4.75 28.09 -33.75
N CYS C 296 -4.48 28.56 -32.55
CA CYS C 296 -3.44 29.58 -32.42
C CYS C 296 -2.63 29.43 -31.14
N TRP C 297 -2.45 28.21 -30.65
CA TRP C 297 -1.86 28.06 -29.32
C TRP C 297 -0.45 28.62 -29.22
N LEU C 298 0.51 28.01 -29.89
CA LEU C 298 1.90 28.42 -29.79
C LEU C 298 2.48 28.75 -31.16
N TRP C 299 1.61 29.16 -32.07
CA TRP C 299 2.01 29.45 -33.45
C TRP C 299 0.98 30.39 -34.03
N PRO C 300 1.32 31.11 -35.08
CA PRO C 300 0.34 32.00 -35.71
C PRO C 300 -0.82 31.23 -36.33
N PHE C 301 -1.82 31.93 -36.86
CA PHE C 301 -2.93 31.24 -37.50
C PHE C 301 -2.52 30.60 -38.82
N ALA C 302 -1.60 31.23 -39.55
CA ALA C 302 -1.18 30.65 -40.82
C ALA C 302 -0.53 29.28 -40.61
N GLU C 303 0.27 29.15 -39.56
CA GLU C 303 0.85 27.85 -39.27
C GLU C 303 -0.23 26.82 -38.97
N THR C 304 -1.36 27.25 -38.40
CA THR C 304 -2.45 26.31 -38.20
C THR C 304 -3.07 25.91 -39.52
N LYS C 305 -3.23 26.87 -40.43
CA LYS C 305 -3.72 26.53 -41.76
C LYS C 305 -2.86 25.46 -42.39
N ARG C 306 -1.56 25.53 -42.17
CA ARG C 306 -0.68 24.50 -42.71
C ARG C 306 -0.78 23.18 -41.94
N LYS C 307 -0.89 23.25 -40.62
CA LYS C 307 -0.95 22.04 -39.81
C LYS C 307 -2.17 21.21 -40.16
N VAL C 308 -3.28 21.87 -40.49
CA VAL C 308 -4.51 21.14 -40.79
C VAL C 308 -4.29 20.23 -41.98
N VAL C 309 -3.76 20.77 -43.08
CA VAL C 309 -3.58 19.94 -44.27
C VAL C 309 -2.50 18.91 -44.02
N ARG C 310 -1.40 19.29 -43.36
CA ARG C 310 -0.33 18.33 -43.18
C ARG C 310 -0.69 17.22 -42.20
N SER C 311 -1.77 17.38 -41.44
CA SER C 311 -2.26 16.29 -40.61
C SER C 311 -3.34 15.46 -41.28
N TRP C 312 -4.31 16.11 -41.95
CA TRP C 312 -5.38 15.34 -42.56
C TRP C 312 -4.90 14.59 -43.79
N SER C 313 -3.87 15.07 -44.48
CA SER C 313 -3.31 14.29 -45.56
C SER C 313 -2.72 12.98 -45.05
N SER C 314 -1.98 13.05 -43.94
CA SER C 314 -1.45 11.84 -43.34
C SER C 314 -2.57 10.90 -42.91
N GLN C 315 -3.64 11.48 -42.34
CA GLN C 315 -4.75 10.64 -41.91
C GLN C 315 -5.42 9.95 -43.08
N CYS C 316 -5.62 10.66 -44.19
CA CYS C 316 -6.23 10.05 -45.35
C CYS C 316 -5.35 8.95 -45.93
N ASP C 317 -4.04 9.18 -45.98
CA ASP C 317 -3.14 8.13 -46.44
C ASP C 317 -3.22 6.90 -45.55
N LEU C 318 -3.21 7.11 -44.24
CA LEU C 318 -3.31 5.98 -43.31
C LEU C 318 -4.60 5.22 -43.51
N MET C 319 -5.72 5.94 -43.64
CA MET C 319 -7.00 5.26 -43.85
C MET C 319 -7.03 4.55 -45.18
N ASP C 320 -6.21 4.95 -46.14
CA ASP C 320 -6.04 4.13 -47.33
C ASP C 320 -5.29 2.84 -47.01
N ARG C 321 -4.26 2.93 -46.14
CA ARG C 321 -3.49 1.73 -45.83
C ARG C 321 -4.20 0.79 -44.86
N TYR C 322 -4.87 1.33 -43.85
CA TYR C 322 -5.51 0.51 -42.83
C TYR C 322 -7.02 0.60 -42.94
N PRO C 323 -7.71 -0.45 -43.37
CA PRO C 323 -9.14 -0.32 -43.65
C PRO C 323 -10.02 -0.21 -42.43
N GLU C 324 -9.49 -0.30 -41.22
CA GLU C 324 -10.31 -0.22 -40.02
C GLU C 324 -10.18 1.11 -39.29
N LEU C 325 -9.23 1.96 -39.67
CA LEU C 325 -9.03 3.22 -38.96
C LEU C 325 -10.18 4.17 -39.23
N ASN C 326 -10.69 4.79 -38.17
CA ASN C 326 -11.72 5.81 -38.28
C ASN C 326 -11.23 7.07 -37.58
N PHE C 327 -11.64 8.22 -38.10
CA PHE C 327 -11.05 9.48 -37.71
C PHE C 327 -12.14 10.50 -37.43
N VAL C 328 -11.94 11.34 -36.41
CA VAL C 328 -12.86 12.42 -36.09
C VAL C 328 -12.07 13.72 -35.97
N CYS C 329 -12.63 14.79 -36.52
CA CYS C 329 -12.01 16.10 -36.37
C CYS C 329 -13.09 17.17 -36.35
N SER C 330 -12.99 18.05 -35.37
CA SER C 330 -13.96 19.10 -35.12
C SER C 330 -13.52 20.39 -35.84
N GLN C 331 -14.10 21.53 -35.44
CA GLN C 331 -13.67 22.85 -35.88
C GLN C 331 -13.89 23.05 -37.38
N ALA C 332 -15.17 23.14 -37.74
CA ALA C 332 -15.60 23.50 -39.08
C ALA C 332 -14.81 24.64 -39.70
N GLN C 333 -14.27 25.53 -38.87
CA GLN C 333 -13.43 26.59 -39.40
C GLN C 333 -12.20 26.02 -40.08
N GLN C 334 -11.61 24.96 -39.52
CA GLN C 334 -10.47 24.33 -40.17
C GLN C 334 -10.87 23.68 -41.48
N TYR C 335 -12.08 23.12 -41.53
CA TYR C 335 -12.58 22.61 -42.81
C TYR C 335 -12.69 23.73 -43.83
N LYS C 336 -13.16 24.89 -43.42
CA LYS C 336 -13.28 26.01 -44.37
C LYS C 336 -11.92 26.46 -44.84
N TRP C 337 -10.93 26.51 -43.94
CA TRP C 337 -9.58 26.85 -44.35
C TRP C 337 -9.05 25.85 -45.38
N LEU C 338 -9.25 24.56 -45.11
CA LEU C 338 -8.80 23.54 -46.04
C LEU C 338 -9.50 23.68 -47.39
N LYS C 339 -10.80 23.96 -47.37
CA LYS C 339 -11.55 24.10 -48.61
C LYS C 339 -11.08 25.30 -49.41
N GLN C 340 -10.73 26.39 -48.73
CA GLN C 340 -10.30 27.59 -49.44
C GLN C 340 -8.89 27.46 -49.99
N LEU C 341 -7.97 26.90 -49.22
CA LEU C 341 -6.55 26.97 -49.56
C LEU C 341 -6.02 25.73 -50.25
N TYR C 342 -6.53 24.55 -49.93
CA TYR C 342 -6.03 23.29 -50.50
C TYR C 342 -7.22 22.51 -51.05
N PRO C 343 -7.73 22.90 -52.21
CA PRO C 343 -8.94 22.23 -52.72
C PRO C 343 -8.80 20.73 -52.90
N TYR C 344 -7.63 20.24 -53.31
CA TYR C 344 -7.48 18.80 -53.51
C TYR C 344 -7.57 18.05 -52.19
N ALA C 345 -6.92 18.57 -51.15
CA ALA C 345 -7.01 17.92 -49.85
C ALA C 345 -8.44 17.90 -49.34
N PHE C 346 -9.17 18.99 -49.54
CA PHE C 346 -10.56 19.01 -49.13
C PHE C 346 -11.38 18.02 -49.93
N GLU C 347 -11.09 17.88 -51.23
CA GLU C 347 -11.84 16.92 -52.03
C GLU C 347 -11.62 15.50 -51.53
N ARG C 348 -10.38 15.15 -51.21
CA ARG C 348 -10.15 13.80 -50.73
C ARG C 348 -10.71 13.60 -49.33
N VAL C 349 -10.71 14.65 -48.50
CA VAL C 349 -11.34 14.57 -47.19
C VAL C 349 -12.84 14.33 -47.33
N LYS C 350 -13.47 15.05 -48.25
CA LYS C 350 -14.91 14.89 -48.45
C LYS C 350 -15.23 13.51 -49.01
N LYS C 351 -14.36 12.99 -49.88
CA LYS C 351 -14.55 11.63 -50.37
C LYS C 351 -14.46 10.62 -49.23
N LYS C 352 -13.52 10.83 -48.31
CA LYS C 352 -13.45 9.96 -47.13
C LYS C 352 -14.71 10.08 -46.28
N VAL C 353 -15.22 11.30 -46.13
CA VAL C 353 -16.41 11.52 -45.32
C VAL C 353 -17.59 10.76 -45.90
N ALA C 354 -17.77 10.84 -47.22
CA ALA C 354 -18.86 10.10 -47.84
C ALA C 354 -18.64 8.59 -47.73
N GLU C 355 -17.40 8.16 -47.63
CA GLU C 355 -17.08 6.73 -47.56
C GLU C 355 -17.37 6.12 -46.20
N GLY C 356 -17.90 6.89 -45.27
CA GLY C 356 -18.24 6.37 -43.97
C GLY C 356 -17.12 6.44 -42.95
N ARG C 357 -15.92 6.81 -43.35
CA ARG C 357 -14.83 7.06 -42.42
C ARG C 357 -14.60 8.55 -42.35
N PHE C 358 -13.70 8.97 -41.47
CA PHE C 358 -13.41 10.39 -41.32
C PHE C 358 -14.67 11.18 -40.94
N HIS C 359 -15.15 10.90 -39.75
CA HIS C 359 -16.40 11.49 -39.30
C HIS C 359 -16.19 12.91 -38.80
N PRO C 360 -16.83 13.90 -39.37
CA PRO C 360 -16.77 15.24 -38.79
C PRO C 360 -17.82 15.42 -37.72
N ILE C 361 -17.40 15.65 -36.47
CA ILE C 361 -18.33 15.88 -35.39
C ILE C 361 -17.87 17.08 -34.58
N GLY C 362 -18.79 17.61 -33.79
CA GLY C 362 -18.53 18.78 -32.98
C GLY C 362 -19.53 19.87 -33.24
N GLY C 363 -19.88 20.06 -34.51
CA GLY C 363 -20.95 20.96 -34.86
C GLY C 363 -20.73 22.41 -34.49
N SER C 364 -19.51 22.80 -34.18
CA SER C 364 -19.21 24.18 -33.81
C SER C 364 -18.17 24.75 -34.76
N TRP C 365 -18.16 26.08 -34.85
CA TRP C 365 -17.21 26.73 -35.74
C TRP C 365 -15.78 26.43 -35.32
N VAL C 366 -15.46 26.63 -34.05
CA VAL C 366 -14.18 26.25 -33.48
C VAL C 366 -14.45 25.57 -32.14
N GLU C 367 -13.44 24.89 -31.63
CA GLU C 367 -13.50 24.33 -30.29
C GLU C 367 -13.35 25.49 -29.31
N HIS C 368 -14.43 26.24 -29.17
CA HIS C 368 -14.41 27.50 -28.44
C HIS C 368 -14.39 27.26 -26.94
N ASP C 369 -13.95 28.28 -26.21
CA ASP C 369 -14.19 28.31 -24.79
C ASP C 369 -15.66 28.58 -24.57
N THR C 370 -16.20 28.08 -23.47
CA THR C 370 -17.62 28.22 -23.19
C THR C 370 -17.91 29.09 -21.99
N ASN C 371 -16.89 29.55 -21.27
CA ASN C 371 -17.12 30.37 -20.10
C ASN C 371 -17.34 31.83 -20.48
N MET C 372 -16.39 32.41 -21.20
CA MET C 372 -16.44 33.85 -21.46
C MET C 372 -17.44 34.27 -22.53
N PRO C 373 -17.51 33.62 -23.70
CA PRO C 373 -18.38 34.15 -24.75
C PRO C 373 -19.83 34.23 -24.31
N SER C 374 -20.51 35.28 -24.75
CA SER C 374 -21.89 35.48 -24.37
C SER C 374 -22.77 34.40 -24.99
N GLY C 375 -24.05 34.43 -24.62
CA GLY C 375 -24.96 33.41 -25.12
C GLY C 375 -25.09 33.44 -26.62
N GLU C 376 -25.22 34.63 -27.19
CA GLU C 376 -25.35 34.71 -28.65
C GLU C 376 -24.11 34.19 -29.34
N SER C 377 -22.94 34.35 -28.73
CA SER C 377 -21.73 33.78 -29.33
C SER C 377 -21.82 32.25 -29.40
N LEU C 378 -22.29 31.62 -28.33
CA LEU C 378 -22.43 30.17 -28.36
C LEU C 378 -23.44 29.74 -29.41
N VAL C 379 -24.57 30.47 -29.49
CA VAL C 379 -25.57 30.14 -30.50
C VAL C 379 -24.97 30.28 -31.89
N ARG C 380 -24.19 31.32 -32.12
CA ARG C 380 -23.58 31.50 -33.44
C ARG C 380 -22.58 30.39 -33.73
N GLN C 381 -21.80 29.98 -32.73
CA GLN C 381 -20.88 28.87 -32.94
C GLN C 381 -21.62 27.66 -33.46
N PHE C 382 -22.69 27.27 -32.76
CA PHE C 382 -23.45 26.11 -33.20
C PHE C 382 -24.07 26.33 -34.56
N LEU C 383 -24.64 27.51 -34.78
CA LEU C 383 -25.35 27.77 -36.03
C LEU C 383 -24.40 27.68 -37.23
N TYR C 384 -23.27 28.37 -37.16
CA TYR C 384 -22.35 28.38 -38.27
C TYR C 384 -21.71 27.01 -38.48
N GLY C 385 -21.34 26.33 -37.40
CA GLY C 385 -20.76 25.02 -37.55
C GLY C 385 -21.71 24.04 -38.21
N GLN C 386 -22.94 23.98 -37.72
CA GLN C 386 -23.91 23.03 -38.27
C GLN C 386 -24.28 23.40 -39.70
N ARG C 387 -24.41 24.69 -39.99
CA ARG C 387 -24.73 25.08 -41.36
C ARG C 387 -23.61 24.69 -42.31
N PHE C 388 -22.35 24.87 -41.89
CA PHE C 388 -21.25 24.46 -42.74
C PHE C 388 -21.27 22.96 -42.98
N TYR C 389 -21.46 22.18 -41.91
CA TYR C 389 -21.45 20.74 -42.06
C TYR C 389 -22.60 20.27 -42.95
N GLU C 390 -23.77 20.89 -42.80
CA GLU C 390 -24.91 20.47 -43.60
C GLU C 390 -24.74 20.87 -45.06
N SER C 391 -24.12 22.02 -45.33
CA SER C 391 -23.99 22.45 -46.71
C SER C 391 -22.91 21.68 -47.44
N ASN C 392 -21.80 21.38 -46.77
CA ASN C 392 -20.70 20.72 -47.46
C ASN C 392 -20.85 19.20 -47.46
N PHE C 393 -20.91 18.60 -46.28
CA PHE C 393 -21.26 17.19 -46.18
C PHE C 393 -22.77 17.06 -46.07
N GLY C 394 -23.27 15.84 -46.28
CA GLY C 394 -24.70 15.65 -46.31
C GLY C 394 -25.37 15.91 -44.99
N LYS C 395 -24.80 15.40 -43.91
CA LYS C 395 -25.50 15.29 -42.65
C LYS C 395 -25.08 16.40 -41.70
N ARG C 396 -25.55 16.31 -40.47
CA ARG C 396 -25.37 17.32 -39.44
C ARG C 396 -24.96 16.62 -38.15
N CYS C 397 -23.96 17.16 -37.47
CA CYS C 397 -23.40 16.47 -36.32
C CYS C 397 -24.41 16.33 -35.20
N LYS C 398 -24.33 15.21 -34.48
CA LYS C 398 -25.16 14.97 -33.31
C LYS C 398 -24.36 14.89 -32.03
N THR C 399 -23.05 15.08 -32.08
CA THR C 399 -22.18 14.99 -30.92
C THR C 399 -21.44 16.30 -30.74
N PHE C 400 -21.42 16.81 -29.51
CA PHE C 400 -20.67 18.01 -29.19
C PHE C 400 -19.28 17.58 -28.73
N TRP C 401 -18.27 17.89 -29.52
CA TRP C 401 -16.91 17.49 -29.25
C TRP C 401 -16.15 18.68 -28.69
N LEU C 402 -15.65 18.54 -27.48
CA LEU C 402 -15.01 19.66 -26.81
C LEU C 402 -14.00 19.16 -25.80
N PRO C 403 -12.95 18.46 -26.23
CA PRO C 403 -12.07 17.76 -25.28
C PRO C 403 -10.97 18.62 -24.69
N ASP C 404 -10.95 19.92 -24.93
CA ASP C 404 -9.84 20.74 -24.47
C ASP C 404 -10.26 22.08 -23.90
N THR C 405 -11.53 22.25 -23.56
CA THR C 405 -12.05 23.54 -23.15
C THR C 405 -11.95 23.72 -21.64
N PHE C 406 -11.57 24.93 -21.22
CA PHE C 406 -11.39 25.24 -19.81
C PHE C 406 -12.75 25.57 -19.20
N GLY C 407 -13.45 24.53 -18.79
CA GLY C 407 -14.71 24.79 -18.10
C GLY C 407 -15.87 24.92 -19.05
N TYR C 408 -17.04 24.55 -18.55
CA TYR C 408 -18.25 24.48 -19.37
C TYR C 408 -19.38 25.19 -18.65
N SER C 409 -20.04 26.10 -19.37
CA SER C 409 -21.09 26.90 -18.76
C SER C 409 -22.30 26.03 -18.43
N ALA C 410 -23.06 26.47 -17.44
CA ALA C 410 -24.17 25.67 -16.95
C ALA C 410 -25.29 25.52 -17.96
N GLN C 411 -25.36 26.38 -18.97
CA GLN C 411 -26.44 26.35 -19.94
C GLN C 411 -26.06 25.64 -21.22
N LEU C 412 -24.86 25.07 -21.28
CA LEU C 412 -24.44 24.38 -22.50
C LEU C 412 -25.37 23.22 -22.91
N PRO C 413 -25.83 22.35 -22.01
CA PRO C 413 -26.70 21.26 -22.46
C PRO C 413 -27.97 21.75 -23.13
N GLN C 414 -28.54 22.87 -22.68
CA GLN C 414 -29.74 23.38 -23.33
C GLN C 414 -29.45 23.81 -24.75
N LEU C 415 -28.34 24.53 -24.97
CA LEU C 415 -27.99 24.94 -26.31
C LEU C 415 -27.69 23.74 -27.19
N CYS C 416 -27.06 22.71 -26.62
CA CYS C 416 -26.80 21.50 -27.39
C CYS C 416 -28.09 20.83 -27.80
N ARG C 417 -29.06 20.72 -26.89
CA ARG C 417 -30.32 20.08 -27.24
C ARG C 417 -31.09 20.91 -28.25
N LEU C 418 -30.96 22.23 -28.20
CA LEU C 418 -31.62 23.07 -29.18
C LEU C 418 -30.92 23.06 -30.53
N ALA C 419 -29.67 22.61 -30.59
CA ALA C 419 -28.95 22.50 -31.85
C ALA C 419 -28.99 21.10 -32.41
N GLY C 420 -29.81 20.21 -31.86
CA GLY C 420 -29.92 18.86 -32.34
C GLY C 420 -28.83 17.93 -31.88
N MET C 421 -27.99 18.34 -30.95
CA MET C 421 -26.87 17.54 -30.46
C MET C 421 -27.18 17.06 -29.05
N THR C 422 -27.42 15.76 -28.91
CA THR C 422 -27.79 15.17 -27.64
C THR C 422 -26.64 14.51 -26.93
N ARG C 423 -25.42 14.66 -27.43
CA ARG C 423 -24.26 13.97 -26.88
C ARG C 423 -23.12 14.94 -26.71
N PHE C 424 -22.30 14.69 -25.70
CA PHE C 424 -21.22 15.59 -25.36
C PHE C 424 -20.01 14.78 -24.91
N LEU C 425 -18.84 15.21 -25.34
CA LEU C 425 -17.62 14.50 -25.00
C LEU C 425 -16.56 15.49 -24.56
N THR C 426 -15.83 15.13 -23.51
CA THR C 426 -14.80 16.00 -23.00
C THR C 426 -13.86 15.22 -22.08
N GLN C 427 -12.64 15.69 -21.97
CA GLN C 427 -11.69 15.06 -21.07
C GLN C 427 -10.90 16.05 -20.24
N LYS C 428 -11.19 17.34 -20.33
CA LYS C 428 -10.38 18.33 -19.62
C LYS C 428 -10.53 18.21 -18.12
N LEU C 429 -11.70 17.80 -17.65
CA LEU C 429 -11.94 17.76 -16.22
C LEU C 429 -11.06 16.76 -15.49
N SER C 430 -10.40 15.86 -16.21
CA SER C 430 -9.46 14.96 -15.59
C SER C 430 -8.21 15.68 -15.09
N TRP C 431 -8.03 16.94 -15.46
CA TRP C 431 -6.87 17.71 -15.04
C TRP C 431 -7.09 18.42 -13.71
N ASN C 432 -8.27 18.28 -13.10
CA ASN C 432 -8.52 18.92 -11.83
C ASN C 432 -7.49 18.50 -10.81
N ASN C 433 -6.84 19.48 -10.18
CA ASN C 433 -5.78 19.20 -9.23
C ASN C 433 -6.24 19.30 -7.78
N ILE C 434 -7.55 19.44 -7.55
CA ILE C 434 -8.05 19.52 -6.18
C ILE C 434 -9.06 18.42 -5.95
N ASN C 435 -10.15 18.44 -6.72
CA ASN C 435 -11.20 17.44 -6.59
C ASN C 435 -11.24 16.58 -7.83
N ARG C 436 -11.10 15.28 -7.66
CA ARG C 436 -11.30 14.37 -8.77
C ARG C 436 -12.76 14.36 -9.16
N PHE C 437 -13.05 14.63 -10.43
CA PHE C 437 -14.41 14.59 -10.89
C PHE C 437 -14.95 13.16 -10.77
N PRO C 438 -16.11 12.95 -10.19
CA PRO C 438 -16.50 11.62 -9.74
C PRO C 438 -17.14 10.73 -10.79
N HIS C 439 -17.38 11.20 -12.01
CA HIS C 439 -18.15 10.41 -12.97
C HIS C 439 -17.40 10.31 -14.30
N THR C 440 -17.69 9.24 -15.03
CA THR C 440 -17.17 9.02 -16.37
C THR C 440 -18.24 9.16 -17.43
N THR C 441 -19.40 8.55 -17.23
CA THR C 441 -20.55 8.70 -18.10
C THR C 441 -21.72 9.17 -17.27
N PHE C 442 -22.35 10.25 -17.69
CA PHE C 442 -23.43 10.80 -16.87
C PHE C 442 -24.37 11.63 -17.73
N ASN C 443 -25.48 12.01 -17.13
CA ASN C 443 -26.44 12.92 -17.73
C ASN C 443 -26.14 14.32 -17.22
N TRP C 444 -25.66 15.19 -18.08
CA TRP C 444 -25.38 16.56 -17.72
C TRP C 444 -26.64 17.37 -17.95
N VAL C 445 -27.16 17.97 -16.88
CA VAL C 445 -28.44 18.66 -16.90
C VAL C 445 -28.19 20.16 -16.81
N ALA C 446 -28.79 20.91 -17.72
CA ALA C 446 -28.59 22.34 -17.76
C ALA C 446 -29.40 23.03 -16.67
N LEU C 447 -29.38 24.36 -16.68
CA LEU C 447 -30.16 25.11 -15.71
C LEU C 447 -31.65 24.93 -15.95
N ASP C 448 -32.07 24.84 -17.21
CA ASP C 448 -33.49 24.66 -17.50
C ASP C 448 -33.97 23.23 -17.35
N GLY C 449 -33.07 22.28 -17.17
CA GLY C 449 -33.44 20.89 -17.11
C GLY C 449 -33.15 20.08 -18.35
N SER C 450 -32.77 20.73 -19.45
CA SER C 450 -32.34 19.98 -20.62
C SER C 450 -31.09 19.19 -20.30
N GLN C 451 -31.01 17.98 -20.84
CA GLN C 451 -29.92 17.08 -20.50
C GLN C 451 -29.25 16.55 -21.76
N VAL C 452 -27.95 16.30 -21.63
CA VAL C 452 -27.18 15.62 -22.66
C VAL C 452 -26.43 14.48 -22.01
N ILE C 453 -25.93 13.57 -22.83
CA ILE C 453 -25.11 12.46 -22.33
C ILE C 453 -23.65 12.88 -22.45
N CYS C 454 -22.98 13.01 -21.32
CA CYS C 454 -21.57 13.36 -21.31
C CYS C 454 -20.76 12.12 -21.01
N HIS C 455 -19.71 11.90 -21.78
CA HIS C 455 -18.78 10.81 -21.55
C HIS C 455 -17.37 11.38 -21.49
N MET C 456 -16.63 10.99 -20.47
CA MET C 456 -15.25 11.44 -20.30
C MET C 456 -14.34 10.23 -20.39
N PRO C 457 -13.55 10.11 -21.45
CA PRO C 457 -12.75 8.90 -21.64
C PRO C 457 -11.91 8.58 -20.42
N PRO C 458 -12.06 7.38 -19.87
CA PRO C 458 -11.35 7.06 -18.62
C PRO C 458 -9.85 7.21 -18.74
N SER C 459 -9.26 6.78 -19.84
CA SER C 459 -7.90 7.20 -20.14
C SER C 459 -7.91 8.70 -20.30
N GLU C 460 -7.13 9.39 -19.49
CA GLU C 460 -7.38 10.79 -19.23
C GLU C 460 -6.78 11.71 -20.28
N THR C 461 -6.63 11.23 -21.52
CA THR C 461 -6.07 12.03 -22.58
C THR C 461 -6.92 11.90 -23.83
N TYR C 462 -6.88 12.94 -24.66
CA TYR C 462 -7.37 12.86 -26.02
C TYR C 462 -6.25 12.56 -27.00
N THR C 463 -5.02 12.42 -26.50
CA THR C 463 -3.88 12.05 -27.33
C THR C 463 -3.27 10.76 -26.81
N ALA C 464 -4.10 9.77 -26.52
CA ALA C 464 -3.59 8.52 -25.99
C ALA C 464 -2.59 7.91 -26.96
N GLU C 465 -1.45 7.47 -26.43
CA GLU C 465 -0.43 6.86 -27.26
C GLU C 465 -0.79 5.45 -27.67
N ALA C 466 -2.03 5.02 -27.41
CA ALA C 466 -2.49 3.67 -27.69
C ALA C 466 -1.60 2.63 -27.03
N HIS C 467 -1.03 2.98 -25.89
CA HIS C 467 -0.24 2.02 -25.14
C HIS C 467 -1.15 0.92 -24.60
N PHE C 468 -0.52 -0.19 -24.23
CA PHE C 468 -1.23 -1.22 -23.50
C PHE C 468 -1.81 -0.66 -22.21
N GLY C 469 -1.05 0.20 -21.54
CA GLY C 469 -1.54 0.83 -20.33
C GLY C 469 -2.77 1.67 -20.55
N ASP C 470 -2.87 2.33 -21.71
CA ASP C 470 -4.05 3.15 -21.97
C ASP C 470 -5.30 2.28 -22.12
N VAL C 471 -5.21 1.17 -22.82
CA VAL C 471 -6.35 0.28 -22.94
C VAL C 471 -6.71 -0.30 -21.59
N LYS C 472 -5.70 -0.64 -20.78
CA LYS C 472 -5.98 -1.13 -19.44
C LYS C 472 -6.67 -0.08 -18.58
N ARG C 473 -6.21 1.17 -18.65
CA ARG C 473 -6.78 2.22 -17.84
C ARG C 473 -8.14 2.65 -18.34
N SER C 474 -8.49 2.34 -19.58
CA SER C 474 -9.82 2.65 -20.07
C SER C 474 -10.89 1.93 -19.26
N MET C 475 -10.53 0.89 -18.53
CA MET C 475 -11.42 0.24 -17.59
C MET C 475 -10.98 0.39 -16.15
N SER C 476 -9.67 0.41 -15.88
CA SER C 476 -9.23 0.51 -14.50
C SER C 476 -9.56 1.87 -13.89
N GLN C 477 -9.69 2.90 -14.71
CA GLN C 477 -10.00 4.24 -14.23
C GLN C 477 -11.41 4.67 -14.54
N HIS C 478 -12.24 3.78 -15.05
CA HIS C 478 -13.63 4.08 -15.32
C HIS C 478 -14.35 4.32 -14.01
N LYS C 479 -14.97 5.48 -13.86
CA LYS C 479 -15.61 5.86 -12.61
C LYS C 479 -17.10 5.57 -12.57
N SER C 480 -17.68 5.09 -13.66
CA SER C 480 -19.11 4.83 -13.73
C SER C 480 -19.39 3.42 -14.16
N LEU C 481 -18.62 2.46 -13.65
CA LEU C 481 -18.78 1.07 -14.06
C LEU C 481 -20.10 0.48 -13.59
N ASP C 482 -20.75 1.10 -12.60
CA ASP C 482 -22.02 0.59 -12.13
C ASP C 482 -23.09 0.68 -13.20
N GLN C 483 -23.11 1.77 -13.95
CA GLN C 483 -24.16 1.97 -14.93
C GLN C 483 -23.78 1.48 -16.31
N ASP C 484 -22.52 1.62 -16.70
CA ASP C 484 -22.08 1.15 -18.00
C ASP C 484 -20.60 0.85 -17.95
N ASN C 485 -20.17 -0.11 -18.76
CA ASN C 485 -18.77 -0.51 -18.80
C ASN C 485 -18.06 -0.14 -20.09
N THR C 486 -18.79 0.25 -21.13
CA THR C 486 -18.14 0.67 -22.34
C THR C 486 -17.49 2.03 -22.15
N SER C 487 -16.46 2.29 -22.95
CA SER C 487 -15.75 3.55 -22.86
C SER C 487 -15.08 3.83 -24.19
N LEU C 488 -14.70 5.08 -24.38
CA LEU C 488 -14.09 5.54 -25.63
C LEU C 488 -12.61 5.80 -25.39
N LEU C 489 -11.78 5.28 -26.27
CA LEU C 489 -10.34 5.51 -26.24
C LEU C 489 -9.99 6.40 -27.43
N VAL C 490 -9.68 7.65 -27.15
CA VAL C 490 -9.37 8.64 -28.17
C VAL C 490 -7.86 8.69 -28.30
N PHE C 491 -7.32 8.25 -29.43
CA PHE C 491 -5.89 8.14 -29.62
C PHE C 491 -5.44 8.98 -30.80
N GLY C 492 -4.23 9.48 -30.70
CA GLY C 492 -3.66 10.35 -31.72
C GLY C 492 -2.54 11.15 -31.12
N LYS C 493 -2.23 12.28 -31.77
CA LYS C 493 -1.24 13.22 -31.26
C LYS C 493 -1.81 14.62 -31.42
N GLY C 494 -2.36 15.15 -30.34
CA GLY C 494 -3.11 16.38 -30.37
C GLY C 494 -2.24 17.60 -30.19
N ASP C 495 -2.87 18.65 -29.67
CA ASP C 495 -2.27 19.96 -29.43
C ASP C 495 -1.34 20.36 -30.57
N GLY C 496 -1.92 20.49 -31.75
CA GLY C 496 -1.20 20.92 -32.93
C GLY C 496 -0.52 19.81 -33.69
N GLY C 497 -0.50 18.61 -33.16
CA GLY C 497 0.18 17.51 -33.81
C GLY C 497 -0.64 16.89 -34.92
N GLY C 498 -0.02 15.91 -35.59
CA GLY C 498 -0.72 15.12 -36.56
C GLY C 498 -1.54 14.03 -35.90
N GLY C 499 -2.33 13.34 -36.69
CA GLY C 499 -3.23 12.35 -36.17
C GLY C 499 -2.52 11.10 -35.67
N PRO C 500 -3.24 9.99 -35.67
CA PRO C 500 -2.60 8.72 -35.29
C PRO C 500 -1.54 8.30 -36.28
N THR C 501 -0.54 7.59 -35.77
CA THR C 501 0.50 7.00 -36.59
C THR C 501 0.21 5.52 -36.78
N TRP C 502 0.95 4.91 -37.71
CA TRP C 502 0.74 3.48 -37.96
C TRP C 502 1.10 2.64 -36.74
N VAL C 503 2.04 3.13 -35.92
CA VAL C 503 2.42 2.41 -34.73
C VAL C 503 1.23 2.21 -33.81
N GLN C 504 0.43 3.26 -33.62
CA GLN C 504 -0.72 3.16 -32.74
C GLN C 504 -1.75 2.18 -33.27
N ILE C 505 -1.99 2.18 -34.58
CA ILE C 505 -2.98 1.27 -35.15
C ILE C 505 -2.52 -0.18 -34.97
N GLU C 506 -1.25 -0.44 -35.25
CA GLU C 506 -0.74 -1.80 -35.06
C GLU C 506 -0.80 -2.22 -33.60
N LYS C 507 -0.51 -1.29 -32.69
CA LYS C 507 -0.56 -1.62 -31.28
C LYS C 507 -1.99 -1.94 -30.85
N LEU C 508 -2.97 -1.23 -31.38
CA LEU C 508 -4.35 -1.56 -31.06
C LEU C 508 -4.73 -2.93 -31.60
N ARG C 509 -4.24 -3.27 -32.79
CA ARG C 509 -4.48 -4.62 -33.31
C ARG C 509 -3.92 -5.67 -32.37
N ARG C 510 -2.70 -5.46 -31.89
CA ARG C 510 -2.10 -6.41 -30.96
C ARG C 510 -2.89 -6.49 -29.67
N CYS C 511 -3.38 -5.35 -29.19
CA CYS C 511 -4.17 -5.34 -27.96
C CYS C 511 -5.42 -6.18 -28.12
N ARG C 512 -6.12 -6.03 -29.24
CA ARG C 512 -7.32 -6.84 -29.43
C ARG C 512 -6.96 -8.31 -29.58
N GLY C 513 -5.85 -8.61 -30.23
CA GLY C 513 -5.43 -10.00 -30.29
C GLY C 513 -5.20 -10.59 -28.92
N ILE C 514 -4.54 -9.83 -28.04
CA ILE C 514 -4.32 -10.28 -26.67
C ILE C 514 -5.66 -10.54 -25.99
N SER C 515 -6.58 -9.59 -26.09
CA SER C 515 -7.86 -9.75 -25.42
C SER C 515 -8.64 -10.93 -25.98
N ASP C 516 -8.45 -11.26 -27.25
CA ASP C 516 -9.14 -12.40 -27.82
C ASP C 516 -8.52 -13.72 -27.41
N THR C 517 -7.20 -13.77 -27.22
CA THR C 517 -6.56 -15.03 -26.89
C THR C 517 -6.50 -15.28 -25.39
N VAL C 518 -6.06 -14.29 -24.62
CA VAL C 518 -6.00 -14.39 -23.16
C VAL C 518 -6.83 -13.24 -22.60
N GLY C 519 -8.11 -13.52 -22.35
CA GLY C 519 -9.05 -12.46 -22.13
C GLY C 519 -8.96 -11.74 -20.79
N LEU C 520 -7.90 -10.97 -20.58
CA LEU C 520 -7.82 -10.11 -19.40
C LEU C 520 -7.88 -8.63 -19.73
N LEU C 521 -7.30 -8.22 -20.85
CA LEU C 521 -7.47 -6.86 -21.30
C LEU C 521 -8.94 -6.62 -21.67
N PRO C 522 -9.46 -5.42 -21.43
CA PRO C 522 -10.75 -5.08 -22.02
C PRO C 522 -10.66 -5.11 -23.53
N ARG C 523 -11.68 -5.68 -24.17
CA ARG C 523 -11.64 -5.85 -25.61
C ARG C 523 -11.79 -4.50 -26.29
N VAL C 524 -10.89 -4.21 -27.22
CA VAL C 524 -10.87 -2.94 -27.93
C VAL C 524 -11.40 -3.15 -29.34
N HIS C 525 -12.11 -2.16 -29.86
CA HIS C 525 -12.70 -2.24 -31.18
C HIS C 525 -12.37 -0.98 -31.95
N MET C 526 -12.19 -1.11 -33.26
CA MET C 526 -11.69 0.01 -34.05
C MET C 526 -12.54 0.37 -35.25
N GLY C 527 -13.43 -0.48 -35.71
CA GLY C 527 -14.18 -0.13 -36.90
C GLY C 527 -15.40 0.72 -36.69
N SER C 528 -15.70 1.10 -35.45
CA SER C 528 -16.94 1.80 -35.16
C SER C 528 -16.72 3.31 -35.19
N SER C 529 -17.80 4.05 -34.94
CA SER C 529 -17.77 5.50 -34.91
C SER C 529 -18.21 5.99 -33.55
N VAL C 530 -18.04 7.29 -33.32
CA VAL C 530 -18.49 7.88 -32.06
C VAL C 530 -20.01 7.82 -31.97
N ASP C 531 -20.69 7.97 -33.10
CA ASP C 531 -22.15 7.90 -33.10
C ASP C 531 -22.64 6.54 -32.63
N ASP C 532 -21.94 5.47 -33.01
CA ASP C 532 -22.36 4.14 -32.58
C ASP C 532 -22.24 3.99 -31.07
N PHE C 533 -21.11 4.42 -30.52
CA PHE C 533 -20.88 4.32 -29.09
C PHE C 533 -21.92 5.12 -28.32
N PHE C 534 -22.21 6.33 -28.78
CA PHE C 534 -23.16 7.15 -28.05
C PHE C 534 -24.59 6.65 -28.26
N ASP C 535 -24.90 6.03 -29.39
CA ASP C 535 -26.21 5.43 -29.55
C ASP C 535 -26.39 4.26 -28.59
N ARG C 536 -25.34 3.46 -28.40
CA ARG C 536 -25.42 2.40 -27.41
C ARG C 536 -25.60 2.95 -26.01
N LEU C 537 -24.92 4.06 -25.70
CA LEU C 537 -25.12 4.69 -24.40
C LEU C 537 -26.54 5.22 -24.23
N GLU C 538 -27.09 5.82 -25.29
CA GLU C 538 -28.36 6.53 -25.19
C GLU C 538 -29.50 5.64 -24.78
N ARG C 539 -29.41 4.34 -25.01
CA ARG C 539 -30.52 3.45 -24.78
C ARG C 539 -30.54 2.90 -23.37
N LYS C 540 -29.57 3.26 -22.53
CA LYS C 540 -29.61 2.93 -21.12
C LYS C 540 -29.34 4.17 -20.27
N ALA C 541 -29.58 5.35 -20.82
CA ALA C 541 -29.23 6.60 -20.14
C ALA C 541 -30.18 6.98 -19.03
N ASP C 542 -31.33 6.32 -18.93
CA ASP C 542 -32.25 6.65 -17.84
C ASP C 542 -31.69 6.28 -16.48
N THR C 543 -30.69 5.39 -16.44
CA THR C 543 -30.10 4.95 -15.19
C THR C 543 -28.78 5.65 -14.89
N PHE C 544 -28.32 6.55 -15.75
CA PHE C 544 -27.04 7.20 -15.53
C PHE C 544 -27.14 8.20 -14.40
N VAL C 545 -25.99 8.47 -13.77
CA VAL C 545 -25.92 9.54 -12.80
C VAL C 545 -26.16 10.86 -13.50
N THR C 546 -26.75 11.82 -12.79
CA THR C 546 -26.98 13.15 -13.32
C THR C 546 -26.06 14.15 -12.62
N TRP C 547 -25.66 15.16 -13.37
CA TRP C 547 -24.92 16.29 -12.83
C TRP C 547 -25.67 17.56 -13.19
N TYR C 548 -26.02 18.34 -12.18
CA TYR C 548 -26.76 19.58 -12.37
C TYR C 548 -25.82 20.76 -12.29
N GLY C 549 -25.98 21.70 -13.21
CA GLY C 549 -25.21 22.93 -13.14
C GLY C 549 -23.91 22.87 -13.90
N GLU C 550 -23.08 23.86 -13.63
CA GLU C 550 -21.83 24.00 -14.37
C GLU C 550 -20.85 22.89 -14.03
N LEU C 551 -20.06 22.51 -15.02
CA LEU C 551 -18.94 21.60 -14.82
C LEU C 551 -17.71 22.46 -14.58
N TYR C 552 -17.47 22.80 -13.32
CA TYR C 552 -16.38 23.73 -13.02
C TYR C 552 -15.04 23.05 -13.22
N PHE C 553 -14.17 23.71 -13.99
CA PHE C 553 -12.83 23.22 -14.22
C PHE C 553 -11.91 23.87 -13.20
N GLU C 554 -11.19 23.04 -12.43
CA GLU C 554 -10.42 23.51 -11.29
C GLU C 554 -8.99 23.83 -11.66
N LEU C 555 -8.76 24.29 -12.87
CA LEU C 555 -7.43 24.68 -13.33
C LEU C 555 -7.61 25.84 -14.30
N HIS C 556 -6.51 26.51 -14.59
CA HIS C 556 -6.50 27.60 -15.58
C HIS C 556 -7.48 28.70 -15.19
N ARG C 557 -7.51 29.06 -13.91
CA ARG C 557 -8.40 30.11 -13.46
C ARG C 557 -7.90 31.50 -13.83
N GLY C 558 -6.61 31.65 -14.10
CA GLY C 558 -6.13 32.93 -14.58
C GLY C 558 -6.49 33.21 -16.01
N THR C 559 -7.06 32.23 -16.69
CA THR C 559 -7.50 32.41 -18.06
C THR C 559 -8.64 33.40 -18.19
N TYR C 560 -9.33 33.71 -17.10
CA TYR C 560 -10.37 34.72 -17.14
C TYR C 560 -9.84 36.14 -17.20
N THR C 561 -8.54 36.34 -17.03
CA THR C 561 -8.04 37.70 -16.89
C THR C 561 -6.91 38.02 -17.86
N THR C 562 -6.16 36.99 -18.29
CA THR C 562 -5.01 37.23 -19.13
C THR C 562 -5.42 37.81 -20.47
N GLN C 563 -4.58 38.69 -21.01
CA GLN C 563 -4.81 39.35 -22.31
C GLN C 563 -6.13 40.11 -22.30
N ALA C 564 -6.18 41.14 -21.45
CA ALA C 564 -7.40 41.89 -21.25
C ALA C 564 -7.90 42.51 -22.55
N LYS C 565 -7.00 42.87 -23.45
CA LYS C 565 -7.41 43.50 -24.70
C LYS C 565 -8.30 42.56 -25.50
N ASN C 566 -7.95 41.28 -25.55
CA ASN C 566 -8.74 40.34 -26.32
C ASN C 566 -10.14 40.19 -25.75
N LYS C 567 -10.27 40.10 -24.43
CA LYS C 567 -11.59 39.94 -23.84
C LYS C 567 -12.43 41.19 -24.02
N LYS C 568 -11.82 42.37 -23.86
CA LYS C 568 -12.55 43.59 -24.11
C LYS C 568 -13.04 43.66 -25.55
N ASN C 569 -12.16 43.30 -26.49
CA ASN C 569 -12.57 43.31 -27.89
C ASN C 569 -13.68 42.31 -28.15
N ASN C 570 -13.62 41.14 -27.53
CA ASN C 570 -14.64 40.14 -27.75
C ASN C 570 -15.99 40.63 -27.27
N ARG C 571 -16.05 41.21 -26.08
CA ARG C 571 -17.34 41.69 -25.60
C ARG C 571 -17.84 42.87 -26.44
N ARG C 572 -16.96 43.78 -26.82
CA ARG C 572 -17.37 44.88 -27.66
C ARG C 572 -17.91 44.38 -29.00
N ALA C 573 -17.24 43.39 -29.58
CA ALA C 573 -17.69 42.84 -30.85
C ALA C 573 -19.04 42.17 -30.72
N GLU C 574 -19.25 41.43 -29.63
CA GLU C 574 -20.55 40.80 -29.43
C GLU C 574 -21.65 41.84 -29.34
N ALA C 575 -21.44 42.87 -28.53
CA ALA C 575 -22.48 43.89 -28.37
C ALA C 575 -22.73 44.62 -29.68
N LYS C 576 -21.67 44.98 -30.40
CA LYS C 576 -21.83 45.69 -31.65
C LYS C 576 -22.54 44.83 -32.68
N LEU C 577 -22.23 43.54 -32.72
CA LEU C 577 -22.88 42.65 -33.67
C LEU C 577 -24.36 42.51 -33.35
N ARG C 578 -24.72 42.41 -32.08
CA ARG C 578 -26.13 42.36 -31.72
C ARG C 578 -26.85 43.63 -32.16
N ASP C 579 -26.25 44.79 -31.85
CA ASP C 579 -26.84 46.07 -32.23
C ASP C 579 -27.04 46.13 -33.73
N LEU C 580 -25.99 45.80 -34.48
CA LEU C 580 -26.05 45.92 -35.93
C LEU C 580 -27.05 44.96 -36.54
N GLU C 581 -27.14 43.75 -36.01
CA GLU C 581 -28.11 42.80 -36.52
C GLU C 581 -29.52 43.31 -36.30
N LEU C 582 -29.81 43.86 -35.13
CA LEU C 582 -31.14 44.42 -34.90
C LEU C 582 -31.43 45.57 -35.85
N LEU C 583 -30.49 46.49 -35.99
CA LEU C 583 -30.72 47.65 -36.84
C LEU C 583 -30.87 47.24 -38.30
N ALA C 584 -30.06 46.29 -38.76
CA ALA C 584 -30.16 45.83 -40.13
C ALA C 584 -31.46 45.10 -40.37
N THR C 585 -31.94 44.35 -39.38
CA THR C 585 -33.24 43.70 -39.53
C THR C 585 -34.33 44.75 -39.70
N ILE C 586 -34.32 45.78 -38.86
CA ILE C 586 -35.33 46.83 -38.96
C ILE C 586 -35.26 47.49 -40.32
N ALA C 587 -34.05 47.82 -40.78
CA ALA C 587 -33.91 48.49 -42.06
C ALA C 587 -34.36 47.61 -43.22
N SER C 588 -33.97 46.33 -43.20
CA SER C 588 -34.31 45.45 -44.30
C SER C 588 -35.79 45.20 -44.37
N VAL C 589 -36.46 45.10 -43.23
CA VAL C 589 -37.90 44.91 -43.27
C VAL C 589 -38.60 46.20 -43.72
N GLN C 590 -38.13 47.34 -43.23
CA GLN C 590 -38.79 48.60 -43.56
C GLN C 590 -38.63 48.95 -45.04
N ASP C 591 -37.43 48.90 -45.56
CA ASP C 591 -37.15 49.29 -46.94
C ASP C 591 -36.76 48.07 -47.75
N LYS C 592 -37.49 47.84 -48.85
CA LYS C 592 -37.21 46.67 -49.67
C LYS C 592 -35.95 46.81 -50.49
N SER C 593 -35.51 48.04 -50.78
CA SER C 593 -34.35 48.24 -51.62
C SER C 593 -33.04 48.03 -50.89
N TYR C 594 -33.05 47.98 -49.57
CA TYR C 594 -31.83 47.82 -48.78
C TYR C 594 -31.53 46.35 -48.61
N LYS C 595 -30.41 45.90 -49.17
CA LYS C 595 -30.06 44.49 -49.09
C LYS C 595 -29.42 44.18 -47.76
N TYR C 596 -29.95 43.19 -47.07
CA TYR C 596 -29.41 42.77 -45.79
C TYR C 596 -27.98 42.29 -45.99
N PRO C 597 -27.00 42.85 -45.31
CA PRO C 597 -25.60 42.55 -45.61
C PRO C 597 -25.14 41.21 -45.04
N LYS C 598 -25.52 40.13 -45.70
CA LYS C 598 -25.20 38.81 -45.19
C LYS C 598 -23.73 38.48 -45.36
N GLU C 599 -23.12 38.91 -46.47
CA GLU C 599 -21.70 38.68 -46.68
C GLU C 599 -20.88 39.25 -45.53
N GLU C 600 -21.10 40.52 -45.22
CA GLU C 600 -20.33 41.18 -44.19
C GLU C 600 -20.60 40.59 -42.82
N PHE C 601 -21.87 40.33 -42.51
CA PHE C 601 -22.19 39.74 -41.22
C PHE C 601 -21.53 38.39 -41.06
N ASP C 602 -21.55 37.57 -42.11
CA ASP C 602 -20.89 36.27 -42.04
C ASP C 602 -19.40 36.44 -41.82
N ALA C 603 -18.78 37.39 -42.51
CA ALA C 603 -17.34 37.59 -42.34
C ALA C 603 -17.01 37.99 -40.91
N MET C 604 -17.72 38.98 -40.37
CA MET C 604 -17.41 39.42 -39.01
C MET C 604 -17.72 38.33 -37.99
N TRP C 605 -18.82 37.61 -38.16
CA TRP C 605 -19.13 36.55 -37.21
C TRP C 605 -18.09 35.45 -37.26
N GLU C 606 -17.63 35.09 -38.46
CA GLU C 606 -16.59 34.06 -38.54
C GLU C 606 -15.32 34.51 -37.86
N ASN C 607 -14.92 35.77 -38.06
CA ASN C 607 -13.72 36.25 -37.39
C ASN C 607 -13.88 36.26 -35.88
N VAL C 608 -15.04 36.72 -35.39
CA VAL C 608 -15.25 36.78 -33.94
C VAL C 608 -15.24 35.38 -33.34
N LEU C 609 -15.95 34.45 -33.98
CA LEU C 609 -16.00 33.09 -33.47
C LEU C 609 -14.63 32.44 -33.49
N LEU C 610 -13.84 32.70 -34.54
CA LEU C 610 -12.49 32.17 -34.57
C LEU C 610 -11.67 32.73 -33.41
N CYS C 611 -11.80 34.03 -33.15
CA CYS C 611 -11.08 34.60 -32.02
C CYS C 611 -11.59 34.09 -30.68
N GLN C 612 -12.75 33.47 -30.65
CA GLN C 612 -13.24 32.83 -29.42
C GLN C 612 -12.69 31.44 -29.21
N PHE C 613 -11.61 31.07 -29.90
CA PHE C 613 -11.06 29.73 -29.79
C PHE C 613 -10.53 29.50 -28.38
N HIS C 614 -10.50 28.24 -27.96
CA HIS C 614 -10.19 27.96 -26.56
C HIS C 614 -8.77 28.24 -26.20
N ASP C 615 -7.97 28.84 -27.06
CA ASP C 615 -6.65 29.31 -26.69
C ASP C 615 -6.37 30.75 -27.10
N CYS C 616 -7.22 31.36 -27.92
CA CYS C 616 -7.04 32.77 -28.25
C CYS C 616 -7.68 33.65 -27.19
N LEU C 617 -9.00 33.55 -27.04
CA LEU C 617 -9.70 34.34 -26.03
C LEU C 617 -9.20 34.09 -24.61
N PRO C 618 -8.96 32.86 -24.17
CA PRO C 618 -8.45 32.67 -22.81
C PRO C 618 -7.08 33.28 -22.56
N GLY C 619 -6.50 33.91 -23.57
CA GLY C 619 -5.27 34.64 -23.38
C GLY C 619 -4.06 33.81 -23.05
N SER C 620 -3.86 32.70 -23.75
CA SER C 620 -2.76 31.80 -23.46
C SER C 620 -2.00 31.43 -24.73
N SER C 621 -1.67 32.44 -25.52
CA SER C 621 -0.97 32.23 -26.78
C SER C 621 0.24 33.15 -26.85
N ILE C 622 1.03 32.96 -27.91
CA ILE C 622 2.24 33.73 -28.13
C ILE C 622 1.89 35.08 -28.75
N GLU C 623 2.86 36.00 -28.81
CA GLU C 623 2.57 37.35 -29.27
C GLU C 623 2.03 37.38 -30.69
N MET C 624 2.63 36.63 -31.60
CA MET C 624 2.23 36.71 -33.00
C MET C 624 0.76 36.34 -33.17
N ALA C 625 0.28 35.38 -32.39
CA ALA C 625 -1.13 35.03 -32.44
C ALA C 625 -1.99 36.23 -32.07
N TYR C 626 -1.59 37.00 -31.07
CA TYR C 626 -2.40 38.14 -30.68
C TYR C 626 -2.25 39.30 -31.64
N ARG C 627 -1.13 39.40 -32.35
CA ARG C 627 -1.08 40.39 -33.42
C ARG C 627 -2.07 40.05 -34.52
N GLU C 628 -2.16 38.77 -34.89
CA GLU C 628 -3.15 38.39 -35.90
C GLU C 628 -4.57 38.58 -35.39
N SER C 629 -4.82 38.26 -34.12
CA SER C 629 -6.16 38.45 -33.57
C SER C 629 -6.52 39.93 -33.48
N ASP C 630 -5.54 40.78 -33.18
CA ASP C 630 -5.79 42.22 -33.20
C ASP C 630 -6.15 42.67 -34.60
N GLN C 631 -5.46 42.16 -35.61
CA GLN C 631 -5.82 42.49 -36.99
C GLN C 631 -7.24 42.02 -37.30
N MET C 632 -7.59 40.83 -36.83
CA MET C 632 -8.94 40.30 -37.07
C MET C 632 -9.99 41.21 -36.45
N TYR C 633 -9.77 41.64 -35.22
CA TYR C 633 -10.76 42.50 -34.56
C TYR C 633 -10.83 43.87 -35.23
N ALA C 634 -9.69 44.38 -35.69
CA ALA C 634 -9.71 45.65 -36.42
C ALA C 634 -10.54 45.52 -37.69
N ASP C 635 -10.38 44.41 -38.42
CA ASP C 635 -11.20 44.19 -39.60
C ASP C 635 -12.67 44.08 -39.24
N VAL C 636 -12.97 43.41 -38.13
CA VAL C 636 -14.37 43.26 -37.70
C VAL C 636 -14.97 44.63 -37.43
N PHE C 637 -14.25 45.49 -36.73
CA PHE C 637 -14.82 46.77 -36.38
C PHE C 637 -14.91 47.70 -37.59
N SER C 638 -13.97 47.60 -38.53
CA SER C 638 -14.10 48.39 -39.75
C SER C 638 -15.33 47.96 -40.56
N THR C 639 -15.54 46.64 -40.68
CA THR C 639 -16.72 46.16 -41.37
C THR C 639 -17.98 46.59 -40.65
N ALA C 640 -17.96 46.56 -39.32
CA ALA C 640 -19.10 47.03 -38.56
C ALA C 640 -19.38 48.50 -38.82
N GLU C 641 -18.32 49.31 -38.92
CA GLU C 641 -18.52 50.72 -39.23
C GLU C 641 -19.17 50.88 -40.58
N LYS C 642 -18.72 50.11 -41.58
CA LYS C 642 -19.33 50.21 -42.90
C LYS C 642 -20.80 49.82 -42.88
N ILE C 643 -21.11 48.72 -42.19
CA ILE C 643 -22.49 48.27 -42.11
C ILE C 643 -23.35 49.32 -41.42
N MET C 644 -22.85 49.88 -40.32
CA MET C 644 -23.62 50.86 -39.58
C MET C 644 -23.85 52.11 -40.41
N LYS C 645 -22.86 52.53 -41.19
CA LYS C 645 -23.05 53.67 -42.06
C LYS C 645 -24.14 53.41 -43.08
N GLY C 646 -24.12 52.22 -43.70
CA GLY C 646 -25.17 51.90 -44.65
C GLY C 646 -26.55 51.89 -44.01
N VAL C 647 -26.66 51.25 -42.85
CA VAL C 647 -27.96 51.14 -42.18
C VAL C 647 -28.46 52.51 -41.76
N SER C 648 -27.56 53.36 -41.25
CA SER C 648 -27.97 54.70 -40.86
C SER C 648 -28.40 55.50 -42.07
N GLN C 649 -27.77 55.29 -43.22
CA GLN C 649 -28.24 55.93 -44.44
C GLN C 649 -29.67 55.50 -44.73
N VAL C 650 -29.96 54.20 -44.60
CA VAL C 650 -31.30 53.73 -44.91
C VAL C 650 -32.26 54.02 -43.77
N LEU C 651 -31.86 53.70 -42.54
CA LEU C 651 -32.77 53.75 -41.41
C LEU C 651 -33.06 55.20 -41.04
N GLY C 652 -34.05 55.78 -41.69
CA GLY C 652 -34.23 57.21 -41.55
C GLY C 652 -32.96 57.88 -42.01
N LEU C 653 -32.33 58.65 -41.13
CA LEU C 653 -31.03 59.22 -41.41
C LEU C 653 -30.40 59.60 -40.08
N GLU C 654 -29.24 59.05 -39.81
CA GLU C 654 -28.55 59.24 -38.53
C GLU C 654 -27.10 59.56 -38.79
N PRO C 655 -26.80 60.72 -39.35
CA PRO C 655 -25.43 60.98 -39.83
C PRO C 655 -24.37 61.00 -38.75
N ALA C 656 -24.48 61.91 -37.79
CA ALA C 656 -23.38 62.18 -36.88
C ALA C 656 -23.89 63.11 -35.78
N LEU C 657 -22.95 63.62 -34.99
CA LEU C 657 -23.25 64.54 -33.90
C LEU C 657 -22.62 65.89 -34.16
N ASN C 658 -23.40 66.94 -33.93
CA ASN C 658 -22.97 68.32 -34.13
C ASN C 658 -23.22 69.12 -32.86
N HIS C 659 -23.15 70.45 -32.96
CA HIS C 659 -23.73 71.28 -31.91
C HIS C 659 -25.17 70.82 -31.70
N MET C 660 -25.45 70.27 -30.54
CA MET C 660 -26.70 69.55 -30.34
C MET C 660 -27.89 70.51 -30.27
N SER C 661 -29.07 69.95 -30.51
CA SER C 661 -30.30 70.74 -30.55
C SER C 661 -31.42 70.18 -29.68
N THR C 662 -31.25 68.97 -29.12
CA THR C 662 -32.23 68.27 -28.26
C THR C 662 -33.64 68.29 -28.84
N THR C 663 -33.76 68.55 -30.14
CA THR C 663 -35.01 68.33 -30.85
C THR C 663 -34.81 67.70 -32.22
N ASN C 664 -33.60 67.70 -32.76
CA ASN C 664 -33.28 67.02 -34.00
C ASN C 664 -32.43 65.79 -33.80
N THR C 665 -32.22 65.38 -32.55
CA THR C 665 -31.35 64.25 -32.25
C THR C 665 -32.11 63.19 -31.46
N VAL C 666 -31.84 61.94 -31.79
CA VAL C 666 -32.40 60.80 -31.08
C VAL C 666 -31.25 60.04 -30.45
N ALA C 667 -31.59 59.04 -29.65
CA ALA C 667 -30.62 58.17 -29.02
C ALA C 667 -30.91 56.74 -29.40
N LEU C 668 -29.90 56.03 -29.89
CA LEU C 668 -30.07 54.64 -30.24
C LEU C 668 -30.22 53.80 -28.97
N ASN C 669 -31.24 52.94 -28.95
CA ASN C 669 -31.53 52.14 -27.77
C ASN C 669 -30.91 50.75 -27.86
N THR C 670 -31.32 49.96 -28.84
CA THR C 670 -30.84 48.59 -29.04
C THR C 670 -31.05 47.70 -27.83
N LEU C 671 -31.95 48.07 -26.92
CA LEU C 671 -32.26 47.21 -25.78
C LEU C 671 -33.76 47.02 -25.72
N PRO C 672 -34.21 45.81 -25.44
CA PRO C 672 -35.62 45.46 -25.60
C PRO C 672 -36.49 45.74 -24.37
N TRP C 673 -36.40 46.95 -23.84
CA TRP C 673 -37.27 47.35 -22.75
C TRP C 673 -37.28 48.86 -22.68
N PRO C 674 -38.31 49.45 -22.07
CA PRO C 674 -38.32 50.91 -21.92
C PRO C 674 -37.10 51.37 -21.16
N ARG C 675 -36.55 52.49 -21.61
CA ARG C 675 -35.27 52.98 -21.12
C ARG C 675 -35.40 54.43 -20.74
N ARG C 676 -34.65 54.84 -19.73
CA ARG C 676 -34.72 56.20 -19.23
C ARG C 676 -33.40 56.50 -18.53
N GLU C 677 -32.50 57.19 -19.22
CA GLU C 677 -31.20 57.51 -18.65
C GLU C 677 -30.77 58.93 -18.97
N LEU C 678 -29.59 59.28 -18.50
CA LEU C 678 -28.99 60.60 -18.70
C LEU C 678 -28.01 60.53 -19.84
N VAL C 679 -28.19 61.38 -20.84
CA VAL C 679 -27.29 61.45 -21.97
C VAL C 679 -26.57 62.79 -21.92
N LYS C 680 -25.39 62.80 -22.54
CA LYS C 680 -24.37 63.81 -22.27
C LYS C 680 -24.27 64.83 -23.41
N ILE C 681 -25.41 65.22 -24.00
CA ILE C 681 -25.38 66.19 -25.08
C ILE C 681 -24.85 67.52 -24.59
N SER C 682 -24.28 68.30 -25.51
CA SER C 682 -23.92 69.69 -25.24
C SER C 682 -23.04 69.79 -23.99
N GLU C 683 -21.80 69.34 -24.17
CA GLU C 683 -20.95 68.79 -23.12
C GLU C 683 -21.09 69.50 -21.78
N LYS C 684 -21.37 70.81 -21.80
CA LYS C 684 -21.67 71.51 -20.56
C LYS C 684 -22.95 70.99 -19.91
N GLU C 685 -23.99 70.77 -20.72
CA GLU C 685 -25.30 70.37 -20.22
C GLU C 685 -25.54 68.88 -20.45
N ALA C 686 -26.77 68.44 -20.22
CA ALA C 686 -27.15 67.04 -20.40
C ALA C 686 -28.67 66.96 -20.51
N ALA C 687 -29.15 65.80 -20.94
CA ALA C 687 -30.58 65.61 -21.16
C ALA C 687 -30.98 64.22 -20.70
N VAL C 688 -32.28 63.94 -20.73
CA VAL C 688 -32.82 62.65 -20.35
C VAL C 688 -33.34 61.97 -21.60
N ALA C 689 -32.79 60.81 -21.92
CA ALA C 689 -33.25 59.99 -23.03
C ALA C 689 -34.20 58.96 -22.48
N HIS C 690 -35.45 59.02 -22.93
CA HIS C 690 -36.49 58.12 -22.45
C HIS C 690 -37.32 57.64 -23.63
N GLY C 691 -37.69 56.38 -23.61
CA GLY C 691 -38.50 55.84 -24.68
C GLY C 691 -38.58 54.33 -24.59
N THR C 692 -39.11 53.74 -25.65
CA THR C 692 -39.28 52.29 -25.66
C THR C 692 -38.72 51.65 -26.92
N GLY C 693 -38.74 52.37 -28.03
CA GLY C 693 -38.33 51.81 -29.29
C GLY C 693 -36.83 51.80 -29.45
N PRO C 694 -36.36 51.56 -30.68
CA PRO C 694 -34.92 51.69 -30.95
C PRO C 694 -34.44 53.12 -30.90
N PHE C 695 -35.33 54.10 -31.01
CA PHE C 695 -34.96 55.51 -30.98
C PHE C 695 -35.68 56.20 -29.84
N LEU C 696 -34.93 56.92 -29.02
CA LEU C 696 -35.46 57.63 -27.87
C LEU C 696 -35.36 59.12 -28.09
N LYS C 697 -36.37 59.85 -27.61
CA LYS C 697 -36.32 61.30 -27.64
C LYS C 697 -35.66 61.82 -26.38
N LEU C 698 -35.29 63.09 -26.39
CA LEU C 698 -34.65 63.72 -25.25
C LEU C 698 -35.56 64.78 -24.65
N GLN C 699 -35.28 65.11 -23.39
CA GLN C 699 -36.15 66.00 -22.62
C GLN C 699 -35.50 67.31 -22.22
N LYS C 700 -34.17 67.34 -22.05
CA LYS C 700 -33.43 68.55 -21.71
C LYS C 700 -33.96 69.16 -20.41
N LEU C 701 -33.71 68.42 -19.33
CA LEU C 701 -34.11 68.86 -18.01
C LEU C 701 -33.34 70.10 -17.56
N GLU C 702 -33.99 70.90 -16.72
CA GLU C 702 -33.32 71.99 -16.01
C GLU C 702 -34.19 72.38 -14.82
N THR C 703 -33.72 72.08 -13.62
CA THR C 703 -34.45 72.36 -12.38
C THR C 703 -33.38 72.54 -11.30
N THR C 704 -33.78 72.43 -10.02
CA THR C 704 -32.81 72.40 -8.94
C THR C 704 -31.76 71.33 -9.18
N LYS C 705 -30.56 71.56 -8.68
CA LYS C 705 -29.43 70.73 -9.03
C LYS C 705 -29.48 69.40 -8.28
N PRO C 706 -29.48 68.27 -8.97
CA PRO C 706 -29.13 67.00 -8.33
C PRO C 706 -27.62 66.87 -8.29
N LEU C 707 -27.14 65.80 -7.67
CA LEU C 707 -25.71 65.47 -7.71
C LEU C 707 -24.85 66.58 -7.13
N VAL C 708 -24.93 66.73 -5.86
CA VAL C 708 -24.03 67.67 -5.20
C VAL C 708 -22.74 66.95 -4.84
N THR C 709 -21.65 67.69 -4.80
CA THR C 709 -20.38 67.22 -4.26
C THR C 709 -19.85 68.25 -3.29
N LEU C 710 -19.40 67.79 -2.13
CA LEU C 710 -18.88 68.75 -1.17
C LEU C 710 -17.69 68.14 -0.41
N ARG C 711 -16.69 68.99 -0.16
CA ARG C 711 -15.51 68.59 0.58
C ARG C 711 -15.71 68.79 2.08
N GLN C 712 -15.26 67.81 2.85
CA GLN C 712 -15.14 68.00 4.28
C GLN C 712 -13.88 68.78 4.60
N VAL C 713 -13.86 69.37 5.80
CA VAL C 713 -12.72 70.14 6.25
C VAL C 713 -11.43 69.34 6.22
N THR C 714 -11.53 68.02 6.04
CA THR C 714 -10.36 67.16 5.91
C THR C 714 -9.58 67.42 4.63
N LYS C 715 -10.14 68.18 3.69
CA LYS C 715 -9.41 68.68 2.53
C LYS C 715 -9.13 67.55 1.54
N GLY C 716 -9.40 66.31 1.95
CA GLY C 716 -9.14 65.20 1.07
C GLY C 716 -10.31 64.28 0.92
N ALA C 717 -11.32 64.43 1.76
CA ALA C 717 -12.49 63.58 1.74
C ALA C 717 -13.63 64.29 1.03
N PHE C 718 -14.41 63.52 0.28
CA PHE C 718 -15.50 64.09 -0.50
C PHE C 718 -16.79 63.36 -0.20
N VAL C 719 -17.90 64.06 -0.35
CA VAL C 719 -19.21 63.46 -0.28
C VAL C 719 -19.89 63.76 -1.61
N LEU C 720 -20.13 62.71 -2.39
CA LEU C 720 -20.90 62.81 -3.62
C LEU C 720 -22.31 62.33 -3.28
N GLU C 721 -23.26 63.26 -3.24
CA GLU C 721 -24.62 62.93 -2.82
C GLU C 721 -25.53 63.02 -4.03
N ASN C 722 -26.26 61.94 -4.26
CA ASN C 722 -27.26 61.81 -5.29
C ASN C 722 -28.62 61.95 -4.63
N SER C 723 -29.69 61.70 -5.39
CA SER C 723 -30.99 61.56 -4.77
C SER C 723 -31.20 60.17 -4.18
N GLN C 724 -30.34 59.21 -4.51
CA GLN C 724 -30.47 57.86 -4.02
C GLN C 724 -29.25 57.32 -3.31
N LEU C 725 -28.07 57.89 -3.52
CA LEU C 725 -26.84 57.40 -2.94
C LEU C 725 -26.07 58.54 -2.30
N ARG C 726 -25.27 58.19 -1.30
CA ARG C 726 -24.31 59.12 -0.72
C ARG C 726 -22.98 58.39 -0.60
N VAL C 727 -21.96 58.89 -1.28
CA VAL C 727 -20.67 58.23 -1.34
C VAL C 727 -19.65 59.10 -0.62
N HIS C 728 -19.08 58.57 0.46
CA HIS C 728 -17.98 59.21 1.16
C HIS C 728 -16.70 58.60 0.62
N VAL C 729 -15.93 59.42 -0.08
CA VAL C 729 -14.70 59.00 -0.76
C VAL C 729 -13.53 59.60 -0.01
N GLU C 730 -12.72 58.73 0.58
CA GLU C 730 -11.45 59.08 1.21
C GLU C 730 -10.36 59.05 0.14
N LYS C 731 -9.10 58.96 0.53
CA LYS C 731 -7.99 59.05 -0.41
C LYS C 731 -8.02 57.84 -1.33
N GLY C 732 -8.96 57.86 -2.27
CA GLY C 732 -9.03 56.89 -3.34
C GLY C 732 -10.04 55.79 -3.14
N VAL C 733 -10.48 55.56 -1.91
CA VAL C 733 -11.38 54.45 -1.62
C VAL C 733 -12.72 55.00 -1.17
N ILE C 734 -13.76 54.20 -1.38
CA ILE C 734 -15.11 54.55 -0.96
C ILE C 734 -15.22 54.10 0.50
N THR C 735 -14.99 55.03 1.42
CA THR C 735 -15.09 54.68 2.83
C THR C 735 -16.53 54.53 3.28
N SER C 736 -17.49 55.12 2.57
CA SER C 736 -18.87 54.91 2.98
C SER C 736 -19.80 54.99 1.78
N LEU C 737 -20.84 54.18 1.78
CA LEU C 737 -21.82 54.17 0.70
C LEU C 737 -23.19 53.96 1.32
N TYR C 738 -23.95 55.04 1.43
CA TYR C 738 -25.24 55.05 2.09
C TYR C 738 -26.34 55.08 1.05
N ASP C 739 -27.29 54.14 1.17
CA ASP C 739 -28.43 54.08 0.26
C ASP C 739 -29.57 54.88 0.86
N LYS C 740 -29.98 55.95 0.19
CA LYS C 740 -31.00 56.81 0.75
C LYS C 740 -32.42 56.30 0.51
N GLN C 741 -32.58 55.23 -0.26
CA GLN C 741 -33.90 54.63 -0.43
C GLN C 741 -34.18 53.62 0.67
N ALA C 742 -33.32 52.63 0.82
CA ALA C 742 -33.30 51.77 1.99
C ALA C 742 -32.23 52.31 2.93
N ASN C 743 -32.65 52.98 4.00
CA ASN C 743 -31.72 53.80 4.77
C ASN C 743 -30.76 52.88 5.52
N ARG C 744 -29.79 52.35 4.77
CA ARG C 744 -28.79 51.48 5.35
C ARG C 744 -27.45 51.70 4.70
N GLU C 745 -26.40 51.44 5.47
CA GLU C 745 -25.04 51.53 4.96
C GLU C 745 -24.70 50.29 4.16
N VAL C 746 -24.02 50.49 3.04
CA VAL C 746 -23.62 49.36 2.22
C VAL C 746 -22.24 48.84 2.59
N ILE C 747 -21.32 49.72 2.98
CA ILE C 747 -19.97 49.29 3.32
C ILE C 747 -19.89 49.03 4.82
N PRO C 748 -19.34 47.89 5.24
CA PRO C 748 -19.23 47.62 6.68
C PRO C 748 -18.33 48.64 7.36
N LYS C 749 -18.56 48.81 8.66
CA LYS C 749 -17.77 49.75 9.44
C LYS C 749 -16.30 49.35 9.43
N GLY C 750 -15.43 50.33 9.19
CA GLY C 750 -14.01 50.12 9.26
C GLY C 750 -13.37 49.59 7.99
N GLN C 751 -14.16 49.13 7.04
CA GLN C 751 -13.62 48.64 5.77
C GLN C 751 -13.74 49.72 4.70
N LYS C 752 -13.15 49.44 3.55
CA LYS C 752 -13.08 50.42 2.47
C LYS C 752 -13.31 49.73 1.15
N ALA C 753 -14.35 50.14 0.44
CA ALA C 753 -14.70 49.55 -0.84
C ALA C 753 -13.92 50.20 -1.96
N ASN C 754 -13.90 49.51 -3.10
CA ASN C 754 -13.10 49.88 -4.26
C ASN C 754 -11.66 50.12 -3.77
N GLN C 755 -11.07 49.02 -3.34
CA GLN C 755 -9.72 49.04 -2.80
C GLN C 755 -8.83 48.22 -3.72
N TYR C 756 -7.79 48.84 -4.25
CA TYR C 756 -6.87 48.12 -5.11
C TYR C 756 -5.96 47.24 -4.28
N VAL C 757 -5.91 45.97 -4.62
CA VAL C 757 -5.03 45.03 -3.94
C VAL C 757 -4.19 44.33 -4.99
N ILE C 758 -3.03 43.85 -4.58
CA ILE C 758 -2.10 43.20 -5.47
C ILE C 758 -1.64 41.89 -4.83
N PHE C 759 -1.47 40.88 -5.67
CA PHE C 759 -1.04 39.55 -5.24
C PHE C 759 0.16 39.14 -6.08
N ASP C 760 0.91 38.18 -5.58
CA ASP C 760 1.99 37.59 -6.35
C ASP C 760 1.47 36.34 -7.04
N ASP C 761 1.56 36.30 -8.36
CA ASP C 761 0.89 35.24 -9.11
C ASP C 761 1.68 33.93 -9.09
N LYS C 762 2.83 33.92 -9.76
CA LYS C 762 3.76 32.80 -9.82
C LYS C 762 3.10 31.44 -9.75
N PRO C 763 2.32 31.05 -10.74
CA PRO C 763 1.71 29.70 -10.70
C PRO C 763 2.73 28.60 -10.84
N LEU C 764 2.28 27.35 -10.76
CA LEU C 764 3.23 26.22 -10.71
C LEU C 764 3.94 26.04 -12.05
N TYR C 765 3.20 25.70 -13.09
CA TYR C 765 3.80 25.54 -14.40
C TYR C 765 3.20 26.47 -15.45
N TRP C 766 1.89 26.45 -15.63
CA TRP C 766 1.25 27.18 -16.71
C TRP C 766 1.08 28.64 -16.30
N GLN C 767 2.01 29.48 -16.71
CA GLN C 767 2.01 30.87 -16.25
C GLN C 767 0.78 31.62 -16.73
N ALA C 768 0.51 31.61 -18.02
CA ALA C 768 -0.60 32.39 -18.54
C ALA C 768 -1.93 31.80 -18.14
N TRP C 769 -1.98 30.50 -17.89
CA TRP C 769 -3.25 29.85 -17.60
C TRP C 769 -3.61 29.97 -16.12
N ASP C 770 -2.74 29.49 -15.25
CA ASP C 770 -3.10 29.23 -13.87
C ASP C 770 -2.92 30.44 -12.97
N VAL C 771 -3.84 30.62 -12.05
CA VAL C 771 -3.60 31.31 -10.81
C VAL C 771 -3.97 30.34 -9.69
N GLU C 772 -3.05 30.12 -8.77
CA GLU C 772 -3.23 29.07 -7.78
C GLU C 772 -3.81 29.63 -6.50
N VAL C 773 -4.28 28.71 -5.64
CA VAL C 773 -5.01 29.12 -4.46
C VAL C 773 -4.09 29.87 -3.49
N TYR C 774 -2.83 29.45 -3.39
CA TYR C 774 -1.94 30.08 -2.42
C TYR C 774 -1.73 31.56 -2.71
N HIS C 775 -2.03 32.00 -3.92
CA HIS C 775 -1.88 33.42 -4.23
C HIS C 775 -2.74 34.28 -3.33
N LEU C 776 -3.79 33.73 -2.74
CA LEU C 776 -4.63 34.53 -1.86
C LEU C 776 -3.89 34.96 -0.59
N ASP C 777 -2.77 34.33 -0.26
CA ASP C 777 -2.08 34.68 0.96
C ASP C 777 -1.30 35.98 0.85
N THR C 778 -0.83 36.33 -0.34
CA THR C 778 0.02 37.49 -0.51
C THR C 778 -0.77 38.76 -0.83
N ARG C 779 -1.82 39.02 -0.05
CA ARG C 779 -2.61 40.21 -0.27
C ARG C 779 -1.84 41.44 0.18
N LYS C 780 -2.00 42.54 -0.55
CA LYS C 780 -1.31 43.78 -0.22
C LYS C 780 -2.10 44.93 -0.80
N GLU C 781 -2.47 45.89 0.04
CA GLU C 781 -3.28 47.02 -0.40
C GLU C 781 -2.39 48.13 -0.92
N LEU C 782 -2.88 48.83 -1.94
CA LEU C 782 -2.16 49.96 -2.50
C LEU C 782 -2.72 51.24 -1.90
N PRO C 783 -1.93 51.99 -1.14
CA PRO C 783 -2.52 53.06 -0.34
C PRO C 783 -2.40 54.46 -0.93
N SER C 784 -1.67 54.61 -2.02
CA SER C 784 -1.07 55.90 -2.33
C SER C 784 -2.05 56.94 -2.88
N GLY C 785 -3.35 56.75 -2.70
CA GLY C 785 -4.29 57.71 -3.22
C GLY C 785 -4.18 59.07 -2.57
N GLU C 786 -4.65 60.09 -3.30
CA GLU C 786 -4.86 61.42 -2.74
C GLU C 786 -5.86 62.12 -3.67
N THR C 787 -7.09 62.30 -3.19
CA THR C 787 -8.24 62.57 -4.05
C THR C 787 -8.37 64.07 -4.34
N GLU C 788 -8.96 64.37 -5.50
CA GLU C 788 -9.26 65.75 -5.87
C GLU C 788 -10.39 65.75 -6.89
N VAL C 789 -11.00 66.92 -7.07
CA VAL C 789 -12.16 67.05 -7.94
C VAL C 789 -11.76 66.88 -9.39
N HIS C 790 -12.62 66.23 -10.16
CA HIS C 790 -12.41 66.06 -11.60
C HIS C 790 -13.52 66.63 -12.44
N GLU C 791 -14.77 66.55 -11.97
CA GLU C 791 -15.89 67.09 -12.73
C GLU C 791 -16.99 67.46 -11.76
N ASN C 792 -17.59 68.62 -11.97
CA ASN C 792 -18.54 69.17 -11.00
C ASN C 792 -19.74 69.78 -11.70
N THR C 793 -20.28 69.11 -12.70
CA THR C 793 -21.43 69.66 -13.37
C THR C 793 -22.70 69.38 -12.56
N PRO C 794 -23.73 70.21 -12.69
CA PRO C 794 -24.93 70.03 -11.87
C PRO C 794 -25.68 68.74 -12.15
N HIS C 795 -25.25 67.98 -13.15
CA HIS C 795 -25.85 66.68 -13.43
C HIS C 795 -24.89 65.52 -13.24
N ARG C 796 -23.62 65.79 -12.92
CA ARG C 796 -22.66 64.70 -12.76
C ARG C 796 -21.44 65.23 -12.02
N VAL C 797 -21.04 64.53 -10.96
CA VAL C 797 -19.84 64.87 -10.22
C VAL C 797 -18.92 63.67 -10.23
N SER C 798 -17.63 63.93 -10.09
CA SER C 798 -16.67 62.85 -10.12
C SER C 798 -15.35 63.35 -9.57
N VAL C 799 -14.74 62.52 -8.73
CA VAL C 799 -13.43 62.80 -8.16
C VAL C 799 -12.43 61.85 -8.80
N VAL C 800 -11.17 62.28 -8.82
CA VAL C 800 -10.11 61.53 -9.48
C VAL C 800 -8.98 61.30 -8.48
N THR C 801 -8.37 60.12 -8.54
CA THR C 801 -7.31 59.76 -7.64
C THR C 801 -6.20 59.06 -8.40
N ARG C 802 -4.97 59.26 -7.97
CA ARG C 802 -3.82 58.56 -8.52
C ARG C 802 -3.23 57.63 -7.48
N THR C 803 -3.03 56.38 -7.86
CA THR C 803 -2.48 55.37 -6.98
C THR C 803 -1.23 54.80 -7.63
N LYS C 804 -0.14 54.72 -6.87
CA LYS C 804 1.14 54.24 -7.38
C LYS C 804 1.27 52.77 -7.02
N VAL C 805 1.10 51.91 -8.02
CA VAL C 805 1.28 50.47 -7.79
C VAL C 805 2.73 50.18 -7.43
N SER C 806 3.65 50.74 -8.20
CA SER C 806 5.08 50.60 -7.96
C SER C 806 5.78 51.53 -8.93
N ASP C 807 7.11 51.54 -8.88
CA ASP C 807 7.85 52.26 -9.88
C ASP C 807 7.44 51.78 -11.26
N LYS C 808 7.23 52.72 -12.16
CA LYS C 808 6.83 52.50 -13.55
C LYS C 808 5.46 51.84 -13.68
N SER C 809 4.68 51.76 -12.61
CA SER C 809 3.33 51.20 -12.73
C SER C 809 2.39 51.98 -11.83
N HIS C 810 1.35 52.57 -12.41
CA HIS C 810 0.48 53.43 -11.62
C HIS C 810 -0.96 53.34 -12.14
N ILE C 811 -1.88 53.88 -11.33
CA ILE C 811 -3.30 53.81 -11.60
C ILE C 811 -3.90 55.20 -11.40
N GLN C 812 -4.84 55.57 -12.27
CA GLN C 812 -5.62 56.79 -12.11
C GLN C 812 -7.09 56.40 -12.14
N THR C 813 -7.79 56.64 -11.04
CA THR C 813 -9.15 56.17 -10.86
C THR C 813 -10.10 57.36 -10.78
N ILE C 814 -11.22 57.26 -11.48
CA ILE C 814 -12.29 58.26 -11.46
C ILE C 814 -13.52 57.59 -10.90
N ILE C 815 -14.07 58.15 -9.82
CA ILE C 815 -15.31 57.69 -9.22
C ILE C 815 -16.36 58.75 -9.52
N ALA C 816 -17.46 58.33 -10.14
CA ALA C 816 -18.46 59.26 -10.64
C ALA C 816 -19.84 58.82 -10.20
N LEU C 817 -20.70 59.82 -10.04
CA LEU C 817 -22.10 59.65 -9.70
C LEU C 817 -22.93 60.46 -10.67
N ASN C 818 -23.89 59.83 -11.32
CA ASN C 818 -24.78 60.53 -12.24
C ASN C 818 -26.05 60.96 -11.53
N GLY C 819 -26.70 61.97 -12.08
CA GLY C 819 -27.98 62.39 -11.54
C GLY C 819 -28.98 61.25 -11.57
N ALA C 820 -29.71 61.10 -10.48
CA ALA C 820 -30.73 60.07 -10.43
C ALA C 820 -31.90 60.45 -11.34
N VAL C 821 -32.65 59.43 -11.73
CA VAL C 821 -33.85 59.61 -12.54
C VAL C 821 -34.99 58.84 -11.88
N GLU C 822 -36.20 59.21 -12.25
CA GLU C 822 -37.39 58.69 -11.58
C GLU C 822 -37.47 57.18 -11.72
N GLY C 823 -37.47 56.48 -10.59
CA GLY C 823 -37.69 55.06 -10.57
C GLY C 823 -36.66 54.26 -11.35
N GLU C 824 -35.39 54.63 -11.22
CA GLU C 824 -34.32 53.91 -11.90
C GLU C 824 -33.12 53.91 -10.97
N GLN C 825 -32.70 52.73 -10.53
CA GLN C 825 -31.59 52.64 -9.59
C GLN C 825 -30.33 53.24 -10.21
N SER C 826 -29.63 54.04 -9.43
CA SER C 826 -28.40 54.67 -9.89
C SER C 826 -27.20 53.94 -9.31
N TRP C 827 -26.11 53.95 -10.06
CA TRP C 827 -24.91 53.23 -9.68
C TRP C 827 -23.77 54.20 -9.42
N VAL C 828 -22.74 53.70 -8.75
CA VAL C 828 -21.48 54.43 -8.59
C VAL C 828 -20.53 53.86 -9.63
N GLU C 829 -20.11 54.71 -10.57
CA GLU C 829 -19.31 54.25 -11.69
C GLU C 829 -17.84 54.53 -11.43
N VAL C 830 -16.98 53.59 -11.76
CA VAL C 830 -15.54 53.74 -11.57
C VAL C 830 -14.86 53.43 -12.88
N GLN C 831 -13.97 54.30 -13.32
CA GLN C 831 -13.13 54.02 -14.48
C GLN C 831 -11.67 54.25 -14.13
N SER C 832 -10.82 53.31 -14.49
CA SER C 832 -9.40 53.34 -14.17
C SER C 832 -8.58 53.33 -15.44
N LYS C 833 -7.64 54.26 -15.52
CA LYS C 833 -6.52 54.19 -16.45
C LYS C 833 -5.36 53.55 -15.71
N VAL C 834 -5.01 52.33 -16.09
CA VAL C 834 -3.92 51.60 -15.42
C VAL C 834 -2.74 51.54 -16.37
N ASP C 835 -1.64 52.19 -16.00
CA ASP C 835 -0.37 52.01 -16.68
C ASP C 835 0.33 50.86 -16.00
N TRP C 836 0.35 49.71 -16.66
CA TRP C 836 0.67 48.42 -16.06
C TRP C 836 1.96 47.90 -16.66
N HIS C 837 2.96 47.70 -15.80
CA HIS C 837 4.25 47.17 -16.23
C HIS C 837 4.81 46.22 -15.18
N GLU C 838 3.96 45.61 -14.38
CA GLU C 838 4.42 44.73 -13.32
C GLU C 838 4.86 43.39 -13.87
N THR C 839 5.48 42.59 -13.01
CA THR C 839 5.98 41.28 -13.39
C THR C 839 5.43 40.24 -12.42
N MET C 840 4.66 39.31 -12.95
CA MET C 840 4.06 38.22 -12.17
C MET C 840 3.25 38.76 -10.99
N LYS C 841 2.58 39.88 -11.19
CA LYS C 841 1.67 40.42 -10.20
C LYS C 841 0.23 40.24 -10.68
N PHE C 842 -0.69 40.38 -9.74
CA PHE C 842 -2.11 40.19 -10.02
C PHE C 842 -2.86 41.32 -9.32
N LEU C 843 -3.39 42.25 -10.10
CA LEU C 843 -4.07 43.41 -9.56
C LEU C 843 -5.57 43.18 -9.57
N LYS C 844 -6.21 43.32 -8.41
CA LYS C 844 -7.64 43.18 -8.25
C LYS C 844 -8.19 44.36 -7.48
N VAL C 845 -9.50 44.46 -7.44
CA VAL C 845 -10.19 45.52 -6.71
C VAL C 845 -11.24 44.88 -5.82
N GLU C 846 -11.34 45.38 -4.59
CA GLU C 846 -12.15 44.76 -3.55
C GLU C 846 -13.31 45.66 -3.19
N PHE C 847 -14.47 45.05 -2.97
CA PHE C 847 -15.66 45.74 -2.46
C PHE C 847 -16.27 44.92 -1.32
N PRO C 848 -16.01 45.27 -0.07
CA PRO C 848 -16.79 44.70 1.03
C PRO C 848 -18.17 45.34 1.07
N VAL C 849 -19.22 44.52 1.18
CA VAL C 849 -20.56 44.96 0.85
C VAL C 849 -21.57 44.77 1.98
N ASP C 850 -21.17 44.26 3.13
CA ASP C 850 -22.04 44.17 4.30
C ASP C 850 -23.39 43.52 3.96
N VAL C 851 -23.31 42.40 3.25
CA VAL C 851 -24.47 41.58 2.96
C VAL C 851 -24.11 40.15 3.27
N ARG C 852 -24.85 39.54 4.20
CA ARG C 852 -24.52 38.21 4.68
C ARG C 852 -25.30 37.18 3.88
N ASN C 853 -24.57 36.31 3.18
CA ASN C 853 -25.20 35.24 2.42
C ASN C 853 -24.14 34.22 2.07
N THR C 854 -24.53 32.96 2.05
CA THR C 854 -23.61 31.88 1.74
C THR C 854 -23.45 31.65 0.26
N GLU C 855 -24.22 32.34 -0.56
CA GLU C 855 -24.28 32.12 -2.00
C GLU C 855 -24.27 33.44 -2.74
N ALA C 856 -23.52 33.50 -3.82
CA ALA C 856 -23.47 34.67 -4.67
C ALA C 856 -23.95 34.29 -6.06
N SER C 857 -24.59 35.23 -6.74
CA SER C 857 -25.15 35.00 -8.06
C SER C 857 -24.26 35.65 -9.10
N TYR C 858 -23.94 34.91 -10.15
CA TYR C 858 -23.16 35.42 -11.26
C TYR C 858 -23.92 35.20 -12.55
N GLU C 859 -23.70 36.07 -13.53
CA GLU C 859 -24.30 35.89 -14.83
C GLU C 859 -23.45 34.97 -15.68
N THR C 860 -24.10 34.04 -16.37
CA THR C 860 -23.43 33.22 -17.35
C THR C 860 -24.18 33.36 -18.67
N ALA C 861 -23.79 32.54 -19.64
CA ALA C 861 -24.50 32.53 -20.91
C ALA C 861 -25.94 32.10 -20.69
N PHE C 862 -26.87 33.02 -20.88
CA PHE C 862 -28.30 32.72 -20.85
C PHE C 862 -28.75 32.21 -19.47
N GLY C 863 -28.40 32.94 -18.43
CA GLY C 863 -28.93 32.64 -17.13
C GLY C 863 -27.98 33.02 -16.01
N ILE C 864 -28.31 32.52 -14.83
CA ILE C 864 -27.63 32.85 -13.59
C ILE C 864 -27.07 31.58 -12.99
N VAL C 865 -25.80 31.58 -12.67
CA VAL C 865 -25.19 30.50 -11.91
C VAL C 865 -25.03 30.99 -10.48
N ARG C 866 -25.00 30.04 -9.56
CA ARG C 866 -25.01 30.34 -8.13
C ARG C 866 -23.85 29.61 -7.47
N ARG C 867 -23.03 30.33 -6.73
CA ARG C 867 -21.81 29.72 -6.24
C ARG C 867 -21.58 30.03 -4.77
N PRO C 868 -20.93 29.13 -4.05
CA PRO C 868 -20.71 29.34 -2.62
C PRO C 868 -19.68 30.42 -2.37
N THR C 869 -19.69 30.93 -1.14
CA THR C 869 -18.76 31.98 -0.73
C THR C 869 -18.10 31.63 0.59
N HIS C 870 -17.81 30.35 0.85
CA HIS C 870 -17.35 30.02 2.18
C HIS C 870 -16.18 29.05 2.31
N TYR C 871 -15.72 28.41 1.24
CA TYR C 871 -14.59 27.48 1.32
C TYR C 871 -14.83 26.36 2.34
N ASN C 872 -16.07 25.90 2.46
CA ASN C 872 -16.36 24.88 3.46
C ASN C 872 -15.61 23.59 3.17
N THR C 873 -15.74 23.07 1.97
CA THR C 873 -15.09 21.84 1.56
C THR C 873 -14.11 22.15 0.45
N SER C 874 -13.36 21.12 0.03
CA SER C 874 -12.48 21.30 -1.12
C SER C 874 -13.27 21.62 -2.37
N TRP C 875 -14.49 21.11 -2.47
CA TRP C 875 -15.33 21.42 -3.62
C TRP C 875 -15.67 22.89 -3.70
N ASP C 876 -15.60 23.61 -2.59
CA ASP C 876 -15.84 25.05 -2.58
C ASP C 876 -14.56 25.84 -2.53
N MET C 877 -13.50 25.29 -1.93
CA MET C 877 -12.21 25.95 -1.98
C MET C 877 -11.66 25.98 -3.39
N ALA C 878 -12.05 25.00 -4.22
CA ALA C 878 -11.61 24.99 -5.60
C ALA C 878 -12.21 26.12 -6.42
N LYS C 879 -13.24 26.78 -5.93
CA LYS C 879 -13.91 27.87 -6.64
C LYS C 879 -13.50 29.22 -6.11
N PHE C 880 -12.24 29.39 -5.73
CA PHE C 880 -11.79 30.66 -5.18
C PHE C 880 -11.79 31.77 -6.21
N GLU C 881 -11.92 31.46 -7.49
CA GLU C 881 -12.02 32.48 -8.53
C GLU C 881 -12.90 31.92 -9.63
N VAL C 882 -13.95 32.65 -9.97
CA VAL C 882 -14.97 32.16 -10.90
C VAL C 882 -15.12 33.15 -12.04
N CYS C 883 -15.90 32.75 -13.03
CA CYS C 883 -16.12 33.56 -14.22
C CYS C 883 -17.54 34.11 -14.21
N ALA C 884 -17.66 35.42 -14.24
CA ALA C 884 -18.95 36.10 -14.33
C ALA C 884 -18.92 37.01 -15.53
N HIS C 885 -20.04 37.07 -16.27
CA HIS C 885 -20.00 37.77 -17.54
C HIS C 885 -20.14 39.28 -17.36
N ARG C 886 -21.29 39.74 -16.89
CA ARG C 886 -21.54 41.17 -16.85
C ARG C 886 -21.88 41.68 -15.47
N TRP C 887 -22.25 40.82 -14.53
CA TRP C 887 -22.56 41.28 -13.20
C TRP C 887 -22.36 40.13 -12.22
N ALA C 888 -21.98 40.47 -11.00
CA ALA C 888 -21.93 39.55 -9.90
C ALA C 888 -22.72 40.15 -8.76
N ASP C 889 -23.66 39.40 -8.21
CA ASP C 889 -24.58 39.92 -7.23
C ASP C 889 -24.43 39.17 -5.92
N LEU C 890 -24.39 39.92 -4.82
CA LEU C 890 -24.44 39.36 -3.48
C LEU C 890 -25.64 39.97 -2.80
N SER C 891 -26.65 39.15 -2.51
CA SER C 891 -27.92 39.68 -2.03
C SER C 891 -28.42 38.88 -0.85
N GLU C 892 -28.88 39.58 0.17
CA GLU C 892 -29.62 38.98 1.27
C GLU C 892 -31.11 39.08 0.94
N TYR C 893 -31.98 38.89 1.91
CA TYR C 893 -33.41 38.73 1.60
C TYR C 893 -33.98 39.96 0.91
N GLY C 894 -33.80 41.14 1.49
CA GLY C 894 -34.44 42.33 0.96
C GLY C 894 -33.53 43.34 0.30
N TYR C 895 -32.28 42.99 0.04
CA TYR C 895 -31.28 43.96 -0.38
C TYR C 895 -30.09 43.24 -0.98
N GLY C 896 -29.50 43.82 -2.02
CA GLY C 896 -28.30 43.24 -2.58
C GLY C 896 -27.41 44.30 -3.17
N VAL C 897 -26.19 43.90 -3.45
CA VAL C 897 -25.22 44.74 -4.14
C VAL C 897 -24.70 43.98 -5.34
N SER C 898 -24.72 44.61 -6.51
CA SER C 898 -24.20 44.01 -7.72
C SER C 898 -22.99 44.80 -8.19
N ILE C 899 -21.89 44.12 -8.41
CA ILE C 899 -20.74 44.70 -9.09
C ILE C 899 -20.88 44.32 -10.55
N LEU C 900 -21.08 45.30 -11.41
CA LEU C 900 -21.28 45.03 -12.82
C LEU C 900 -20.21 45.74 -13.64
N ASN C 901 -19.58 45.00 -14.54
CA ASN C 901 -18.42 45.46 -15.29
C ASN C 901 -18.73 45.44 -16.77
N ASP C 902 -17.73 45.77 -17.58
CA ASP C 902 -17.88 45.76 -19.02
C ASP C 902 -16.74 45.10 -19.77
N SER C 903 -15.66 44.73 -19.11
CA SER C 903 -14.56 44.08 -19.80
C SER C 903 -13.89 42.98 -19.00
N LYS C 904 -14.34 42.68 -17.80
CA LYS C 904 -13.64 41.76 -16.91
C LYS C 904 -14.51 40.55 -16.62
N TYR C 905 -13.88 39.39 -16.56
CA TYR C 905 -14.61 38.15 -16.31
C TYR C 905 -14.27 37.49 -14.98
N GLY C 906 -13.04 37.65 -14.50
CA GLY C 906 -12.66 37.02 -13.24
C GLY C 906 -13.37 37.68 -12.08
N PHE C 907 -13.93 36.85 -11.21
CA PHE C 907 -14.62 37.37 -10.03
C PHE C 907 -14.42 36.38 -8.89
N ALA C 908 -14.51 36.89 -7.67
CA ALA C 908 -14.36 36.03 -6.50
C ALA C 908 -15.11 36.66 -5.34
N THR C 909 -16.15 36.00 -4.85
CA THR C 909 -16.85 36.43 -3.66
C THR C 909 -16.47 35.50 -2.53
N ALA C 910 -15.92 36.05 -1.46
CA ALA C 910 -15.48 35.28 -0.31
C ALA C 910 -15.98 35.98 0.94
N GLY C 911 -17.21 35.65 1.35
CA GLY C 911 -17.70 36.09 2.64
C GLY C 911 -17.75 37.58 2.82
N GLN C 912 -18.67 38.25 2.14
CA GLN C 912 -18.93 39.68 2.27
C GLN C 912 -17.90 40.54 1.54
N THR C 913 -17.01 39.95 0.77
CA THR C 913 -15.98 40.72 0.06
C THR C 913 -15.94 40.28 -1.39
N MET C 914 -16.64 41.00 -2.25
CA MET C 914 -16.51 40.79 -3.67
C MET C 914 -15.16 41.30 -4.15
N ARG C 915 -14.60 40.60 -5.13
CA ARG C 915 -13.27 40.93 -5.63
C ARG C 915 -13.27 40.74 -7.14
N LEU C 916 -13.00 41.81 -7.87
CA LEU C 916 -13.00 41.81 -9.31
C LEU C 916 -11.56 41.73 -9.80
N SER C 917 -11.24 40.71 -10.59
CA SER C 917 -9.88 40.52 -11.09
C SER C 917 -9.64 41.48 -12.25
N LEU C 918 -8.63 42.33 -12.11
CA LEU C 918 -8.38 43.38 -13.09
C LEU C 918 -7.29 43.00 -14.09
N LEU C 919 -6.08 42.72 -13.60
CA LEU C 919 -4.95 42.57 -14.50
C LEU C 919 -4.00 41.51 -14.01
N ARG C 920 -3.43 40.76 -14.95
CA ARG C 920 -2.38 39.79 -14.68
C ARG C 920 -1.21 40.09 -15.59
N SER C 921 -0.01 39.68 -15.15
CA SER C 921 1.21 39.90 -15.92
C SER C 921 2.03 38.62 -15.98
N PRO C 922 1.57 37.64 -16.74
CA PRO C 922 2.37 36.42 -16.93
C PRO C 922 3.46 36.67 -17.95
N LYS C 923 4.32 35.67 -18.11
CA LYS C 923 5.45 35.78 -19.03
C LYS C 923 5.68 34.57 -19.92
N ALA C 924 5.00 33.45 -19.69
CA ALA C 924 5.47 32.24 -20.33
C ALA C 924 5.21 32.22 -21.83
N PRO C 925 3.97 32.20 -22.31
CA PRO C 925 3.80 32.13 -23.76
C PRO C 925 4.05 33.48 -24.39
N ASP C 926 3.70 34.54 -23.66
CA ASP C 926 3.89 35.91 -24.11
C ASP C 926 4.73 36.64 -23.08
N ALA C 927 5.80 37.28 -23.54
CA ALA C 927 6.70 37.98 -22.63
C ALA C 927 6.24 39.39 -22.31
N HIS C 928 5.23 39.90 -23.01
CA HIS C 928 4.70 41.24 -22.79
C HIS C 928 3.18 41.18 -22.77
N ALA C 929 2.64 40.27 -21.97
CA ALA C 929 1.23 39.91 -22.06
C ALA C 929 0.32 41.11 -21.97
N ASP C 930 0.32 41.79 -20.82
CA ASP C 930 -0.61 42.89 -20.59
C ASP C 930 0.10 44.21 -20.35
N MET C 931 1.34 44.35 -20.80
CA MET C 931 2.04 45.61 -20.61
C MET C 931 1.34 46.72 -21.36
N GLY C 932 1.25 47.89 -20.73
CA GLY C 932 0.70 49.00 -21.44
C GLY C 932 -0.39 49.67 -20.65
N THR C 933 -1.25 50.40 -21.34
CA THR C 933 -2.29 51.18 -20.70
C THR C 933 -3.64 50.50 -20.90
N HIS C 934 -4.37 50.32 -19.80
CA HIS C 934 -5.66 49.67 -19.83
C HIS C 934 -6.73 50.60 -19.32
N HIS C 935 -7.88 50.58 -20.00
CA HIS C 935 -9.06 51.34 -19.62
C HIS C 935 -10.06 50.35 -19.05
N ILE C 936 -10.36 50.45 -17.76
CA ILE C 936 -11.25 49.51 -17.09
C ILE C 936 -12.42 50.26 -16.52
N ARG C 937 -13.62 49.68 -16.62
CA ARG C 937 -14.83 50.27 -16.07
C ARG C 937 -15.56 49.25 -15.23
N TRP C 938 -16.09 49.68 -14.10
CA TRP C 938 -17.01 48.86 -13.34
C TRP C 938 -17.97 49.77 -12.59
N ALA C 939 -18.94 49.18 -11.93
CA ALA C 939 -19.93 49.97 -11.23
C ALA C 939 -20.51 49.18 -10.08
N ILE C 940 -20.76 49.88 -8.98
CA ILE C 940 -21.42 49.33 -7.80
C ILE C 940 -22.88 49.73 -7.86
N LEU C 941 -23.76 48.75 -7.77
CA LEU C 941 -25.21 48.98 -7.91
C LEU C 941 -25.90 48.38 -6.69
N PRO C 942 -26.21 49.17 -5.67
CA PRO C 942 -26.98 48.67 -4.53
C PRO C 942 -28.47 48.74 -4.85
N HIS C 943 -29.13 47.59 -4.78
CA HIS C 943 -30.52 47.50 -5.21
C HIS C 943 -31.40 46.96 -4.11
N GLN C 944 -32.55 47.60 -3.94
CA GLN C 944 -33.58 47.10 -3.05
C GLN C 944 -34.16 45.82 -3.59
N GLY C 945 -34.57 44.93 -2.69
CA GLY C 945 -35.09 43.65 -3.08
C GLY C 945 -33.97 42.71 -3.45
N SER C 946 -34.31 41.43 -3.53
CA SER C 946 -33.34 40.44 -3.92
C SER C 946 -32.97 40.62 -5.39
N LEU C 947 -32.08 39.76 -5.89
CA LEU C 947 -31.66 39.84 -7.26
C LEU C 947 -32.85 39.72 -8.18
N SER C 948 -33.08 40.74 -9.00
CA SER C 948 -34.27 40.82 -9.82
C SER C 948 -33.88 41.38 -11.18
N HIS C 949 -34.88 41.79 -11.95
CA HIS C 949 -34.64 42.30 -13.28
C HIS C 949 -33.83 43.59 -13.26
N VAL C 950 -33.79 44.29 -12.13
CA VAL C 950 -33.08 45.56 -12.07
C VAL C 950 -31.60 45.35 -12.39
N THR C 951 -30.99 44.33 -11.79
CA THR C 951 -29.58 44.07 -12.04
C THR C 951 -29.33 43.67 -13.49
N ILE C 952 -30.19 42.82 -14.05
CA ILE C 952 -30.01 42.41 -15.44
C ILE C 952 -30.08 43.60 -16.37
N ARG C 953 -31.13 44.41 -16.22
CA ARG C 953 -31.29 45.57 -17.08
C ARG C 953 -30.14 46.55 -16.90
N LYS C 954 -29.70 46.75 -15.66
CA LYS C 954 -28.62 47.69 -15.42
C LYS C 954 -27.31 47.21 -16.01
N ALA C 955 -27.04 45.90 -15.94
CA ALA C 955 -25.82 45.39 -16.54
C ALA C 955 -25.85 45.55 -18.05
N PHE C 956 -27.00 45.28 -18.67
CA PHE C 956 -27.11 45.49 -20.11
C PHE C 956 -26.90 46.96 -20.45
N GLU C 957 -27.47 47.86 -19.66
CA GLU C 957 -27.32 49.29 -19.93
C GLU C 957 -25.88 49.72 -19.74
N PHE C 958 -25.20 49.16 -18.75
CA PHE C 958 -23.81 49.51 -18.50
C PHE C 958 -22.91 49.07 -19.65
N ASN C 959 -23.21 47.92 -20.24
CA ASN C 959 -22.39 47.44 -21.35
C ASN C 959 -22.80 48.01 -22.70
N ASN C 960 -23.91 48.73 -22.79
CA ASN C 960 -24.40 49.28 -24.05
C ASN C 960 -24.79 50.73 -23.86
N PRO C 961 -23.81 51.62 -23.76
CA PRO C 961 -24.13 53.05 -23.62
C PRO C 961 -24.87 53.57 -24.83
N THR C 962 -25.78 54.51 -24.59
CA THR C 962 -26.54 55.09 -25.68
C THR C 962 -25.66 55.99 -26.53
N LYS C 963 -25.89 55.96 -27.83
CA LYS C 963 -25.21 56.83 -28.78
C LYS C 963 -26.22 57.79 -29.36
N LEU C 964 -25.83 59.04 -29.53
CA LEU C 964 -26.73 60.04 -30.07
C LEU C 964 -26.57 60.12 -31.59
N TYR C 965 -27.65 60.50 -32.26
CA TYR C 965 -27.67 60.55 -33.71
C TYR C 965 -28.61 61.66 -34.14
N SER C 966 -28.12 62.58 -34.96
CA SER C 966 -29.00 63.60 -35.49
C SER C 966 -29.88 63.00 -36.58
N SER C 967 -30.93 63.75 -36.95
CA SER C 967 -31.83 63.28 -37.98
C SER C 967 -32.52 64.46 -38.62
N PRO C 968 -32.80 64.42 -39.92
CA PRO C 968 -33.58 65.52 -40.52
C PRO C 968 -34.95 65.68 -39.90
N ASP C 969 -35.61 64.56 -39.56
CA ASP C 969 -36.93 64.58 -38.93
C ASP C 969 -36.91 63.63 -37.72
N ALA C 970 -36.46 64.14 -36.58
CA ALA C 970 -36.46 63.34 -35.36
C ALA C 970 -37.74 63.56 -34.57
N ALA C 971 -38.86 63.50 -35.23
CA ALA C 971 -40.15 63.46 -34.57
C ALA C 971 -41.01 62.32 -35.08
N ALA C 972 -40.97 62.05 -36.38
CA ALA C 972 -41.61 60.85 -36.88
C ALA C 972 -40.87 59.61 -36.42
N LEU C 973 -39.54 59.67 -36.38
CA LEU C 973 -38.75 58.51 -35.98
C LEU C 973 -39.04 58.12 -34.54
N VAL C 974 -39.14 59.10 -33.64
CA VAL C 974 -39.39 58.80 -32.24
C VAL C 974 -40.81 58.34 -32.03
N ALA C 975 -41.78 59.01 -32.65
CA ALA C 975 -43.17 58.73 -32.38
C ALA C 975 -43.63 57.40 -32.96
N ALA C 976 -42.90 56.85 -33.91
CA ALA C 976 -43.30 55.58 -34.51
C ALA C 976 -43.23 54.47 -33.47
N PRO C 977 -44.20 53.55 -33.46
CA PRO C 977 -44.14 52.45 -32.51
C PRO C 977 -42.96 51.54 -32.81
N PRO C 978 -42.41 50.88 -31.81
CA PRO C 978 -41.24 50.05 -32.03
C PRO C 978 -41.57 48.88 -32.94
N PRO C 979 -40.60 48.33 -33.64
CA PRO C 979 -40.86 47.18 -34.51
C PRO C 979 -41.24 45.93 -33.73
N VAL C 980 -40.44 45.56 -32.72
CA VAL C 980 -40.73 44.41 -31.87
C VAL C 980 -40.52 44.83 -30.43
N TRP C 981 -41.50 44.57 -29.58
CA TRP C 981 -41.35 44.90 -28.17
C TRP C 981 -42.15 43.92 -27.33
N LEU C 982 -41.96 44.00 -26.03
CA LEU C 982 -42.71 43.22 -25.06
C LEU C 982 -43.66 44.15 -24.32
N THR C 983 -44.88 43.67 -24.10
CA THR C 983 -45.85 44.49 -23.40
C THR C 983 -45.36 44.78 -21.98
N PRO C 984 -45.66 45.96 -21.45
CA PRO C 984 -45.21 46.28 -20.09
C PRO C 984 -45.73 45.32 -19.05
N ASP C 985 -46.94 44.78 -19.24
CA ASP C 985 -47.49 43.82 -18.28
C ASP C 985 -46.82 42.46 -18.37
N SER C 986 -45.99 42.22 -19.37
CA SER C 986 -45.30 40.96 -19.44
C SER C 986 -44.25 40.86 -18.35
N SER C 987 -43.77 39.65 -18.11
CA SER C 987 -42.81 39.44 -17.04
C SER C 987 -41.51 40.15 -17.35
N PRO C 988 -40.96 40.93 -16.41
CA PRO C 988 -39.70 41.63 -16.67
C PRO C 988 -38.51 40.72 -16.81
N ALA C 989 -38.63 39.44 -16.43
CA ALA C 989 -37.51 38.53 -16.52
C ALA C 989 -37.15 38.16 -17.96
N ILE C 990 -38.03 38.43 -18.91
CA ILE C 990 -37.78 38.07 -20.30
C ILE C 990 -36.83 39.08 -20.93
N VAL C 991 -35.76 38.59 -21.53
CA VAL C 991 -34.83 39.41 -22.29
C VAL C 991 -34.95 38.99 -23.74
N LEU C 992 -35.38 39.92 -24.59
CA LEU C 992 -35.48 39.69 -26.04
C LEU C 992 -34.10 39.97 -26.62
N ASP C 993 -33.22 38.99 -26.47
CA ASP C 993 -31.79 39.24 -26.64
C ASP C 993 -31.46 39.71 -28.05
N THR C 994 -31.88 38.96 -29.07
CA THR C 994 -31.53 39.30 -30.44
C THR C 994 -32.75 39.27 -31.34
N VAL C 995 -32.78 40.21 -32.26
CA VAL C 995 -33.64 40.17 -33.44
C VAL C 995 -32.73 40.03 -34.64
N LYS C 996 -33.00 39.03 -35.46
CA LYS C 996 -32.10 38.70 -36.55
C LYS C 996 -32.92 38.17 -37.71
N ARG C 997 -32.52 38.52 -38.93
CA ARG C 997 -33.25 38.01 -40.08
C ARG C 997 -32.87 36.57 -40.35
N GLY C 998 -33.84 35.82 -40.88
CA GLY C 998 -33.65 34.39 -41.06
C GLY C 998 -32.48 34.08 -41.98
N GLU C 999 -31.91 32.91 -41.77
CA GLU C 999 -30.70 32.55 -42.50
C GLU C 999 -30.98 32.18 -43.95
N ASP C 1000 -32.24 31.89 -44.30
CA ASP C 1000 -32.59 31.45 -45.65
C ASP C 1000 -33.88 32.16 -46.05
N ASP C 1001 -33.76 33.32 -46.70
CA ASP C 1001 -34.94 34.11 -47.03
C ASP C 1001 -34.97 34.55 -48.48
N GLU C 1002 -34.30 33.83 -49.38
CA GLU C 1002 -34.37 34.10 -50.81
C GLU C 1002 -33.74 35.43 -51.16
N ASP C 1003 -33.34 36.20 -50.16
CA ASP C 1003 -32.54 37.40 -50.36
C ASP C 1003 -31.45 37.53 -49.31
N VAL C 1004 -31.24 36.50 -48.50
CA VAL C 1004 -30.23 36.50 -47.46
C VAL C 1004 -29.49 35.17 -47.61
N SER C 1005 -29.97 34.35 -48.54
CA SER C 1005 -29.63 32.93 -48.53
C SER C 1005 -28.14 32.68 -48.72
N ARG C 1006 -27.52 33.37 -49.69
CA ARG C 1006 -26.16 33.12 -50.16
C ARG C 1006 -26.03 31.81 -50.92
N GLY C 1007 -27.10 31.03 -51.05
CA GLY C 1007 -27.07 29.82 -51.84
C GLY C 1007 -26.42 28.62 -51.18
N GLU C 1008 -26.00 28.74 -49.92
CA GLU C 1008 -25.36 27.61 -49.25
C GLU C 1008 -26.33 26.45 -49.06
N LEU C 1009 -27.56 26.75 -48.69
CA LEU C 1009 -28.58 25.76 -48.35
C LEU C 1009 -29.89 26.14 -49.03
N PRO C 1010 -30.82 25.21 -49.18
CA PRO C 1010 -32.10 25.56 -49.78
C PRO C 1010 -32.79 26.65 -49.00
N ALA C 1011 -33.42 27.58 -49.72
CA ALA C 1011 -33.93 28.81 -49.14
C ALA C 1011 -35.44 28.80 -49.08
N ARG C 1012 -35.97 29.43 -48.04
CA ARG C 1012 -37.41 29.64 -47.92
C ARG C 1012 -37.84 30.83 -48.77
N LYS C 1013 -39.15 31.01 -48.89
CA LYS C 1013 -39.66 31.97 -49.87
C LYS C 1013 -39.65 33.40 -49.35
N GLY C 1014 -40.41 33.69 -48.30
CA GLY C 1014 -40.65 35.05 -47.90
C GLY C 1014 -39.58 35.59 -46.97
N GLN C 1015 -39.85 36.77 -46.44
CA GLN C 1015 -39.00 37.36 -45.42
C GLN C 1015 -39.34 36.79 -44.05
N SER C 1016 -38.32 36.53 -43.26
CA SER C 1016 -38.53 35.99 -41.92
C SER C 1016 -37.60 36.69 -40.94
N VAL C 1017 -38.04 36.76 -39.70
CA VAL C 1017 -37.29 37.39 -38.62
C VAL C 1017 -37.19 36.40 -37.47
N ILE C 1018 -36.00 36.25 -36.91
CA ILE C 1018 -35.78 35.31 -35.81
C ILE C 1018 -35.60 36.11 -34.53
N LEU C 1019 -36.42 35.83 -33.54
CA LEU C 1019 -36.29 36.41 -32.21
C LEU C 1019 -35.78 35.33 -31.26
N ARG C 1020 -34.72 35.64 -30.52
CA ARG C 1020 -34.26 34.80 -29.44
C ARG C 1020 -34.55 35.52 -28.14
N MET C 1021 -35.47 34.99 -27.35
CA MET C 1021 -35.78 35.53 -26.05
C MET C 1021 -35.51 34.47 -25.01
N TYR C 1022 -34.90 34.88 -23.91
CA TYR C 1022 -34.65 33.97 -22.82
C TYR C 1022 -35.00 34.66 -21.53
N ASP C 1023 -35.47 33.90 -20.55
CA ASP C 1023 -35.68 34.48 -19.24
C ASP C 1023 -34.36 34.44 -18.47
N SER C 1024 -34.07 35.51 -17.77
CA SER C 1024 -32.76 35.64 -17.16
C SER C 1024 -32.76 35.35 -15.68
N LEU C 1025 -33.93 35.19 -15.06
CA LEU C 1025 -34.01 35.09 -13.62
C LEU C 1025 -34.34 33.70 -13.11
N GLY C 1026 -34.87 32.83 -13.95
CA GLY C 1026 -35.10 31.46 -13.54
C GLY C 1026 -36.49 31.15 -13.04
N GLY C 1027 -37.49 31.93 -13.44
CA GLY C 1027 -38.85 31.62 -13.10
C GLY C 1027 -39.72 31.64 -14.34
N LEU C 1028 -40.82 30.89 -14.28
CA LEU C 1028 -41.74 30.83 -15.40
C LEU C 1028 -42.15 32.23 -15.82
N ALA C 1029 -41.84 32.58 -17.05
CA ALA C 1029 -42.02 33.95 -17.54
C ALA C 1029 -43.10 33.97 -18.61
N ARG C 1030 -44.12 34.78 -18.37
CA ARG C 1030 -45.19 35.00 -19.34
C ARG C 1030 -44.94 36.32 -20.03
N GLY C 1031 -45.14 36.36 -21.34
CA GLY C 1031 -44.91 37.57 -22.08
C GLY C 1031 -45.84 37.66 -23.28
N THR C 1032 -46.02 38.88 -23.75
CA THR C 1032 -46.74 39.14 -24.98
C THR C 1032 -45.82 39.95 -25.88
N VAL C 1033 -45.54 39.45 -27.06
CA VAL C 1033 -44.66 40.11 -28.00
C VAL C 1033 -45.52 40.85 -29.01
N VAL C 1034 -45.30 42.15 -29.15
CA VAL C 1034 -46.04 42.99 -30.06
C VAL C 1034 -45.13 43.38 -31.21
N THR C 1035 -45.63 43.25 -32.43
CA THR C 1035 -44.91 43.63 -33.64
C THR C 1035 -45.79 44.52 -34.49
N THR C 1036 -45.19 45.53 -35.10
CA THR C 1036 -45.90 46.34 -36.08
C THR C 1036 -45.74 45.81 -37.50
N TRP C 1037 -44.89 44.81 -37.70
CA TRP C 1037 -44.73 44.24 -39.02
C TRP C 1037 -45.98 43.44 -39.40
N PRO C 1038 -46.33 43.43 -40.67
CA PRO C 1038 -47.47 42.61 -41.09
C PRO C 1038 -47.13 41.14 -41.04
N LEU C 1039 -47.68 40.45 -40.06
CA LEU C 1039 -47.31 39.07 -39.76
C LEU C 1039 -48.13 38.10 -40.60
N LYS C 1040 -47.46 37.08 -41.12
CA LYS C 1040 -48.14 36.02 -41.83
C LYS C 1040 -48.22 34.74 -41.02
N LYS C 1041 -47.16 34.38 -40.31
CA LYS C 1041 -47.25 33.26 -39.38
C LYS C 1041 -46.12 33.35 -38.38
N VAL C 1042 -46.27 32.62 -37.29
CA VAL C 1042 -45.25 32.55 -36.23
C VAL C 1042 -45.05 31.09 -35.86
N CYS C 1043 -43.81 30.69 -35.70
CA CYS C 1043 -43.52 29.32 -35.29
C CYS C 1043 -42.37 29.31 -34.30
N LYS C 1044 -42.31 28.27 -33.49
CA LYS C 1044 -41.17 28.04 -32.62
C LYS C 1044 -40.11 27.29 -33.41
N VAL C 1045 -38.86 27.73 -33.27
CA VAL C 1045 -37.76 27.11 -33.97
C VAL C 1045 -36.66 26.79 -32.98
N ASN C 1046 -35.76 25.92 -33.39
CA ASN C 1046 -34.58 25.63 -32.62
C ASN C 1046 -33.46 26.57 -33.05
N LEU C 1047 -32.24 26.34 -32.56
CA LEU C 1047 -31.15 27.24 -32.88
C LEU C 1047 -30.80 27.22 -34.36
N LEU C 1048 -31.03 26.12 -35.04
CA LEU C 1048 -30.74 26.03 -36.47
C LEU C 1048 -31.92 26.48 -37.32
N GLU C 1049 -32.95 27.03 -36.70
CA GLU C 1049 -34.10 27.58 -37.41
C GLU C 1049 -34.85 26.50 -38.20
N ASP C 1050 -35.25 25.48 -37.47
CA ASP C 1050 -36.13 24.44 -37.99
C ASP C 1050 -37.44 24.49 -37.22
N ASP C 1051 -38.55 24.57 -37.95
CA ASP C 1051 -39.84 24.79 -37.32
C ASP C 1051 -40.20 23.65 -36.39
N LEU C 1052 -40.80 23.97 -35.25
CA LEU C 1052 -41.22 22.99 -34.27
C LEU C 1052 -42.74 22.94 -34.11
N GLU C 1053 -43.37 24.04 -33.73
CA GLU C 1053 -44.83 24.09 -33.76
C GLU C 1053 -45.28 25.51 -34.03
N VAL C 1054 -46.48 25.64 -34.56
CA VAL C 1054 -47.07 26.93 -34.83
C VAL C 1054 -47.67 27.48 -33.54
N VAL C 1055 -47.48 28.78 -33.31
CA VAL C 1055 -48.10 29.43 -32.16
C VAL C 1055 -49.20 30.34 -32.66
N PRO C 1056 -50.24 30.59 -31.88
CA PRO C 1056 -51.32 31.47 -32.34
C PRO C 1056 -50.97 32.93 -32.12
N TRP C 1057 -51.45 33.77 -33.03
CA TRP C 1057 -51.23 35.20 -32.94
C TRP C 1057 -52.50 35.94 -33.31
N GLU C 1058 -52.66 37.14 -32.77
CA GLU C 1058 -53.92 37.85 -32.81
C GLU C 1058 -53.87 39.11 -33.65
N ASN C 1059 -53.02 40.06 -33.29
CA ASN C 1059 -52.83 41.31 -34.03
C ASN C 1059 -51.35 41.64 -34.07
N GLY C 1060 -50.54 40.64 -34.38
CA GLY C 1060 -49.12 40.75 -34.09
C GLY C 1060 -48.89 40.76 -32.59
N ARG C 1061 -49.57 39.89 -31.86
CA ARG C 1061 -49.52 39.87 -30.41
C ARG C 1061 -49.45 38.45 -29.89
N PHE C 1062 -48.58 37.62 -30.47
CA PHE C 1062 -48.47 36.27 -29.97
C PHE C 1062 -47.88 36.27 -28.56
N THR C 1063 -48.28 35.28 -27.77
CA THR C 1063 -47.83 35.18 -26.39
C THR C 1063 -46.75 34.11 -26.26
N VAL C 1064 -45.86 34.32 -25.31
CA VAL C 1064 -44.73 33.42 -25.06
C VAL C 1064 -44.77 32.97 -23.61
N GLU C 1065 -44.54 31.68 -23.40
CA GLU C 1065 -44.36 31.11 -22.07
C GLU C 1065 -42.97 30.48 -22.02
N LEU C 1066 -42.15 30.95 -21.11
CA LEU C 1066 -40.78 30.48 -20.99
C LEU C 1066 -40.63 29.72 -19.69
N ARG C 1067 -40.19 28.47 -19.78
CA ARG C 1067 -39.78 27.74 -18.60
C ARG C 1067 -38.53 28.39 -18.03
N PRO C 1068 -38.22 28.13 -16.77
CA PRO C 1068 -37.04 28.75 -16.16
C PRO C 1068 -35.78 28.50 -16.98
N PHE C 1069 -35.04 29.57 -17.24
CA PHE C 1069 -33.76 29.51 -17.94
C PHE C 1069 -33.89 28.91 -19.33
N GLU C 1070 -35.01 29.14 -19.99
CA GLU C 1070 -35.23 28.63 -21.34
C GLU C 1070 -34.81 29.66 -22.38
N VAL C 1071 -34.44 29.18 -23.56
CA VAL C 1071 -33.89 30.02 -24.61
C VAL C 1071 -34.74 29.93 -25.87
N ALA C 1072 -36.06 29.86 -25.71
CA ALA C 1072 -36.95 29.72 -26.86
C ALA C 1072 -36.65 30.72 -27.96
N SER C 1073 -36.83 30.29 -29.20
CA SER C 1073 -36.62 31.11 -30.37
C SER C 1073 -37.84 31.04 -31.28
N TYR C 1074 -38.21 32.16 -31.86
CA TYR C 1074 -39.41 32.28 -32.67
C TYR C 1074 -39.06 32.79 -34.05
N ARG C 1075 -39.69 32.21 -35.07
CA ARG C 1075 -39.59 32.70 -36.43
C ARG C 1075 -40.90 33.39 -36.79
N LEU C 1076 -40.79 34.64 -37.21
CA LEU C 1076 -41.91 35.44 -37.67
C LEU C 1076 -41.81 35.52 -39.17
N VAL C 1077 -42.73 34.89 -39.88
CA VAL C 1077 -42.80 34.99 -41.33
C VAL C 1077 -43.73 36.14 -41.67
N LEU C 1078 -43.19 37.15 -42.34
CA LEU C 1078 -43.91 38.36 -42.69
C LEU C 1078 -44.60 38.20 -44.04
N ALA C 1079 -45.55 39.09 -44.29
CA ALA C 1079 -46.28 39.07 -45.55
C ALA C 1079 -45.46 39.68 -46.68
N LEU C 1122 -16.29 -1.26 -54.65
CA LEU C 1122 -17.30 -2.26 -54.37
C LEU C 1122 -18.52 -1.60 -53.76
N GLU C 1123 -19.68 -1.79 -54.37
CA GLU C 1123 -20.92 -1.19 -53.90
C GLU C 1123 -21.88 -2.28 -53.47
N ALA C 1124 -22.79 -1.93 -52.55
CA ALA C 1124 -23.81 -2.83 -52.08
C ALA C 1124 -24.99 -2.02 -51.60
N THR C 1125 -26.19 -2.53 -51.81
CA THR C 1125 -27.40 -1.84 -51.40
C THR C 1125 -28.33 -2.80 -50.68
N PHE C 1126 -29.17 -2.25 -49.80
CA PHE C 1126 -30.09 -3.03 -49.00
C PHE C 1126 -31.39 -3.25 -49.76
N VAL C 1127 -32.03 -4.39 -49.51
CA VAL C 1127 -33.29 -4.70 -50.16
C VAL C 1127 -34.37 -4.97 -49.13
N ARG C 1128 -34.17 -6.00 -48.31
CA ARG C 1128 -35.13 -6.33 -47.27
C ARG C 1128 -34.46 -7.25 -46.26
N ASP C 1129 -35.22 -7.59 -45.21
CA ASP C 1129 -34.74 -8.47 -44.15
C ASP C 1129 -35.96 -9.12 -43.50
N THR C 1130 -35.69 -10.13 -42.67
CA THR C 1130 -36.78 -10.95 -42.13
C THR C 1130 -37.54 -10.23 -41.03
N VAL C 1131 -36.87 -9.88 -39.94
CA VAL C 1131 -37.53 -9.22 -38.82
C VAL C 1131 -37.35 -7.71 -38.98
N GLN C 1132 -38.46 -7.00 -39.01
CA GLN C 1132 -38.46 -5.57 -39.27
C GLN C 1132 -37.88 -4.82 -38.08
N ASP C 1133 -37.87 -3.50 -38.19
CA ASP C 1133 -37.43 -2.66 -37.10
C ASP C 1133 -38.54 -2.54 -36.05
N GLY C 1134 -38.13 -2.55 -34.78
CA GLY C 1134 -39.09 -2.36 -33.72
C GLY C 1134 -40.00 -3.53 -33.45
N THR C 1135 -39.61 -4.73 -33.85
CA THR C 1135 -40.38 -5.91 -33.49
C THR C 1135 -40.06 -6.33 -32.07
N VAL C 1136 -41.01 -6.98 -31.42
CA VAL C 1136 -40.92 -7.28 -30.00
C VAL C 1136 -40.52 -8.74 -29.81
N LEU C 1137 -39.63 -8.98 -28.85
CA LEU C 1137 -39.04 -10.29 -28.65
C LEU C 1137 -39.05 -10.63 -27.16
N ALA C 1138 -38.93 -11.92 -26.87
CA ALA C 1138 -38.83 -12.38 -25.50
C ALA C 1138 -37.54 -11.86 -24.86
N PRO C 1139 -37.51 -11.79 -23.53
CA PRO C 1139 -36.33 -11.19 -22.88
C PRO C 1139 -35.01 -11.85 -23.24
N ASN C 1140 -34.97 -13.16 -23.39
CA ASN C 1140 -33.73 -13.87 -23.72
C ASN C 1140 -33.95 -14.83 -24.88
N HIS C 1141 -34.57 -14.33 -25.94
CA HIS C 1141 -34.85 -15.15 -27.10
C HIS C 1141 -33.61 -15.36 -27.93
N LEU C 1142 -33.65 -16.39 -28.78
CA LEU C 1142 -32.60 -16.71 -29.72
C LEU C 1142 -33.19 -16.59 -31.12
N PHE C 1143 -32.64 -15.69 -31.93
CA PHE C 1143 -33.22 -15.42 -33.24
C PHE C 1143 -32.09 -15.15 -34.23
N GLU C 1144 -32.47 -14.95 -35.49
CA GLU C 1144 -31.52 -14.74 -36.57
C GLU C 1144 -31.98 -13.58 -37.44
N GLN C 1145 -31.02 -12.75 -37.85
CA GLN C 1145 -31.29 -11.59 -38.70
C GLN C 1145 -30.72 -11.86 -40.08
N THR C 1146 -31.57 -11.77 -41.09
CA THR C 1146 -31.20 -12.11 -42.46
C THR C 1146 -31.45 -10.91 -43.36
N TRP C 1147 -30.37 -10.24 -43.77
CA TRP C 1147 -30.50 -9.22 -44.79
C TRP C 1147 -30.37 -9.84 -46.17
N VAL C 1148 -30.88 -9.13 -47.18
CA VAL C 1148 -30.57 -9.46 -48.57
C VAL C 1148 -29.99 -8.22 -49.22
N LEU C 1149 -28.85 -8.37 -49.88
CA LEU C 1149 -28.15 -7.25 -50.47
C LEU C 1149 -27.93 -7.47 -51.95
N ARG C 1150 -28.16 -6.42 -52.73
CA ARG C 1150 -27.89 -6.40 -54.16
C ARG C 1150 -26.57 -5.70 -54.41
N ASN C 1151 -25.91 -6.06 -55.51
CA ASN C 1151 -24.58 -5.52 -55.77
C ASN C 1151 -24.64 -4.09 -56.28
N THR C 1152 -25.28 -3.87 -57.43
CA THR C 1152 -25.40 -2.55 -58.04
C THR C 1152 -24.03 -1.86 -58.14
N GLY C 1153 -23.03 -2.60 -58.56
CA GLY C 1153 -21.71 -2.05 -58.74
C GLY C 1153 -21.02 -2.70 -59.92
N LYS C 1154 -20.05 -2.00 -60.49
CA LYS C 1154 -19.33 -2.54 -61.64
C LYS C 1154 -18.47 -3.74 -61.22
N VAL C 1155 -17.68 -3.59 -60.16
CA VAL C 1155 -16.79 -4.63 -59.69
C VAL C 1155 -17.60 -5.76 -59.08
N ALA C 1156 -16.94 -6.87 -58.76
CA ALA C 1156 -17.58 -8.03 -58.16
C ALA C 1156 -17.08 -8.25 -56.74
N TRP C 1157 -17.97 -8.78 -55.91
CA TRP C 1157 -17.64 -9.05 -54.52
C TRP C 1157 -16.70 -10.24 -54.42
N PRO C 1158 -15.66 -10.16 -53.63
CA PRO C 1158 -14.81 -11.33 -53.40
C PRO C 1158 -15.55 -12.48 -52.75
N ALA C 1159 -14.84 -13.58 -52.47
CA ALA C 1159 -15.49 -14.82 -52.08
C ALA C 1159 -16.22 -14.68 -50.74
N GLY C 1160 -15.53 -14.20 -49.71
CA GLY C 1160 -16.09 -14.21 -48.37
C GLY C 1160 -17.24 -13.25 -48.14
N CYS C 1161 -16.94 -11.96 -48.11
CA CYS C 1161 -17.93 -10.87 -48.08
C CYS C 1161 -19.05 -11.14 -47.06
N SER C 1162 -18.66 -11.10 -45.79
CA SER C 1162 -19.59 -11.32 -44.68
C SER C 1162 -19.92 -10.00 -43.98
N VAL C 1163 -20.78 -10.10 -42.97
CA VAL C 1163 -21.20 -8.96 -42.14
C VAL C 1163 -20.53 -9.10 -40.78
N LYS C 1164 -19.89 -8.03 -40.31
CA LYS C 1164 -18.96 -8.18 -39.20
C LYS C 1164 -19.07 -7.06 -38.16
N PHE C 1165 -20.30 -6.67 -37.80
CA PHE C 1165 -20.62 -6.04 -36.50
C PHE C 1165 -19.65 -4.92 -36.11
N VAL C 1166 -19.79 -3.79 -36.79
CA VAL C 1166 -19.01 -2.61 -36.41
C VAL C 1166 -19.83 -1.68 -35.55
N GLY C 1167 -20.85 -2.20 -34.87
CA GLY C 1167 -21.84 -1.35 -34.25
C GLY C 1167 -21.86 -1.20 -32.74
N GLY C 1168 -23.07 -1.04 -32.19
CA GLY C 1168 -23.28 -0.68 -30.80
C GLY C 1168 -23.70 -1.81 -29.90
N ASP C 1169 -25.01 -1.93 -29.65
CA ASP C 1169 -25.52 -2.94 -28.73
C ASP C 1169 -25.20 -4.34 -29.22
N TYR C 1170 -24.28 -5.01 -28.53
CA TYR C 1170 -23.87 -6.35 -28.93
C TYR C 1170 -24.95 -7.35 -28.59
N MET C 1171 -25.22 -8.27 -29.52
CA MET C 1171 -26.30 -9.22 -29.38
C MET C 1171 -25.85 -10.63 -29.78
N GLY C 1172 -24.55 -10.89 -29.70
CA GLY C 1172 -23.99 -12.13 -30.20
C GLY C 1172 -24.36 -13.39 -29.45
N ARG C 1173 -23.56 -14.45 -29.65
CA ARG C 1173 -23.78 -15.77 -29.06
C ARG C 1173 -25.14 -16.36 -29.50
N VAL C 1174 -25.20 -16.63 -30.79
CA VAL C 1174 -26.27 -17.41 -31.44
C VAL C 1174 -27.67 -17.00 -31.06
N ALA C 1197 -18.70 -15.60 -54.82
CA ALA C 1197 -18.76 -14.25 -55.38
C ALA C 1197 -20.14 -13.95 -55.92
N VAL C 1198 -20.44 -12.66 -56.09
CA VAL C 1198 -21.78 -12.21 -56.49
C VAL C 1198 -21.67 -11.29 -57.70
N GLN C 1199 -22.23 -11.70 -58.83
CA GLN C 1199 -22.14 -10.89 -60.04
C GLN C 1199 -22.89 -9.57 -59.83
N PRO C 1200 -22.49 -8.52 -60.55
CA PRO C 1200 -23.16 -7.22 -60.40
C PRO C 1200 -24.68 -7.24 -60.58
N GLY C 1201 -25.24 -8.39 -60.92
CA GLY C 1201 -26.67 -8.46 -61.09
C GLY C 1201 -27.47 -8.91 -59.88
N GLU C 1202 -27.10 -10.04 -59.29
CA GLU C 1202 -28.02 -10.75 -58.41
C GLU C 1202 -27.85 -10.31 -56.95
N GLU C 1203 -28.61 -10.98 -56.07
CA GLU C 1203 -28.75 -10.61 -54.68
C GLU C 1203 -28.32 -11.76 -53.79
N ALA C 1204 -27.60 -11.43 -52.71
CA ALA C 1204 -27.08 -12.41 -51.79
C ALA C 1204 -27.70 -12.21 -50.41
N PRO C 1205 -28.21 -13.27 -49.78
CA PRO C 1205 -28.67 -13.14 -48.39
C PRO C 1205 -27.58 -13.46 -47.39
N PHE C 1206 -27.54 -12.67 -46.33
CA PHE C 1206 -26.60 -12.85 -45.24
C PHE C 1206 -27.35 -13.02 -43.92
N THR C 1207 -26.81 -13.86 -43.05
CA THR C 1207 -27.47 -14.23 -41.81
C THR C 1207 -26.52 -14.03 -40.64
N VAL C 1208 -27.05 -13.51 -39.55
CA VAL C 1208 -26.34 -13.47 -38.28
C VAL C 1208 -27.24 -14.06 -37.22
N LEU C 1209 -26.62 -14.63 -36.19
CA LEU C 1209 -27.33 -15.28 -35.09
C LEU C 1209 -27.19 -14.41 -33.85
N LEU C 1210 -28.32 -14.08 -33.23
CA LEU C 1210 -28.32 -13.12 -32.14
C LEU C 1210 -29.22 -13.60 -31.01
N ARG C 1211 -28.99 -13.00 -29.83
CA ARG C 1211 -29.81 -13.22 -28.65
C ARG C 1211 -30.18 -11.86 -28.05
N THR C 1212 -31.34 -11.82 -27.41
CA THR C 1212 -31.76 -10.56 -26.83
C THR C 1212 -31.17 -10.40 -25.43
N PRO C 1213 -30.75 -9.18 -25.05
CA PRO C 1213 -30.04 -9.02 -23.77
C PRO C 1213 -30.94 -9.19 -22.56
N TYR C 1214 -30.37 -9.03 -21.36
CA TYR C 1214 -31.06 -9.36 -20.12
C TYR C 1214 -31.79 -8.16 -19.51
N ARG C 1215 -32.62 -7.49 -20.29
CA ARG C 1215 -33.39 -6.37 -19.76
C ARG C 1215 -34.41 -5.92 -20.81
N ALA C 1216 -35.52 -5.40 -20.33
CA ALA C 1216 -36.54 -4.83 -21.21
C ALA C 1216 -36.03 -3.46 -21.69
N CYS C 1217 -35.80 -3.33 -22.97
CA CYS C 1217 -35.28 -2.10 -23.55
C CYS C 1217 -35.38 -2.21 -25.07
N ARG C 1218 -34.86 -1.20 -25.74
CA ARG C 1218 -34.65 -1.24 -27.19
C ARG C 1218 -33.16 -1.38 -27.42
N VAL C 1219 -32.78 -2.28 -28.31
CA VAL C 1219 -31.38 -2.54 -28.61
C VAL C 1219 -31.16 -2.42 -30.11
N ILE C 1220 -30.03 -1.84 -30.49
CA ILE C 1220 -29.71 -1.54 -31.87
C ILE C 1220 -28.29 -2.01 -32.14
N SER C 1221 -28.12 -2.89 -33.11
CA SER C 1221 -26.80 -3.37 -33.51
C SER C 1221 -26.52 -2.95 -34.94
N HIS C 1222 -25.38 -2.33 -35.18
CA HIS C 1222 -24.97 -1.94 -36.52
C HIS C 1222 -24.01 -2.96 -37.12
N TRP C 1223 -24.26 -3.30 -38.38
CA TRP C 1223 -23.46 -4.25 -39.12
C TRP C 1223 -23.00 -3.60 -40.42
N ARG C 1224 -22.13 -4.30 -41.15
CA ARG C 1224 -21.58 -3.80 -42.39
C ARG C 1224 -20.97 -4.95 -43.17
N LEU C 1225 -21.22 -4.96 -44.49
CA LEU C 1225 -20.54 -5.92 -45.35
C LEU C 1225 -19.05 -5.63 -45.37
N THR C 1226 -18.25 -6.69 -45.31
CA THR C 1226 -16.81 -6.54 -45.38
C THR C 1226 -16.20 -7.66 -46.20
N THR C 1227 -15.21 -7.31 -47.02
CA THR C 1227 -14.48 -8.30 -47.77
C THR C 1227 -13.69 -9.20 -46.84
N PRO C 1228 -13.41 -10.44 -47.23
CA PRO C 1228 -12.66 -11.32 -46.33
C PRO C 1228 -11.17 -10.99 -46.33
N LYS C 1229 -10.86 -9.70 -46.30
CA LYS C 1229 -9.51 -9.22 -46.06
C LYS C 1229 -9.50 -7.98 -45.20
N GLY C 1230 -10.65 -7.49 -44.75
CA GLY C 1230 -10.69 -6.39 -43.81
C GLY C 1230 -11.52 -5.19 -44.24
N THR C 1231 -11.47 -4.85 -45.52
CA THR C 1231 -12.13 -3.63 -45.99
C THR C 1231 -13.65 -3.79 -45.92
N LYS C 1232 -14.30 -2.76 -45.40
CA LYS C 1232 -15.76 -2.72 -45.31
C LYS C 1232 -16.32 -1.85 -46.42
N PHE C 1233 -17.53 -2.19 -46.87
CA PHE C 1233 -18.12 -1.52 -48.01
C PHE C 1233 -19.64 -1.63 -47.93
N GLY C 1234 -20.30 -0.90 -48.81
CA GLY C 1234 -21.73 -0.98 -48.92
C GLY C 1234 -22.45 -0.09 -47.92
N HIS C 1235 -23.77 -0.23 -47.91
CA HIS C 1235 -24.60 0.51 -46.98
C HIS C 1235 -24.38 -0.01 -45.56
N ARG C 1236 -25.02 0.66 -44.60
CA ARG C 1236 -24.96 0.26 -43.20
C ARG C 1236 -26.25 -0.46 -42.84
N LEU C 1237 -26.12 -1.54 -42.08
CA LEU C 1237 -27.24 -2.36 -41.67
C LEU C 1237 -27.42 -2.28 -40.16
N TRP C 1238 -28.63 -2.58 -39.71
CA TRP C 1238 -28.90 -2.60 -38.29
C TRP C 1238 -30.00 -3.60 -37.98
N CYS C 1239 -30.00 -4.08 -36.74
CA CYS C 1239 -31.09 -4.86 -36.19
C CYS C 1239 -31.77 -4.04 -35.10
N ASP C 1240 -33.08 -3.91 -35.19
CA ASP C 1240 -33.87 -3.07 -34.29
C ASP C 1240 -34.92 -3.93 -33.61
N VAL C 1241 -34.76 -4.17 -32.30
CA VAL C 1241 -35.72 -4.97 -31.57
C VAL C 1241 -36.07 -4.30 -30.25
N VAL C 1242 -37.23 -4.68 -29.74
CA VAL C 1242 -37.74 -4.23 -28.45
C VAL C 1242 -37.91 -5.46 -27.59
N VAL C 1243 -37.55 -5.35 -26.31
CA VAL C 1243 -37.62 -6.46 -25.37
C VAL C 1243 -38.85 -6.28 -24.49
N GLU C 1244 -39.71 -7.29 -24.46
CA GLU C 1244 -41.02 -7.16 -23.82
C GLU C 1244 -40.94 -7.32 -22.31
N LYS C 1245 -40.31 -8.40 -21.85
CA LYS C 1245 -40.27 -8.75 -20.43
C LYS C 1245 -41.68 -8.94 -19.87
N GLY D 2 42.99 9.84 30.76
CA GLY D 2 41.90 10.73 30.39
C GLY D 2 42.23 11.58 29.18
N GLY D 3 43.50 11.54 28.76
CA GLY D 3 43.91 12.29 27.58
C GLY D 3 45.32 11.90 27.20
N GLU D 4 45.72 12.35 26.01
CA GLU D 4 47.04 12.02 25.50
C GLU D 4 48.12 12.73 26.31
N THR D 5 49.19 12.00 26.63
CA THR D 5 50.32 12.57 27.36
C THR D 5 51.65 12.25 26.69
N PHE D 6 51.61 11.85 25.43
CA PHE D 6 52.79 11.44 24.66
C PHE D 6 53.40 10.15 25.20
N ASP D 7 52.86 9.65 26.30
CA ASP D 7 53.16 8.30 26.77
C ASP D 7 52.06 7.32 26.43
N VAL D 8 50.81 7.79 26.38
CA VAL D 8 49.67 6.99 25.98
C VAL D 8 49.03 7.65 24.76
N LYS D 9 48.83 6.86 23.71
CA LYS D 9 48.23 7.38 22.50
C LYS D 9 46.71 7.38 22.54
N GLY D 10 46.12 6.67 23.50
CA GLY D 10 44.70 6.56 23.60
C GLY D 10 44.30 5.78 24.83
N PRO D 11 43.02 5.39 24.92
CA PRO D 11 42.57 4.60 26.06
C PRO D 11 43.03 3.16 25.95
N ARG D 12 42.94 2.45 27.08
CA ARG D 12 43.33 1.05 27.11
C ARG D 12 42.52 0.27 26.07
N PRO D 13 43.15 -0.56 25.26
CA PRO D 13 42.45 -1.11 24.09
C PRO D 13 41.30 -2.03 24.49
N ASN D 14 40.31 -2.11 23.59
CA ASN D 14 39.11 -2.88 23.85
C ASN D 14 39.40 -4.37 23.91
N ASP D 15 38.55 -5.10 24.63
CA ASP D 15 38.65 -6.55 24.73
C ASP D 15 37.74 -7.22 23.70
N TYR D 16 37.97 -6.89 22.44
CA TYR D 16 37.22 -7.52 21.36
C TYR D 16 37.80 -8.89 21.06
N PRO D 17 37.07 -9.97 21.28
CA PRO D 17 37.67 -11.30 21.16
C PRO D 17 38.11 -11.59 19.74
N LEU D 18 39.17 -12.40 19.63
CA LEU D 18 39.71 -12.72 18.31
C LEU D 18 38.77 -13.64 17.55
N ARG D 19 38.28 -14.69 18.19
CA ARG D 19 37.36 -15.63 17.57
C ARG D 19 35.95 -15.39 18.06
N ALA D 20 34.98 -15.50 17.16
CA ALA D 20 33.60 -15.38 17.55
C ALA D 20 33.21 -16.58 18.40
N PRO D 21 32.68 -16.38 19.59
CA PRO D 21 32.37 -17.53 20.46
C PRO D 21 31.25 -18.40 19.92
N LYS D 22 30.12 -17.81 19.57
CA LYS D 22 28.96 -18.55 19.10
C LYS D 22 28.27 -17.75 18.02
N PRO D 23 27.56 -18.43 17.12
CA PRO D 23 26.74 -17.69 16.15
C PRO D 23 25.47 -17.17 16.81
N VAL D 24 25.11 -15.94 16.45
CA VAL D 24 23.87 -15.33 16.90
C VAL D 24 23.15 -14.82 15.68
N GLY D 25 21.86 -15.12 15.59
CA GLY D 25 21.08 -14.80 14.42
C GLY D 25 20.18 -13.61 14.64
N GLN D 26 19.78 -12.99 13.53
CA GLN D 26 18.84 -11.90 13.58
C GLN D 26 17.50 -12.41 14.10
N LEU D 27 16.94 -11.72 15.08
CA LEU D 27 15.70 -12.17 15.68
C LEU D 27 14.53 -11.83 14.76
N ILE D 28 13.68 -12.83 14.51
CA ILE D 28 12.53 -12.62 13.66
C ILE D 28 11.55 -11.68 14.35
N SER D 29 11.19 -10.60 13.67
CA SER D 29 10.48 -9.52 14.34
C SER D 29 9.09 -9.95 14.78
N HIS D 30 8.31 -10.55 13.88
CA HIS D 30 6.91 -10.77 14.20
C HIS D 30 6.73 -11.86 15.25
N ILE D 31 7.58 -12.87 15.27
CA ILE D 31 7.48 -13.90 16.31
C ILE D 31 7.72 -13.28 17.68
N TYR D 32 8.78 -12.49 17.81
CA TYR D 32 9.06 -11.85 19.08
C TYR D 32 7.94 -10.89 19.48
N LYS D 33 7.39 -10.17 18.50
CA LYS D 33 6.31 -9.25 18.82
C LYS D 33 5.09 -9.99 19.33
N ASP D 34 4.75 -11.12 18.71
CA ASP D 34 3.61 -11.89 19.17
C ASP D 34 3.87 -12.58 20.50
N ARG D 35 5.13 -12.79 20.85
CA ARG D 35 5.42 -13.45 22.12
C ARG D 35 5.04 -12.59 23.32
N ILE D 36 5.11 -11.26 23.19
CA ILE D 36 4.98 -10.41 24.36
C ILE D 36 3.62 -10.55 25.01
N ALA D 37 2.57 -10.61 24.19
CA ALA D 37 1.22 -10.61 24.73
C ALA D 37 0.98 -11.78 25.66
N GLN D 38 1.67 -12.90 25.45
CA GLN D 38 1.45 -14.06 26.31
C GLN D 38 2.00 -13.87 27.72
N PHE D 39 2.76 -12.81 27.95
CA PHE D 39 3.28 -12.56 29.28
C PHE D 39 2.23 -12.05 30.24
N TYR D 40 1.10 -11.56 29.75
CA TYR D 40 0.05 -11.08 30.63
C TYR D 40 -1.35 -11.48 30.19
N ASN D 41 -1.50 -12.17 29.06
CA ASN D 41 -2.82 -12.54 28.61
C ASN D 41 -3.41 -13.65 29.49
N GLY D 42 -4.74 -13.72 29.49
CA GLY D 42 -5.42 -14.76 30.22
C GLY D 42 -5.72 -15.97 29.36
N GLY D 43 -4.71 -16.44 28.64
CA GLY D 43 -4.92 -17.61 27.80
C GLY D 43 -4.55 -18.89 28.50
N GLN D 44 -3.77 -19.73 27.83
CA GLN D 44 -3.36 -21.00 28.39
C GLN D 44 -2.20 -20.88 29.36
N TYR D 45 -1.62 -19.68 29.49
CA TYR D 45 -0.52 -19.48 30.41
C TYR D 45 -0.92 -18.68 31.64
N GLU D 46 -2.21 -18.70 31.99
CA GLU D 46 -2.69 -17.93 33.13
C GLU D 46 -1.91 -18.25 34.39
N HIS D 47 -1.45 -19.48 34.54
CA HIS D 47 -0.78 -19.92 35.76
C HIS D 47 0.73 -19.89 35.65
N GLN D 48 1.28 -19.34 34.57
CA GLN D 48 2.71 -19.27 34.41
C GLN D 48 3.22 -17.89 34.05
N ASN D 49 2.34 -16.90 33.93
CA ASN D 49 2.75 -15.56 33.58
C ASN D 49 2.30 -14.59 34.68
N LEU D 50 2.37 -13.29 34.37
CA LEU D 50 2.12 -12.26 35.37
C LEU D 50 0.77 -12.43 36.06
N ARG D 51 -0.22 -12.96 35.35
CA ARG D 51 -1.53 -13.16 35.96
C ARG D 51 -1.44 -14.03 37.21
N ALA D 52 -0.53 -14.99 37.22
CA ALA D 52 -0.35 -15.82 38.41
C ALA D 52 0.23 -15.03 39.56
N MET D 53 1.06 -14.04 39.27
CA MET D 53 1.68 -13.25 40.31
C MET D 53 0.82 -12.08 40.76
N MET D 54 -0.27 -11.79 40.05
CA MET D 54 -1.05 -10.59 40.36
C MET D 54 -1.65 -10.66 41.76
N LYS D 55 -2.23 -11.79 42.13
CA LYS D 55 -2.90 -11.93 43.42
C LYS D 55 -1.96 -12.60 44.41
N GLU D 56 -1.60 -11.88 45.47
CA GLU D 56 -0.82 -12.50 46.53
C GLU D 56 -1.63 -13.53 47.28
N ASP D 57 -2.88 -13.20 47.61
CA ASP D 57 -3.68 -14.14 48.40
C ASP D 57 -5.15 -13.85 48.21
N SER D 58 -5.98 -14.82 48.59
CA SER D 58 -7.42 -14.67 48.47
C SER D 58 -8.12 -15.44 49.57
N VAL D 59 -9.24 -14.91 50.02
CA VAL D 59 -10.13 -15.61 50.94
C VAL D 59 -11.56 -15.36 50.51
N SER D 60 -12.36 -16.41 50.40
CA SER D 60 -13.72 -16.28 49.91
C SER D 60 -14.76 -17.01 50.72
N GLY D 61 -14.37 -17.76 51.74
CA GLY D 61 -15.29 -18.64 52.41
C GLY D 61 -16.32 -17.89 53.24
N GLU D 62 -17.17 -18.67 53.89
CA GLU D 62 -18.17 -18.15 54.80
C GLU D 62 -17.60 -17.61 56.12
N PRO D 63 -16.49 -18.11 56.65
CA PRO D 63 -15.97 -17.48 57.88
C PRO D 63 -15.54 -16.05 57.68
N HIS D 64 -15.07 -15.69 56.48
CA HIS D 64 -14.47 -14.39 56.24
C HIS D 64 -15.40 -13.43 55.53
N VAL D 65 -16.04 -13.85 54.44
CA VAL D 65 -16.95 -13.03 53.69
C VAL D 65 -18.33 -13.67 53.81
N GLN D 66 -19.21 -13.08 54.60
CA GLN D 66 -20.56 -13.60 54.74
C GLN D 66 -21.54 -12.58 54.17
N LEU D 67 -22.39 -13.02 53.25
CA LEU D 67 -23.29 -12.10 52.59
C LEU D 67 -24.74 -12.55 52.72
N TRP D 68 -25.57 -11.63 53.16
CA TRP D 68 -27.02 -11.76 53.14
C TRP D 68 -27.58 -10.94 52.00
N VAL D 69 -28.77 -11.31 51.53
CA VAL D 69 -29.40 -10.64 50.41
C VAL D 69 -30.83 -10.29 50.76
N TRP D 70 -31.34 -9.27 50.09
CA TRP D 70 -32.74 -8.86 50.19
C TRP D 70 -33.21 -8.45 48.82
N HIS D 71 -34.36 -8.96 48.40
CA HIS D 71 -34.89 -8.67 47.08
C HIS D 71 -35.88 -7.53 47.17
N ALA D 72 -35.70 -6.53 46.32
CA ALA D 72 -36.66 -5.43 46.27
C ALA D 72 -38.01 -5.95 45.80
N PRO D 73 -39.10 -5.35 46.25
CA PRO D 73 -40.42 -5.94 46.00
C PRO D 73 -40.72 -6.24 44.54
N GLY D 74 -40.69 -5.22 43.69
CA GLY D 74 -40.97 -5.43 42.29
C GLY D 74 -39.81 -4.96 41.43
N GLN D 75 -40.06 -3.99 40.57
CA GLN D 75 -39.00 -3.26 39.91
C GLN D 75 -38.70 -1.94 40.61
N THR D 76 -39.23 -1.75 41.81
CA THR D 76 -38.96 -0.54 42.58
C THR D 76 -37.50 -0.50 43.00
N ARG D 77 -37.02 0.71 43.27
CA ARG D 77 -35.62 0.95 43.64
C ARG D 77 -35.62 1.70 44.96
N PRO D 78 -35.74 0.98 46.07
CA PRO D 78 -35.82 1.66 47.37
C PRO D 78 -34.52 2.35 47.72
N SER D 79 -34.64 3.40 48.51
CA SER D 79 -33.47 4.12 48.98
C SER D 79 -32.76 3.31 50.06
N PHE D 80 -31.56 3.77 50.42
CA PHE D 80 -30.80 3.10 51.46
C PHE D 80 -31.54 3.14 52.79
N GLU D 81 -32.32 4.18 53.04
CA GLU D 81 -33.01 4.31 54.32
C GLU D 81 -33.98 3.17 54.54
N GLU D 82 -34.76 2.83 53.52
CA GLU D 82 -35.80 1.82 53.64
C GLU D 82 -35.35 0.47 53.14
N ALA D 83 -34.08 0.30 52.82
CA ALA D 83 -33.56 -0.99 52.38
C ALA D 83 -32.88 -1.75 53.51
N VAL D 84 -32.10 -1.07 54.34
CA VAL D 84 -31.40 -1.75 55.43
C VAL D 84 -32.30 -2.05 56.62
N SER D 85 -33.58 -1.69 56.55
CA SER D 85 -34.52 -1.99 57.61
C SER D 85 -35.33 -3.25 57.34
N ASN D 86 -34.98 -4.00 56.30
CA ASN D 86 -35.71 -5.19 55.91
C ASN D 86 -35.06 -6.42 56.52
N GLN D 87 -35.52 -7.59 56.08
CA GLN D 87 -35.03 -8.87 56.60
C GLN D 87 -34.21 -9.55 55.51
N PHE D 88 -32.91 -9.64 55.73
CA PHE D 88 -32.01 -10.28 54.79
C PHE D 88 -31.91 -11.77 55.07
N VAL D 89 -31.67 -12.54 54.03
CA VAL D 89 -31.50 -13.99 54.14
C VAL D 89 -30.14 -14.37 53.60
N LYS D 90 -29.49 -15.31 54.27
CA LYS D 90 -28.12 -15.67 53.92
C LYS D 90 -28.05 -16.22 52.50
N THR D 91 -26.98 -15.87 51.78
CA THR D 91 -26.73 -16.45 50.47
C THR D 91 -25.24 -16.73 50.35
N ASN D 92 -24.80 -17.05 49.14
CA ASN D 92 -23.40 -17.36 48.92
C ASN D 92 -23.09 -17.21 47.45
N VAL D 93 -21.80 -17.31 47.12
CA VAL D 93 -21.36 -17.20 45.74
C VAL D 93 -21.95 -18.34 44.92
N GLY D 94 -22.43 -18.01 43.73
CA GLY D 94 -22.96 -18.99 42.81
C GLY D 94 -24.46 -18.94 42.61
N GLU D 95 -25.17 -18.12 43.38
CA GLU D 95 -26.60 -18.01 43.20
C GLU D 95 -26.93 -17.12 42.01
N TRP D 96 -28.16 -17.23 41.53
CA TRP D 96 -28.67 -16.42 40.44
C TRP D 96 -29.72 -15.47 40.98
N PHE D 97 -29.69 -14.23 40.52
CA PHE D 97 -30.44 -13.17 41.17
C PHE D 97 -31.37 -12.47 40.19
N GLY D 98 -32.67 -12.60 40.43
CA GLY D 98 -33.66 -11.66 39.96
C GLY D 98 -33.88 -11.64 38.47
N PRO D 99 -35.08 -11.27 38.05
CA PRO D 99 -35.30 -10.93 36.64
C PRO D 99 -34.65 -9.59 36.35
N SER D 100 -34.65 -9.24 35.07
CA SER D 100 -33.98 -8.02 34.64
C SER D 100 -34.65 -6.79 35.27
N TRP D 101 -33.85 -5.77 35.50
CA TRP D 101 -34.21 -4.47 36.05
C TRP D 101 -34.57 -4.53 37.53
N THR D 102 -34.56 -5.69 38.16
CA THR D 102 -34.78 -5.74 39.59
C THR D 102 -33.51 -5.38 40.32
N THR D 103 -33.65 -5.01 41.59
CA THR D 103 -32.52 -4.63 42.41
C THR D 103 -32.46 -5.50 43.65
N HIS D 104 -31.24 -5.82 44.08
CA HIS D 104 -31.01 -6.66 45.24
C HIS D 104 -29.98 -6.01 46.13
N TRP D 105 -30.24 -5.98 47.43
CA TRP D 105 -29.32 -5.40 48.37
C TRP D 105 -28.58 -6.52 49.09
N PHE D 106 -27.26 -6.40 49.16
CA PHE D 106 -26.43 -7.37 49.83
C PHE D 106 -25.81 -6.73 51.06
N ARG D 107 -25.96 -7.37 52.21
CA ARG D 107 -25.19 -7.02 53.38
C ARG D 107 -23.97 -7.93 53.40
N VAL D 108 -22.79 -7.34 53.24
CA VAL D 108 -21.54 -8.08 53.18
C VAL D 108 -20.77 -7.78 54.45
N VAL D 109 -20.46 -8.82 55.22
CA VAL D 109 -19.65 -8.68 56.42
C VAL D 109 -18.29 -9.31 56.12
N LEU D 110 -17.24 -8.51 56.27
CA LEU D 110 -15.88 -8.88 55.98
C LEU D 110 -15.07 -8.94 57.26
N THR D 111 -14.25 -9.98 57.37
CA THR D 111 -13.31 -10.15 58.47
C THR D 111 -11.98 -10.52 57.82
N VAL D 112 -11.08 -9.55 57.72
CA VAL D 112 -9.76 -9.81 57.15
C VAL D 112 -9.03 -10.77 58.06
N PRO D 113 -8.55 -11.90 57.57
CA PRO D 113 -7.95 -12.91 58.45
C PRO D 113 -6.65 -12.45 59.06
N GLU D 114 -6.03 -13.31 59.87
CA GLU D 114 -4.82 -12.90 60.59
C GLU D 114 -3.65 -12.71 59.64
N HIS D 115 -3.58 -13.49 58.57
CA HIS D 115 -2.43 -13.47 57.68
C HIS D 115 -2.59 -12.52 56.52
N LEU D 116 -3.65 -11.73 56.48
CA LEU D 116 -3.81 -10.71 55.46
C LEU D 116 -3.75 -9.30 56.00
N GLN D 117 -3.52 -9.12 57.30
CA GLN D 117 -3.62 -7.81 57.90
C GLN D 117 -2.53 -6.87 57.42
N ASN D 118 -1.43 -7.39 56.89
CA ASN D 118 -0.27 -6.57 56.52
C ASN D 118 0.17 -6.86 55.10
N LYS D 119 -0.77 -6.87 54.17
CA LYS D 119 -0.48 -7.25 52.80
C LYS D 119 -0.35 -6.07 51.85
N ARG D 120 -0.36 -4.85 52.37
CA ARG D 120 0.01 -3.64 51.63
C ARG D 120 -1.04 -3.25 50.60
N LEU D 121 -2.00 -4.12 50.32
CA LEU D 121 -3.13 -3.77 49.46
C LEU D 121 -4.22 -4.82 49.59
N LEU D 122 -5.37 -4.43 50.11
CA LEU D 122 -6.49 -5.35 50.29
C LEU D 122 -7.68 -4.81 49.51
N GLU D 123 -8.26 -5.65 48.66
CA GLU D 123 -9.45 -5.26 47.93
C GLU D 123 -10.54 -6.30 48.15
N PHE D 124 -11.77 -5.85 47.99
CA PHE D 124 -12.92 -6.72 47.92
C PHE D 124 -13.28 -6.85 46.45
N HIS D 125 -13.12 -8.04 45.90
CA HIS D 125 -13.50 -8.32 44.53
C HIS D 125 -14.92 -8.83 44.51
N TRP D 126 -15.80 -8.08 43.87
CA TRP D 126 -17.21 -8.41 43.73
C TRP D 126 -17.55 -8.41 42.25
N ASP D 127 -18.00 -9.55 41.74
CA ASP D 127 -18.22 -9.70 40.32
C ASP D 127 -19.57 -10.35 40.03
N SER D 128 -20.62 -9.85 40.64
CA SER D 128 -21.93 -10.09 40.08
C SER D 128 -21.94 -9.52 38.67
N ASN D 129 -22.44 -10.27 37.72
CA ASN D 129 -22.19 -9.88 36.34
C ASN D 129 -22.92 -8.64 35.91
N SER D 130 -23.51 -7.90 36.84
CA SER D 130 -24.22 -6.67 36.56
C SER D 130 -23.55 -5.53 37.31
N GLU D 131 -24.20 -4.36 37.31
CA GLU D 131 -23.68 -3.20 38.00
C GLU D 131 -24.15 -3.16 39.44
N GLY D 132 -23.42 -2.40 40.24
CA GLY D 132 -23.78 -2.27 41.64
C GLY D 132 -23.13 -1.05 42.23
N LEU D 133 -23.54 -0.73 43.45
CA LEU D 133 -23.02 0.42 44.18
C LEU D 133 -22.71 0.00 45.61
N VAL D 134 -21.57 0.44 46.11
CA VAL D 134 -21.12 0.09 47.46
C VAL D 134 -21.50 1.22 48.40
N TRP D 135 -22.22 0.89 49.46
CA TRP D 135 -22.61 1.81 50.50
C TRP D 135 -21.90 1.44 51.79
N SER D 136 -21.45 2.45 52.52
CA SER D 136 -20.93 2.20 53.85
C SER D 136 -22.08 1.90 54.79
N GLU D 137 -21.74 1.51 56.01
CA GLU D 137 -22.77 1.22 57.01
C GLU D 137 -23.61 2.46 57.30
N ASP D 138 -22.98 3.62 57.32
CA ASP D 138 -23.70 4.86 57.62
C ASP D 138 -24.74 5.18 56.56
N GLY D 139 -24.39 4.98 55.29
CA GLY D 139 -25.32 5.28 54.22
C GLY D 139 -24.72 6.14 53.14
N LYS D 140 -23.43 6.26 53.10
CA LYS D 140 -22.78 7.05 52.08
C LYS D 140 -22.41 6.18 50.89
N PRO D 141 -22.78 6.55 49.68
CA PRO D 141 -22.28 5.83 48.51
C PRO D 141 -20.77 5.92 48.45
N LEU D 142 -20.13 4.83 48.05
CA LEU D 142 -18.68 4.78 48.06
C LEU D 142 -18.08 4.55 46.69
N GLN D 143 -18.60 3.60 45.92
CA GLN D 143 -17.94 3.23 44.68
C GLN D 143 -18.88 2.41 43.81
N GLY D 144 -18.80 2.62 42.51
CA GLY D 144 -19.53 1.76 41.60
C GLY D 144 -18.80 0.47 41.33
N LEU D 145 -19.53 -0.48 40.77
CA LEU D 145 -18.99 -1.77 40.39
C LEU D 145 -19.66 -2.23 39.12
N THR D 146 -18.90 -2.86 38.23
CA THR D 146 -19.42 -3.41 36.99
C THR D 146 -18.95 -4.84 36.84
N GLY D 147 -19.81 -5.69 36.30
CA GLY D 147 -19.61 -7.12 36.31
C GLY D 147 -18.84 -7.72 35.16
N GLY D 148 -18.43 -6.93 34.19
CA GLY D 148 -17.66 -7.56 33.14
C GLY D 148 -16.21 -7.79 33.47
N GLY D 149 -15.78 -7.38 34.66
CA GLY D 149 -14.38 -7.32 35.00
C GLY D 149 -13.75 -5.96 34.88
N GLU D 150 -14.50 -4.96 34.42
CA GLU D 150 -13.92 -3.63 34.25
C GLU D 150 -13.68 -2.96 35.59
N ARG D 151 -14.68 -3.00 36.48
CA ARG D 151 -14.56 -2.37 37.79
C ARG D 151 -15.15 -3.35 38.80
N VAL D 152 -14.29 -4.19 39.38
CA VAL D 152 -14.74 -5.23 40.29
C VAL D 152 -14.12 -5.11 41.67
N GLU D 153 -13.13 -4.25 41.87
CA GLU D 153 -12.42 -4.19 43.13
C GLU D 153 -12.78 -2.92 43.88
N TRP D 154 -12.99 -3.06 45.18
CA TRP D 154 -13.17 -1.93 46.09
C TRP D 154 -12.07 -2.01 47.14
N ILE D 155 -11.23 -0.99 47.20
CA ILE D 155 -10.09 -1.03 48.12
C ILE D 155 -10.59 -0.84 49.55
N LEU D 156 -10.19 -1.74 50.44
CA LEU D 156 -10.64 -1.66 51.82
C LEU D 156 -10.06 -0.41 52.49
N PRO D 157 -10.84 0.29 53.29
CA PRO D 157 -10.41 1.60 53.76
C PRO D 157 -9.53 1.58 54.99
N ASP D 158 -8.55 0.66 55.02
CA ASP D 158 -7.43 0.74 55.95
C ASP D 158 -7.84 0.65 57.42
N SER D 159 -9.13 0.62 57.69
CA SER D 159 -9.63 0.38 59.03
C SER D 159 -10.22 -1.01 59.17
N PHE D 160 -10.26 -1.77 58.08
CA PHE D 160 -10.71 -3.15 58.11
C PHE D 160 -9.58 -4.09 58.48
N ARG D 161 -8.38 -3.58 58.70
CA ARG D 161 -7.21 -4.41 58.96
C ARG D 161 -7.14 -4.83 60.42
N ASP D 162 -8.25 -5.42 60.87
CA ASP D 162 -8.35 -6.05 62.18
C ASP D 162 -9.62 -6.87 62.19
N GLY D 163 -9.56 -8.05 62.80
CA GLY D 163 -10.67 -8.98 62.67
C GLY D 163 -11.92 -8.55 63.41
N LYS D 164 -12.43 -7.37 63.07
CA LYS D 164 -13.61 -6.83 63.72
C LYS D 164 -14.87 -6.99 62.90
N GLU D 165 -14.79 -7.59 61.71
CA GLU D 165 -15.95 -7.92 60.90
C GLU D 165 -16.79 -6.67 60.60
N HIS D 166 -16.20 -5.81 59.78
CA HIS D 166 -16.91 -4.63 59.33
C HIS D 166 -17.90 -4.98 58.24
N THR D 167 -18.96 -4.19 58.14
CA THR D 167 -20.04 -4.49 57.22
C THR D 167 -20.24 -3.35 56.22
N ILE D 168 -20.53 -3.74 54.98
CA ILE D 168 -20.87 -2.80 53.91
C ILE D 168 -22.11 -3.33 53.21
N TYR D 169 -22.69 -2.50 52.36
CA TYR D 169 -23.84 -2.89 51.57
C TYR D 169 -23.50 -2.76 50.10
N ILE D 170 -24.08 -3.62 49.29
CA ILE D 170 -23.88 -3.58 47.84
C ILE D 170 -25.26 -3.64 47.20
N GLU D 171 -25.66 -2.55 46.58
CA GLU D 171 -26.94 -2.49 45.88
C GLU D 171 -26.69 -2.87 44.43
N MET D 172 -27.09 -4.07 44.05
CA MET D 172 -26.87 -4.58 42.70
C MET D 172 -28.12 -4.35 41.87
N ALA D 173 -27.95 -3.83 40.67
CA ALA D 173 -29.03 -3.67 39.72
C ALA D 173 -28.90 -4.75 38.66
N CYS D 174 -29.94 -5.55 38.47
CA CYS D 174 -29.88 -6.67 37.54
C CYS D 174 -29.99 -6.16 36.11
N ASN D 175 -28.90 -5.54 35.66
CA ASN D 175 -28.78 -5.09 34.29
C ASN D 175 -27.31 -4.82 34.02
N ARG D 176 -26.88 -5.09 32.79
CA ARG D 176 -25.48 -4.88 32.46
C ARG D 176 -25.22 -3.41 32.19
N MET D 177 -23.99 -3.11 31.76
CA MET D 177 -23.62 -1.74 31.43
C MET D 177 -24.49 -1.15 30.33
N PHE D 178 -25.02 -1.97 29.45
CA PHE D 178 -25.74 -1.51 28.27
C PHE D 178 -27.11 -2.15 28.20
N GLY D 179 -27.83 -2.12 29.30
CA GLY D 179 -29.18 -2.66 29.29
C GLY D 179 -29.19 -4.17 29.42
N ASN D 180 -30.25 -4.78 28.91
CA ASN D 180 -30.52 -6.19 29.15
C ASN D 180 -30.88 -6.90 27.85
N ALA D 181 -30.15 -6.63 26.78
CA ALA D 181 -30.40 -7.35 25.55
C ALA D 181 -29.93 -8.78 25.69
N PRO D 182 -30.57 -9.72 25.01
CA PRO D 182 -30.03 -11.07 24.93
C PRO D 182 -28.65 -11.01 24.32
N GLY D 183 -27.64 -11.36 25.11
CA GLY D 183 -26.27 -10.96 24.87
C GLY D 183 -25.75 -10.99 23.45
N GLY D 184 -24.91 -10.03 23.10
CA GLY D 184 -24.27 -10.02 21.82
C GLY D 184 -24.50 -8.76 21.02
N ASP D 185 -25.72 -8.23 21.06
CA ASP D 185 -26.08 -7.08 20.24
C ASP D 185 -26.20 -5.79 21.02
N SER D 186 -26.79 -5.85 22.21
CA SER D 186 -26.87 -4.72 23.13
C SER D 186 -27.84 -3.65 22.64
N ILE D 187 -28.36 -3.79 21.44
CA ILE D 187 -29.43 -2.92 20.96
C ILE D 187 -30.69 -3.69 20.60
N GLN D 188 -30.67 -5.00 20.71
CA GLN D 188 -31.89 -5.77 20.59
C GLN D 188 -32.80 -5.44 21.78
N PRO D 189 -34.10 -5.66 21.66
CA PRO D 189 -35.00 -5.31 22.74
C PRO D 189 -34.65 -6.08 23.99
N PRO D 190 -34.76 -5.47 25.16
CA PRO D 190 -34.31 -6.12 26.38
C PRO D 190 -35.09 -7.39 26.67
N ASP D 191 -34.39 -8.38 27.23
CA ASP D 191 -34.99 -9.63 27.62
C ASP D 191 -35.54 -9.51 29.04
N PRO D 192 -36.83 -9.73 29.26
CA PRO D 192 -37.40 -9.53 30.60
C PRO D 192 -36.97 -10.57 31.62
N ASN D 193 -36.31 -11.65 31.21
CA ASN D 193 -36.02 -12.76 32.11
C ASN D 193 -34.54 -13.09 32.09
N LYS D 194 -33.69 -12.08 32.17
CA LYS D 194 -32.28 -12.31 32.35
C LYS D 194 -31.98 -12.55 33.83
N TYR D 195 -31.05 -13.46 34.09
CA TYR D 195 -30.63 -13.75 35.45
C TYR D 195 -29.12 -13.61 35.53
N PHE D 196 -28.64 -13.09 36.66
CA PHE D 196 -27.24 -12.76 36.83
C PHE D 196 -26.64 -13.62 37.93
N ARG D 197 -25.45 -14.14 37.67
CA ARG D 197 -24.76 -15.02 38.59
C ARG D 197 -23.74 -14.24 39.41
N LEU D 198 -23.78 -14.42 40.72
CA LEU D 198 -22.74 -13.87 41.58
C LEU D 198 -21.50 -14.73 41.41
N ASP D 199 -20.50 -14.20 40.72
CA ASP D 199 -19.34 -15.00 40.37
C ASP D 199 -18.33 -15.07 41.51
N LYS D 200 -17.80 -13.93 41.93
CA LYS D 200 -16.77 -13.91 42.94
C LYS D 200 -17.06 -12.79 43.93
N ALA D 201 -16.91 -13.09 45.21
CA ALA D 201 -17.18 -12.13 46.27
C ALA D 201 -16.11 -12.24 47.34
N GLU D 202 -14.85 -12.17 46.95
CA GLU D 202 -13.79 -12.52 47.90
C GLU D 202 -12.97 -11.30 48.29
N ILE D 203 -12.05 -11.52 49.23
CA ILE D 203 -11.06 -10.53 49.64
C ILE D 203 -9.72 -10.95 49.06
N VAL D 204 -9.07 -10.04 48.36
CA VAL D 204 -7.85 -10.33 47.63
C VAL D 204 -6.76 -9.42 48.12
N ALA D 205 -5.61 -10.00 48.43
CA ALA D 205 -4.38 -9.24 48.67
C ALA D 205 -3.60 -9.24 47.37
N ILE D 206 -3.41 -8.05 46.81
CA ILE D 206 -2.84 -7.84 45.49
C ILE D 206 -1.41 -7.34 45.64
N ASP D 207 -0.52 -7.84 44.80
CA ASP D 207 0.84 -7.33 44.80
C ASP D 207 0.89 -6.07 43.95
N PRO D 208 1.17 -4.91 44.55
CA PRO D 208 1.24 -3.68 43.76
C PRO D 208 2.33 -3.71 42.71
N ASP D 209 3.46 -4.37 42.99
CA ASP D 209 4.54 -4.43 42.02
C ASP D 209 4.11 -5.17 40.77
N ALA D 210 3.41 -6.29 40.93
CA ALA D 210 2.93 -7.02 39.77
C ALA D 210 1.96 -6.17 38.95
N ARG D 211 1.13 -5.39 39.63
CA ARG D 211 0.19 -4.53 38.93
C ARG D 211 0.91 -3.48 38.10
N GLN D 212 1.89 -2.80 38.70
CA GLN D 212 2.65 -1.80 37.97
C GLN D 212 3.39 -2.43 36.81
N LEU D 213 3.97 -3.61 37.02
CA LEU D 213 4.68 -4.29 35.93
C LEU D 213 3.73 -4.69 34.82
N TRP D 214 2.51 -5.08 35.17
CA TRP D 214 1.54 -5.44 34.16
C TRP D 214 1.22 -4.24 33.28
N ILE D 215 0.98 -3.09 33.89
CA ILE D 215 0.72 -1.89 33.10
C ILE D 215 1.94 -1.55 32.24
N ASP D 216 3.13 -1.67 32.82
CA ASP D 216 4.36 -1.36 32.10
C ASP D 216 4.50 -2.23 30.85
N ILE D 217 4.36 -3.54 31.02
CA ILE D 217 4.58 -4.44 29.88
C ILE D 217 3.46 -4.30 28.87
N TRP D 218 2.24 -3.97 29.31
CA TRP D 218 1.16 -3.73 28.36
C TRP D 218 1.50 -2.54 27.46
N ILE D 219 1.90 -1.43 28.06
CA ILE D 219 2.25 -0.26 27.26
C ILE D 219 3.45 -0.56 26.38
N LEU D 220 4.42 -1.31 26.90
CA LEU D 220 5.59 -1.65 26.10
C LEU D 220 5.24 -2.51 24.90
N GLN D 221 4.34 -3.48 25.07
CA GLN D 221 3.90 -4.28 23.93
C GLN D 221 3.19 -3.43 22.90
N ASP D 222 2.33 -2.52 23.36
CA ASP D 222 1.66 -1.64 22.41
C ASP D 222 2.66 -0.75 21.68
N ALA D 223 3.71 -0.30 22.38
CA ALA D 223 4.74 0.49 21.73
C ALA D 223 5.49 -0.33 20.69
N ALA D 224 5.79 -1.58 21.01
CA ALA D 224 6.51 -2.43 20.07
C ALA D 224 5.66 -2.73 18.85
N ARG D 225 4.35 -2.71 18.97
CA ARG D 225 3.52 -3.03 17.82
C ARG D 225 3.10 -1.80 17.01
N GLU D 226 2.86 -0.66 17.66
CA GLU D 226 2.27 0.48 16.97
C GLU D 226 3.28 1.52 16.50
N PHE D 227 4.48 1.55 17.09
CA PHE D 227 5.52 2.43 16.57
C PHE D 227 5.90 2.00 15.16
N PRO D 228 6.37 2.93 14.34
CA PRO D 228 6.77 2.57 12.98
C PRO D 228 7.86 1.51 13.00
N GLY D 229 7.73 0.52 12.11
CA GLY D 229 8.66 -0.58 12.11
C GLY D 229 10.05 -0.21 11.64
N ASP D 230 10.21 0.93 10.99
CA ASP D 230 11.49 1.32 10.43
C ASP D 230 12.27 2.26 11.33
N SER D 231 11.76 2.58 12.52
CA SER D 231 12.47 3.45 13.44
C SER D 231 12.96 2.65 14.63
N TRP D 232 13.96 3.19 15.32
CA TRP D 232 14.61 2.45 16.38
C TRP D 232 13.76 2.33 17.63
N GLU D 233 12.70 3.13 17.77
CA GLU D 233 11.91 3.11 19.00
C GLU D 233 11.22 1.77 19.20
N SER D 234 10.60 1.25 18.14
CA SER D 234 9.90 -0.02 18.26
C SER D 234 10.87 -1.16 18.57
N HIS D 235 12.03 -1.15 17.92
CA HIS D 235 13.01 -2.19 18.19
C HIS D 235 13.53 -2.12 19.61
N LYS D 236 13.76 -0.91 20.13
CA LYS D 236 14.19 -0.80 21.52
C LYS D 236 13.11 -1.27 22.46
N ALA D 237 11.85 -0.97 22.15
CA ALA D 237 10.76 -1.45 22.99
C ALA D 237 10.72 -2.97 22.99
N LEU D 238 10.91 -3.59 21.83
CA LEU D 238 10.93 -5.04 21.76
C LEU D 238 12.09 -5.62 22.56
N GLN D 239 13.26 -4.98 22.49
CA GLN D 239 14.40 -5.46 23.26
C GLN D 239 14.15 -5.36 24.76
N VAL D 240 13.55 -4.26 25.20
CA VAL D 240 13.23 -4.11 26.62
C VAL D 240 12.21 -5.16 27.05
N CYS D 241 11.22 -5.42 26.20
CA CYS D 241 10.25 -6.46 26.52
C CYS D 241 10.92 -7.82 26.66
N ASN D 242 11.84 -8.14 25.76
CA ASN D 242 12.55 -9.42 25.86
C ASN D 242 13.35 -9.49 27.16
N GLU D 243 14.04 -8.40 27.50
CA GLU D 243 14.83 -8.40 28.72
C GLU D 243 13.93 -8.55 29.95
N ILE D 244 12.72 -8.03 29.90
CA ILE D 244 11.78 -8.22 31.00
C ILE D 244 11.34 -9.67 31.08
N ILE D 245 11.00 -10.27 29.93
CA ILE D 245 10.52 -11.64 29.94
C ILE D 245 11.58 -12.58 30.49
N GLU D 246 12.83 -12.40 30.07
CA GLU D 246 13.87 -13.31 30.52
C GLU D 246 14.25 -13.09 31.98
N ALA D 247 13.87 -11.96 32.57
CA ALA D 247 14.23 -11.66 33.95
C ALA D 247 13.14 -12.01 34.95
N PHE D 248 12.03 -12.59 34.49
CA PHE D 248 10.89 -12.88 35.35
C PHE D 248 10.82 -14.38 35.58
N GLU D 249 10.78 -14.77 36.86
CA GLU D 249 10.60 -16.16 37.23
C GLU D 249 9.37 -16.29 38.11
N LEU D 250 8.65 -17.40 37.96
CA LEU D 250 7.32 -17.52 38.54
C LEU D 250 7.36 -17.45 40.06
N GLY D 251 8.20 -18.28 40.70
CA GLY D 251 8.15 -18.36 42.15
C GLY D 251 8.56 -17.06 42.82
N ASN D 252 9.66 -16.48 42.37
CA ASN D 252 10.26 -15.35 43.07
C ASN D 252 9.39 -14.11 42.94
N ARG D 253 9.46 -13.25 43.97
CA ARG D 253 8.75 -11.98 43.92
C ARG D 253 9.69 -10.79 43.78
N GLU D 254 10.98 -10.95 44.05
CA GLU D 254 11.92 -9.87 43.78
C GLU D 254 12.13 -9.68 42.29
N SER D 255 11.90 -10.73 41.51
CA SER D 255 12.01 -10.61 40.06
C SER D 255 11.06 -9.54 39.53
N LEU D 256 9.94 -9.31 40.20
CA LEU D 256 9.04 -8.24 39.77
C LEU D 256 9.71 -6.88 39.90
N LYS D 257 10.38 -6.64 41.03
CA LYS D 257 11.09 -5.38 41.19
C LYS D 257 12.21 -5.24 40.19
N LYS D 258 12.92 -6.34 39.93
CA LYS D 258 13.98 -6.29 38.92
C LYS D 258 13.42 -5.98 37.54
N CYS D 259 12.27 -6.57 37.20
CA CYS D 259 11.65 -6.31 35.91
C CYS D 259 11.21 -4.86 35.79
N ARG D 260 10.65 -4.30 36.86
CA ARG D 260 10.27 -2.90 36.82
C ARG D 260 11.49 -2.01 36.63
N LYS D 261 12.60 -2.33 37.31
CA LYS D 261 13.81 -1.55 37.11
C LYS D 261 14.29 -1.65 35.67
N ILE D 262 14.16 -2.83 35.06
CA ILE D 262 14.55 -2.99 33.66
C ILE D 262 13.67 -2.11 32.76
N ALA D 263 12.36 -2.15 32.98
CA ALA D 263 11.45 -1.36 32.16
C ALA D 263 11.68 0.14 32.34
N GLU D 264 12.22 0.55 33.48
CA GLU D 264 12.47 1.97 33.71
C GLU D 264 13.39 2.56 32.66
N GLN D 265 14.27 1.75 32.07
CA GLN D 265 15.18 2.27 31.05
C GLN D 265 14.47 2.67 29.77
N TYR D 266 13.21 2.31 29.62
CA TYR D 266 12.41 2.74 28.48
C TYR D 266 11.25 3.63 28.88
N LEU D 267 10.69 3.43 30.07
CA LEU D 267 9.57 4.27 30.50
C LEU D 267 10.01 5.48 31.30
N GLY D 268 11.13 5.40 31.99
CA GLY D 268 11.57 6.51 32.80
C GLY D 268 11.73 6.13 34.25
N PRO D 269 12.34 7.00 35.05
CA PRO D 269 12.70 6.61 36.42
C PRO D 269 11.52 6.32 37.33
N ASN D 270 10.49 7.15 37.33
CA ASN D 270 9.44 7.06 38.34
C ASN D 270 8.05 7.16 37.72
N VAL D 271 7.79 6.35 36.68
CA VAL D 271 6.52 6.43 35.98
C VAL D 271 5.32 6.17 36.88
N ASP D 272 5.52 5.46 37.99
CA ASP D 272 4.41 5.09 38.85
C ASP D 272 3.98 6.20 39.78
N SER D 273 4.36 7.44 39.53
CA SER D 273 4.00 8.57 40.36
C SER D 273 3.48 9.70 39.50
N PRO D 274 2.67 10.59 40.06
CA PRO D 274 2.18 11.73 39.27
C PRO D 274 3.28 12.69 38.85
N ASN D 275 4.45 12.63 39.47
CA ASN D 275 5.52 13.55 39.14
C ASN D 275 5.94 13.46 37.69
N VAL D 276 5.59 12.36 37.01
CA VAL D 276 5.93 12.24 35.60
C VAL D 276 5.32 13.36 34.78
N TYR D 277 4.24 13.98 35.27
CA TYR D 277 3.62 15.07 34.54
C TYR D 277 4.26 16.41 34.81
N ASN D 278 5.27 16.48 35.67
CA ASN D 278 5.90 17.75 36.02
C ASN D 278 7.26 17.91 35.37
N SER D 279 7.53 17.18 34.29
CA SER D 279 8.82 17.29 33.63
C SER D 279 9.02 18.64 32.97
N GLY D 280 7.95 19.38 32.72
CA GLY D 280 8.09 20.71 32.16
C GLY D 280 8.29 20.78 30.68
N LYS D 281 8.06 19.69 29.95
CA LYS D 281 8.20 19.69 28.51
C LYS D 281 6.88 20.06 27.85
N GLU D 282 6.96 20.38 26.56
CA GLU D 282 5.81 20.77 25.77
C GLU D 282 4.81 19.64 25.61
N PRO D 283 3.58 19.81 26.09
CA PRO D 283 2.55 18.78 25.89
C PRO D 283 1.72 19.05 24.65
N LEU D 284 1.36 17.97 23.96
CA LEU D 284 0.59 18.08 22.73
C LEU D 284 -0.79 17.48 22.83
N VAL D 285 -1.00 16.50 23.69
CA VAL D 285 -2.29 15.86 23.85
C VAL D 285 -2.73 16.07 25.29
N TYR D 286 -3.89 16.68 25.47
CA TYR D 286 -4.44 16.92 26.79
C TYR D 286 -5.49 15.86 27.08
N ALA D 287 -5.26 15.08 28.13
CA ALA D 287 -6.17 14.00 28.51
C ALA D 287 -7.08 14.50 29.62
N ILE D 288 -8.37 14.26 29.46
CA ILE D 288 -9.36 14.65 30.44
C ILE D 288 -10.32 13.48 30.63
N GLY D 289 -10.60 13.15 31.89
CA GLY D 289 -11.52 12.06 32.17
C GLY D 289 -12.95 12.47 31.88
N HIS D 290 -13.76 11.49 31.49
CA HIS D 290 -15.09 11.80 31.03
C HIS D 290 -15.98 10.58 31.17
N CYS D 291 -17.24 10.81 31.53
CA CYS D 291 -18.20 9.73 31.72
C CYS D 291 -19.52 10.18 31.12
N HIS D 292 -19.84 9.68 29.93
CA HIS D 292 -21.05 10.04 29.23
C HIS D 292 -22.15 9.07 29.62
N ILE D 293 -23.09 9.54 30.42
CA ILE D 293 -24.22 8.73 30.84
C ILE D 293 -25.43 9.15 30.02
N ASP D 294 -25.85 8.31 29.10
CA ASP D 294 -27.07 8.58 28.36
C ASP D 294 -28.26 8.47 29.29
N SER D 295 -29.17 9.44 29.20
CA SER D 295 -30.24 9.55 30.18
C SER D 295 -31.26 8.43 30.05
N CYS D 296 -31.62 8.03 28.83
CA CYS D 296 -32.62 7.00 28.70
C CYS D 296 -32.36 6.07 27.54
N TRP D 297 -31.11 5.82 27.20
CA TRP D 297 -30.84 5.10 25.96
C TRP D 297 -31.41 3.69 25.94
N LEU D 298 -30.89 2.80 26.76
CA LEU D 298 -31.32 1.40 26.77
C LEU D 298 -31.79 0.98 28.15
N TRP D 299 -32.27 1.93 28.93
CA TRP D 299 -32.71 1.68 30.29
C TRP D 299 -33.68 2.77 30.67
N PRO D 300 -34.51 2.55 31.67
CA PRO D 300 -35.44 3.60 32.11
C PRO D 300 -34.71 4.81 32.68
N PHE D 301 -35.45 5.86 33.03
CA PHE D 301 -34.80 7.03 33.62
C PHE D 301 -34.30 6.76 35.03
N ALA D 302 -35.01 5.92 35.78
CA ALA D 302 -34.59 5.62 37.14
C ALA D 302 -33.22 4.95 37.14
N GLU D 303 -32.99 4.04 36.20
CA GLU D 303 -31.69 3.42 36.10
C GLU D 303 -30.61 4.45 35.80
N THR D 304 -30.95 5.52 35.07
CA THR D 304 -29.98 6.58 34.86
C THR D 304 -29.70 7.33 36.15
N LYS D 305 -30.74 7.59 36.94
CA LYS D 305 -30.53 8.22 38.24
C LYS D 305 -29.55 7.41 39.06
N ARG D 306 -29.62 6.09 38.96
CA ARG D 306 -28.67 5.26 39.69
C ARG D 306 -27.28 5.26 39.05
N LYS D 307 -27.22 5.25 37.72
CA LYS D 307 -25.93 5.21 37.05
C LYS D 307 -25.11 6.45 37.36
N VAL D 308 -25.78 7.59 37.50
CA VAL D 308 -25.06 8.84 37.75
C VAL D 308 -24.27 8.75 39.05
N VAL D 309 -24.93 8.34 40.12
CA VAL D 309 -24.23 8.27 41.40
C VAL D 309 -23.21 7.15 41.38
N ARG D 310 -23.54 6.01 40.80
CA ARG D 310 -22.58 4.91 40.83
C ARG D 310 -21.38 5.16 39.93
N SER D 311 -21.43 6.16 39.06
CA SER D 311 -20.26 6.55 38.30
C SER D 311 -19.48 7.69 38.94
N TRP D 312 -20.18 8.72 39.43
CA TRP D 312 -19.45 9.84 40.01
C TRP D 312 -18.84 9.48 41.35
N SER D 313 -19.40 8.53 42.08
CA SER D 313 -18.74 8.09 43.29
C SER D 313 -17.40 7.43 42.97
N SER D 314 -17.37 6.58 41.95
CA SER D 314 -16.12 5.99 41.53
C SER D 314 -15.13 7.04 41.09
N GLN D 315 -15.61 8.06 40.36
CA GLN D 315 -14.71 9.11 39.90
C GLN D 315 -14.13 9.90 41.07
N CYS D 316 -14.95 10.21 42.07
CA CYS D 316 -14.45 10.93 43.23
C CYS D 316 -13.43 10.10 43.99
N ASP D 317 -13.69 8.80 44.15
CA ASP D 317 -12.71 7.95 44.82
C ASP D 317 -11.40 7.93 44.04
N LEU D 318 -11.47 7.79 42.72
CA LEU D 318 -10.26 7.78 41.92
C LEU D 318 -9.50 9.08 42.07
N MET D 319 -10.20 10.21 42.00
CA MET D 319 -9.53 11.49 42.15
C MET D 319 -8.94 11.66 43.54
N ASP D 320 -9.46 10.94 44.52
CA ASP D 320 -8.76 10.89 45.80
C ASP D 320 -7.47 10.09 45.69
N ARG D 321 -7.48 8.99 44.93
CA ARG D 321 -6.28 8.18 44.83
C ARG D 321 -5.23 8.78 43.90
N TYR D 322 -5.65 9.35 42.77
CA TYR D 322 -4.73 9.87 41.77
C TYR D 322 -4.80 11.38 41.72
N PRO D 323 -3.78 12.11 42.18
CA PRO D 323 -3.90 13.57 42.31
C PRO D 323 -3.88 14.31 40.99
N GLU D 324 -3.68 13.65 39.86
CA GLU D 324 -3.62 14.34 38.58
C GLU D 324 -4.86 14.15 37.74
N LEU D 325 -5.77 13.27 38.13
CA LEU D 325 -6.95 13.01 37.32
C LEU D 325 -7.90 14.19 37.37
N ASN D 326 -8.41 14.59 36.21
CA ASN D 326 -9.42 15.62 36.10
C ASN D 326 -10.61 15.07 35.33
N PHE D 327 -11.79 15.55 35.68
CA PHE D 327 -13.03 14.93 35.24
C PHE D 327 -13.99 16.00 34.74
N VAL D 328 -14.73 15.70 33.68
CA VAL D 328 -15.74 16.59 33.14
C VAL D 328 -17.04 15.81 32.98
N CYS D 329 -18.15 16.43 33.36
CA CYS D 329 -19.46 15.81 33.14
C CYS D 329 -20.49 16.89 32.89
N SER D 330 -21.27 16.70 31.84
CA SER D 330 -22.28 17.65 31.39
C SER D 330 -23.64 17.30 32.00
N GLN D 331 -24.72 17.84 31.44
CA GLN D 331 -26.09 17.47 31.78
C GLN D 331 -26.43 17.85 33.23
N ALA D 332 -26.54 19.15 33.44
CA ALA D 332 -27.01 19.73 34.69
C ALA D 332 -28.23 19.00 35.27
N GLN D 333 -29.05 18.40 34.42
CA GLN D 333 -30.17 17.61 34.91
C GLN D 333 -29.69 16.46 35.78
N GLN D 334 -28.59 15.82 35.38
CA GLN D 334 -28.05 14.75 36.20
C GLN D 334 -27.52 15.27 37.53
N TYR D 335 -26.96 16.48 37.52
CA TYR D 335 -26.57 17.10 38.78
C TYR D 335 -27.78 17.32 39.67
N LYS D 336 -28.89 17.76 39.08
CA LYS D 336 -30.09 17.98 39.89
C LYS D 336 -30.62 16.68 40.47
N TRP D 337 -30.59 15.61 39.67
CA TRP D 337 -30.99 14.30 40.17
C TRP D 337 -30.11 13.88 41.34
N LEU D 338 -28.80 14.04 41.19
CA LEU D 338 -27.89 13.68 42.26
C LEU D 338 -28.15 14.50 43.51
N LYS D 339 -28.41 15.79 43.34
CA LYS D 339 -28.66 16.68 44.47
C LYS D 339 -29.94 16.30 45.19
N GLN D 340 -30.96 15.89 44.44
CA GLN D 340 -32.23 15.55 45.07
C GLN D 340 -32.18 14.20 45.76
N LEU D 341 -31.57 13.20 45.14
CA LEU D 341 -31.70 11.84 45.62
C LEU D 341 -30.55 11.35 46.48
N TYR D 342 -29.34 11.82 46.25
CA TYR D 342 -28.15 11.38 46.98
C TYR D 342 -27.40 12.61 47.48
N PRO D 343 -27.89 13.24 48.55
CA PRO D 343 -27.26 14.48 48.99
C PRO D 343 -25.79 14.35 49.35
N TYR D 344 -25.36 13.23 49.92
CA TYR D 344 -23.96 13.08 50.27
C TYR D 344 -23.07 13.03 49.04
N ALA D 345 -23.49 12.29 48.02
CA ALA D 345 -22.72 12.22 46.79
C ALA D 345 -22.62 13.59 46.15
N PHE D 346 -23.72 14.36 46.16
CA PHE D 346 -23.67 15.70 45.60
C PHE D 346 -22.74 16.59 46.42
N GLU D 347 -22.74 16.44 47.74
CA GLU D 347 -21.86 17.25 48.56
C GLU D 347 -20.40 16.97 48.24
N ARG D 348 -20.04 15.70 48.09
CA ARG D 348 -18.64 15.41 47.76
C ARG D 348 -18.30 15.83 46.34
N VAL D 349 -19.26 15.75 45.41
CA VAL D 349 -19.02 16.24 44.06
C VAL D 349 -18.79 17.74 44.09
N LYS D 350 -19.58 18.47 44.86
CA LYS D 350 -19.41 19.91 44.92
C LYS D 350 -18.09 20.29 45.58
N LYS D 351 -17.68 19.51 46.58
CA LYS D 351 -16.37 19.74 47.18
C LYS D 351 -15.26 19.52 46.16
N LYS D 352 -15.38 18.49 45.33
CA LYS D 352 -14.40 18.29 44.27
C LYS D 352 -14.42 19.45 43.28
N VAL D 353 -15.61 19.96 42.96
CA VAL D 353 -15.71 21.07 42.01
C VAL D 353 -14.99 22.30 42.55
N ALA D 354 -15.21 22.61 43.82
CA ALA D 354 -14.50 23.75 44.41
C ALA D 354 -13.00 23.51 44.47
N GLU D 355 -12.58 22.26 44.55
CA GLU D 355 -11.16 21.92 44.66
C GLU D 355 -10.42 22.06 43.34
N GLY D 356 -11.07 22.50 42.29
CA GLY D 356 -10.43 22.70 41.02
C GLY D 356 -10.41 21.48 40.11
N ARG D 357 -10.84 20.33 40.60
CA ARG D 357 -11.01 19.16 39.76
C ARG D 357 -12.50 18.93 39.57
N PHE D 358 -12.85 17.95 38.73
CA PHE D 358 -14.26 17.65 38.47
C PHE D 358 -14.96 18.88 37.89
N HIS D 359 -14.56 19.24 36.69
CA HIS D 359 -15.08 20.44 36.05
C HIS D 359 -16.45 20.18 35.44
N PRO D 360 -17.47 20.90 35.84
CA PRO D 360 -18.75 20.78 35.14
C PRO D 360 -18.80 21.72 33.95
N ILE D 361 -18.92 21.18 32.74
CA ILE D 361 -19.02 22.00 31.54
C ILE D 361 -20.13 21.46 30.67
N GLY D 362 -20.56 22.30 29.73
CA GLY D 362 -21.65 21.96 28.84
C GLY D 362 -22.74 23.00 28.89
N GLY D 363 -23.05 23.47 30.09
CA GLY D 363 -23.97 24.59 30.24
C GLY D 363 -25.37 24.35 29.74
N SER D 364 -25.75 23.09 29.52
CA SER D 364 -27.09 22.78 29.03
C SER D 364 -27.78 21.85 30.02
N TRP D 365 -29.10 21.85 29.99
CA TRP D 365 -29.86 21.01 30.89
C TRP D 365 -29.55 19.55 30.66
N VAL D 366 -29.63 19.10 29.41
CA VAL D 366 -29.21 17.77 29.01
C VAL D 366 -28.40 17.89 27.74
N GLU D 367 -27.69 16.81 27.39
CA GLU D 367 -27.00 16.74 26.12
C GLU D 367 -28.06 16.50 25.05
N HIS D 368 -28.77 17.58 24.71
CA HIS D 368 -29.94 17.49 23.87
C HIS D 368 -29.56 17.31 22.42
N ASP D 369 -30.50 16.79 21.64
CA ASP D 369 -30.39 16.90 20.20
C ASP D 369 -30.61 18.34 19.80
N THR D 370 -29.99 18.76 18.71
CA THR D 370 -30.07 20.14 18.28
C THR D 370 -30.81 20.32 16.97
N ASN D 371 -31.22 19.24 16.32
CA ASN D 371 -31.91 19.35 15.05
C ASN D 371 -33.40 19.61 15.25
N MET D 372 -34.07 18.76 16.01
CA MET D 372 -35.52 18.85 16.12
C MET D 372 -36.04 19.95 17.03
N PRO D 373 -35.50 20.14 18.25
CA PRO D 373 -36.12 21.11 19.15
C PRO D 373 -36.13 22.51 18.55
N SER D 374 -37.20 23.24 18.81
CA SER D 374 -37.34 24.58 18.28
C SER D 374 -36.31 25.51 18.91
N GLY D 375 -36.27 26.75 18.41
CA GLY D 375 -35.29 27.69 18.92
C GLY D 375 -35.46 27.99 20.39
N GLU D 376 -36.70 28.17 20.82
CA GLU D 376 -36.94 28.45 22.24
C GLU D 376 -36.51 27.28 23.11
N SER D 377 -36.62 26.05 22.60
CA SER D 377 -36.13 24.92 23.37
C SER D 377 -34.64 25.00 23.59
N LEU D 378 -33.88 25.34 22.55
CA LEU D 378 -32.43 25.49 22.71
C LEU D 378 -32.09 26.60 23.69
N VAL D 379 -32.80 27.72 23.58
CA VAL D 379 -32.57 28.82 24.52
C VAL D 379 -32.85 28.37 25.94
N ARG D 380 -33.93 27.62 26.15
CA ARG D 380 -34.25 27.15 27.48
C ARG D 380 -33.21 26.18 27.99
N GLN D 381 -32.70 25.30 27.11
CA GLN D 381 -31.64 24.40 27.53
C GLN D 381 -30.47 25.18 28.09
N PHE D 382 -30.00 26.16 27.34
CA PHE D 382 -28.87 26.96 27.80
C PHE D 382 -29.22 27.71 29.08
N LEU D 383 -30.40 28.31 29.13
CA LEU D 383 -30.77 29.15 30.26
C LEU D 383 -30.82 28.33 31.54
N TYR D 384 -31.53 27.20 31.52
CA TYR D 384 -31.66 26.40 32.72
C TYR D 384 -30.33 25.77 33.12
N GLY D 385 -29.56 25.28 32.16
CA GLY D 385 -28.27 24.71 32.51
C GLY D 385 -27.36 25.71 33.16
N GLN D 386 -27.22 26.90 32.55
CA GLN D 386 -26.32 27.90 33.10
C GLN D 386 -26.82 28.43 34.43
N ARG D 387 -28.13 28.59 34.59
CA ARG D 387 -28.64 29.06 35.86
C ARG D 387 -28.37 28.03 36.96
N PHE D 388 -28.53 26.75 36.66
CA PHE D 388 -28.24 25.72 37.65
C PHE D 388 -26.76 25.76 38.03
N TYR D 389 -25.88 25.82 37.04
CA TYR D 389 -24.45 25.83 37.34
C TYR D 389 -24.06 27.05 38.14
N GLU D 390 -24.64 28.21 37.82
CA GLU D 390 -24.29 29.42 38.54
C GLU D 390 -24.83 29.41 39.95
N SER D 391 -26.01 28.83 40.16
CA SER D 391 -26.58 28.84 41.50
C SER D 391 -25.92 27.83 42.42
N ASN D 392 -25.56 26.66 41.89
CA ASN D 392 -24.99 25.62 42.75
C ASN D 392 -23.48 25.77 42.89
N PHE D 393 -22.77 25.70 41.79
CA PHE D 393 -21.35 26.03 41.80
C PHE D 393 -21.17 27.52 41.55
N GLY D 394 -19.97 28.01 41.83
CA GLY D 394 -19.77 29.45 41.74
C GLY D 394 -19.88 29.98 40.33
N LYS D 395 -19.28 29.30 39.37
CA LYS D 395 -19.03 29.86 38.06
C LYS D 395 -20.04 29.36 37.05
N ARG D 396 -19.81 29.70 35.79
CA ARG D 396 -20.72 29.42 34.70
C ARG D 396 -19.91 28.88 33.54
N CYS D 397 -20.39 27.82 32.90
CA CYS D 397 -19.59 27.14 31.89
C CYS D 397 -19.33 28.03 30.69
N LYS D 398 -18.14 27.87 30.10
CA LYS D 398 -17.77 28.56 28.89
C LYS D 398 -17.56 27.64 27.71
N THR D 399 -17.79 26.34 27.88
CA THR D 399 -17.60 25.36 26.82
C THR D 399 -18.90 24.62 26.58
N PHE D 400 -19.29 24.48 25.32
CA PHE D 400 -20.46 23.71 24.96
C PHE D 400 -20.02 22.27 24.68
N TRP D 401 -20.42 21.35 25.54
CA TRP D 401 -20.02 19.96 25.45
C TRP D 401 -21.17 19.17 24.85
N LEU D 402 -20.91 18.55 23.71
CA LEU D 402 -21.98 17.85 23.00
C LEU D 402 -21.40 16.73 22.15
N PRO D 403 -20.76 15.73 22.76
CA PRO D 403 -19.99 14.75 21.99
C PRO D 403 -20.80 13.61 21.41
N ASP D 404 -22.13 13.62 21.52
CA ASP D 404 -22.90 12.46 21.10
C ASP D 404 -24.18 12.85 20.36
N THR D 405 -24.28 14.07 19.88
CA THR D 405 -25.52 14.57 19.29
C THR D 405 -25.55 14.31 17.79
N PHE D 406 -26.72 13.90 17.28
CA PHE D 406 -26.89 13.58 15.87
C PHE D 406 -27.13 14.87 15.09
N GLY D 407 -26.04 15.52 14.72
CA GLY D 407 -26.21 16.70 13.89
C GLY D 407 -26.40 17.95 14.70
N TYR D 408 -25.97 19.06 14.13
CA TYR D 408 -25.96 20.34 14.82
C TYR D 408 -26.57 21.41 13.92
N SER D 409 -27.54 22.14 14.47
CA SER D 409 -28.25 23.14 13.69
C SER D 409 -27.33 24.29 13.32
N ALA D 410 -27.64 24.96 12.22
CA ALA D 410 -26.78 26.00 11.69
C ALA D 410 -26.71 27.22 12.61
N GLN D 411 -27.67 27.40 13.50
CA GLN D 411 -27.71 28.56 14.36
C GLN D 411 -27.15 28.32 15.74
N LEU D 412 -26.60 27.14 15.99
CA LEU D 412 -26.04 26.83 17.30
C LEU D 412 -24.93 27.78 17.73
N PRO D 413 -23.95 28.13 16.88
CA PRO D 413 -22.90 29.05 17.36
C PRO D 413 -23.43 30.38 17.85
N GLN D 414 -24.49 30.91 17.22
CA GLN D 414 -25.04 32.17 17.69
C GLN D 414 -25.62 32.03 19.09
N LEU D 415 -26.37 30.97 19.33
CA LEU D 415 -26.92 30.75 20.66
C LEU D 415 -25.82 30.54 21.68
N CYS D 416 -24.76 29.84 21.29
CA CYS D 416 -23.64 29.65 22.20
C CYS D 416 -22.98 30.98 22.55
N ARG D 417 -22.76 31.83 21.56
CA ARG D 417 -22.15 33.12 21.84
C ARG D 417 -23.05 33.99 22.68
N LEU D 418 -24.36 33.88 22.50
CA LEU D 418 -25.28 34.65 23.33
C LEU D 418 -25.42 34.09 24.73
N ALA D 419 -25.00 32.85 24.96
CA ALA D 419 -25.04 32.26 26.28
C ALA D 419 -23.70 32.34 26.98
N GLY D 420 -22.75 33.09 26.44
CA GLY D 420 -21.45 33.24 27.06
C GLY D 420 -20.50 32.09 26.80
N MET D 421 -20.83 31.17 25.92
CA MET D 421 -20.01 30.00 25.64
C MET D 421 -19.38 30.17 24.26
N THR D 422 -18.07 30.37 24.23
CA THR D 422 -17.34 30.61 22.99
C THR D 422 -16.64 29.38 22.47
N ARG D 423 -16.86 28.23 23.07
CA ARG D 423 -16.14 27.01 22.72
C ARG D 423 -17.11 25.86 22.56
N PHE D 424 -16.78 24.93 21.68
CA PHE D 424 -17.66 23.84 21.35
C PHE D 424 -16.83 22.59 21.12
N LEU D 425 -17.32 21.46 21.62
CA LEU D 425 -16.60 20.20 21.47
C LEU D 425 -17.57 19.12 21.05
N THR D 426 -17.13 18.28 20.12
CA THR D 426 -17.94 17.20 19.63
C THR D 426 -17.09 16.19 18.89
N GLN D 427 -17.59 14.95 18.86
CA GLN D 427 -16.88 13.91 18.13
C GLN D 427 -17.80 13.05 17.29
N LYS D 428 -19.09 13.36 17.22
CA LYS D 428 -20.01 12.50 16.50
C LYS D 428 -19.74 12.48 15.01
N LEU D 429 -19.26 13.60 14.46
CA LEU D 429 -19.08 13.69 13.02
C LEU D 429 -18.02 12.74 12.50
N SER D 430 -17.21 12.15 13.36
CA SER D 430 -16.27 11.13 12.94
C SER D 430 -16.97 9.85 12.49
N TRP D 431 -18.26 9.70 12.76
CA TRP D 431 -19.00 8.52 12.37
C TRP D 431 -19.58 8.62 10.97
N ASN D 432 -19.34 9.72 10.26
CA ASN D 432 -19.85 9.85 8.90
C ASN D 432 -19.35 8.71 8.05
N ASN D 433 -20.27 8.01 7.39
CA ASN D 433 -19.91 6.86 6.58
C ASN D 433 -19.87 7.17 5.10
N ILE D 434 -19.96 8.45 4.72
CA ILE D 434 -19.89 8.81 3.31
C ILE D 434 -18.75 9.78 3.09
N ASN D 435 -18.82 10.95 3.73
CA ASN D 435 -17.80 11.97 3.60
C ASN D 435 -17.07 12.13 4.92
N ARG D 436 -15.76 11.96 4.89
CA ARG D 436 -14.96 12.26 6.07
C ARG D 436 -14.97 13.76 6.32
N PHE D 437 -15.36 14.17 7.50
CA PHE D 437 -15.33 15.58 7.82
C PHE D 437 -13.89 16.08 7.81
N PRO D 438 -13.61 17.18 7.13
CA PRO D 438 -12.22 17.51 6.78
C PRO D 438 -11.43 18.24 7.85
N HIS D 439 -12.02 18.61 8.98
CA HIS D 439 -11.32 19.47 9.94
C HIS D 439 -11.37 18.86 11.34
N THR D 440 -10.37 19.21 12.14
CA THR D 440 -10.29 18.83 13.53
C THR D 440 -10.53 20.00 14.46
N THR D 441 -9.87 21.14 14.21
CA THR D 441 -10.09 22.36 14.95
C THR D 441 -10.44 23.45 13.96
N PHE D 442 -11.55 24.14 14.19
CA PHE D 442 -12.00 25.12 13.22
C PHE D 442 -12.89 26.15 13.89
N ASN D 443 -13.19 27.20 13.14
CA ASN D 443 -14.13 28.23 13.56
C ASN D 443 -15.48 27.89 12.93
N TRP D 444 -16.44 27.51 13.76
CA TRP D 444 -17.77 27.20 13.28
C TRP D 444 -18.59 28.48 13.29
N VAL D 445 -19.06 28.90 12.13
CA VAL D 445 -19.73 30.18 11.94
C VAL D 445 -21.21 29.94 11.72
N ALA D 446 -22.04 30.63 12.48
CA ALA D 446 -23.47 30.45 12.41
C ALA D 446 -24.03 31.14 11.17
N LEU D 447 -25.36 31.14 11.04
CA LEU D 447 -25.99 31.82 9.93
C LEU D 447 -25.79 33.34 10.03
N ASP D 448 -25.82 33.88 11.24
CA ASP D 448 -25.66 35.31 11.41
C ASP D 448 -24.21 35.77 11.37
N GLY D 449 -23.26 34.85 11.38
CA GLY D 449 -21.86 35.20 11.41
C GLY D 449 -21.19 35.02 12.76
N SER D 450 -21.95 34.76 13.82
CA SER D 450 -21.34 34.46 15.09
C SER D 450 -20.53 33.17 14.98
N GLN D 451 -19.40 33.13 15.66
CA GLN D 451 -18.48 32.01 15.51
C GLN D 451 -18.10 31.47 16.88
N VAL D 452 -17.86 30.16 16.91
CA VAL D 452 -17.31 29.49 18.08
C VAL D 452 -16.12 28.67 17.62
N ILE D 453 -15.30 28.25 18.58
CA ILE D 453 -14.17 27.37 18.29
C ILE D 453 -14.62 25.94 18.51
N CYS D 454 -14.66 25.15 17.45
CA CYS D 454 -15.02 23.76 17.54
C CYS D 454 -13.78 22.91 17.45
N HIS D 455 -13.66 21.93 18.35
CA HIS D 455 -12.56 20.98 18.31
C HIS D 455 -13.15 19.58 18.34
N MET D 456 -12.68 18.73 17.45
CA MET D 456 -13.13 17.35 17.37
C MET D 456 -11.96 16.44 17.68
N PRO D 457 -11.95 15.76 18.82
CA PRO D 457 -10.79 14.97 19.22
C PRO D 457 -10.37 14.01 18.12
N PRO D 458 -9.12 14.09 17.69
CA PRO D 458 -8.69 13.26 16.55
C PRO D 458 -8.86 11.78 16.80
N SER D 459 -8.57 11.30 18.00
CA SER D 459 -9.04 9.99 18.39
C SER D 459 -10.55 10.02 18.40
N GLU D 460 -11.17 9.16 17.61
CA GLU D 460 -12.54 9.40 17.18
C GLU D 460 -13.57 8.92 18.19
N THR D 461 -13.22 8.89 19.47
CA THR D 461 -14.13 8.45 20.51
C THR D 461 -14.12 9.43 21.67
N TYR D 462 -15.23 9.49 22.37
CA TYR D 462 -15.27 10.11 23.69
C TYR D 462 -15.10 9.09 24.80
N THR D 463 -14.93 7.82 24.45
CA THR D 463 -14.67 6.76 25.43
C THR D 463 -13.34 6.09 25.11
N ALA D 464 -12.32 6.87 24.83
CA ALA D 464 -11.03 6.30 24.48
C ALA D 464 -10.54 5.41 25.60
N GLU D 465 -10.08 4.21 25.25
CA GLU D 465 -9.57 3.28 26.23
C GLU D 465 -8.20 3.66 26.74
N ALA D 466 -7.73 4.87 26.41
CA ALA D 466 -6.40 5.34 26.78
C ALA D 466 -5.31 4.39 26.32
N HIS D 467 -5.56 3.69 25.21
CA HIS D 467 -4.54 2.83 24.64
C HIS D 467 -3.37 3.67 24.14
N PHE D 468 -2.24 2.99 23.94
CA PHE D 468 -1.13 3.62 23.25
C PHE D 468 -1.55 4.07 21.86
N GLY D 469 -2.36 3.24 21.19
CA GLY D 469 -2.84 3.62 19.88
C GLY D 469 -3.69 4.87 19.89
N ASP D 470 -4.45 5.10 20.95
CA ASP D 470 -5.27 6.31 21.02
C ASP D 470 -4.41 7.55 21.12
N VAL D 471 -3.37 7.52 21.94
CA VAL D 471 -2.47 8.66 22.03
C VAL D 471 -1.75 8.88 20.71
N LYS D 472 -1.35 7.79 20.05
CA LYS D 472 -0.71 7.92 18.75
C LYS D 472 -1.66 8.53 17.73
N ARG D 473 -2.91 8.09 17.72
CA ARG D 473 -3.88 8.58 16.75
C ARG D 473 -4.33 10.00 17.05
N SER D 474 -4.14 10.46 18.28
CA SER D 474 -4.46 11.84 18.59
C SER D 474 -3.66 12.82 17.77
N MET D 475 -2.55 12.38 17.18
CA MET D 475 -1.80 13.16 16.22
C MET D 475 -1.81 12.57 14.83
N SER D 476 -1.82 11.25 14.70
CA SER D 476 -1.79 10.67 13.36
C SER D 476 -3.08 10.94 12.59
N GLN D 477 -4.19 11.17 13.28
CA GLN D 477 -5.47 11.43 12.63
C GLN D 477 -5.90 12.88 12.76
N HIS D 478 -5.05 13.74 13.28
CA HIS D 478 -5.34 15.16 13.36
C HIS D 478 -5.44 15.75 11.97
N LYS D 479 -6.57 16.36 11.64
CA LYS D 479 -6.80 16.86 10.30
C LYS D 479 -6.48 18.34 10.14
N SER D 480 -6.10 19.03 11.21
CA SER D 480 -5.83 20.46 11.15
C SER D 480 -4.45 20.77 11.70
N LEU D 481 -3.47 19.93 11.38
CA LEU D 481 -2.13 20.13 11.91
C LEU D 481 -1.47 21.38 11.37
N ASP D 482 -1.97 21.93 10.26
CA ASP D 482 -1.39 23.14 9.72
C ASP D 482 -1.56 24.32 10.66
N GLN D 483 -2.72 24.43 11.28
CA GLN D 483 -3.01 25.58 12.12
C GLN D 483 -2.66 25.34 13.58
N ASP D 484 -2.87 24.12 14.09
CA ASP D 484 -2.54 23.81 15.46
C ASP D 484 -2.26 22.33 15.59
N ASN D 485 -1.40 21.98 16.54
CA ASN D 485 -1.03 20.59 16.75
C ASN D 485 -1.55 20.02 18.07
N THR D 486 -2.02 20.86 18.98
CA THR D 486 -2.58 20.33 20.21
C THR D 486 -3.92 19.68 19.95
N SER D 487 -4.29 18.74 20.81
CA SER D 487 -5.54 18.04 20.67
C SER D 487 -5.97 17.51 22.02
N LEU D 488 -7.24 17.16 22.12
CA LEU D 488 -7.83 16.69 23.36
C LEU D 488 -8.10 15.19 23.26
N LEU D 489 -7.67 14.45 24.28
CA LEU D 489 -7.94 13.02 24.36
C LEU D 489 -8.95 12.80 25.48
N VAL D 490 -10.17 12.47 25.10
CA VAL D 490 -11.26 12.28 26.05
C VAL D 490 -11.36 10.79 26.32
N PHE D 491 -11.03 10.37 27.54
CA PHE D 491 -10.97 8.96 27.88
C PHE D 491 -11.94 8.64 29.01
N GLY D 492 -12.45 7.43 28.98
CA GLY D 492 -13.42 6.98 29.95
C GLY D 492 -14.18 5.79 29.40
N LYS D 493 -15.37 5.57 29.95
CA LYS D 493 -16.28 4.54 29.46
C LYS D 493 -17.67 5.14 29.40
N GLY D 494 -18.08 5.59 28.23
CA GLY D 494 -19.30 6.35 28.07
C GLY D 494 -20.51 5.48 27.84
N ASP D 495 -21.49 6.06 27.16
CA ASP D 495 -22.79 5.44 26.85
C ASP D 495 -23.31 4.63 28.03
N GLY D 496 -23.55 5.33 29.13
CA GLY D 496 -24.10 4.75 30.33
C GLY D 496 -23.09 4.14 31.26
N GLY D 497 -21.84 4.06 30.85
CA GLY D 497 -20.83 3.44 31.68
C GLY D 497 -20.31 4.36 32.77
N GLY D 498 -19.42 3.80 33.59
CA GLY D 498 -18.71 4.60 34.56
C GLY D 498 -17.55 5.33 33.92
N GLY D 499 -16.92 6.20 34.71
CA GLY D 499 -15.87 7.03 34.19
C GLY D 499 -14.59 6.26 33.92
N PRO D 500 -13.47 6.96 33.95
CA PRO D 500 -12.18 6.28 33.76
C PRO D 500 -11.90 5.31 34.90
N THR D 501 -11.15 4.26 34.57
CA THR D 501 -10.66 3.31 35.54
C THR D 501 -9.20 3.60 35.86
N TRP D 502 -8.70 2.97 36.91
CA TRP D 502 -7.31 3.18 37.28
C TRP D 502 -6.36 2.69 36.20
N VAL D 503 -6.78 1.68 35.44
CA VAL D 503 -5.94 1.16 34.36
C VAL D 503 -5.64 2.25 33.35
N GLN D 504 -6.64 3.04 32.98
CA GLN D 504 -6.43 4.09 31.99
C GLN D 504 -5.49 5.16 32.52
N ILE D 505 -5.63 5.54 33.79
CA ILE D 505 -4.76 6.56 34.35
C ILE D 505 -3.30 6.08 34.36
N GLU D 506 -3.09 4.85 34.80
CA GLU D 506 -1.73 4.32 34.81
C GLU D 506 -1.18 4.21 33.39
N LYS D 507 -2.01 3.84 32.43
CA LYS D 507 -1.53 3.75 31.06
C LYS D 507 -1.15 5.12 30.52
N LEU D 508 -1.89 6.15 30.88
CA LEU D 508 -1.50 7.50 30.46
C LEU D 508 -0.18 7.92 31.09
N ARG D 509 0.03 7.55 32.36
CA ARG D 509 1.32 7.82 32.98
C ARG D 509 2.45 7.16 32.22
N ARG D 510 2.26 5.89 31.84
CA ARG D 510 3.29 5.20 31.08
C ARG D 510 3.51 5.86 29.72
N CYS D 511 2.44 6.30 29.09
CA CYS D 511 2.57 6.96 27.79
C CYS D 511 3.41 8.22 27.90
N ARG D 512 3.17 9.01 28.94
CA ARG D 512 3.98 10.22 29.08
C ARG D 512 5.41 9.88 29.43
N GLY D 513 5.63 8.84 30.21
CA GLY D 513 6.99 8.41 30.45
C GLY D 513 7.72 8.03 29.18
N ILE D 514 7.03 7.30 28.29
CA ILE D 514 7.62 6.94 27.01
C ILE D 514 7.97 8.19 26.22
N SER D 515 7.03 9.13 26.14
CA SER D 515 7.30 10.33 25.35
C SER D 515 8.42 11.16 25.95
N ASP D 516 8.61 11.09 27.26
CA ASP D 516 9.71 11.83 27.88
C ASP D 516 11.05 11.15 27.66
N THR D 517 11.09 9.83 27.61
CA THR D 517 12.37 9.15 27.48
C THR D 517 12.76 8.93 26.02
N VAL D 518 11.85 8.41 25.21
CA VAL D 518 12.10 8.21 23.78
C VAL D 518 11.02 8.99 23.03
N GLY D 519 11.34 10.23 22.69
CA GLY D 519 10.33 11.16 22.26
C GLY D 519 9.75 10.94 20.86
N LEU D 520 8.98 9.87 20.69
CA LEU D 520 8.26 9.68 19.45
C LEU D 520 6.75 9.78 19.61
N LEU D 521 6.21 9.33 20.73
CA LEU D 521 4.81 9.55 21.04
C LEU D 521 4.57 11.05 21.22
N PRO D 522 3.42 11.56 20.80
CA PRO D 522 3.04 12.90 21.22
C PRO D 522 2.91 12.96 22.74
N ARG D 523 3.43 14.04 23.32
CA ARG D 523 3.45 14.15 24.76
C ARG D 523 2.05 14.37 25.30
N VAL D 524 1.65 13.58 26.27
CA VAL D 524 0.31 13.64 26.84
C VAL D 524 0.39 14.31 28.20
N HIS D 525 -0.62 15.08 28.55
CA HIS D 525 -0.67 15.81 29.80
C HIS D 525 -2.01 15.56 30.47
N MET D 526 -2.01 15.53 31.79
CA MET D 526 -3.21 15.11 32.50
C MET D 526 -3.69 16.09 33.58
N GLY D 527 -2.86 17.02 34.03
CA GLY D 527 -3.32 17.87 35.09
C GLY D 527 -4.12 19.08 34.67
N SER D 528 -4.36 19.26 33.38
CA SER D 528 -5.01 20.46 32.90
C SER D 528 -6.52 20.27 32.79
N SER D 529 -7.21 21.31 32.37
CA SER D 529 -8.65 21.30 32.19
C SER D 529 -9.00 21.60 30.74
N VAL D 530 -10.26 21.42 30.40
CA VAL D 530 -10.72 21.74 29.06
C VAL D 530 -10.62 23.24 28.82
N ASP D 531 -10.88 24.04 29.85
CA ASP D 531 -10.78 25.49 29.71
C ASP D 531 -9.37 25.91 29.33
N ASP D 532 -8.35 25.25 29.88
CA ASP D 532 -6.98 25.61 29.56
C ASP D 532 -6.68 25.34 28.10
N PHE D 533 -7.07 24.16 27.62
CA PHE D 533 -6.83 23.79 26.23
C PHE D 533 -7.53 24.75 25.28
N PHE D 534 -8.77 25.09 25.59
CA PHE D 534 -9.49 25.98 24.69
C PHE D 534 -8.99 27.41 24.79
N ASP D 535 -8.48 27.82 25.95
CA ASP D 535 -7.87 29.14 26.04
C ASP D 535 -6.62 29.22 25.19
N ARG D 536 -5.82 28.14 25.19
CA ARG D 536 -4.66 28.10 24.31
C ARG D 536 -5.07 28.15 22.85
N LEU D 537 -6.15 27.46 22.50
CA LEU D 537 -6.64 27.52 21.12
C LEU D 537 -7.13 28.92 20.76
N GLU D 538 -7.81 29.58 21.69
CA GLU D 538 -8.49 30.84 21.40
C GLU D 538 -7.54 31.93 20.96
N ARG D 539 -6.28 31.85 21.34
CA ARG D 539 -5.34 32.93 21.08
C ARG D 539 -4.65 32.80 19.74
N LYS D 540 -4.94 31.74 18.97
CA LYS D 540 -4.49 31.63 17.61
C LYS D 540 -5.63 31.30 16.67
N ALA D 541 -6.86 31.60 17.06
CA ALA D 541 -8.04 31.18 16.31
C ALA D 541 -8.29 32.03 15.07
N ASP D 542 -7.60 33.16 14.91
CA ASP D 542 -7.79 33.96 13.71
C ASP D 542 -7.30 33.26 12.47
N THR D 543 -6.44 32.26 12.62
CA THR D 543 -5.88 31.53 11.48
C THR D 543 -6.56 30.19 11.25
N PHE D 544 -7.55 29.83 12.05
CA PHE D 544 -8.21 28.55 11.90
C PHE D 544 -9.09 28.54 10.67
N VAL D 545 -9.32 27.34 10.15
CA VAL D 545 -10.28 27.18 9.08
C VAL D 545 -11.67 27.49 9.61
N THR D 546 -12.52 28.02 8.74
CA THR D 546 -13.90 28.31 9.10
C THR D 546 -14.84 27.33 8.41
N TRP D 547 -15.94 27.02 9.09
CA TRP D 547 -17.02 26.23 8.52
C TRP D 547 -18.30 27.04 8.66
N TYR D 548 -18.98 27.29 7.55
CA TYR D 548 -20.21 28.05 7.53
C TYR D 548 -21.40 27.12 7.43
N GLY D 549 -22.43 27.38 8.22
CA GLY D 549 -23.64 26.63 8.11
C GLY D 549 -23.68 25.41 9.00
N GLU D 550 -24.66 24.56 8.72
CA GLU D 550 -24.91 23.39 9.56
C GLU D 550 -23.78 22.38 9.43
N LEU D 551 -23.51 21.68 10.53
CA LEU D 551 -22.62 20.54 10.54
C LEU D 551 -23.48 19.31 10.34
N TYR D 552 -23.70 18.94 9.09
CA TYR D 552 -24.61 17.84 8.81
C TYR D 552 -23.98 16.51 9.20
N PHE D 553 -24.71 15.74 9.99
CA PHE D 553 -24.29 14.41 10.40
C PHE D 553 -24.84 13.39 9.42
N GLU D 554 -23.96 12.61 8.81
CA GLU D 554 -24.33 11.72 7.72
C GLU D 554 -24.71 10.34 8.20
N LEU D 555 -25.29 10.24 9.38
CA LEU D 555 -25.75 8.97 9.91
C LEU D 555 -26.99 9.25 10.75
N HIS D 556 -27.72 8.20 11.07
CA HIS D 556 -28.90 8.30 11.93
C HIS D 556 -29.94 9.25 11.35
N ARG D 557 -30.16 9.15 10.04
CA ARG D 557 -31.15 10.00 9.40
C ARG D 557 -32.57 9.54 9.66
N GLY D 558 -32.78 8.29 10.05
CA GLY D 558 -34.10 7.87 10.45
C GLY D 558 -34.53 8.39 11.79
N THR D 559 -33.61 9.01 12.51
CA THR D 559 -33.91 9.58 13.81
C THR D 559 -34.90 10.74 13.71
N TYR D 560 -35.09 11.32 12.53
CA TYR D 560 -36.07 12.37 12.36
C TYR D 560 -37.49 11.86 12.34
N THR D 561 -37.70 10.56 12.28
CA THR D 561 -39.05 10.06 12.05
C THR D 561 -39.48 9.03 13.09
N THR D 562 -38.53 8.33 13.69
CA THR D 562 -38.87 7.27 14.62
C THR D 562 -39.58 7.82 15.84
N GLN D 563 -40.52 7.04 16.38
CA GLN D 563 -41.29 7.42 17.56
C GLN D 563 -42.03 8.73 17.34
N ALA D 564 -42.97 8.70 16.39
CA ALA D 564 -43.67 9.91 16.00
C ALA D 564 -44.41 10.54 17.16
N LYS D 565 -44.87 9.73 18.11
CA LYS D 565 -45.62 10.27 19.24
C LYS D 565 -44.75 11.24 20.04
N ASN D 566 -43.49 10.88 20.25
CA ASN D 566 -42.61 11.74 21.04
C ASN D 566 -42.38 13.08 20.35
N LYS D 567 -42.15 13.07 19.04
CA LYS D 567 -41.91 14.32 18.33
C LYS D 567 -43.16 15.18 18.30
N LYS D 568 -44.33 14.57 18.08
CA LYS D 568 -45.56 15.34 18.13
C LYS D 568 -45.76 15.97 19.50
N ASN D 569 -45.51 15.19 20.56
CA ASN D 569 -45.65 15.74 21.90
C ASN D 569 -44.67 16.86 22.15
N ASN D 570 -43.44 16.71 21.66
CA ASN D 570 -42.44 17.76 21.88
C ASN D 570 -42.86 19.06 21.22
N ARG D 571 -43.32 18.99 19.97
CA ARG D 571 -43.73 20.23 19.32
C ARG D 571 -44.96 20.83 19.98
N ARG D 572 -45.93 19.99 20.35
CA ARG D 572 -47.11 20.51 21.04
C ARG D 572 -46.73 21.17 22.35
N ALA D 573 -45.81 20.56 23.10
CA ALA D 573 -45.39 21.13 24.37
C ALA D 573 -44.67 22.45 24.16
N GLU D 574 -43.83 22.55 23.15
CA GLU D 574 -43.15 23.81 22.87
C GLU D 574 -44.15 24.91 22.57
N ALA D 575 -45.11 24.62 21.68
CA ALA D 575 -46.10 25.64 21.32
C ALA D 575 -46.94 26.04 22.51
N LYS D 576 -47.39 25.06 23.29
CA LYS D 576 -48.23 25.35 24.44
C LYS D 576 -47.46 26.16 25.49
N LEU D 577 -46.18 25.84 25.69
CA LEU D 577 -45.38 26.58 26.64
C LEU D 577 -45.19 28.02 26.20
N ARG D 578 -44.94 28.24 24.91
CA ARG D 578 -44.83 29.62 24.42
C ARG D 578 -46.13 30.38 24.65
N ASP D 579 -47.26 29.77 24.28
CA ASP D 579 -48.55 30.41 24.47
C ASP D 579 -48.77 30.76 25.93
N LEU D 580 -48.54 29.79 26.82
CA LEU D 580 -48.81 29.99 28.23
C LEU D 580 -47.89 31.04 28.82
N GLU D 581 -46.63 31.06 28.41
CA GLU D 581 -45.72 32.07 28.93
C GLU D 581 -46.17 33.47 28.52
N LEU D 582 -46.61 33.63 27.27
CA LEU D 582 -47.10 34.93 26.85
C LEU D 582 -48.33 35.34 27.64
N LEU D 583 -49.29 34.41 27.78
CA LEU D 583 -50.52 34.75 28.49
C LEU D 583 -50.26 35.05 29.95
N ALA D 584 -49.38 34.27 30.58
CA ALA D 584 -49.06 34.51 31.98
C ALA D 584 -48.33 35.82 32.16
N THR D 585 -47.47 36.20 31.20
CA THR D 585 -46.83 37.49 31.29
C THR D 585 -47.86 38.62 31.24
N ILE D 586 -48.81 38.51 30.30
CA ILE D 586 -49.83 39.55 30.19
C ILE D 586 -50.63 39.62 31.49
N ALA D 587 -51.02 38.47 32.02
CA ALA D 587 -51.83 38.46 33.23
C ALA D 587 -51.05 39.01 34.42
N SER D 588 -49.80 38.62 34.58
CA SER D 588 -49.03 39.06 35.72
C SER D 588 -48.75 40.55 35.67
N VAL D 589 -48.51 41.10 34.48
CA VAL D 589 -48.31 42.53 34.39
C VAL D 589 -49.62 43.27 34.63
N GLN D 590 -50.73 42.76 34.09
CA GLN D 590 -52.00 43.46 34.22
C GLN D 590 -52.50 43.47 35.65
N ASP D 591 -52.51 42.32 36.31
CA ASP D 591 -53.05 42.20 37.66
C ASP D 591 -51.93 41.88 38.63
N LYS D 592 -51.80 42.71 39.67
CA LYS D 592 -50.72 42.51 40.62
C LYS D 592 -50.97 41.34 41.56
N SER D 593 -52.22 40.95 41.75
CA SER D 593 -52.54 39.88 42.68
C SER D 593 -52.28 38.49 42.11
N TYR D 594 -52.09 38.37 40.80
CA TYR D 594 -51.88 37.08 40.18
C TYR D 594 -50.40 36.75 40.18
N LYS D 595 -50.03 35.69 40.89
CA LYS D 595 -48.63 35.32 41.00
C LYS D 595 -48.20 34.53 39.77
N TYR D 596 -47.14 34.99 39.14
CA TYR D 596 -46.60 34.31 37.97
C TYR D 596 -46.17 32.91 38.37
N PRO D 597 -46.68 31.88 37.72
CA PRO D 597 -46.44 30.50 38.19
C PRO D 597 -45.06 29.97 37.81
N LYS D 598 -44.04 30.42 38.54
CA LYS D 598 -42.68 30.04 38.20
C LYS D 598 -42.40 28.59 38.56
N GLU D 599 -42.95 28.11 39.67
CA GLU D 599 -42.76 26.71 40.04
C GLU D 599 -43.23 25.78 38.93
N GLU D 600 -44.47 25.98 38.48
CA GLU D 600 -45.04 25.10 37.47
C GLU D 600 -44.30 25.23 36.14
N PHE D 601 -43.98 26.46 35.74
CA PHE D 601 -43.27 26.64 34.49
C PHE D 601 -41.91 25.96 34.53
N ASP D 602 -41.21 26.08 35.65
CA ASP D 602 -39.92 25.40 35.78
C ASP D 602 -40.09 23.90 35.70
N ALA D 603 -41.12 23.36 36.35
CA ALA D 603 -41.33 21.91 36.30
C ALA D 603 -41.57 21.44 34.88
N MET D 604 -42.51 22.10 34.17
CA MET D 604 -42.81 21.66 32.81
C MET D 604 -41.63 21.85 31.89
N TRP D 605 -40.90 22.95 32.01
CA TRP D 605 -39.75 23.16 31.15
C TRP D 605 -38.68 22.12 31.42
N GLU D 606 -38.44 21.78 32.68
CA GLU D 606 -37.44 20.76 32.98
C GLU D 606 -37.86 19.41 32.38
N ASN D 607 -39.13 19.06 32.50
CA ASN D 607 -39.57 17.80 31.91
C ASN D 607 -39.42 17.80 30.39
N VAL D 608 -39.81 18.90 29.74
CA VAL D 608 -39.72 18.97 28.29
C VAL D 608 -38.26 18.88 27.85
N LEU D 609 -37.39 19.64 28.49
CA LEU D 609 -35.98 19.64 28.13
C LEU D 609 -35.37 18.26 28.35
N LEU D 610 -35.74 17.60 29.44
CA LEU D 610 -35.25 16.23 29.65
C LEU D 610 -35.71 15.32 28.54
N CYS D 611 -36.96 15.42 28.13
CA CYS D 611 -37.44 14.60 27.03
C CYS D 611 -36.79 14.96 25.70
N GLN D 612 -36.14 16.12 25.62
CA GLN D 612 -35.38 16.47 24.42
C GLN D 612 -33.98 15.88 24.41
N PHE D 613 -33.70 14.89 25.24
CA PHE D 613 -32.37 14.31 25.32
C PHE D 613 -32.01 13.64 24.00
N HIS D 614 -30.70 13.56 23.72
CA HIS D 614 -30.30 13.10 22.40
C HIS D 614 -30.56 11.66 22.15
N ASP D 615 -31.27 10.95 23.03
CA ASP D 615 -31.72 9.60 22.74
C ASP D 615 -33.19 9.38 23.03
N CYS D 616 -33.87 10.31 23.70
CA CYS D 616 -35.31 10.18 23.88
C CYS D 616 -36.07 10.72 22.69
N LEU D 617 -35.92 12.02 22.41
CA LEU D 617 -36.60 12.62 21.27
C LEU D 617 -36.22 11.97 19.94
N PRO D 618 -34.95 11.67 19.65
CA PRO D 618 -34.64 11.02 18.37
C PRO D 618 -35.24 9.64 18.20
N GLY D 619 -35.99 9.18 19.20
CA GLY D 619 -36.72 7.94 19.05
C GLY D 619 -35.88 6.69 18.94
N SER D 620 -34.85 6.56 19.77
CA SER D 620 -33.93 5.43 19.69
C SER D 620 -33.73 4.80 21.05
N SER D 621 -34.82 4.55 21.77
CA SER D 621 -34.75 3.99 23.11
C SER D 621 -35.68 2.79 23.21
N ILE D 622 -35.62 2.12 24.35
CA ILE D 622 -36.44 0.95 24.61
C ILE D 622 -37.83 1.37 25.06
N GLU D 623 -38.77 0.42 25.13
CA GLU D 623 -40.16 0.77 25.41
C GLU D 623 -40.32 1.45 26.76
N MET D 624 -39.66 0.94 27.79
CA MET D 624 -39.89 1.48 29.13
C MET D 624 -39.51 2.96 29.19
N ALA D 625 -38.47 3.35 28.46
CA ALA D 625 -38.10 4.75 28.40
C ALA D 625 -39.24 5.59 27.84
N TYR D 626 -39.90 5.09 26.81
CA TYR D 626 -40.98 5.87 26.22
C TYR D 626 -42.24 5.83 27.07
N ARG D 627 -42.44 4.78 27.86
CA ARG D 627 -43.53 4.85 28.84
C ARG D 627 -43.28 5.94 29.86
N GLU D 628 -42.04 6.06 30.35
CA GLU D 628 -41.75 7.15 31.28
C GLU D 628 -41.85 8.51 30.60
N SER D 629 -41.41 8.62 29.36
CA SER D 629 -41.52 9.90 28.67
C SER D 629 -42.97 10.27 28.39
N ASP D 630 -43.81 9.27 28.10
CA ASP D 630 -45.23 9.53 27.96
C ASP D 630 -45.82 10.03 29.25
N GLN D 631 -45.42 9.45 30.39
CA GLN D 631 -45.88 9.95 31.66
C GLN D 631 -45.42 11.38 31.88
N MET D 632 -44.18 11.68 31.51
CA MET D 632 -43.66 13.03 31.65
C MET D 632 -44.47 14.04 30.85
N TYR D 633 -44.79 13.69 29.61
CA TYR D 633 -45.55 14.62 28.77
C TYR D 633 -46.99 14.76 29.28
N ALA D 634 -47.56 13.68 29.80
CA ALA D 634 -48.90 13.79 30.39
C ALA D 634 -48.88 14.75 31.58
N ASP D 635 -47.86 14.64 32.42
CA ASP D 635 -47.74 15.58 33.54
C ASP D 635 -47.57 17.01 33.04
N VAL D 636 -46.77 17.19 31.98
CA VAL D 636 -46.56 18.53 31.43
C VAL D 636 -47.87 19.12 30.96
N PHE D 637 -48.67 18.34 30.25
CA PHE D 637 -49.92 18.87 29.72
C PHE D 637 -50.96 19.09 30.81
N SER D 638 -50.97 18.26 31.85
CA SER D 638 -51.87 18.53 32.96
C SER D 638 -51.50 19.82 33.68
N THR D 639 -50.21 20.02 33.92
CA THR D 639 -49.77 21.28 34.54
C THR D 639 -50.10 22.46 33.65
N ALA D 640 -49.94 22.30 32.34
CA ALA D 640 -50.30 23.37 31.42
C ALA D 640 -51.78 23.67 31.49
N GLU D 641 -52.62 22.65 31.61
CA GLU D 641 -54.05 22.89 31.77
C GLU D 641 -54.34 23.67 33.03
N LYS D 642 -53.69 23.32 34.13
CA LYS D 642 -53.90 24.05 35.38
C LYS D 642 -53.49 25.51 35.24
N ILE D 643 -52.32 25.74 34.64
CA ILE D 643 -51.83 27.11 34.45
C ILE D 643 -52.79 27.90 33.58
N MET D 644 -53.24 27.30 32.49
CA MET D 644 -54.13 28.00 31.58
C MET D 644 -55.45 28.32 32.25
N LYS D 645 -55.96 27.40 33.08
CA LYS D 645 -57.19 27.70 33.80
C LYS D 645 -57.01 28.89 34.73
N GLY D 646 -55.89 28.93 35.47
CA GLY D 646 -55.65 30.07 36.33
C GLY D 646 -55.54 31.38 35.56
N VAL D 647 -54.79 31.36 34.46
CA VAL D 647 -54.59 32.57 33.69
C VAL D 647 -55.90 33.04 33.08
N SER D 648 -56.71 32.11 32.57
CA SER D 648 -58.00 32.48 32.02
C SER D 648 -58.91 33.04 33.09
N GLN D 649 -58.82 32.52 34.31
CA GLN D 649 -59.57 33.13 35.40
C GLN D 649 -59.14 34.58 35.59
N VAL D 650 -57.84 34.84 35.57
CA VAL D 650 -57.38 36.21 35.78
C VAL D 650 -57.52 37.05 34.53
N LEU D 651 -57.10 36.52 33.39
CA LEU D 651 -57.02 37.30 32.17
C LEU D 651 -58.41 37.57 31.63
N GLY D 652 -59.04 38.63 32.11
CA GLY D 652 -60.45 38.80 31.81
C GLY D 652 -61.18 37.60 32.33
N LEU D 653 -61.86 36.89 31.44
CA LEU D 653 -62.49 35.63 31.78
C LEU D 653 -62.74 34.87 30.51
N GLU D 654 -62.19 33.68 30.40
CA GLU D 654 -62.27 32.86 29.19
C GLU D 654 -62.64 31.44 29.55
N PRO D 655 -63.85 31.23 30.02
CA PRO D 655 -64.18 29.92 30.61
C PRO D 655 -64.13 28.75 29.65
N ALA D 656 -64.92 28.77 28.60
CA ALA D 656 -65.12 27.58 27.78
C ALA D 656 -65.92 27.97 26.55
N LEU D 657 -66.37 26.97 25.81
CA LEU D 657 -67.17 27.17 24.60
C LEU D 657 -68.55 26.58 24.78
N ASN D 658 -69.56 27.34 24.37
CA ASN D 658 -70.96 26.95 24.47
C ASN D 658 -71.62 27.07 23.11
N HIS D 659 -72.95 27.02 23.07
CA HIS D 659 -73.67 27.50 21.90
C HIS D 659 -73.16 28.91 21.59
N MET D 660 -72.49 29.06 20.45
CA MET D 660 -71.73 30.27 20.22
C MET D 660 -72.65 31.46 19.93
N SER D 661 -72.10 32.66 20.10
CA SER D 661 -72.86 33.88 19.94
C SER D 661 -72.20 34.90 19.02
N THR D 662 -70.95 34.67 18.60
CA THR D 662 -70.15 35.55 17.73
C THR D 662 -70.20 37.02 18.16
N THR D 663 -70.58 37.27 19.41
CA THR D 663 -70.41 38.59 20.01
C THR D 663 -69.92 38.52 21.44
N ASN D 664 -70.00 37.37 22.10
CA ASN D 664 -69.46 37.18 23.44
C ASN D 664 -68.23 36.29 23.44
N THR D 665 -67.70 35.95 22.27
CA THR D 665 -66.56 35.05 22.17
C THR D 665 -65.42 35.72 21.43
N VAL D 666 -64.21 35.47 21.90
CA VAL D 666 -62.99 35.94 21.27
C VAL D 666 -62.20 34.73 20.84
N ALA D 667 -61.11 34.98 20.11
CA ALA D 667 -60.21 33.93 19.68
C ALA D 667 -58.81 34.26 20.17
N LEU D 668 -58.18 33.29 20.83
CA LEU D 668 -56.82 33.49 21.30
C LEU D 668 -55.86 33.50 20.12
N ASN D 669 -54.98 34.50 20.08
CA ASN D 669 -54.06 34.66 18.97
C ASN D 669 -52.70 34.04 19.25
N THR D 670 -52.00 34.54 20.27
CA THR D 670 -50.67 34.08 20.66
C THR D 670 -49.65 34.15 19.52
N LEU D 671 -49.92 34.95 18.49
CA LEU D 671 -48.94 35.14 17.43
C LEU D 671 -48.71 36.63 17.24
N PRO D 672 -47.48 37.04 17.03
CA PRO D 672 -47.12 38.46 17.09
C PRO D 672 -47.26 39.19 15.76
N TRP D 673 -48.41 39.06 15.11
CA TRP D 673 -48.68 39.80 13.90
C TRP D 673 -50.18 39.84 13.69
N PRO D 674 -50.68 40.80 12.91
CA PRO D 674 -52.11 40.81 12.62
C PRO D 674 -52.52 39.52 11.94
N ARG D 675 -53.69 39.03 12.32
CA ARG D 675 -54.14 37.71 11.92
C ARG D 675 -55.56 37.82 11.39
N ARG D 676 -55.87 36.98 10.42
CA ARG D 676 -57.18 37.00 9.78
C ARG D 676 -57.43 35.61 9.19
N GLU D 677 -58.20 34.79 9.88
CA GLU D 677 -58.49 33.45 9.42
C GLU D 677 -59.96 33.07 9.64
N LEU D 678 -60.27 31.84 9.25
CA LEU D 678 -61.61 31.29 9.38
C LEU D 678 -61.67 30.42 10.62
N VAL D 679 -62.62 30.71 11.49
CA VAL D 679 -62.82 29.93 12.70
C VAL D 679 -64.15 29.22 12.60
N LYS D 680 -64.26 28.11 13.31
CA LYS D 680 -65.26 27.08 13.05
C LYS D 680 -66.38 27.10 14.08
N ILE D 681 -66.80 28.29 14.51
CA ILE D 681 -67.88 28.40 15.49
C ILE D 681 -69.17 27.83 14.93
N SER D 682 -70.05 27.36 15.81
CA SER D 682 -71.41 26.99 15.43
C SER D 682 -71.39 25.98 14.28
N GLU D 683 -70.99 24.76 14.62
CA GLU D 683 -70.36 23.81 13.72
C GLU D 683 -70.93 23.81 12.31
N LYS D 684 -72.22 24.10 12.18
CA LYS D 684 -72.79 24.28 10.84
C LYS D 684 -72.19 25.50 10.13
N GLU D 685 -72.03 26.61 10.84
CA GLU D 685 -71.56 27.85 10.25
C GLU D 685 -70.09 28.10 10.61
N ALA D 686 -69.60 29.30 10.31
CA ALA D 686 -68.23 29.69 10.58
C ALA D 686 -68.13 31.20 10.55
N ALA D 687 -67.01 31.72 11.04
CA ALA D 687 -66.81 33.16 11.13
C ALA D 687 -65.38 33.50 10.79
N VAL D 688 -65.07 34.79 10.72
CA VAL D 688 -63.75 35.28 10.41
C VAL D 688 -63.18 35.92 11.66
N ALA D 689 -62.08 35.39 12.16
CA ALA D 689 -61.36 35.95 13.29
C ALA D 689 -60.26 36.85 12.76
N HIS D 690 -60.35 38.13 13.07
CA HIS D 690 -59.38 39.10 12.58
C HIS D 690 -59.01 40.05 13.72
N GLY D 691 -57.74 40.41 13.79
CA GLY D 691 -57.30 41.31 14.83
C GLY D 691 -55.79 41.37 14.88
N THR D 692 -55.29 42.00 15.94
CA THR D 692 -53.85 42.16 16.08
C THR D 692 -53.35 41.72 17.44
N GLY D 693 -54.19 41.87 18.47
CA GLY D 693 -53.76 41.58 19.81
C GLY D 693 -53.78 40.10 20.13
N PRO D 694 -53.68 39.75 21.42
CA PRO D 694 -53.88 38.36 21.81
C PRO D 694 -55.30 37.88 21.67
N PHE D 695 -56.27 38.79 21.58
CA PHE D 695 -57.67 38.44 21.44
C PHE D 695 -58.23 39.04 20.18
N LEU D 696 -58.88 38.21 19.37
CA LEU D 696 -59.45 38.63 18.10
C LEU D 696 -60.97 38.57 18.17
N LYS D 697 -61.62 39.53 17.53
CA LYS D 697 -63.07 39.49 17.42
C LYS D 697 -63.47 38.72 16.17
N LEU D 698 -64.75 38.36 16.10
CA LEU D 698 -65.27 37.61 14.98
C LEU D 698 -66.24 38.46 14.17
N GLN D 699 -66.45 38.07 12.91
CA GLN D 699 -67.25 38.85 11.98
C GLN D 699 -68.52 38.17 11.52
N LYS D 700 -68.54 36.84 11.48
CA LYS D 700 -69.74 36.08 11.10
C LYS D 700 -70.20 36.48 9.69
N LEU D 701 -69.36 36.10 8.72
CA LEU D 701 -69.66 36.37 7.33
C LEU D 701 -70.86 35.58 6.84
N GLU D 702 -71.57 36.15 5.86
CA GLU D 702 -72.59 35.42 5.11
C GLU D 702 -72.83 36.16 3.81
N THR D 703 -72.42 35.56 2.69
CA THR D 703 -72.56 36.16 1.37
C THR D 703 -72.66 35.00 0.39
N THR D 704 -72.41 35.26 -0.90
CA THR D 704 -72.29 34.18 -1.87
C THR D 704 -71.27 33.16 -1.41
N LYS D 705 -71.48 31.91 -1.82
CA LYS D 705 -70.70 30.81 -1.28
C LYS D 705 -69.31 30.77 -1.88
N PRO D 706 -68.25 30.83 -1.08
CA PRO D 706 -66.93 30.42 -1.55
C PRO D 706 -66.82 28.91 -1.43
N LEU D 707 -65.71 28.35 -1.88
CA LEU D 707 -65.41 26.94 -1.66
C LEU D 707 -66.47 26.03 -2.27
N VAL D 708 -66.49 25.98 -3.55
CA VAL D 708 -67.38 25.03 -4.20
C VAL D 708 -66.64 23.70 -4.35
N THR D 709 -67.41 22.61 -4.36
CA THR D 709 -66.90 21.30 -4.71
C THR D 709 -67.84 20.68 -5.73
N LEU D 710 -67.28 20.10 -6.78
CA LEU D 710 -68.14 19.49 -7.79
C LEU D 710 -67.49 18.24 -8.35
N ARG D 711 -68.32 17.23 -8.59
CA ARG D 711 -67.88 15.97 -9.16
C ARG D 711 -67.92 16.01 -10.67
N GLN D 712 -66.87 15.48 -11.29
CA GLN D 712 -66.92 15.22 -12.73
C GLN D 712 -67.68 13.93 -12.99
N VAL D 713 -68.16 13.80 -14.23
CA VAL D 713 -68.90 12.62 -14.64
C VAL D 713 -68.13 11.34 -14.41
N THR D 714 -66.83 11.45 -14.10
CA THR D 714 -66.01 10.29 -13.76
C THR D 714 -66.41 9.65 -12.45
N LYS D 715 -67.26 10.31 -11.65
CA LYS D 715 -67.89 9.70 -10.48
C LYS D 715 -66.87 9.52 -9.37
N GLY D 716 -65.60 9.72 -9.66
CA GLY D 716 -64.58 9.54 -8.65
C GLY D 716 -63.64 10.73 -8.52
N ALA D 717 -63.70 11.64 -9.48
CA ALA D 717 -62.82 12.80 -9.48
C ALA D 717 -63.59 14.01 -8.98
N PHE D 718 -62.89 14.86 -8.23
CA PHE D 718 -63.51 16.03 -7.62
C PHE D 718 -62.73 17.27 -7.98
N VAL D 719 -63.42 18.40 -8.02
CA VAL D 719 -62.79 19.70 -8.15
C VAL D 719 -63.20 20.50 -6.94
N LEU D 720 -62.24 20.82 -6.08
CA LEU D 720 -62.44 21.72 -4.95
C LEU D 720 -61.91 23.07 -5.38
N GLU D 721 -62.80 24.03 -5.61
CA GLU D 721 -62.42 25.33 -6.13
C GLU D 721 -62.59 26.36 -5.03
N ASN D 722 -61.54 27.09 -4.77
CA ASN D 722 -61.48 28.20 -3.84
C ASN D 722 -61.55 29.49 -4.64
N SER D 723 -61.35 30.62 -3.97
CA SER D 723 -61.13 31.85 -4.71
C SER D 723 -59.69 31.99 -5.16
N GLN D 724 -58.78 31.16 -4.66
CA GLN D 724 -57.37 31.23 -5.02
C GLN D 724 -56.79 29.93 -5.54
N LEU D 725 -57.41 28.79 -5.27
CA LEU D 725 -56.88 27.50 -5.67
C LEU D 725 -57.96 26.67 -6.34
N ARG D 726 -57.54 25.77 -7.21
CA ARG D 726 -58.41 24.77 -7.80
C ARG D 726 -57.71 23.43 -7.70
N VAL D 727 -58.29 22.49 -6.98
CA VAL D 727 -57.67 21.20 -6.72
C VAL D 727 -58.48 20.12 -7.41
N HIS D 728 -57.86 19.44 -8.37
CA HIS D 728 -58.44 18.28 -9.03
C HIS D 728 -57.91 17.06 -8.30
N VAL D 729 -58.82 16.37 -7.60
CA VAL D 729 -58.49 15.22 -6.77
C VAL D 729 -59.03 13.97 -7.45
N GLU D 730 -58.11 13.10 -7.86
CA GLU D 730 -58.42 11.79 -8.39
C GLU D 730 -58.53 10.82 -7.22
N LYS D 731 -58.41 9.52 -7.47
CA LYS D 731 -58.63 8.52 -6.44
C LYS D 731 -57.52 8.61 -5.41
N GLY D 732 -57.61 9.65 -4.58
CA GLY D 732 -56.76 9.82 -3.43
C GLY D 732 -55.62 10.79 -3.61
N VAL D 733 -55.27 11.11 -4.85
CA VAL D 733 -54.11 11.95 -5.10
C VAL D 733 -54.58 13.25 -5.75
N ILE D 734 -53.79 14.30 -5.56
CA ILE D 734 -54.07 15.60 -6.16
C ILE D 734 -53.48 15.56 -7.57
N THR D 735 -54.31 15.24 -8.55
CA THR D 735 -53.82 15.20 -9.92
C THR D 735 -53.60 16.59 -10.50
N SER D 736 -54.23 17.62 -9.95
CA SER D 736 -53.96 18.95 -10.47
C SER D 736 -54.14 19.98 -9.38
N LEU D 737 -53.32 21.02 -9.42
CA LEU D 737 -53.40 22.10 -8.44
C LEU D 737 -53.10 23.40 -9.18
N TYR D 738 -54.15 24.15 -9.46
CA TYR D 738 -54.06 25.37 -10.25
C TYR D 738 -54.18 26.58 -9.33
N ASP D 739 -53.23 27.49 -9.44
CA ASP D 739 -53.23 28.72 -8.66
C ASP D 739 -53.93 29.80 -9.46
N LYS D 740 -55.05 30.29 -8.94
CA LYS D 740 -55.85 31.26 -9.69
C LYS D 740 -55.32 32.68 -9.54
N GLN D 741 -54.34 32.92 -8.69
CA GLN D 741 -53.74 34.24 -8.58
C GLN D 741 -52.61 34.40 -9.60
N ALA D 742 -51.63 33.52 -9.57
CA ALA D 742 -50.66 33.37 -10.63
C ALA D 742 -51.12 32.21 -11.51
N ASN D 743 -51.67 32.53 -12.67
CA ASN D 743 -52.42 31.54 -13.43
C ASN D 743 -51.46 30.49 -13.98
N ARG D 744 -51.03 29.60 -13.09
CA ARG D 744 -50.12 28.54 -13.47
C ARG D 744 -50.43 27.27 -12.71
N GLU D 745 -50.10 26.15 -13.34
CA GLU D 745 -50.28 24.85 -12.71
C GLU D 745 -49.14 24.58 -11.76
N VAL D 746 -49.46 24.02 -10.60
CA VAL D 746 -48.43 23.70 -9.63
C VAL D 746 -47.90 22.29 -9.81
N ILE D 747 -48.75 21.34 -10.19
CA ILE D 747 -48.31 19.95 -10.34
C ILE D 747 -47.90 19.71 -11.79
N PRO D 748 -46.74 19.12 -12.04
CA PRO D 748 -46.33 18.86 -13.42
C PRO D 748 -47.29 17.90 -14.11
N LYS D 749 -47.32 17.99 -15.43
CA LYS D 749 -48.20 17.14 -16.22
C LYS D 749 -47.83 15.68 -16.03
N GLY D 750 -48.84 14.85 -15.81
CA GLY D 750 -48.65 13.42 -15.71
C GLY D 750 -48.27 12.92 -14.34
N GLN D 751 -47.89 13.79 -13.41
CA GLN D 751 -47.54 13.38 -12.07
C GLN D 751 -48.72 13.62 -11.13
N LYS D 752 -48.57 13.15 -9.89
CA LYS D 752 -49.66 13.19 -8.92
C LYS D 752 -49.10 13.56 -7.56
N ALA D 753 -49.56 14.66 -7.01
CA ALA D 753 -49.09 15.14 -5.73
C ALA D 753 -49.87 14.48 -4.60
N ASN D 754 -49.29 14.58 -3.40
CA ASN D 754 -49.79 13.90 -2.21
C ASN D 754 -50.02 12.43 -2.58
N GLN D 755 -48.89 11.78 -2.83
CA GLN D 755 -48.88 10.39 -3.23
C GLN D 755 -48.17 9.59 -2.15
N TYR D 756 -48.86 8.61 -1.58
CA TYR D 756 -48.25 7.78 -0.55
C TYR D 756 -47.32 6.78 -1.21
N VAL D 757 -46.07 6.75 -0.73
CA VAL D 757 -45.10 5.80 -1.22
C VAL D 757 -44.52 5.07 -0.01
N ILE D 758 -44.03 3.87 -0.27
CA ILE D 758 -43.48 3.03 0.79
C ILE D 758 -42.13 2.49 0.34
N PHE D 759 -41.20 2.40 1.28
CA PHE D 759 -39.86 1.91 1.03
C PHE D 759 -39.55 0.81 2.03
N ASP D 760 -38.57 -0.01 1.71
CA ASP D 760 -38.07 -1.00 2.64
C ASP D 760 -36.89 -0.43 3.40
N ASP D 761 -36.98 -0.38 4.72
CA ASP D 761 -35.99 0.36 5.50
C ASP D 761 -34.71 -0.44 5.69
N LYS D 762 -34.78 -1.51 6.48
CA LYS D 762 -33.69 -2.45 6.74
C LYS D 762 -32.32 -1.81 6.74
N PRO D 763 -32.00 -0.94 7.68
CA PRO D 763 -30.66 -0.35 7.72
C PRO D 763 -29.60 -1.36 8.08
N LEU D 764 -28.34 -0.93 8.08
CA LEU D 764 -27.23 -1.89 8.24
C LEU D 764 -27.20 -2.46 9.65
N TYR D 765 -26.95 -1.62 10.65
CA TYR D 765 -26.94 -2.09 12.02
C TYR D 765 -27.95 -1.38 12.90
N TRP D 766 -27.93 -0.05 12.95
CA TRP D 766 -28.75 0.71 13.88
C TRP D 766 -30.15 0.84 13.31
N GLN D 767 -31.06 -0.03 13.73
CA GLN D 767 -32.39 -0.07 13.12
C GLN D 767 -33.16 1.21 13.40
N ALA D 768 -33.27 1.60 14.66
CA ALA D 768 -34.08 2.78 14.98
C ALA D 768 -33.43 4.05 14.50
N TRP D 769 -32.11 4.07 14.38
CA TRP D 769 -31.41 5.29 14.03
C TRP D 769 -31.37 5.51 12.52
N ASP D 770 -30.82 4.55 11.80
CA ASP D 770 -30.41 4.76 10.42
C ASP D 770 -31.53 4.49 9.44
N VAL D 771 -31.61 5.32 8.40
CA VAL D 771 -32.17 4.96 7.12
C VAL D 771 -31.09 5.20 6.09
N GLU D 772 -30.79 4.19 5.29
CA GLU D 772 -29.64 4.27 4.41
C GLU D 772 -30.05 4.70 3.01
N VAL D 773 -29.05 5.09 2.22
CA VAL D 773 -29.32 5.68 0.92
C VAL D 773 -29.99 4.68 -0.01
N TYR D 774 -29.58 3.41 0.05
CA TYR D 774 -30.13 2.43 -0.88
C TYR D 774 -31.63 2.27 -0.72
N HIS D 775 -32.20 2.69 0.40
CA HIS D 775 -33.63 2.60 0.58
C HIS D 775 -34.39 3.36 -0.48
N LEU D 776 -33.76 4.35 -1.13
CA LEU D 776 -34.46 5.09 -2.16
C LEU D 776 -34.76 4.24 -3.38
N ASP D 777 -34.13 3.08 -3.53
CA ASP D 777 -34.36 2.27 -4.71
C ASP D 777 -35.69 1.52 -4.66
N THR D 778 -36.15 1.18 -3.46
CA THR D 778 -37.35 0.35 -3.33
C THR D 778 -38.62 1.20 -3.22
N ARG D 779 -38.79 2.15 -4.13
CA ARG D 779 -39.98 2.97 -4.11
C ARG D 779 -41.17 2.17 -4.61
N LYS D 780 -42.33 2.41 -4.01
CA LYS D 780 -43.54 1.70 -4.39
C LYS D 780 -44.75 2.55 -4.01
N GLU D 781 -45.60 2.86 -4.97
CA GLU D 781 -46.74 3.71 -4.75
C GLU D 781 -47.92 2.89 -4.26
N LEU D 782 -48.72 3.49 -3.37
CA LEU D 782 -49.91 2.84 -2.85
C LEU D 782 -51.11 3.34 -3.63
N PRO D 783 -51.79 2.50 -4.38
CA PRO D 783 -52.77 3.00 -5.34
C PRO D 783 -54.22 2.97 -4.89
N SER D 784 -54.49 2.35 -3.75
CA SER D 784 -55.82 1.78 -3.51
C SER D 784 -56.89 2.83 -3.18
N GLY D 785 -56.66 4.11 -3.47
CA GLY D 785 -57.65 5.11 -3.14
C GLY D 785 -58.94 4.94 -3.93
N GLU D 786 -60.02 5.49 -3.35
CA GLU D 786 -61.29 5.66 -4.05
C GLU D 786 -62.05 6.75 -3.32
N THR D 787 -62.16 7.92 -3.93
CA THR D 787 -62.50 9.15 -3.22
C THR D 787 -64.00 9.34 -3.10
N GLU D 788 -64.42 10.04 -2.04
CA GLU D 788 -65.82 10.38 -1.84
C GLU D 788 -65.90 11.62 -0.96
N VAL D 789 -67.07 12.25 -0.96
CA VAL D 789 -67.26 13.50 -0.23
C VAL D 789 -67.25 13.24 1.27
N HIS D 790 -66.66 14.18 2.01
CA HIS D 790 -66.64 14.10 3.46
C HIS D 790 -67.28 15.31 4.13
N GLU D 791 -67.13 16.50 3.56
CA GLU D 791 -67.71 17.70 4.13
C GLU D 791 -67.98 18.69 3.02
N ASN D 792 -69.13 19.32 3.05
CA ASN D 792 -69.56 20.17 1.94
C ASN D 792 -70.22 21.45 2.45
N THR D 793 -69.63 22.07 3.46
CA THR D 793 -70.23 23.30 3.94
C THR D 793 -69.84 24.47 3.04
N PRO D 794 -70.66 25.52 2.98
CA PRO D 794 -70.38 26.63 2.06
C PRO D 794 -69.11 27.39 2.40
N HIS D 795 -68.47 27.05 3.51
CA HIS D 795 -67.20 27.67 3.87
C HIS D 795 -66.04 26.68 3.88
N ARG D 796 -66.29 25.39 3.68
CA ARG D 796 -65.22 24.41 3.72
C ARG D 796 -65.69 23.13 3.06
N VAL D 797 -64.89 22.62 2.13
CA VAL D 797 -65.19 21.35 1.47
C VAL D 797 -64.00 20.43 1.70
N SER D 798 -64.28 19.13 1.66
CA SER D 798 -63.22 18.17 1.91
C SER D 798 -63.69 16.80 1.44
N VAL D 799 -62.80 16.10 0.75
CA VAL D 799 -63.04 14.75 0.30
C VAL D 799 -62.18 13.81 1.12
N VAL D 800 -62.62 12.56 1.23
CA VAL D 800 -61.97 11.56 2.06
C VAL D 800 -61.67 10.34 1.23
N THR D 801 -60.51 9.73 1.47
CA THR D 801 -60.07 8.57 0.70
C THR D 801 -59.47 7.55 1.65
N ARG D 802 -59.65 6.27 1.32
CA ARG D 802 -59.04 5.18 2.06
C ARG D 802 -58.02 4.48 1.18
N THR D 803 -56.82 4.31 1.70
CA THR D 803 -55.73 3.65 0.99
C THR D 803 -55.26 2.47 1.83
N LYS D 804 -55.13 1.32 1.19
CA LYS D 804 -54.73 0.10 1.87
C LYS D 804 -53.22 -0.09 1.68
N VAL D 805 -52.46 0.18 2.74
CA VAL D 805 -51.02 -0.04 2.68
C VAL D 805 -50.72 -1.51 2.49
N SER D 806 -51.37 -2.35 3.29
CA SER D 806 -51.23 -3.80 3.21
C SER D 806 -52.27 -4.38 4.15
N ASP D 807 -52.30 -5.70 4.23
CA ASP D 807 -53.14 -6.35 5.23
C ASP D 807 -52.78 -5.80 6.60
N LYS D 808 -53.82 -5.49 7.38
CA LYS D 808 -53.72 -4.95 8.72
C LYS D 808 -53.05 -3.58 8.79
N SER D 809 -52.85 -2.90 7.66
CA SER D 809 -52.28 -1.56 7.69
C SER D 809 -52.95 -0.71 6.63
N HIS D 810 -53.57 0.39 7.04
CA HIS D 810 -54.33 1.19 6.09
C HIS D 810 -54.27 2.66 6.45
N ILE D 811 -54.69 3.50 5.51
CA ILE D 811 -54.64 4.94 5.65
C ILE D 811 -55.99 5.53 5.25
N GLN D 812 -56.43 6.55 5.97
CA GLN D 812 -57.60 7.33 5.61
C GLN D 812 -57.20 8.79 5.54
N THR D 813 -57.31 9.38 4.35
CA THR D 813 -56.80 10.71 4.07
C THR D 813 -57.95 11.66 3.78
N ILE D 814 -57.91 12.84 4.38
CA ILE D 814 -58.87 13.90 4.13
C ILE D 814 -58.13 15.07 3.53
N ILE D 815 -58.57 15.51 2.36
CA ILE D 815 -58.03 16.68 1.68
C ILE D 815 -59.08 17.77 1.76
N ALA D 816 -58.71 18.91 2.31
CA ALA D 816 -59.66 19.96 2.61
C ALA D 816 -59.16 21.30 2.08
N LEU D 817 -60.13 22.14 1.73
CA LEU D 817 -59.89 23.50 1.27
C LEU D 817 -60.78 24.43 2.06
N ASN D 818 -60.20 25.45 2.67
CA ASN D 818 -60.97 26.43 3.41
C ASN D 818 -61.30 27.62 2.54
N GLY D 819 -62.35 28.33 2.92
CA GLY D 819 -62.69 29.56 2.21
C GLY D 819 -61.54 30.55 2.26
N ALA D 820 -61.27 31.16 1.12
CA ALA D 820 -60.22 32.16 1.07
C ALA D 820 -60.66 33.42 1.82
N VAL D 821 -59.67 34.21 2.24
CA VAL D 821 -59.92 35.48 2.89
C VAL D 821 -59.06 36.53 2.20
N GLU D 822 -59.44 37.78 2.41
CA GLU D 822 -58.83 38.89 1.67
C GLU D 822 -57.35 38.98 1.97
N GLY D 823 -56.54 38.85 0.91
CA GLY D 823 -55.11 39.04 1.02
C GLY D 823 -54.42 38.10 1.98
N GLU D 824 -54.79 36.83 1.94
CA GLU D 824 -54.17 35.83 2.80
C GLU D 824 -54.10 34.54 2.00
N GLN D 825 -52.89 34.07 1.72
CA GLN D 825 -52.73 32.86 0.92
C GLN D 825 -53.41 31.68 1.59
N SER D 826 -54.14 30.91 0.81
CA SER D 826 -54.84 29.74 1.32
C SER D 826 -54.08 28.48 0.95
N TRP D 827 -54.18 27.47 1.80
CA TRP D 827 -53.45 26.23 1.62
C TRP D 827 -54.42 25.08 1.37
N VAL D 828 -53.87 23.99 0.86
CA VAL D 828 -54.59 22.72 0.76
C VAL D 828 -54.16 21.88 1.94
N GLU D 829 -55.09 21.56 2.84
CA GLU D 829 -54.77 20.88 4.08
C GLU D 829 -55.06 19.39 3.93
N VAL D 830 -54.17 18.55 4.44
CA VAL D 830 -54.33 17.12 4.38
C VAL D 830 -54.16 16.57 5.78
N GLN D 831 -55.10 15.73 6.21
CA GLN D 831 -54.94 15.01 7.47
C GLN D 831 -55.17 13.53 7.26
N SER D 832 -54.28 12.71 7.80
CA SER D 832 -54.31 11.27 7.62
C SER D 832 -54.45 10.58 8.96
N LYS D 833 -55.39 9.66 9.03
CA LYS D 833 -55.43 8.64 10.08
C LYS D 833 -54.74 7.40 9.53
N VAL D 834 -53.57 7.08 10.06
CA VAL D 834 -52.81 5.94 9.59
C VAL D 834 -52.87 4.86 10.65
N ASP D 835 -53.50 3.73 10.33
CA ASP D 835 -53.42 2.53 11.15
C ASP D 835 -52.20 1.75 10.67
N TRP D 836 -51.13 1.80 11.44
CA TRP D 836 -49.79 1.41 11.01
C TRP D 836 -49.37 0.18 11.79
N HIS D 837 -49.11 -0.91 11.07
CA HIS D 837 -48.64 -2.15 11.66
C HIS D 837 -47.60 -2.83 10.79
N GLU D 838 -46.90 -2.07 9.96
CA GLU D 838 -45.93 -2.64 9.04
C GLU D 838 -44.66 -3.03 9.77
N THR D 839 -43.78 -3.74 9.07
CA THR D 839 -42.53 -4.21 9.63
C THR D 839 -41.39 -3.78 8.73
N MET D 840 -40.49 -2.96 9.27
CA MET D 840 -39.32 -2.47 8.54
C MET D 840 -39.72 -1.77 7.24
N LYS D 841 -40.85 -1.08 7.25
CA LYS D 841 -41.28 -0.26 6.13
C LYS D 841 -41.11 1.21 6.47
N PHE D 842 -41.13 2.04 5.45
CA PHE D 842 -40.96 3.48 5.59
C PHE D 842 -42.00 4.15 4.72
N LEU D 843 -42.99 4.77 5.33
CA LEU D 843 -44.07 5.40 4.60
C LEU D 843 -43.81 6.90 4.50
N LYS D 844 -43.82 7.41 3.26
CA LYS D 844 -43.63 8.82 2.98
C LYS D 844 -44.73 9.30 2.04
N VAL D 845 -44.79 10.61 1.86
CA VAL D 845 -45.76 11.22 0.96
C VAL D 845 -45.02 12.17 0.04
N GLU D 846 -45.38 12.15 -1.24
CA GLU D 846 -44.65 12.84 -2.29
C GLU D 846 -45.49 13.97 -2.86
N PHE D 847 -44.84 15.09 -3.13
CA PHE D 847 -45.45 16.23 -3.83
C PHE D 847 -44.51 16.70 -4.93
N PRO D 848 -44.74 16.32 -6.18
CA PRO D 848 -44.04 16.98 -7.29
C PRO D 848 -44.65 18.36 -7.52
N VAL D 849 -43.80 19.38 -7.66
CA VAL D 849 -44.24 20.76 -7.52
C VAL D 849 -43.93 21.64 -8.72
N ASP D 850 -43.30 21.11 -9.77
CA ASP D 850 -43.08 21.87 -11.01
C ASP D 850 -42.45 23.23 -10.73
N VAL D 851 -41.40 23.22 -9.91
CA VAL D 851 -40.60 24.40 -9.66
C VAL D 851 -39.14 23.99 -9.78
N ARG D 852 -38.44 24.63 -10.70
CA ARG D 852 -37.07 24.24 -11.02
C ARG D 852 -36.11 25.09 -10.20
N ASN D 853 -35.33 24.43 -9.34
CA ASN D 853 -34.33 25.12 -8.55
C ASN D 853 -33.37 24.09 -7.99
N THR D 854 -32.11 24.48 -7.88
CA THR D 854 -31.08 23.58 -7.37
C THR D 854 -31.01 23.57 -5.86
N GLU D 855 -31.76 24.43 -5.20
CA GLU D 855 -31.69 24.64 -3.76
C GLU D 855 -33.08 24.72 -3.17
N ALA D 856 -33.26 24.08 -2.03
CA ALA D 856 -34.52 24.13 -1.29
C ALA D 856 -34.26 24.74 0.07
N SER D 857 -35.26 25.46 0.58
CA SER D 857 -35.14 26.14 1.86
C SER D 857 -35.91 25.37 2.91
N TYR D 858 -35.29 25.15 4.06
CA TYR D 858 -35.93 24.50 5.18
C TYR D 858 -35.82 25.40 6.40
N GLU D 859 -36.78 25.27 7.30
CA GLU D 859 -36.73 26.01 8.56
C GLU D 859 -35.92 25.24 9.58
N THR D 860 -35.05 25.94 10.28
CA THR D 860 -34.35 25.37 11.41
C THR D 860 -34.59 26.25 12.63
N ALA D 861 -33.89 25.97 13.70
CA ALA D 861 -34.00 26.79 14.88
C ALA D 861 -33.53 28.20 14.57
N PHE D 862 -34.43 29.17 14.57
CA PHE D 862 -34.10 30.58 14.42
C PHE D 862 -33.46 30.87 13.07
N GLY D 863 -34.08 30.42 12.00
CA GLY D 863 -33.64 30.82 10.68
C GLY D 863 -33.92 29.76 9.64
N ILE D 864 -33.30 29.96 8.49
CA ILE D 864 -33.52 29.16 7.30
C ILE D 864 -32.20 28.54 6.88
N VAL D 865 -32.20 27.23 6.70
CA VAL D 865 -31.06 26.54 6.12
C VAL D 865 -31.40 26.24 4.67
N ARG D 866 -30.36 26.11 3.85
CA ARG D 866 -30.53 25.97 2.41
C ARG D 866 -29.75 24.75 1.96
N ARG D 867 -30.41 23.86 1.23
CA ARG D 867 -29.78 22.59 0.93
C ARG D 867 -29.94 22.21 -0.53
N PRO D 868 -28.98 21.48 -1.09
CA PRO D 868 -29.05 21.12 -2.51
C PRO D 868 -30.12 20.08 -2.76
N THR D 869 -30.51 19.97 -4.02
CA THR D 869 -31.52 19.01 -4.44
C THR D 869 -31.06 18.22 -5.65
N HIS D 870 -29.77 17.89 -5.74
CA HIS D 870 -29.32 17.30 -6.99
C HIS D 870 -28.36 16.11 -6.88
N TYR D 871 -27.84 15.76 -5.72
CA TYR D 871 -26.93 14.61 -5.59
C TYR D 871 -25.71 14.74 -6.49
N ASN D 872 -25.21 15.95 -6.70
CA ASN D 872 -24.09 16.13 -7.62
C ASN D 872 -22.86 15.40 -7.14
N THR D 873 -22.45 15.66 -5.90
CA THR D 873 -21.27 15.05 -5.30
C THR D 873 -21.72 14.18 -4.14
N SER D 874 -20.76 13.47 -3.54
CA SER D 874 -21.06 12.72 -2.34
C SER D 874 -21.50 13.63 -1.21
N TRP D 875 -20.98 14.85 -1.17
CA TRP D 875 -21.38 15.81 -0.16
C TRP D 875 -22.84 16.17 -0.26
N ASP D 876 -23.45 15.99 -1.43
CA ASP D 876 -24.86 16.24 -1.61
C ASP D 876 -25.68 14.96 -1.61
N MET D 877 -25.10 13.85 -2.05
CA MET D 877 -25.79 12.58 -1.93
C MET D 877 -25.96 12.17 -0.48
N ALA D 878 -25.06 12.62 0.40
CA ALA D 878 -25.21 12.33 1.82
C ALA D 878 -26.40 13.02 2.45
N LYS D 879 -26.98 14.01 1.79
CA LYS D 879 -28.11 14.75 2.32
C LYS D 879 -29.43 14.31 1.69
N PHE D 880 -29.57 13.01 1.43
CA PHE D 880 -30.80 12.53 0.79
C PHE D 880 -32.01 12.64 1.70
N GLU D 881 -31.83 12.89 2.99
CA GLU D 881 -32.94 13.11 3.90
C GLU D 881 -32.48 14.10 4.97
N VAL D 882 -33.22 15.19 5.12
CA VAL D 882 -32.80 16.29 5.97
C VAL D 882 -33.90 16.56 6.99
N CYS D 883 -33.60 17.44 7.94
CA CYS D 883 -34.51 17.77 9.01
C CYS D 883 -35.02 19.19 8.80
N ALA D 884 -36.33 19.34 8.69
CA ALA D 884 -36.99 20.63 8.58
C ALA D 884 -38.02 20.74 9.68
N HIS D 885 -38.13 21.92 10.28
CA HIS D 885 -38.96 22.02 11.48
C HIS D 885 -40.44 22.15 11.13
N ARG D 886 -40.82 23.26 10.51
CA ARG D 886 -42.23 23.52 10.28
C ARG D 886 -42.60 23.71 8.83
N TRP D 887 -41.64 23.98 7.96
CA TRP D 887 -41.96 24.14 6.56
C TRP D 887 -40.73 23.84 5.73
N ALA D 888 -40.95 23.34 4.53
CA ALA D 888 -39.92 23.17 3.53
C ALA D 888 -40.39 23.84 2.26
N ASP D 889 -39.57 24.71 1.71
CA ASP D 889 -39.97 25.54 0.58
C ASP D 889 -39.09 25.26 -0.62
N LEU D 890 -39.73 25.10 -1.78
CA LEU D 890 -39.04 25.01 -3.05
C LEU D 890 -39.55 26.14 -3.91
N SER D 891 -38.69 27.10 -4.22
CA SER D 891 -39.14 28.32 -4.87
C SER D 891 -38.22 28.70 -6.00
N GLU D 892 -38.80 29.05 -7.14
CA GLU D 892 -38.09 29.67 -8.24
C GLU D 892 -38.18 31.19 -8.07
N TYR D 893 -37.88 31.96 -9.10
CA TYR D 893 -37.73 33.39 -8.92
C TYR D 893 -39.01 34.05 -8.42
N GLY D 894 -40.13 33.82 -9.10
CA GLY D 894 -41.35 34.52 -8.76
C GLY D 894 -42.43 33.69 -8.12
N TYR D 895 -42.14 32.47 -7.69
CA TYR D 895 -43.16 31.53 -7.28
C TYR D 895 -42.53 30.41 -6.49
N GLY D 896 -43.23 29.94 -5.46
CA GLY D 896 -42.73 28.80 -4.73
C GLY D 896 -43.87 27.97 -4.17
N VAL D 897 -43.52 26.78 -3.72
CA VAL D 897 -44.45 25.90 -3.03
C VAL D 897 -43.80 25.50 -1.71
N SER D 898 -44.56 25.64 -0.62
CA SER D 898 -44.10 25.24 0.70
C SER D 898 -44.95 24.10 1.20
N ILE D 899 -44.32 23.02 1.60
CA ILE D 899 -44.98 21.94 2.33
C ILE D 899 -44.76 22.23 3.79
N LEU D 900 -45.81 22.53 4.52
CA LEU D 900 -45.68 22.87 5.93
C LEU D 900 -46.49 21.89 6.77
N ASN D 901 -45.86 21.35 7.80
CA ASN D 901 -46.41 20.29 8.61
C ASN D 901 -46.54 20.75 10.06
N ASP D 902 -46.96 19.83 10.92
CA ASP D 902 -47.10 20.13 12.33
C ASP D 902 -46.53 19.08 13.26
N SER D 903 -46.12 17.92 12.75
CA SER D 903 -45.56 16.90 13.62
C SER D 903 -44.41 16.13 13.00
N LYS D 904 -43.98 16.46 11.79
CA LYS D 904 -42.98 15.66 11.08
C LYS D 904 -41.74 16.49 10.84
N TYR D 905 -40.59 15.85 10.95
CA TYR D 905 -39.31 16.52 10.76
C TYR D 905 -38.54 16.05 9.55
N GLY D 906 -38.66 14.78 9.18
CA GLY D 906 -37.91 14.27 8.05
C GLY D 906 -38.44 14.86 6.76
N PHE D 907 -37.52 15.33 5.91
CA PHE D 907 -37.89 15.89 4.63
C PHE D 907 -36.81 15.57 3.63
N ALA D 908 -37.19 15.54 2.35
CA ALA D 908 -36.23 15.27 1.29
C ALA D 908 -36.72 15.90 0.01
N THR D 909 -35.99 16.87 -0.51
CA THR D 909 -36.29 17.45 -1.81
C THR D 909 -35.25 16.95 -2.79
N ALA D 910 -35.71 16.30 -3.85
CA ALA D 910 -34.83 15.74 -4.86
C ALA D 910 -35.39 16.12 -6.22
N GLY D 911 -34.99 17.29 -6.72
CA GLY D 911 -35.29 17.66 -8.09
C GLY D 911 -36.77 17.69 -8.42
N GLN D 912 -37.48 18.68 -7.91
CA GLN D 912 -38.89 18.94 -8.21
C GLN D 912 -39.83 18.01 -7.48
N THR D 913 -39.34 17.18 -6.56
CA THR D 913 -40.20 16.24 -5.84
C THR D 913 -39.91 16.35 -4.35
N MET D 914 -40.70 17.14 -3.65
CA MET D 914 -40.63 17.16 -2.21
C MET D 914 -41.21 15.87 -1.65
N ARG D 915 -40.63 15.40 -0.55
CA ARG D 915 -41.03 14.14 0.05
C ARG D 915 -40.99 14.28 1.55
N LEU D 916 -42.14 14.10 2.19
CA LEU D 916 -42.28 14.25 3.63
C LEU D 916 -42.28 12.87 4.26
N SER D 917 -41.35 12.62 5.18
CA SER D 917 -41.24 11.32 5.83
C SER D 917 -42.31 11.21 6.90
N LEU D 918 -43.17 10.19 6.79
CA LEU D 918 -44.31 10.06 7.68
C LEU D 918 -44.06 9.06 8.80
N LEU D 919 -43.75 7.81 8.47
CA LEU D 919 -43.72 6.79 9.50
C LEU D 919 -42.62 5.77 9.22
N ARG D 920 -41.99 5.30 10.28
CA ARG D 920 -41.02 4.22 10.21
C ARG D 920 -41.42 3.14 11.20
N SER D 921 -40.99 1.91 10.94
CA SER D 921 -41.32 0.77 11.79
C SER D 921 -40.07 -0.05 12.07
N PRO D 922 -39.15 0.48 12.87
CA PRO D 922 -37.98 -0.30 13.26
C PRO D 922 -38.35 -1.28 14.36
N LYS D 923 -37.39 -2.14 14.71
CA LYS D 923 -37.62 -3.15 15.73
C LYS D 923 -36.51 -3.31 16.74
N ALA D 924 -35.36 -2.66 16.57
CA ALA D 924 -34.22 -3.09 17.37
C ALA D 924 -34.35 -2.66 18.84
N PRO D 925 -34.35 -1.39 19.19
CA PRO D 925 -34.44 -1.07 20.61
C PRO D 925 -35.84 -1.24 21.11
N ASP D 926 -36.82 -0.95 20.26
CA ASP D 926 -38.23 -1.09 20.58
C ASP D 926 -38.87 -2.02 19.57
N ALA D 927 -39.57 -3.04 20.07
CA ALA D 927 -40.19 -4.02 19.19
C ALA D 927 -41.56 -3.57 18.69
N HIS D 928 -42.11 -2.50 19.22
CA HIS D 928 -43.41 -1.98 18.81
C HIS D 928 -43.32 -0.47 18.64
N ALA D 929 -42.33 -0.03 17.88
CA ALA D 929 -41.95 1.38 17.88
C ALA D 929 -43.12 2.29 17.57
N ASP D 930 -43.68 2.18 16.36
CA ASP D 930 -44.72 3.09 15.94
C ASP D 930 -46.03 2.38 15.61
N MET D 931 -46.24 1.19 16.17
CA MET D 931 -47.48 0.49 15.94
C MET D 931 -48.66 1.27 16.50
N GLY D 932 -49.75 1.30 15.75
CA GLY D 932 -50.92 1.93 16.28
C GLY D 932 -51.48 2.94 15.32
N THR D 933 -52.27 3.87 15.84
CA THR D 933 -52.96 4.85 15.02
C THR D 933 -52.28 6.19 15.15
N HIS D 934 -51.97 6.82 14.01
CA HIS D 934 -51.30 8.10 13.98
C HIS D 934 -52.16 9.12 13.27
N HIS D 935 -52.18 10.33 13.82
CA HIS D 935 -52.87 11.47 13.25
C HIS D 935 -51.81 12.40 12.69
N ILE D 936 -51.77 12.56 11.37
CA ILE D 936 -50.76 13.37 10.71
C ILE D 936 -51.43 14.49 9.95
N ARG D 937 -50.83 15.67 9.99
CA ARG D 937 -51.34 16.83 9.26
C ARG D 937 -50.23 17.46 8.46
N TRP D 938 -50.54 17.88 7.24
CA TRP D 938 -49.62 18.72 6.49
C TRP D 938 -50.44 19.60 5.56
N ALA D 939 -49.76 20.49 4.86
CA ALA D 939 -50.46 21.41 3.98
C ALA D 939 -49.55 21.86 2.87
N ILE D 940 -50.13 22.00 1.69
CA ILE D 940 -49.45 22.54 0.51
C ILE D 940 -49.83 23.99 0.38
N LEU D 941 -48.83 24.86 0.30
CA LEU D 941 -49.04 26.31 0.27
C LEU D 941 -48.30 26.86 -0.94
N PRO D 942 -48.98 27.09 -2.06
CA PRO D 942 -48.35 27.72 -3.21
C PRO D 942 -48.42 29.23 -3.06
N HIS D 943 -47.26 29.89 -3.07
CA HIS D 943 -47.19 31.30 -2.78
C HIS D 943 -46.52 32.06 -3.91
N GLN D 944 -47.13 33.20 -4.26
CA GLN D 944 -46.52 34.13 -5.19
C GLN D 944 -45.28 34.74 -4.58
N GLY D 945 -44.31 35.06 -5.43
CA GLY D 945 -43.05 35.60 -4.97
C GLY D 945 -42.18 34.52 -4.39
N SER D 946 -40.91 34.86 -4.21
CA SER D 946 -39.98 33.91 -3.62
C SER D 946 -40.32 33.71 -2.15
N LEU D 947 -39.54 32.85 -1.48
CA LEU D 947 -39.76 32.58 -0.08
C LEU D 947 -39.71 33.86 0.72
N SER D 948 -40.80 34.18 1.40
CA SER D 948 -40.94 35.45 2.08
C SER D 948 -41.64 35.21 3.41
N HIS D 949 -42.10 36.29 4.02
CA HIS D 949 -42.76 36.18 5.32
C HIS D 949 -44.05 35.40 5.25
N VAL D 950 -44.63 35.24 4.06
CA VAL D 950 -45.90 34.53 3.94
C VAL D 950 -45.75 33.10 4.43
N THR D 951 -44.69 32.43 4.00
CA THR D 951 -44.49 31.04 4.42
C THR D 951 -44.24 30.94 5.91
N ILE D 952 -43.44 31.84 6.47
CA ILE D 952 -43.17 31.81 7.91
C ILE D 952 -44.45 31.97 8.70
N ARG D 953 -45.22 33.01 8.36
CA ARG D 953 -46.45 33.27 9.08
C ARG D 953 -47.43 32.12 8.91
N LYS D 954 -47.51 31.56 7.71
CA LYS D 954 -48.45 30.47 7.48
C LYS D 954 -48.05 29.22 8.26
N ALA D 955 -46.75 28.93 8.34
CA ALA D 955 -46.32 27.77 9.12
C ALA D 955 -46.64 27.96 10.59
N PHE D 956 -46.40 29.16 11.12
CA PHE D 956 -46.76 29.42 12.51
C PHE D 956 -48.26 29.26 12.73
N GLU D 957 -49.07 29.76 11.78
CA GLU D 957 -50.52 29.64 11.92
C GLU D 957 -50.96 28.19 11.83
N PHE D 958 -50.30 27.41 10.98
CA PHE D 958 -50.66 26.01 10.84
C PHE D 958 -50.34 25.23 12.10
N ASN D 959 -49.26 25.58 12.79
CA ASN D 959 -48.91 24.88 14.01
C ASN D 959 -49.62 25.42 15.25
N ASN D 960 -50.32 26.54 15.15
CA ASN D 960 -50.98 27.17 16.30
C ASN D 960 -52.40 27.54 15.92
N PRO D 961 -53.29 26.57 15.83
CA PRO D 961 -54.69 26.89 15.50
C PRO D 961 -55.31 27.75 16.58
N THR D 962 -56.20 28.63 16.15
CA THR D 962 -56.88 29.51 17.10
C THR D 962 -57.89 28.73 17.93
N LYS D 963 -57.98 29.09 19.20
CA LYS D 963 -58.95 28.52 20.12
C LYS D 963 -59.94 29.59 20.49
N LEU D 964 -61.21 29.24 20.57
CA LEU D 964 -62.24 30.20 20.92
C LEU D 964 -62.48 30.19 22.42
N TYR D 965 -62.91 31.34 22.94
CA TYR D 965 -63.10 31.50 24.37
C TYR D 965 -64.23 32.50 24.60
N SER D 966 -65.24 32.10 25.35
CA SER D 966 -66.29 33.04 25.69
C SER D 966 -65.79 34.02 26.74
N SER D 967 -66.55 35.11 26.91
CA SER D 967 -66.16 36.10 27.91
C SER D 967 -67.39 36.88 28.34
N PRO D 968 -67.48 37.27 29.60
CA PRO D 968 -68.62 38.13 30.00
C PRO D 968 -68.67 39.43 29.24
N ASP D 969 -67.53 40.03 28.94
CA ASP D 969 -67.45 41.28 28.18
C ASP D 969 -66.39 41.14 27.09
N ALA D 970 -66.79 40.57 25.96
CA ALA D 970 -65.87 40.45 24.83
C ALA D 970 -65.99 41.63 23.89
N ALA D 971 -65.98 42.81 24.45
CA ALA D 971 -65.85 44.03 23.66
C ALA D 971 -64.75 44.93 24.19
N ALA D 972 -64.60 45.02 25.51
CA ALA D 972 -63.45 45.69 26.07
C ALA D 972 -62.18 44.90 25.82
N LEU D 973 -62.27 43.58 25.91
CA LEU D 973 -61.09 42.75 25.70
C LEU D 973 -60.55 42.88 24.28
N VAL D 974 -61.43 42.88 23.29
CA VAL D 974 -60.99 42.99 21.91
C VAL D 974 -60.47 44.39 21.61
N ALA D 975 -61.19 45.41 22.06
CA ALA D 975 -60.85 46.78 21.68
C ALA D 975 -59.59 47.28 22.34
N ALA D 976 -59.14 46.65 23.42
CA ALA D 976 -57.94 47.10 24.09
C ALA D 976 -56.73 46.91 23.19
N PRO D 977 -55.80 47.86 23.17
CA PRO D 977 -54.61 47.70 22.34
C PRO D 977 -53.76 46.55 22.86
N PRO D 978 -53.00 45.90 21.98
CA PRO D 978 -52.23 44.73 22.42
C PRO D 978 -51.14 45.16 23.40
N PRO D 979 -50.69 44.25 24.25
CA PRO D 979 -49.63 44.59 25.19
C PRO D 979 -48.29 44.88 24.51
N VAL D 980 -47.85 43.98 23.65
CA VAL D 980 -46.61 44.16 22.89
C VAL D 980 -46.89 43.81 21.44
N TRP D 981 -46.51 44.70 20.52
CA TRP D 981 -46.71 44.41 19.10
C TRP D 981 -45.63 45.10 18.30
N LEU D 982 -45.59 44.78 17.02
CA LEU D 982 -44.70 45.43 16.07
C LEU D 982 -45.53 46.30 15.13
N THR D 983 -45.01 47.49 14.84
CA THR D 983 -45.73 48.39 13.97
C THR D 983 -45.89 47.76 12.59
N PRO D 984 -47.01 48.01 11.92
CA PRO D 984 -47.20 47.42 10.58
C PRO D 984 -46.12 47.84 9.59
N ASP D 985 -45.59 49.05 9.72
CA ASP D 985 -44.53 49.49 8.82
C ASP D 985 -43.19 48.83 9.10
N SER D 986 -43.06 48.11 10.20
CA SER D 986 -41.83 47.40 10.48
C SER D 986 -41.65 46.25 9.52
N SER D 987 -40.44 45.74 9.45
CA SER D 987 -40.12 44.68 8.50
C SER D 987 -40.90 43.42 8.87
N PRO D 988 -41.59 42.78 7.91
CA PRO D 988 -42.33 41.56 8.23
C PRO D 988 -41.45 40.38 8.58
N ALA D 989 -40.15 40.45 8.32
CA ALA D 989 -39.27 39.33 8.62
C ALA D 989 -39.06 39.13 10.11
N ILE D 990 -39.41 40.10 10.94
CA ILE D 990 -39.20 39.99 12.38
C ILE D 990 -40.28 39.12 12.99
N VAL D 991 -39.87 38.11 13.74
CA VAL D 991 -40.78 37.27 14.51
C VAL D 991 -40.50 37.53 15.98
N LEU D 992 -41.50 38.05 16.68
CA LEU D 992 -41.43 38.30 18.12
C LEU D 992 -41.79 36.99 18.81
N ASP D 993 -40.81 36.09 18.86
CA ASP D 993 -41.11 34.69 19.14
C ASP D 993 -41.73 34.51 20.51
N THR D 994 -41.07 35.03 21.55
CA THR D 994 -41.56 34.83 22.91
C THR D 994 -41.59 36.13 23.68
N VAL D 995 -42.62 36.26 24.51
CA VAL D 995 -42.69 37.24 25.58
C VAL D 995 -42.68 36.46 26.88
N LYS D 996 -41.77 36.79 27.77
CA LYS D 996 -41.56 36.00 28.98
C LYS D 996 -41.14 36.94 30.09
N ARG D 997 -41.61 36.68 31.30
CA ARG D 997 -41.22 37.50 32.42
C ARG D 997 -39.81 37.15 32.86
N GLY D 998 -39.11 38.15 33.37
CA GLY D 998 -37.71 37.97 33.72
C GLY D 998 -37.52 36.90 34.77
N GLU D 999 -36.34 36.31 34.75
CA GLU D 999 -36.07 35.18 35.63
C GLU D 999 -35.85 35.60 37.07
N ASP D 1000 -35.58 36.88 37.32
CA ASP D 1000 -35.26 37.37 38.66
C ASP D 1000 -35.98 38.71 38.86
N ASP D 1001 -37.20 38.66 39.40
CA ASP D 1001 -38.00 39.87 39.52
C ASP D 1001 -38.58 40.06 40.91
N GLU D 1002 -37.97 39.46 41.94
CA GLU D 1002 -38.38 39.70 43.32
C GLU D 1002 -39.76 39.11 43.60
N ASP D 1003 -40.43 38.62 42.56
CA ASP D 1003 -41.64 37.85 42.72
C ASP D 1003 -41.70 36.66 41.78
N VAL D 1004 -40.60 36.36 41.09
CA VAL D 1004 -40.51 35.25 40.18
C VAL D 1004 -39.22 34.52 40.54
N SER D 1005 -38.49 35.08 41.50
CA SER D 1005 -37.07 34.73 41.67
C SER D 1005 -36.88 33.27 42.04
N ARG D 1006 -37.67 32.76 42.98
CA ARG D 1006 -37.50 31.45 43.61
C ARG D 1006 -36.28 31.39 44.50
N GLY D 1007 -35.49 32.46 44.60
CA GLY D 1007 -34.37 32.49 45.51
C GLY D 1007 -33.12 31.77 45.04
N GLU D 1008 -33.12 31.22 43.83
CA GLU D 1008 -31.95 30.51 43.35
C GLU D 1008 -30.76 31.44 43.19
N LEU D 1009 -30.99 32.63 42.66
CA LEU D 1009 -29.95 33.60 42.33
C LEU D 1009 -30.38 34.97 42.83
N PRO D 1010 -29.44 35.90 42.97
CA PRO D 1010 -29.82 37.26 43.40
C PRO D 1010 -30.82 37.86 42.44
N ALA D 1011 -31.80 38.57 43.00
CA ALA D 1011 -32.97 39.03 42.26
C ALA D 1011 -32.91 40.54 42.05
N ARG D 1012 -33.43 40.97 40.90
CA ARG D 1012 -33.60 42.38 40.62
C ARG D 1012 -34.86 42.90 41.28
N LYS D 1013 -35.03 44.23 41.24
CA LYS D 1013 -36.07 44.84 42.07
C LYS D 1013 -37.44 44.78 41.41
N GLY D 1014 -37.60 45.45 40.28
CA GLY D 1014 -38.91 45.65 39.70
C GLY D 1014 -39.39 44.49 38.85
N GLN D 1015 -40.50 44.72 38.16
CA GLN D 1015 -41.01 43.76 37.19
C GLN D 1015 -40.29 43.96 35.86
N SER D 1016 -39.97 42.87 35.19
CA SER D 1016 -39.30 42.93 33.91
C SER D 1016 -39.91 41.91 32.97
N VAL D 1017 -39.85 42.22 31.68
CA VAL D 1017 -40.38 41.37 30.62
C VAL D 1017 -39.27 41.15 29.61
N ILE D 1018 -39.08 39.90 29.18
CA ILE D 1018 -38.06 39.56 28.21
C ILE D 1018 -38.72 39.27 26.88
N LEU D 1019 -38.32 39.98 25.84
CA LEU D 1019 -38.75 39.71 24.48
C LEU D 1019 -37.62 39.09 23.71
N ARG D 1020 -37.87 37.97 23.05
CA ARG D 1020 -36.92 37.40 22.10
C ARG D 1020 -37.51 37.56 20.72
N MET D 1021 -36.88 38.38 19.90
CA MET D 1021 -37.29 38.56 18.53
C MET D 1021 -36.13 38.18 17.64
N TYR D 1022 -36.44 37.47 16.56
CA TYR D 1022 -35.43 37.09 15.61
C TYR D 1022 -35.98 37.32 14.21
N ASP D 1023 -35.12 37.68 13.28
CA ASP D 1023 -35.56 37.76 11.91
C ASP D 1023 -35.45 36.38 11.28
N SER D 1024 -36.46 36.02 10.51
CA SER D 1024 -36.56 34.65 10.02
C SER D 1024 -36.12 34.50 8.59
N LEU D 1025 -35.87 35.59 7.88
CA LEU D 1025 -35.63 35.53 6.45
C LEU D 1025 -34.19 35.79 6.05
N GLY D 1026 -33.39 36.40 6.92
CA GLY D 1026 -31.99 36.57 6.63
C GLY D 1026 -31.60 37.89 6.04
N GLY D 1027 -32.40 38.95 6.25
CA GLY D 1027 -32.03 40.26 5.80
C GLY D 1027 -32.16 41.25 6.94
N LEU D 1028 -31.39 42.34 6.84
CA LEU D 1028 -31.42 43.37 7.86
C LEU D 1028 -32.85 43.83 8.10
N ALA D 1029 -33.33 43.65 9.31
CA ALA D 1029 -34.73 43.89 9.63
C ALA D 1029 -34.84 45.07 10.58
N ARG D 1030 -35.61 46.07 10.17
CA ARG D 1030 -35.89 47.23 10.99
C ARG D 1030 -37.29 47.07 11.57
N GLY D 1031 -37.45 47.40 12.84
CA GLY D 1031 -38.74 47.26 13.47
C GLY D 1031 -38.92 48.31 14.55
N THR D 1032 -40.19 48.55 14.89
CA THR D 1032 -40.55 49.38 16.00
C THR D 1032 -41.47 48.58 16.89
N VAL D 1033 -41.10 48.41 18.15
CA VAL D 1033 -41.87 47.64 19.10
C VAL D 1033 -42.69 48.61 19.94
N VAL D 1034 -44.00 48.40 19.97
CA VAL D 1034 -44.91 49.25 20.70
C VAL D 1034 -45.43 48.46 21.89
N THR D 1035 -45.41 49.09 23.06
CA THR D 1035 -45.93 48.50 24.28
C THR D 1035 -46.88 49.47 24.95
N THR D 1036 -47.96 48.94 25.51
CA THR D 1036 -48.84 49.76 26.33
C THR D 1036 -48.48 49.74 27.79
N TRP D 1037 -47.52 48.91 28.19
CA TRP D 1037 -47.08 48.87 29.57
C TRP D 1037 -46.31 50.14 29.90
N PRO D 1038 -46.40 50.62 31.12
CA PRO D 1038 -45.62 51.81 31.51
C PRO D 1038 -44.16 51.44 31.64
N LEU D 1039 -43.36 51.89 30.69
CA LEU D 1039 -41.98 51.47 30.57
C LEU D 1039 -41.07 52.36 31.41
N LYS D 1040 -40.13 51.74 32.11
CA LYS D 1040 -39.12 52.49 32.86
C LYS D 1040 -37.77 52.47 32.17
N LYS D 1041 -37.36 51.34 31.61
CA LYS D 1041 -36.15 51.33 30.80
C LYS D 1041 -36.16 50.10 29.91
N VAL D 1042 -35.32 50.12 28.88
CA VAL D 1042 -35.17 49.01 27.95
C VAL D 1042 -33.68 48.76 27.76
N CYS D 1043 -33.29 47.50 27.76
CA CYS D 1043 -31.89 47.16 27.52
C CYS D 1043 -31.80 45.91 26.67
N LYS D 1044 -30.68 45.76 25.97
CA LYS D 1044 -30.39 44.54 25.25
C LYS D 1044 -29.75 43.56 26.21
N VAL D 1045 -30.20 42.31 26.15
CA VAL D 1045 -29.68 41.27 27.03
C VAL D 1045 -29.28 40.08 26.20
N ASN D 1046 -28.47 39.22 26.78
CA ASN D 1046 -28.12 37.96 26.16
C ASN D 1046 -29.12 36.90 26.61
N LEU D 1047 -28.86 35.64 26.28
CA LEU D 1047 -29.82 34.59 26.60
C LEU D 1047 -29.96 34.39 28.11
N LEU D 1048 -28.92 34.69 28.87
CA LEU D 1048 -28.98 34.54 30.31
C LEU D 1048 -29.50 35.80 31.00
N GLU D 1049 -29.96 36.77 30.24
CA GLU D 1049 -30.56 37.99 30.76
C GLU D 1049 -29.55 38.80 31.57
N ASP D 1050 -28.44 39.13 30.92
CA ASP D 1050 -27.44 40.04 31.45
C ASP D 1050 -27.40 41.27 30.55
N ASP D 1051 -27.53 42.44 31.15
CA ASP D 1051 -27.67 43.67 30.37
C ASP D 1051 -26.42 43.92 29.52
N LEU D 1052 -26.63 44.40 28.31
CA LEU D 1052 -25.54 44.70 27.40
C LEU D 1052 -25.45 46.20 27.10
N GLU D 1053 -26.49 46.80 26.54
CA GLU D 1053 -26.52 48.26 26.42
C GLU D 1053 -27.95 48.74 26.50
N VAL D 1054 -28.09 49.99 26.88
CA VAL D 1054 -29.40 50.62 26.96
C VAL D 1054 -29.80 51.08 25.57
N VAL D 1055 -31.07 50.89 25.22
CA VAL D 1055 -31.59 51.40 23.95
C VAL D 1055 -32.54 52.54 24.24
N PRO D 1056 -32.68 53.51 23.34
CA PRO D 1056 -33.58 54.63 23.59
C PRO D 1056 -35.02 54.28 23.26
N TRP D 1057 -35.94 54.86 24.03
CA TRP D 1057 -37.36 54.63 23.83
C TRP D 1057 -38.10 55.95 23.98
N GLU D 1058 -39.24 56.06 23.30
CA GLU D 1058 -39.92 57.33 23.14
C GLU D 1058 -41.27 57.37 23.86
N ASN D 1059 -42.19 56.49 23.49
CA ASN D 1059 -43.51 56.40 24.11
C ASN D 1059 -43.87 54.93 24.27
N GLY D 1060 -42.92 54.14 24.76
CA GLY D 1060 -43.03 52.71 24.59
C GLY D 1060 -42.89 52.32 23.15
N ARG D 1061 -41.94 52.92 22.44
CA ARG D 1061 -41.78 52.71 21.02
C ARG D 1061 -40.31 52.59 20.64
N PHE D 1062 -39.57 51.78 21.39
CA PHE D 1062 -38.17 51.59 21.05
C PHE D 1062 -38.05 50.87 19.71
N THR D 1063 -36.97 51.18 18.99
CA THR D 1063 -36.74 50.58 17.69
C THR D 1063 -35.68 49.49 17.77
N VAL D 1064 -35.81 48.50 16.90
CA VAL D 1064 -34.92 47.35 16.86
C VAL D 1064 -34.32 47.23 15.47
N GLU D 1065 -33.03 46.97 15.42
CA GLU D 1065 -32.32 46.66 14.18
C GLU D 1065 -31.71 45.27 14.33
N LEU D 1066 -32.10 44.35 13.47
CA LEU D 1066 -31.65 42.97 13.54
C LEU D 1066 -30.77 42.69 12.33
N ARG D 1067 -29.54 42.25 12.60
CA ARG D 1067 -28.71 41.71 11.56
C ARG D 1067 -29.32 40.41 11.05
N PRO D 1068 -28.94 39.98 9.85
CA PRO D 1068 -29.52 38.74 9.31
C PRO D 1068 -29.38 37.57 10.27
N PHE D 1069 -30.48 36.87 10.50
CA PHE D 1069 -30.52 35.67 11.32
C PHE D 1069 -30.05 35.94 12.75
N GLU D 1070 -30.33 37.12 13.27
CA GLU D 1070 -29.95 37.48 14.62
C GLU D 1070 -31.09 37.18 15.59
N VAL D 1071 -30.74 36.93 16.85
CA VAL D 1071 -31.70 36.49 17.86
C VAL D 1071 -31.72 37.47 19.04
N ALA D 1072 -31.60 38.76 18.75
CA ALA D 1072 -31.56 39.77 19.80
C ALA D 1072 -32.67 39.59 20.82
N SER D 1073 -32.37 39.90 22.08
CA SER D 1073 -33.31 39.81 23.19
C SER D 1073 -33.30 41.12 23.96
N TYR D 1074 -34.47 41.55 24.37
CA TYR D 1074 -34.65 42.83 25.04
C TYR D 1074 -35.30 42.63 26.39
N ARG D 1075 -34.82 43.35 27.40
CA ARG D 1075 -35.44 43.41 28.71
C ARG D 1075 -36.14 44.74 28.86
N LEU D 1076 -37.42 44.69 29.16
CA LEU D 1076 -38.25 45.86 29.41
C LEU D 1076 -38.48 45.91 30.92
N VAL D 1077 -37.91 46.90 31.58
CA VAL D 1077 -38.15 47.11 32.99
C VAL D 1077 -39.31 48.08 33.11
N LEU D 1078 -40.39 47.62 33.73
CA LEU D 1078 -41.61 48.39 33.89
C LEU D 1078 -41.59 49.21 35.17
N ALA D 1079 -42.48 50.18 35.24
CA ALA D 1079 -42.57 51.04 36.41
C ALA D 1079 -43.31 50.34 37.53
N LEU D 1122 -3.95 21.78 52.56
CA LEU D 1122 -2.90 22.76 52.29
C LEU D 1122 -3.48 23.91 51.49
N GLU D 1123 -3.32 25.13 51.99
CA GLU D 1123 -3.85 26.32 51.35
C GLU D 1123 -2.70 27.22 50.93
N ALA D 1124 -2.95 28.03 49.90
CA ALA D 1124 -1.98 28.99 49.42
C ALA D 1124 -2.72 30.12 48.74
N THR D 1125 -2.21 31.34 48.88
CA THR D 1125 -2.83 32.50 48.28
C THR D 1125 -1.79 33.35 47.57
N PHE D 1126 -2.23 34.09 46.57
CA PHE D 1126 -1.35 34.92 45.76
C PHE D 1126 -1.19 36.28 46.40
N VAL D 1127 -0.02 36.88 46.20
CA VAL D 1127 0.26 38.20 46.75
C VAL D 1127 0.66 39.17 45.65
N ARG D 1128 1.75 38.88 44.96
CA ARG D 1128 2.21 39.73 43.88
C ARG D 1128 3.21 38.95 43.03
N ASP D 1129 3.67 39.59 41.96
CA ASP D 1129 4.64 39.00 41.05
C ASP D 1129 5.38 40.13 40.35
N THR D 1130 6.46 39.78 39.66
CA THR D 1130 7.35 40.80 39.09
C THR D 1130 6.76 41.45 37.85
N VAL D 1131 6.51 40.68 36.80
CA VAL D 1131 5.97 41.22 35.57
C VAL D 1131 4.45 41.07 35.59
N GLN D 1132 3.76 42.19 35.43
CA GLN D 1132 2.31 42.22 35.55
C GLN D 1132 1.67 41.53 34.36
N ASP D 1133 0.35 41.54 34.33
CA ASP D 1133 -0.38 41.01 33.20
C ASP D 1133 -0.37 42.00 32.04
N GLY D 1134 -0.24 41.47 30.82
CA GLY D 1134 -0.31 42.31 29.65
C GLY D 1134 0.90 43.19 29.41
N THR D 1135 2.05 42.83 29.98
CA THR D 1135 3.27 43.55 29.67
C THR D 1135 3.83 43.07 28.33
N VAL D 1136 4.56 43.95 27.66
CA VAL D 1136 5.01 43.71 26.30
C VAL D 1136 6.47 43.28 26.30
N LEU D 1137 6.78 42.29 25.47
CA LEU D 1137 8.10 41.67 25.45
C LEU D 1137 8.59 41.52 24.02
N ALA D 1138 9.90 41.37 23.88
CA ALA D 1138 10.49 41.13 22.58
C ALA D 1138 10.01 39.78 22.02
N PRO D 1139 10.06 39.60 20.70
CA PRO D 1139 9.52 38.38 20.11
C PRO D 1139 10.11 37.10 20.67
N ASN D 1140 11.40 37.06 20.97
CA ASN D 1140 12.05 35.85 21.48
C ASN D 1140 12.89 36.18 22.70
N HIS D 1141 12.30 36.91 23.64
CA HIS D 1141 13.01 37.31 24.84
C HIS D 1141 13.10 36.15 25.82
N LEU D 1142 14.05 36.27 26.74
CA LEU D 1142 14.25 35.32 27.83
C LEU D 1142 13.99 36.05 29.13
N PHE D 1143 13.01 35.60 29.90
CA PHE D 1143 12.62 36.31 31.11
C PHE D 1143 12.23 35.29 32.18
N GLU D 1144 11.91 35.80 33.37
CA GLU D 1144 11.58 34.96 34.51
C GLU D 1144 10.34 35.52 35.20
N GLN D 1145 9.46 34.62 35.61
CA GLN D 1145 8.23 34.98 36.31
C GLN D 1145 8.34 34.56 37.77
N THR D 1146 8.17 35.51 38.68
CA THR D 1146 8.37 35.28 40.10
C THR D 1146 7.09 35.62 40.85
N TRP D 1147 6.36 34.60 41.29
CA TRP D 1147 5.24 34.83 42.19
C TRP D 1147 5.72 34.86 43.63
N VAL D 1148 4.91 35.46 44.50
CA VAL D 1148 5.10 35.30 45.94
C VAL D 1148 3.78 34.79 46.52
N LEU D 1149 3.85 33.72 47.30
CA LEU D 1149 2.66 33.10 47.83
C LEU D 1149 2.72 33.03 49.35
N ARG D 1150 1.61 33.35 49.99
CA ARG D 1150 1.44 33.23 51.44
C ARG D 1150 0.69 31.94 51.74
N ASN D 1151 0.93 31.40 52.93
CA ASN D 1151 0.34 30.11 53.27
C ASN D 1151 -1.14 30.24 53.62
N THR D 1152 -1.46 30.99 54.68
CA THR D 1152 -2.84 31.18 55.12
C THR D 1152 -3.55 29.84 55.29
N GLY D 1153 -2.87 28.89 55.88
CA GLY D 1153 -3.47 27.59 56.15
C GLY D 1153 -2.95 27.03 57.45
N LYS D 1154 -3.73 26.12 58.04
CA LYS D 1154 -3.31 25.52 59.31
C LYS D 1154 -2.09 24.61 59.11
N VAL D 1155 -2.15 23.72 58.12
CA VAL D 1155 -1.09 22.77 57.85
C VAL D 1155 0.11 23.50 57.27
N ALA D 1156 1.23 22.81 57.14
CA ALA D 1156 2.45 23.37 56.60
C ALA D 1156 2.82 22.73 55.27
N TRP D 1157 3.44 23.53 54.41
CA TRP D 1157 3.84 23.05 53.09
C TRP D 1157 5.01 22.10 53.21
N PRO D 1158 4.99 20.98 52.52
CA PRO D 1158 6.17 20.09 52.51
C PRO D 1158 7.39 20.76 51.91
N ALA D 1159 8.49 20.01 51.82
CA ALA D 1159 9.79 20.61 51.49
C ALA D 1159 9.79 21.20 50.07
N GLY D 1160 9.41 20.41 49.07
CA GLY D 1160 9.57 20.83 47.69
C GLY D 1160 8.66 21.96 47.25
N CYS D 1161 7.37 21.67 47.12
CA CYS D 1161 6.31 22.67 46.88
C CYS D 1161 6.70 23.67 45.78
N SER D 1162 6.78 23.15 44.56
CA SER D 1162 7.13 23.96 43.39
C SER D 1162 5.89 24.23 42.53
N VAL D 1163 6.11 24.98 41.45
CA VAL D 1163 5.07 25.32 40.47
C VAL D 1163 5.33 24.52 39.21
N LYS D 1164 4.30 23.84 38.69
CA LYS D 1164 4.55 22.80 37.71
C LYS D 1164 3.54 22.81 36.55
N PHE D 1165 3.21 24.00 36.03
CA PHE D 1165 2.72 24.19 34.66
C PHE D 1165 1.63 23.20 34.26
N VAL D 1166 0.44 23.42 34.79
CA VAL D 1166 -0.71 22.61 34.38
C VAL D 1166 -1.54 23.35 33.34
N GLY D 1167 -0.93 24.29 32.62
CA GLY D 1167 -1.69 25.23 31.83
C GLY D 1167 -1.69 25.09 30.31
N GLY D 1168 -1.77 26.24 29.64
CA GLY D 1168 -1.99 26.30 28.20
C GLY D 1168 -0.76 26.62 27.38
N ASP D 1169 -0.59 27.89 27.02
CA ASP D 1169 0.51 28.30 26.15
C ASP D 1169 1.85 28.02 26.81
N TYR D 1170 2.57 27.02 26.29
CA TYR D 1170 3.86 26.65 26.86
C TYR D 1170 4.90 27.68 26.52
N MET D 1171 5.72 28.03 27.51
CA MET D 1171 6.71 29.09 27.36
C MET D 1171 8.06 28.66 27.95
N GLY D 1172 8.31 27.36 28.02
CA GLY D 1172 9.48 26.84 28.70
C GLY D 1172 10.82 27.12 28.05
N ARG D 1173 11.83 26.35 28.44
CA ARG D 1173 13.21 26.49 27.97
C ARG D 1173 13.78 27.88 28.32
N VAL D 1174 13.91 28.07 29.63
CA VAL D 1174 14.64 29.19 30.23
C VAL D 1174 14.31 30.55 29.67
N ALA D 1197 10.35 24.08 53.96
CA ALA D 1197 8.95 24.21 54.36
C ALA D 1197 8.62 25.64 54.73
N VAL D 1198 7.32 25.96 54.73
CA VAL D 1198 6.87 27.33 54.96
C VAL D 1198 5.82 27.36 56.06
N GLN D 1199 6.13 28.03 57.16
CA GLN D 1199 5.20 28.08 58.29
C GLN D 1199 3.93 28.80 57.87
N PRO D 1200 2.80 28.50 58.51
CA PRO D 1200 1.53 29.16 58.17
C PRO D 1200 1.56 30.69 58.19
N GLY D 1201 2.68 31.27 58.59
CA GLY D 1201 2.77 32.71 58.63
C GLY D 1201 3.35 33.38 57.39
N GLU D 1202 4.53 32.94 56.96
CA GLU D 1202 5.34 33.76 56.06
C GLU D 1202 5.04 33.44 54.60
N GLU D 1203 5.81 34.10 53.72
CA GLU D 1203 5.59 34.10 52.29
C GLU D 1203 6.82 33.57 51.57
N ALA D 1204 6.58 32.75 50.54
CA ALA D 1204 7.64 32.13 49.78
C ALA D 1204 7.60 32.61 48.34
N PRO D 1205 8.72 33.04 47.76
CA PRO D 1205 8.75 33.36 46.34
C PRO D 1205 9.13 32.16 45.49
N PHE D 1206 8.46 32.03 44.35
CA PHE D 1206 8.74 30.97 43.39
C PHE D 1206 9.05 31.59 42.04
N THR D 1207 9.96 30.96 41.31
CA THR D 1207 10.47 31.48 40.05
C THR D 1207 10.36 30.42 38.98
N VAL D 1208 9.97 30.84 37.78
CA VAL D 1208 10.04 30.00 36.60
C VAL D 1208 10.76 30.78 35.51
N LEU D 1209 11.41 30.05 34.62
CA LEU D 1209 12.18 30.65 33.53
C LEU D 1209 11.45 30.38 32.22
N LEU D 1210 11.20 31.45 31.46
CA LEU D 1210 10.36 31.35 30.28
C LEU D 1210 10.96 32.12 29.12
N ARG D 1211 10.48 31.78 27.92
CA ARG D 1211 10.83 32.46 26.69
C ARG D 1211 9.55 32.79 25.92
N THR D 1212 9.59 33.88 25.17
CA THR D 1212 8.40 34.25 24.41
C THR D 1212 8.37 33.50 23.08
N PRO D 1213 7.21 33.07 22.61
CA PRO D 1213 7.15 32.24 21.41
C PRO D 1213 7.46 33.00 20.13
N TYR D 1214 7.42 32.31 18.99
CA TYR D 1214 7.88 32.86 17.72
C TYR D 1214 6.76 33.54 16.93
N ARG D 1215 6.03 34.46 17.54
CA ARG D 1215 4.98 35.18 16.83
C ARG D 1215 4.46 36.30 17.72
N ALA D 1216 4.00 37.37 17.08
CA ALA D 1216 3.36 38.47 17.80
C ALA D 1216 1.95 38.03 18.17
N CYS D 1217 1.69 37.92 19.46
CA CYS D 1217 0.39 37.48 19.95
C CYS D 1217 0.35 37.74 21.46
N ARG D 1218 -0.74 37.30 22.08
CA ARG D 1218 -0.85 37.24 23.53
C ARG D 1218 -0.76 35.78 23.92
N VAL D 1219 0.04 35.48 24.94
CA VAL D 1219 0.24 34.11 25.40
C VAL D 1219 -0.03 34.06 26.89
N ILE D 1220 -0.66 32.97 27.32
CA ILE D 1220 -1.12 32.80 28.69
C ILE D 1220 -0.71 31.40 29.15
N SER D 1221 0.06 31.33 30.23
CA SER D 1221 0.48 30.06 30.79
C SER D 1221 -0.08 29.93 32.19
N HIS D 1222 -0.74 28.82 32.48
CA HIS D 1222 -1.28 28.55 33.82
C HIS D 1222 -0.34 27.66 34.61
N TRP D 1223 -0.13 28.03 35.87
CA TRP D 1223 0.73 27.30 36.78
C TRP D 1223 -0.05 26.98 38.04
N ARG D 1224 0.56 26.19 38.92
CA ARG D 1224 -0.08 25.77 40.15
C ARG D 1224 0.97 25.23 41.11
N LEU D 1225 0.87 25.61 42.38
CA LEU D 1225 1.71 25.02 43.41
C LEU D 1225 1.40 23.54 43.56
N THR D 1226 2.44 22.73 43.67
CA THR D 1226 2.25 21.31 43.88
C THR D 1226 3.28 20.78 44.87
N THR D 1227 2.82 19.88 45.73
CA THR D 1227 3.72 19.23 46.66
C THR D 1227 4.69 18.33 45.90
N PRO D 1228 5.88 18.08 46.45
CA PRO D 1228 6.83 17.23 45.73
C PRO D 1228 6.47 15.76 45.84
N LYS D 1229 5.18 15.46 45.72
CA LYS D 1229 4.72 14.10 45.56
C LYS D 1229 3.56 14.00 44.58
N GLY D 1230 3.14 15.10 43.97
CA GLY D 1230 2.14 15.07 42.93
C GLY D 1230 0.92 15.94 43.15
N THR D 1231 0.45 16.02 44.39
CA THR D 1231 -0.79 16.74 44.65
C THR D 1231 -0.61 18.24 44.45
N LYS D 1232 -1.56 18.86 43.77
CA LYS D 1232 -1.56 20.29 43.52
C LYS D 1232 -2.52 20.97 44.48
N PHE D 1233 -2.21 22.21 44.83
CA PHE D 1233 -2.98 22.93 45.83
C PHE D 1233 -2.84 24.42 45.61
N GLY D 1234 -3.64 25.19 46.34
CA GLY D 1234 -3.54 26.62 46.31
C GLY D 1234 -4.31 27.23 45.16
N HIS D 1235 -4.15 28.54 45.03
CA HIS D 1235 -4.77 29.28 43.95
C HIS D 1235 -4.12 28.91 42.62
N ARG D 1236 -4.67 29.45 41.54
CA ARG D 1236 -4.14 29.25 40.20
C ARG D 1236 -3.36 30.49 39.78
N LEU D 1237 -2.21 30.27 39.16
CA LEU D 1237 -1.33 31.34 38.72
C LEU D 1237 -1.26 31.37 37.20
N TRP D 1238 -0.89 32.52 36.67
CA TRP D 1238 -0.72 32.64 35.23
C TRP D 1238 0.32 33.69 34.92
N CYS D 1239 0.93 33.56 33.74
CA CYS D 1239 1.78 34.59 33.16
C CYS D 1239 1.08 35.16 31.94
N ASP D 1240 0.97 36.48 31.87
CA ASP D 1240 0.25 37.18 30.82
C ASP D 1240 1.19 38.14 30.13
N VAL D 1241 1.55 37.84 28.89
CA VAL D 1241 2.45 38.72 28.14
C VAL D 1241 1.91 38.94 26.74
N VAL D 1242 2.37 40.03 26.14
CA VAL D 1242 2.07 40.41 24.78
C VAL D 1242 3.38 40.49 24.02
N VAL D 1243 3.38 40.00 22.78
CA VAL D 1243 4.58 39.96 21.97
C VAL D 1243 4.52 41.09 20.94
N GLU D 1244 5.54 41.94 20.94
CA GLU D 1244 5.50 43.18 20.16
C GLU D 1244 5.81 42.94 18.68
N LYS D 1245 6.92 42.26 18.41
CA LYS D 1245 7.41 42.07 17.04
C LYS D 1245 7.68 43.41 16.37
#